data_6IXJ
#
_entry.id   6IXJ
#
_cell.length_a   125.856
_cell.length_b   125.856
_cell.length_c   173.919
_cell.angle_alpha   90.000
_cell.angle_beta   90.000
_cell.angle_gamma   120.000
#
_symmetry.space_group_name_H-M   'P 32'
#
loop_
_entity.id
_entity.type
_entity.pdbx_description
1 polymer 'Sulfoacetaldehyde reductase'
2 non-polymer 'NADPH DIHYDRO-NICOTINAMIDE-ADENINE-DINUCLEOTIDE PHOSPHATE'
3 non-polymer '2-hydroxyethylsulfonic acid'
4 water water
#
_entity_poly.entity_id   1
_entity_poly.type   'polypeptide(L)'
_entity_poly.pdbx_seq_one_letter_code
;SNMATSKVVFITGATSGFGEAAAQVFADAGWSLVLSGRRFERLKTLQDKLASQVPVHIIELDVRDSDSVAAAVAALPADF
ADITTLINNAGLALSPQPAQKVDLDDWKTMIDTNVTGLVNVTHALLPTLINHGAGASIINIGSIAGQWPYPGSHVYGASK
AFVKQFSYNLRCDLLGTGVRVTDLAPGIAETEFTLVRTKGDQAASDNLYRGTTPLSARDIAEQMFYIATLPDHMNINRVE
VMPVRQAWQPFAIDRD
;
_entity_poly.pdbx_strand_id   A,B,C,D,E,F,G,H,I,J,K,L
#
# COMPACT_ATOMS: atom_id res chain seq x y z
N SER A 6 0.93 -3.41 5.13
CA SER A 6 -0.30 -2.89 5.73
C SER A 6 -1.51 -3.74 5.33
N LYS A 7 -1.33 -5.06 5.31
CA LYS A 7 -2.39 -6.00 5.02
C LYS A 7 -2.75 -6.73 6.31
N VAL A 8 -4.02 -6.72 6.66
CA VAL A 8 -4.48 -7.26 7.93
C VAL A 8 -5.46 -8.39 7.66
N VAL A 9 -5.28 -9.52 8.36
CA VAL A 9 -6.18 -10.66 8.27
C VAL A 9 -6.83 -10.85 9.63
N PHE A 10 -8.14 -11.10 9.62
CA PHE A 10 -8.92 -11.32 10.83
C PHE A 10 -9.23 -12.81 10.90
N ILE A 11 -8.60 -13.50 11.84
CA ILE A 11 -8.72 -14.95 11.97
C ILE A 11 -9.50 -15.26 13.24
N THR A 12 -10.66 -15.89 13.07
CA THR A 12 -11.41 -16.39 14.22
C THR A 12 -11.01 -17.83 14.50
N GLY A 13 -11.02 -18.19 15.77
CA GLY A 13 -10.57 -19.51 16.17
C GLY A 13 -9.12 -19.78 15.81
N ALA A 14 -8.21 -18.91 16.23
CA ALA A 14 -6.80 -19.04 15.90
C ALA A 14 -6.02 -19.75 16.99
N THR A 15 -6.69 -20.28 18.00
CA THR A 15 -6.01 -20.93 19.11
C THR A 15 -5.56 -22.34 18.77
N SER A 16 -6.12 -22.96 17.74
CA SER A 16 -5.77 -24.32 17.37
C SER A 16 -6.13 -24.57 15.91
N GLY A 17 -5.66 -25.70 15.40
CA GLY A 17 -6.12 -26.20 14.10
C GLY A 17 -5.81 -25.26 12.96
N PHE A 18 -6.80 -25.10 12.07
CA PHE A 18 -6.63 -24.27 10.88
C PHE A 18 -6.26 -22.84 11.25
N GLY A 19 -6.95 -22.28 12.25
CA GLY A 19 -6.68 -20.89 12.62
C GLY A 19 -5.26 -20.69 13.11
N GLU A 20 -4.74 -21.61 13.92
CA GLU A 20 -3.38 -21.49 14.42
C GLU A 20 -2.37 -21.59 13.29
N ALA A 21 -2.62 -22.48 12.33
CA ALA A 21 -1.72 -22.61 11.18
C ALA A 21 -1.83 -21.40 10.26
N ALA A 22 -3.04 -20.86 10.11
CA ALA A 22 -3.21 -19.67 9.26
C ALA A 22 -2.48 -18.47 9.84
N ALA A 23 -2.42 -18.35 11.17
CA ALA A 23 -1.69 -17.24 11.78
C ALA A 23 -0.22 -17.30 11.41
N GLN A 24 0.34 -18.50 11.32
CA GLN A 24 1.75 -18.65 10.97
C GLN A 24 1.99 -18.46 9.47
N VAL A 25 1.04 -18.87 8.63
CA VAL A 25 1.23 -18.73 7.18
C VAL A 25 1.15 -17.27 6.78
N PHE A 26 0.20 -16.52 7.36
CA PHE A 26 0.10 -15.10 7.05
C PHE A 26 1.23 -14.30 7.68
N ALA A 27 1.76 -14.77 8.82
CA ALA A 27 2.89 -14.08 9.43
C ALA A 27 4.14 -14.20 8.57
N ASP A 28 4.34 -15.35 7.94
CA ASP A 28 5.49 -15.51 7.05
C ASP A 28 5.40 -14.63 5.80
N ALA A 29 4.24 -14.02 5.55
CA ALA A 29 4.04 -13.17 4.39
C ALA A 29 3.95 -11.70 4.76
N GLY A 30 4.23 -11.35 6.01
CA GLY A 30 4.21 -9.97 6.45
C GLY A 30 2.87 -9.40 6.81
N TRP A 31 1.80 -10.20 6.77
CA TRP A 31 0.48 -9.70 7.10
C TRP A 31 0.34 -9.48 8.60
N SER A 32 -0.24 -8.35 8.97
CA SER A 32 -0.60 -8.14 10.36
C SER A 32 -1.77 -9.04 10.73
N LEU A 33 -1.78 -9.50 11.98
CA LEU A 33 -2.68 -10.54 12.42
C LEU A 33 -3.64 -10.01 13.47
N VAL A 34 -4.88 -10.47 13.39
CA VAL A 34 -5.89 -10.22 14.42
C VAL A 34 -6.45 -11.59 14.75
N LEU A 35 -6.02 -12.17 15.87
CA LEU A 35 -6.36 -13.53 16.24
C LEU A 35 -7.33 -13.53 17.41
N SER A 36 -8.42 -14.26 17.27
CA SER A 36 -9.45 -14.34 18.28
C SER A 36 -9.64 -15.80 18.71
N GLY A 37 -10.52 -15.98 19.68
CA GLY A 37 -10.74 -17.28 20.27
C GLY A 37 -11.10 -17.13 21.73
N ARG A 38 -11.34 -18.27 22.37
CA ARG A 38 -11.76 -18.27 23.77
C ARG A 38 -10.63 -18.62 24.73
N ARG A 39 -9.68 -19.43 24.31
CA ARG A 39 -8.55 -19.79 25.16
C ARG A 39 -7.52 -18.66 25.07
N PHE A 40 -7.66 -17.70 26.00
CA PHE A 40 -6.81 -16.51 25.94
C PHE A 40 -5.35 -16.82 26.22
N GLU A 41 -5.06 -17.83 27.03
CA GLU A 41 -3.66 -18.14 27.30
C GLU A 41 -2.97 -18.81 26.12
N ARG A 42 -3.72 -19.27 25.13
CA ARG A 42 -3.13 -19.74 23.88
C ARG A 42 -2.91 -18.60 22.91
N LEU A 43 -3.75 -17.56 22.98
CA LEU A 43 -3.52 -16.39 22.15
C LEU A 43 -2.30 -15.61 22.63
N LYS A 44 -2.09 -15.56 23.94
CA LYS A 44 -0.90 -14.89 24.46
C LYS A 44 0.36 -15.66 24.10
N THR A 45 0.29 -16.99 24.12
CA THR A 45 1.44 -17.79 23.70
C THR A 45 1.69 -17.63 22.21
N LEU A 46 0.63 -17.56 21.40
CA LEU A 46 0.82 -17.37 19.97
C LEU A 46 1.27 -15.95 19.65
N GLN A 47 0.83 -14.97 20.44
CA GLN A 47 1.26 -13.60 20.22
C GLN A 47 2.75 -13.45 20.47
N ASP A 48 3.26 -14.06 21.54
CA ASP A 48 4.68 -13.92 21.85
C ASP A 48 5.56 -14.62 20.83
N LYS A 49 5.08 -15.69 20.22
CA LYS A 49 5.85 -16.38 19.18
C LYS A 49 5.80 -15.66 17.83
N LEU A 50 4.75 -14.87 17.57
CA LEU A 50 4.60 -14.25 16.26
C LEU A 50 4.76 -12.73 16.27
N ALA A 51 4.78 -12.10 17.46
CA ALA A 51 4.96 -10.65 17.50
C ALA A 51 6.31 -10.23 16.94
N SER A 52 7.29 -11.15 16.93
CA SER A 52 8.56 -10.87 16.27
C SER A 52 8.35 -10.62 14.78
N GLN A 53 7.81 -11.61 14.08
CA GLN A 53 7.62 -11.51 12.63
C GLN A 53 6.72 -10.33 12.24
N VAL A 54 5.52 -10.25 12.80
CA VAL A 54 4.51 -9.31 12.34
C VAL A 54 3.75 -8.74 13.54
N PRO A 55 3.15 -7.56 13.37
CA PRO A 55 2.29 -7.02 14.44
C PRO A 55 1.07 -7.90 14.67
N VAL A 56 0.77 -8.16 15.94
CA VAL A 56 -0.27 -9.09 16.34
C VAL A 56 -1.24 -8.39 17.29
N HIS A 57 -2.53 -8.61 17.07
CA HIS A 57 -3.58 -8.12 17.96
C HIS A 57 -4.48 -9.30 18.33
N ILE A 58 -4.53 -9.63 19.61
CA ILE A 58 -5.29 -10.78 20.08
C ILE A 58 -6.57 -10.29 20.76
N ILE A 59 -7.61 -11.12 20.67
CA ILE A 59 -8.91 -10.80 21.24
C ILE A 59 -9.48 -12.06 21.89
N GLU A 60 -9.85 -11.96 23.17
CA GLU A 60 -10.60 -13.03 23.81
C GLU A 60 -12.05 -12.85 23.40
N LEU A 61 -12.51 -13.66 22.44
CA LEU A 61 -13.81 -13.45 21.82
C LEU A 61 -14.56 -14.76 21.71
N ASP A 62 -15.81 -14.76 22.15
CA ASP A 62 -16.73 -15.85 21.91
C ASP A 62 -17.69 -15.39 20.81
N VAL A 63 -17.59 -16.01 19.63
CA VAL A 63 -18.37 -15.58 18.48
C VAL A 63 -19.86 -15.77 18.68
N ARG A 64 -20.28 -16.53 19.70
CA ARG A 64 -21.70 -16.70 19.97
C ARG A 64 -22.31 -15.46 20.60
N ASP A 65 -21.50 -14.53 21.10
CA ASP A 65 -21.98 -13.27 21.67
C ASP A 65 -21.78 -12.18 20.63
N SER A 66 -22.88 -11.73 20.01
CA SER A 66 -22.78 -10.73 18.95
C SER A 66 -22.31 -9.39 19.48
N ASP A 67 -22.75 -9.02 20.70
CA ASP A 67 -22.33 -7.76 21.26
C ASP A 67 -20.83 -7.74 21.53
N SER A 68 -20.27 -8.87 21.95
CA SER A 68 -18.83 -8.93 22.16
C SER A 68 -18.06 -8.82 20.86
N VAL A 69 -18.54 -9.48 19.80
CA VAL A 69 -17.86 -9.36 18.50
C VAL A 69 -17.99 -7.94 17.95
N ALA A 70 -19.17 -7.32 18.12
CA ALA A 70 -19.33 -5.95 17.67
C ALA A 70 -18.41 -5.01 18.41
N ALA A 71 -18.25 -5.23 19.72
CA ALA A 71 -17.34 -4.41 20.51
C ALA A 71 -15.89 -4.68 20.13
N ALA A 72 -15.56 -5.94 19.83
CA ALA A 72 -14.20 -6.29 19.49
C ALA A 72 -13.78 -5.65 18.17
N VAL A 73 -14.70 -5.56 17.21
CA VAL A 73 -14.37 -4.97 15.92
C VAL A 73 -14.33 -3.45 16.01
N ALA A 74 -15.24 -2.86 16.80
CA ALA A 74 -15.25 -1.41 16.95
C ALA A 74 -14.03 -0.91 17.72
N ALA A 75 -13.49 -1.72 18.63
CA ALA A 75 -12.35 -1.32 19.43
C ALA A 75 -11.02 -1.72 18.80
N LEU A 76 -10.99 -1.97 17.50
CA LEU A 76 -9.73 -2.36 16.86
C LEU A 76 -8.83 -1.14 16.78
N PRO A 77 -7.55 -1.27 17.14
CA PRO A 77 -6.61 -0.15 16.95
C PRO A 77 -6.43 0.18 15.47
N ALA A 78 -5.84 1.35 15.24
CA ALA A 78 -5.70 1.85 13.88
C ALA A 78 -4.77 0.97 13.04
N ASP A 79 -3.77 0.34 13.65
CA ASP A 79 -2.86 -0.53 12.92
C ASP A 79 -3.47 -1.87 12.55
N PHE A 80 -4.77 -2.03 12.78
CA PHE A 80 -5.49 -3.28 12.51
C PHE A 80 -6.87 -3.08 11.89
N ALA A 81 -7.54 -1.95 12.14
CA ALA A 81 -8.92 -1.73 11.73
C ALA A 81 -9.18 -2.02 10.25
N ASP A 82 -8.20 -1.78 9.38
CA ASP A 82 -8.42 -1.95 7.93
C ASP A 82 -8.18 -3.41 7.56
N ILE A 83 -9.24 -4.22 7.63
CA ILE A 83 -9.15 -5.65 7.35
C ILE A 83 -9.24 -5.91 5.86
N THR A 84 -8.27 -6.65 5.32
CA THR A 84 -8.31 -7.11 3.94
C THR A 84 -9.02 -8.45 3.82
N THR A 85 -8.68 -9.39 4.69
CA THR A 85 -9.21 -10.75 4.66
C THR A 85 -9.83 -11.12 6.00
N LEU A 86 -11.06 -11.63 5.96
CA LEU A 86 -11.73 -12.18 7.14
C LEU A 86 -11.86 -13.69 6.95
N ILE A 87 -11.33 -14.45 7.90
CA ILE A 87 -11.37 -15.91 7.86
C ILE A 87 -12.34 -16.37 8.95
N ASN A 88 -13.54 -16.78 8.54
CA ASN A 88 -14.54 -17.29 9.48
C ASN A 88 -14.24 -18.77 9.71
N ASN A 89 -13.24 -19.02 10.55
CA ASN A 89 -12.76 -20.37 10.80
C ASN A 89 -13.30 -20.99 12.08
N ALA A 90 -13.67 -20.17 13.06
CA ALA A 90 -14.14 -20.68 14.35
C ALA A 90 -15.36 -21.57 14.15
N GLY A 91 -15.22 -22.84 14.52
CA GLY A 91 -16.31 -23.79 14.41
C GLY A 91 -15.98 -25.07 15.14
N LEU A 92 -16.99 -25.94 15.23
CA LEU A 92 -16.85 -27.18 15.98
C LEU A 92 -17.96 -28.13 15.59
N ALA A 93 -17.71 -29.42 15.79
CA ALA A 93 -18.73 -30.45 15.67
C ALA A 93 -18.81 -31.21 17.00
N LEU A 94 -19.98 -31.79 17.26
CA LEU A 94 -20.19 -32.56 18.47
C LEU A 94 -21.08 -33.77 18.18
N SER A 95 -21.04 -34.72 19.11
CA SER A 95 -21.87 -35.94 19.15
C SER A 95 -21.94 -36.63 17.80
N PRO A 96 -20.95 -37.48 17.47
CA PRO A 96 -20.96 -38.20 16.19
C PRO A 96 -21.95 -39.35 16.12
N GLN A 97 -22.73 -39.59 17.18
CA GLN A 97 -23.70 -40.67 17.19
C GLN A 97 -24.89 -40.30 16.29
N PRO A 98 -25.78 -41.26 16.00
CA PRO A 98 -27.00 -40.93 15.24
C PRO A 98 -27.81 -39.81 15.86
N ALA A 99 -28.66 -39.17 15.04
CA ALA A 99 -29.41 -38.00 15.50
C ALA A 99 -30.37 -38.34 16.63
N GLN A 100 -30.91 -39.56 16.66
CA GLN A 100 -31.86 -39.89 17.71
C GLN A 100 -31.21 -40.04 19.09
N LYS A 101 -29.89 -39.90 19.20
CA LYS A 101 -29.21 -40.06 20.49
C LYS A 101 -28.33 -38.85 20.82
N VAL A 102 -28.66 -37.67 20.32
CA VAL A 102 -27.86 -36.46 20.57
C VAL A 102 -28.62 -35.56 21.52
N ASP A 103 -27.90 -34.97 22.47
CA ASP A 103 -28.49 -34.00 23.38
C ASP A 103 -28.69 -32.67 22.65
N LEU A 104 -29.78 -31.99 23.00
CA LEU A 104 -30.14 -30.77 22.28
C LEU A 104 -29.16 -29.63 22.56
N ASP A 105 -28.48 -29.65 23.71
CA ASP A 105 -27.50 -28.61 23.99
C ASP A 105 -26.28 -28.72 23.08
N ASP A 106 -25.96 -29.93 22.61
CA ASP A 106 -24.88 -30.08 21.64
C ASP A 106 -25.32 -29.57 20.27
N TRP A 107 -26.59 -29.75 19.91
CA TRP A 107 -27.09 -29.18 18.67
C TRP A 107 -27.06 -27.65 18.74
N LYS A 108 -27.41 -27.09 19.90
CA LYS A 108 -27.42 -25.64 20.05
C LYS A 108 -26.01 -25.07 19.98
N THR A 109 -25.03 -25.77 20.55
CA THR A 109 -23.66 -25.26 20.54
C THR A 109 -23.10 -25.18 19.12
N MET A 110 -23.44 -26.16 18.27
CA MET A 110 -22.96 -26.12 16.90
C MET A 110 -23.63 -25.00 16.11
N ILE A 111 -24.94 -24.81 16.29
CA ILE A 111 -25.64 -23.74 15.57
C ILE A 111 -25.15 -22.38 16.04
N ASP A 112 -24.93 -22.22 17.34
CA ASP A 112 -24.52 -20.92 17.86
C ASP A 112 -23.16 -20.51 17.34
N THR A 113 -22.29 -21.46 16.99
CA THR A 113 -20.94 -21.16 16.55
C THR A 113 -20.78 -21.15 15.05
N ASN A 114 -21.23 -22.20 14.36
CA ASN A 114 -21.02 -22.31 12.92
C ASN A 114 -22.02 -21.46 12.12
N VAL A 115 -23.19 -21.19 12.68
CA VAL A 115 -24.20 -20.41 11.97
C VAL A 115 -24.23 -19.00 12.52
N THR A 116 -24.76 -18.84 13.73
CA THR A 116 -24.86 -17.51 14.34
C THR A 116 -23.48 -16.89 14.55
N GLY A 117 -22.52 -17.67 15.02
CA GLY A 117 -21.19 -17.12 15.25
C GLY A 117 -20.54 -16.63 13.97
N LEU A 118 -20.79 -17.34 12.86
CA LEU A 118 -20.23 -16.90 11.59
C LEU A 118 -20.97 -15.69 11.06
N VAL A 119 -22.28 -15.62 11.33
CA VAL A 119 -23.08 -14.48 10.90
C VAL A 119 -22.81 -13.27 11.80
N ASN A 120 -22.48 -13.49 13.07
CA ASN A 120 -22.14 -12.39 13.96
C ASN A 120 -20.87 -11.69 13.51
N VAL A 121 -19.84 -12.47 13.16
CA VAL A 121 -18.56 -11.88 12.75
C VAL A 121 -18.70 -11.22 11.39
N THR A 122 -19.48 -11.84 10.49
CA THR A 122 -19.65 -11.27 9.16
C THR A 122 -20.37 -9.93 9.22
N HIS A 123 -21.42 -9.84 10.03
CA HIS A 123 -22.16 -8.59 10.12
C HIS A 123 -21.27 -7.47 10.66
N ALA A 124 -20.43 -7.78 11.65
CA ALA A 124 -19.60 -6.76 12.26
C ALA A 124 -18.53 -6.24 11.31
N LEU A 125 -18.05 -7.08 10.39
CA LEU A 125 -16.93 -6.70 9.53
C LEU A 125 -17.36 -6.34 8.11
N LEU A 126 -18.65 -6.44 7.78
CA LEU A 126 -19.09 -6.11 6.43
C LEU A 126 -18.78 -4.67 6.05
N PRO A 127 -19.08 -3.64 6.86
CA PRO A 127 -18.69 -2.28 6.47
C PRO A 127 -17.19 -2.10 6.33
N THR A 128 -16.41 -2.78 7.17
CA THR A 128 -14.97 -2.65 7.09
C THR A 128 -14.43 -3.26 5.80
N LEU A 129 -14.92 -4.44 5.43
CA LEU A 129 -14.43 -5.08 4.22
C LEU A 129 -14.89 -4.33 2.97
N ILE A 130 -16.12 -3.78 3.00
CA ILE A 130 -16.60 -3.00 1.88
C ILE A 130 -15.84 -1.69 1.78
N ASN A 131 -15.52 -1.08 2.92
CA ASN A 131 -14.73 0.15 2.89
C ASN A 131 -13.28 -0.11 2.48
N HIS A 132 -12.88 -1.38 2.39
CA HIS A 132 -11.58 -1.73 1.84
C HIS A 132 -11.76 -1.82 0.32
N GLY A 133 -12.32 -2.92 -0.14
CA GLY A 133 -12.80 -2.97 -1.50
C GLY A 133 -12.01 -3.90 -2.39
N ALA A 134 -11.12 -3.33 -3.18
CA ALA A 134 -10.37 -4.13 -4.15
C ALA A 134 -9.45 -5.07 -3.39
N GLY A 135 -9.62 -6.36 -3.63
CA GLY A 135 -8.82 -7.38 -2.99
C GLY A 135 -9.38 -7.92 -1.69
N ALA A 136 -10.49 -7.38 -1.18
CA ALA A 136 -11.05 -7.86 0.07
C ALA A 136 -11.66 -9.25 -0.14
N SER A 137 -11.51 -10.11 0.87
CA SER A 137 -11.98 -11.48 0.79
C SER A 137 -12.63 -11.91 2.11
N ILE A 138 -13.75 -12.61 2.00
CA ILE A 138 -14.39 -13.26 3.14
C ILE A 138 -14.23 -14.76 2.93
N ILE A 139 -13.34 -15.37 3.70
CA ILE A 139 -13.07 -16.80 3.58
C ILE A 139 -13.87 -17.51 4.66
N ASN A 140 -15.01 -18.07 4.27
CA ASN A 140 -15.83 -18.87 5.16
C ASN A 140 -15.40 -20.33 5.09
N ILE A 141 -15.09 -20.92 6.24
CA ILE A 141 -14.62 -22.30 6.29
C ILE A 141 -15.84 -23.21 6.43
N GLY A 142 -16.27 -23.77 5.31
CA GLY A 142 -17.34 -24.74 5.32
C GLY A 142 -16.76 -26.14 5.50
N SER A 143 -17.32 -27.13 4.81
CA SER A 143 -16.84 -28.49 4.92
C SER A 143 -17.43 -29.32 3.79
N ILE A 144 -16.81 -30.48 3.56
CA ILE A 144 -17.41 -31.47 2.68
C ILE A 144 -18.76 -31.91 3.22
N ALA A 145 -18.95 -31.81 4.54
CA ALA A 145 -20.22 -32.15 5.17
C ALA A 145 -21.34 -31.20 4.77
N GLY A 146 -21.01 -30.00 4.29
CA GLY A 146 -22.01 -29.08 3.81
C GLY A 146 -22.59 -29.42 2.46
N GLN A 147 -22.12 -30.48 1.84
CA GLN A 147 -22.60 -30.91 0.53
C GLN A 147 -22.98 -32.38 0.51
N TRP A 148 -22.24 -33.22 1.23
CA TRP A 148 -22.45 -34.67 1.20
C TRP A 148 -22.96 -35.15 2.54
N PRO A 149 -24.12 -35.81 2.59
CA PRO A 149 -24.63 -36.34 3.85
C PRO A 149 -23.96 -37.65 4.23
N TYR A 150 -23.89 -37.90 5.53
CA TYR A 150 -23.33 -39.13 6.08
C TYR A 150 -23.83 -39.31 7.50
N PRO A 151 -23.83 -40.55 8.02
CA PRO A 151 -24.31 -40.77 9.39
C PRO A 151 -23.43 -40.05 10.40
N GLY A 152 -24.07 -39.46 11.42
CA GLY A 152 -23.34 -38.76 12.45
C GLY A 152 -23.07 -37.29 12.16
N SER A 153 -23.45 -36.80 10.99
CA SER A 153 -23.24 -35.41 10.64
C SER A 153 -24.37 -34.50 11.10
N HIS A 154 -25.59 -35.02 11.17
CA HIS A 154 -26.85 -34.34 11.45
C HIS A 154 -26.82 -32.81 11.38
N VAL A 155 -26.51 -32.14 12.48
CA VAL A 155 -26.55 -30.68 12.51
C VAL A 155 -25.22 -30.06 12.09
N TYR A 156 -24.10 -30.78 12.23
CA TYR A 156 -22.83 -30.25 11.78
C TYR A 156 -22.83 -30.03 10.27
N GLY A 157 -23.20 -31.05 9.51
CA GLY A 157 -23.25 -30.89 8.06
C GLY A 157 -24.25 -29.85 7.61
N ALA A 158 -25.40 -29.77 8.28
CA ALA A 158 -26.39 -28.76 7.93
C ALA A 158 -25.84 -27.36 8.18
N SER A 159 -25.09 -27.18 9.26
CA SER A 159 -24.49 -25.88 9.54
C SER A 159 -23.48 -25.50 8.46
N LYS A 160 -22.75 -26.50 7.94
CA LYS A 160 -21.79 -26.23 6.87
C LYS A 160 -22.46 -26.07 5.51
N ALA A 161 -23.69 -26.60 5.35
CA ALA A 161 -24.45 -26.25 4.15
C ALA A 161 -25.00 -24.83 4.25
N PHE A 162 -25.36 -24.41 5.46
CA PHE A 162 -25.69 -23.00 5.70
C PHE A 162 -24.53 -22.11 5.27
N VAL A 163 -23.31 -22.48 5.65
CA VAL A 163 -22.14 -21.66 5.35
C VAL A 163 -21.92 -21.58 3.84
N LYS A 164 -22.17 -22.67 3.14
CA LYS A 164 -22.00 -22.69 1.69
C LYS A 164 -22.96 -21.72 1.00
N GLN A 165 -24.25 -21.82 1.31
CA GLN A 165 -25.23 -20.98 0.64
C GLN A 165 -25.13 -19.53 1.10
N PHE A 166 -24.78 -19.30 2.36
CA PHE A 166 -24.55 -17.94 2.82
C PHE A 166 -23.42 -17.28 2.05
N SER A 167 -22.41 -18.06 1.65
CA SER A 167 -21.33 -17.53 0.86
C SER A 167 -21.79 -17.12 -0.53
N TYR A 168 -22.56 -17.99 -1.20
CA TYR A 168 -23.08 -17.65 -2.52
C TYR A 168 -24.00 -16.43 -2.46
N ASN A 169 -24.87 -16.39 -1.45
CA ASN A 169 -25.82 -15.29 -1.33
C ASN A 169 -25.11 -13.97 -1.05
N LEU A 170 -24.01 -14.01 -0.29
CA LEU A 170 -23.25 -12.80 -0.03
C LEU A 170 -22.67 -12.23 -1.32
N ARG A 171 -22.28 -13.11 -2.25
CA ARG A 171 -21.73 -12.64 -3.52
C ARG A 171 -22.78 -11.90 -4.33
N CYS A 172 -24.04 -12.35 -4.27
CA CYS A 172 -25.11 -11.69 -5.01
C CYS A 172 -25.35 -10.27 -4.51
N ASP A 173 -25.18 -10.05 -3.21
CA ASP A 173 -25.43 -8.75 -2.61
C ASP A 173 -24.21 -7.85 -2.61
N LEU A 174 -22.99 -8.41 -2.73
CA LEU A 174 -21.78 -7.62 -2.72
C LEU A 174 -21.24 -7.35 -4.12
N LEU A 175 -22.07 -7.53 -5.14
CA LEU A 175 -21.63 -7.28 -6.50
C LEU A 175 -21.33 -5.80 -6.69
N GLY A 176 -20.14 -5.49 -7.20
CA GLY A 176 -19.72 -4.13 -7.41
C GLY A 176 -18.88 -3.53 -6.31
N THR A 177 -18.81 -4.17 -5.15
CA THR A 177 -17.99 -3.67 -4.05
C THR A 177 -16.56 -4.17 -4.11
N GLY A 178 -16.26 -5.12 -5.00
CA GLY A 178 -14.94 -5.71 -5.07
C GLY A 178 -14.65 -6.75 -4.02
N VAL A 179 -15.53 -6.92 -3.04
CA VAL A 179 -15.30 -7.87 -1.95
C VAL A 179 -15.61 -9.28 -2.43
N ARG A 180 -14.72 -10.22 -2.06
CA ARG A 180 -14.83 -11.60 -2.50
C ARG A 180 -15.31 -12.48 -1.35
N VAL A 181 -16.16 -13.45 -1.67
CA VAL A 181 -16.66 -14.41 -0.69
C VAL A 181 -16.37 -15.81 -1.23
N THR A 182 -15.72 -16.63 -0.42
CA THR A 182 -15.29 -17.96 -0.83
C THR A 182 -15.60 -18.96 0.27
N ASP A 183 -16.14 -20.10 -0.12
CA ASP A 183 -16.36 -21.22 0.80
C ASP A 183 -15.20 -22.21 0.62
N LEU A 184 -14.30 -22.21 1.59
CA LEU A 184 -13.23 -23.20 1.65
C LEU A 184 -13.76 -24.39 2.44
N ALA A 185 -14.00 -25.50 1.73
CA ALA A 185 -14.62 -26.69 2.32
C ALA A 185 -13.61 -27.81 2.40
N PRO A 186 -12.96 -28.02 3.55
CA PRO A 186 -11.96 -29.08 3.65
C PRO A 186 -12.57 -30.43 3.97
N GLY A 187 -11.78 -31.47 3.73
CA GLY A 187 -12.11 -32.82 4.10
C GLY A 187 -11.56 -33.18 5.46
N ILE A 188 -11.31 -34.47 5.67
CA ILE A 188 -10.85 -34.93 6.98
C ILE A 188 -9.43 -34.44 7.22
N ALA A 189 -9.21 -33.83 8.39
CA ALA A 189 -7.93 -33.26 8.74
C ALA A 189 -7.66 -33.45 10.23
N GLU A 190 -6.43 -33.78 10.58
CA GLU A 190 -6.06 -34.07 11.96
C GLU A 190 -5.76 -32.77 12.69
N THR A 191 -6.71 -32.30 13.48
CA THR A 191 -6.51 -31.12 14.32
C THR A 191 -7.03 -31.47 15.71
N GLU A 192 -7.57 -30.51 16.42
CA GLU A 192 -8.31 -30.79 17.64
C GLU A 192 -9.78 -31.05 17.35
N PHE A 193 -10.16 -31.09 16.07
CA PHE A 193 -11.56 -31.19 15.66
C PHE A 193 -12.21 -32.45 16.23
N THR A 194 -11.64 -33.62 15.94
CA THR A 194 -12.23 -34.86 16.43
C THR A 194 -12.13 -34.97 17.94
N LEU A 195 -11.10 -34.38 18.55
CA LEU A 195 -11.00 -34.38 20.01
C LEU A 195 -12.17 -33.62 20.63
N VAL A 196 -12.48 -32.45 20.08
CA VAL A 196 -13.64 -31.70 20.56
C VAL A 196 -14.93 -32.43 20.23
N ARG A 197 -14.95 -33.15 19.10
CA ARG A 197 -16.18 -33.80 18.67
C ARG A 197 -16.54 -34.98 19.54
N THR A 198 -15.55 -35.65 20.13
CA THR A 198 -15.79 -36.75 21.05
C THR A 198 -15.70 -36.33 22.51
N LYS A 199 -15.64 -35.02 22.77
CA LYS A 199 -15.60 -34.48 24.13
C LYS A 199 -14.38 -34.97 24.89
N GLY A 200 -13.27 -35.21 24.19
CA GLY A 200 -12.02 -35.53 24.83
C GLY A 200 -11.50 -36.94 24.65
N ASP A 201 -12.07 -37.73 23.74
CA ASP A 201 -11.65 -39.12 23.52
C ASP A 201 -10.48 -39.10 22.54
N GLN A 202 -9.27 -39.04 23.09
CA GLN A 202 -8.08 -39.00 22.25
C GLN A 202 -7.86 -40.33 21.52
N ALA A 203 -8.30 -41.43 22.11
CA ALA A 203 -8.20 -42.72 21.43
C ALA A 203 -9.04 -42.73 20.16
N ALA A 204 -10.25 -42.17 20.22
CA ALA A 204 -11.09 -42.09 19.04
C ALA A 204 -10.46 -41.21 17.97
N SER A 205 -9.82 -40.11 18.39
CA SER A 205 -9.15 -39.24 17.44
C SER A 205 -7.86 -39.86 16.90
N ASP A 206 -7.42 -40.98 17.45
CA ASP A 206 -6.26 -41.67 16.91
C ASP A 206 -6.65 -42.86 16.06
N ASN A 207 -7.75 -43.53 16.40
CA ASN A 207 -8.25 -44.63 15.58
C ASN A 207 -8.85 -44.15 14.26
N LEU A 208 -9.32 -42.91 14.20
CA LEU A 208 -9.85 -42.37 12.95
C LEU A 208 -8.75 -42.09 11.94
N TYR A 209 -7.67 -41.42 12.36
CA TYR A 209 -6.61 -41.03 11.45
C TYR A 209 -5.54 -42.09 11.26
N ARG A 210 -5.63 -43.22 11.97
CA ARG A 210 -4.57 -44.21 11.93
C ARG A 210 -4.60 -44.98 10.61
N GLY A 211 -3.44 -45.11 9.97
CA GLY A 211 -3.34 -45.84 8.73
C GLY A 211 -3.79 -45.10 7.50
N THR A 212 -4.07 -43.80 7.58
CA THR A 212 -4.48 -43.00 6.44
C THR A 212 -3.70 -41.71 6.43
N THR A 213 -3.84 -40.97 5.33
CA THR A 213 -3.20 -39.67 5.16
C THR A 213 -4.25 -38.57 5.11
N PRO A 214 -4.60 -37.97 6.24
CA PRO A 214 -5.57 -36.87 6.25
C PRO A 214 -4.88 -35.57 5.85
N LEU A 215 -5.67 -34.51 5.80
CA LEU A 215 -5.10 -33.19 5.56
C LEU A 215 -4.41 -32.69 6.83
N SER A 216 -3.35 -31.91 6.63
CA SER A 216 -2.70 -31.26 7.74
C SER A 216 -3.31 -29.88 7.96
N ALA A 217 -3.11 -29.33 9.16
CA ALA A 217 -3.61 -27.99 9.44
C ALA A 217 -2.94 -26.96 8.54
N ARG A 218 -1.68 -27.20 8.15
CA ARG A 218 -1.01 -26.27 7.27
C ARG A 218 -1.49 -26.38 5.83
N ASP A 219 -2.05 -27.54 5.45
CA ASP A 219 -2.61 -27.67 4.11
C ASP A 219 -3.76 -26.70 3.91
N ILE A 220 -4.66 -26.62 4.89
CA ILE A 220 -5.79 -25.70 4.80
C ILE A 220 -5.34 -24.25 4.99
N ALA A 221 -4.34 -24.02 5.85
CA ALA A 221 -3.85 -22.66 6.05
C ALA A 221 -3.27 -22.08 4.76
N GLU A 222 -2.48 -22.87 4.03
CA GLU A 222 -1.94 -22.40 2.77
C GLU A 222 -3.02 -22.22 1.71
N GLN A 223 -4.16 -22.89 1.86
CA GLN A 223 -5.28 -22.65 0.96
C GLN A 223 -5.98 -21.35 1.32
N MET A 224 -6.07 -21.05 2.61
CA MET A 224 -6.58 -19.75 3.02
C MET A 224 -5.73 -18.62 2.45
N PHE A 225 -4.40 -18.77 2.53
CA PHE A 225 -3.51 -17.73 2.01
C PHE A 225 -3.61 -17.64 0.49
N TYR A 226 -3.75 -18.78 -0.18
CA TYR A 226 -3.91 -18.77 -1.62
C TYR A 226 -5.16 -17.99 -2.04
N ILE A 227 -6.26 -18.20 -1.31
CA ILE A 227 -7.50 -17.48 -1.61
C ILE A 227 -7.34 -15.99 -1.29
N ALA A 228 -6.70 -15.68 -0.17
CA ALA A 228 -6.59 -14.27 0.24
C ALA A 228 -5.72 -13.47 -0.71
N THR A 229 -4.70 -14.08 -1.30
CA THR A 229 -3.80 -13.38 -2.21
C THR A 229 -4.22 -13.51 -3.67
N LEU A 230 -5.42 -14.01 -3.92
CA LEU A 230 -5.91 -14.14 -5.29
C LEU A 230 -6.03 -12.75 -5.93
N PRO A 231 -5.80 -12.65 -7.24
CA PRO A 231 -5.95 -11.35 -7.92
C PRO A 231 -7.34 -10.76 -7.68
N ASP A 232 -7.40 -9.42 -7.67
CA ASP A 232 -8.59 -8.73 -7.20
C ASP A 232 -9.81 -9.02 -8.06
N HIS A 233 -9.61 -9.30 -9.36
CA HIS A 233 -10.76 -9.51 -10.25
C HIS A 233 -11.30 -10.94 -10.18
N MET A 234 -10.58 -11.86 -9.57
CA MET A 234 -11.00 -13.25 -9.48
C MET A 234 -11.73 -13.50 -8.16
N ASN A 235 -12.62 -14.48 -8.18
CA ASN A 235 -13.34 -14.87 -6.97
C ASN A 235 -13.62 -16.36 -7.05
N ILE A 236 -13.20 -17.10 -6.03
CA ILE A 236 -13.51 -18.51 -5.94
C ILE A 236 -14.82 -18.69 -5.19
N ASN A 237 -15.81 -19.27 -5.88
CA ASN A 237 -17.08 -19.54 -5.21
C ASN A 237 -16.91 -20.60 -4.13
N ARG A 238 -16.24 -21.71 -4.45
CA ARG A 238 -16.09 -22.79 -3.49
C ARG A 238 -14.93 -23.68 -3.90
N VAL A 239 -14.15 -24.12 -2.90
CA VAL A 239 -13.11 -25.13 -3.07
C VAL A 239 -13.37 -26.25 -2.07
N GLU A 240 -13.62 -27.45 -2.58
CA GLU A 240 -13.76 -28.63 -1.74
C GLU A 240 -12.45 -29.40 -1.82
N VAL A 241 -11.68 -29.39 -0.73
CA VAL A 241 -10.37 -30.03 -0.67
C VAL A 241 -10.49 -31.26 0.23
N MET A 242 -10.21 -32.42 -0.34
CA MET A 242 -10.16 -33.68 0.37
C MET A 242 -8.75 -34.25 0.27
N PRO A 243 -8.33 -35.06 1.24
CA PRO A 243 -7.15 -35.89 1.01
C PRO A 243 -7.47 -36.88 -0.09
N VAL A 244 -6.48 -37.12 -0.97
CA VAL A 244 -6.70 -38.01 -2.10
C VAL A 244 -7.03 -39.43 -1.66
N ARG A 245 -6.83 -39.74 -0.37
CA ARG A 245 -7.23 -41.02 0.20
C ARG A 245 -8.63 -40.97 0.81
N GLN A 246 -9.43 -39.97 0.45
CA GLN A 246 -10.80 -39.87 0.89
C GLN A 246 -11.72 -39.72 -0.33
N ALA A 247 -12.84 -40.43 -0.31
CA ALA A 247 -13.82 -40.36 -1.39
C ALA A 247 -15.20 -40.69 -0.84
N TRP A 248 -16.05 -41.28 -1.66
CA TRP A 248 -17.42 -41.59 -1.28
C TRP A 248 -17.64 -43.10 -1.34
N GLN A 249 -18.38 -43.60 -0.36
CA GLN A 249 -18.71 -45.02 -0.29
C GLN A 249 -20.01 -45.29 -1.02
N PRO A 250 -20.35 -46.56 -1.27
CA PRO A 250 -21.65 -46.86 -1.87
C PRO A 250 -22.80 -46.43 -0.97
N PHE A 251 -24.00 -46.50 -1.51
CA PHE A 251 -25.19 -46.12 -0.76
C PHE A 251 -25.42 -47.09 0.39
N ALA A 252 -25.88 -46.56 1.51
CA ALA A 252 -26.26 -47.42 2.63
C ALA A 252 -27.58 -48.09 2.30
N ILE A 253 -27.61 -49.42 2.41
CA ILE A 253 -28.82 -50.20 2.14
C ILE A 253 -29.12 -51.06 3.37
N ASP A 254 -30.28 -50.83 3.97
CA ASP A 254 -30.72 -51.61 5.12
C ASP A 254 -31.11 -53.02 4.69
N ARG A 255 -30.61 -54.02 5.40
CA ARG A 255 -30.85 -55.42 5.04
C ARG A 255 -31.41 -56.15 6.26
N ASP A 256 -32.26 -57.14 5.98
CA ASP A 256 -32.86 -57.95 7.02
C ASP A 256 -31.82 -58.83 7.70
N SER B 6 11.15 -36.52 -15.08
CA SER B 6 10.59 -35.30 -15.64
C SER B 6 9.08 -35.28 -15.50
N LYS B 7 8.49 -34.08 -15.52
CA LYS B 7 7.06 -33.90 -15.39
C LYS B 7 6.48 -33.48 -16.74
N VAL B 8 5.46 -34.21 -17.19
CA VAL B 8 4.87 -34.05 -18.51
C VAL B 8 3.39 -33.75 -18.34
N VAL B 9 2.88 -32.75 -19.07
CA VAL B 9 1.47 -32.39 -19.03
C VAL B 9 0.85 -32.66 -20.40
N PHE B 10 -0.35 -33.22 -20.38
CA PHE B 10 -1.12 -33.52 -21.59
C PHE B 10 -2.27 -32.52 -21.68
N ILE B 11 -2.18 -31.59 -22.63
CA ILE B 11 -3.15 -30.52 -22.79
C ILE B 11 -3.94 -30.77 -24.08
N THR B 12 -5.25 -30.95 -23.94
CA THR B 12 -6.11 -30.98 -25.11
C THR B 12 -6.65 -29.59 -25.39
N GLY B 13 -6.87 -29.29 -26.67
CA GLY B 13 -7.30 -27.96 -27.05
C GLY B 13 -6.33 -26.87 -26.69
N ALA B 14 -5.08 -27.01 -27.13
CA ALA B 14 -4.02 -26.06 -26.79
C ALA B 14 -3.82 -24.98 -27.85
N THR B 15 -4.69 -24.91 -28.86
CA THR B 15 -4.50 -23.94 -29.93
C THR B 15 -4.95 -22.53 -29.55
N SER B 16 -5.78 -22.38 -28.52
CA SER B 16 -6.26 -21.08 -28.09
C SER B 16 -6.74 -21.17 -26.65
N GLY B 17 -7.03 -20.01 -26.08
CA GLY B 17 -7.70 -19.93 -24.79
C GLY B 17 -6.89 -20.55 -23.67
N PHE B 18 -7.58 -21.31 -22.81
CA PHE B 18 -6.95 -21.89 -21.64
C PHE B 18 -5.77 -22.80 -22.02
N GLY B 19 -5.97 -23.65 -23.02
CA GLY B 19 -4.92 -24.58 -23.39
C GLY B 19 -3.66 -23.88 -23.87
N GLU B 20 -3.81 -22.86 -24.70
CA GLU B 20 -2.64 -22.12 -25.18
C GLU B 20 -1.97 -21.36 -24.05
N ALA B 21 -2.77 -20.78 -23.13
CA ALA B 21 -2.18 -20.07 -22.00
C ALA B 21 -1.53 -21.04 -21.03
N ALA B 22 -2.14 -22.23 -20.84
CA ALA B 22 -1.54 -23.21 -19.94
C ALA B 22 -0.21 -23.72 -20.48
N ALA B 23 -0.07 -23.83 -21.80
CA ALA B 23 1.19 -24.28 -22.37
C ALA B 23 2.34 -23.34 -22.03
N GLN B 24 2.06 -22.03 -22.00
CA GLN B 24 3.10 -21.08 -21.65
C GLN B 24 3.38 -21.06 -20.17
N VAL B 25 2.35 -21.29 -19.34
CA VAL B 25 2.56 -21.29 -17.89
C VAL B 25 3.33 -22.54 -17.47
N PHE B 26 3.01 -23.69 -18.06
CA PHE B 26 3.72 -24.92 -17.73
C PHE B 26 5.14 -24.91 -18.32
N ALA B 27 5.33 -24.22 -19.44
CA ALA B 27 6.67 -24.07 -20.00
C ALA B 27 7.55 -23.22 -19.09
N ASP B 28 6.96 -22.20 -18.47
CA ASP B 28 7.72 -21.35 -17.55
C ASP B 28 8.15 -22.08 -16.29
N ALA B 29 7.63 -23.29 -16.04
CA ALA B 29 8.00 -24.07 -14.88
C ALA B 29 8.84 -25.29 -15.22
N GLY B 30 9.28 -25.41 -16.47
CA GLY B 30 10.12 -26.52 -16.89
C GLY B 30 9.38 -27.79 -17.22
N TRP B 31 8.05 -27.78 -17.20
CA TRP B 31 7.28 -28.97 -17.49
C TRP B 31 7.33 -29.28 -18.98
N SER B 32 7.59 -30.54 -19.32
CA SER B 32 7.50 -30.96 -20.71
C SER B 32 6.03 -30.97 -21.13
N LEU B 33 5.80 -30.62 -22.39
CA LEU B 33 4.46 -30.35 -22.89
C LEU B 33 4.09 -31.37 -23.96
N VAL B 34 2.83 -31.79 -23.95
CA VAL B 34 2.25 -32.58 -25.02
C VAL B 34 0.95 -31.87 -25.36
N LEU B 35 0.95 -31.11 -26.45
CA LEU B 35 -0.17 -30.26 -26.81
C LEU B 35 -0.88 -30.84 -28.01
N SER B 36 -2.20 -30.96 -27.91
CA SER B 36 -3.01 -31.53 -28.97
C SER B 36 -4.04 -30.50 -29.43
N GLY B 37 -4.80 -30.88 -30.45
CA GLY B 37 -5.75 -30.00 -31.06
C GLY B 37 -5.86 -30.32 -32.54
N ARG B 38 -6.73 -29.58 -33.22
CA ARG B 38 -6.99 -29.81 -34.64
C ARG B 38 -6.29 -28.82 -35.55
N ARG B 39 -6.05 -27.59 -35.09
CA ARG B 39 -5.37 -26.59 -35.90
C ARG B 39 -3.87 -26.86 -35.80
N PHE B 40 -3.38 -27.69 -36.73
CA PHE B 40 -1.99 -28.12 -36.70
C PHE B 40 -1.02 -26.98 -36.96
N GLU B 41 -1.41 -26.01 -37.78
CA GLU B 41 -0.50 -24.91 -38.09
C GLU B 41 -0.36 -23.95 -36.93
N ARG B 42 -1.26 -24.01 -35.94
CA ARG B 42 -1.09 -23.26 -34.71
C ARG B 42 -0.30 -24.07 -33.68
N LEU B 43 -0.37 -25.39 -33.76
CA LEU B 43 0.46 -26.22 -32.90
C LEU B 43 1.93 -26.13 -33.31
N LYS B 44 2.18 -26.01 -34.62
CA LYS B 44 3.56 -25.85 -35.10
C LYS B 44 4.13 -24.51 -34.68
N THR B 45 3.31 -23.46 -34.73
CA THR B 45 3.76 -22.14 -34.27
C THR B 45 4.01 -22.16 -32.76
N LEU B 46 3.17 -22.89 -32.03
CA LEU B 46 3.33 -22.98 -30.58
C LEU B 46 4.56 -23.80 -30.21
N GLN B 47 4.91 -24.80 -31.03
CA GLN B 47 6.10 -25.61 -30.73
C GLN B 47 7.36 -24.76 -30.81
N ASP B 48 7.50 -23.94 -31.86
CA ASP B 48 8.66 -23.04 -31.97
C ASP B 48 8.67 -21.96 -30.90
N LYS B 49 7.52 -21.55 -30.40
CA LYS B 49 7.57 -20.53 -29.37
C LYS B 49 8.03 -21.09 -28.03
N LEU B 50 7.79 -22.38 -27.78
CA LEU B 50 8.08 -22.97 -26.48
C LEU B 50 9.18 -24.04 -26.50
N ALA B 51 9.59 -24.54 -27.67
CA ALA B 51 10.64 -25.55 -27.70
C ALA B 51 11.97 -25.05 -27.16
N SER B 52 12.17 -23.73 -27.17
CA SER B 52 13.37 -23.15 -26.56
C SER B 52 13.43 -23.48 -25.08
N GLN B 53 12.45 -22.99 -24.31
CA GLN B 53 12.42 -23.23 -22.87
C GLN B 53 12.38 -24.72 -22.53
N VAL B 54 11.45 -25.46 -23.14
CA VAL B 54 11.14 -26.82 -22.69
C VAL B 54 10.87 -27.71 -23.89
N PRO B 55 11.13 -29.01 -23.76
CA PRO B 55 10.74 -29.95 -24.82
C PRO B 55 9.23 -29.98 -25.03
N VAL B 56 8.82 -29.91 -26.30
CA VAL B 56 7.42 -29.83 -26.69
C VAL B 56 7.11 -30.93 -27.69
N HIS B 57 5.96 -31.59 -27.51
CA HIS B 57 5.48 -32.61 -28.44
C HIS B 57 4.06 -32.24 -28.85
N ILE B 58 3.84 -32.03 -30.14
CA ILE B 58 2.54 -31.63 -30.65
C ILE B 58 1.87 -32.81 -31.31
N ILE B 59 0.54 -32.84 -31.24
CA ILE B 59 -0.27 -33.91 -31.80
C ILE B 59 -1.50 -33.30 -32.47
N GLU B 60 -1.71 -33.64 -33.74
CA GLU B 60 -2.95 -33.28 -34.43
C GLU B 60 -4.02 -34.28 -34.04
N LEU B 61 -4.93 -33.86 -33.16
CA LEU B 61 -5.88 -34.79 -32.56
C LEU B 61 -7.28 -34.20 -32.53
N ASP B 62 -8.25 -34.99 -32.97
CA ASP B 62 -9.67 -34.69 -32.76
C ASP B 62 -10.14 -35.62 -31.64
N VAL B 63 -10.49 -35.03 -30.49
CA VAL B 63 -10.82 -35.84 -29.32
C VAL B 63 -12.08 -36.66 -29.53
N ARG B 64 -12.88 -36.36 -30.56
CA ARG B 64 -14.06 -37.15 -30.83
C ARG B 64 -13.73 -38.50 -31.45
N ASP B 65 -12.50 -38.70 -31.91
CA ASP B 65 -12.07 -39.96 -32.49
C ASP B 65 -11.28 -40.71 -31.42
N SER B 66 -11.91 -41.74 -30.84
CA SER B 66 -11.27 -42.48 -29.77
C SER B 66 -10.06 -43.25 -30.28
N ASP B 67 -10.15 -43.80 -31.50
CA ASP B 67 -9.03 -44.54 -32.05
C ASP B 67 -7.86 -43.61 -32.33
N SER B 68 -8.14 -42.37 -32.75
CA SER B 68 -7.07 -41.41 -32.94
C SER B 68 -6.43 -41.04 -31.60
N VAL B 69 -7.24 -40.92 -30.55
CA VAL B 69 -6.70 -40.61 -29.23
C VAL B 69 -5.86 -41.78 -28.71
N ALA B 70 -6.36 -43.00 -28.87
CA ALA B 70 -5.61 -44.17 -28.40
C ALA B 70 -4.31 -44.33 -29.16
N ALA B 71 -4.32 -44.07 -30.47
CA ALA B 71 -3.09 -44.17 -31.24
C ALA B 71 -2.12 -43.06 -30.87
N ALA B 72 -2.63 -41.86 -30.59
CA ALA B 72 -1.76 -40.73 -30.27
C ALA B 72 -1.04 -40.96 -28.94
N VAL B 73 -1.71 -41.55 -27.96
CA VAL B 73 -1.06 -41.79 -26.68
C VAL B 73 -0.11 -42.97 -26.81
N ALA B 74 -0.48 -43.98 -27.62
CA ALA B 74 0.41 -45.12 -27.83
C ALA B 74 1.67 -44.70 -28.57
N ALA B 75 1.59 -43.65 -29.39
CA ALA B 75 2.73 -43.18 -30.17
C ALA B 75 3.53 -42.09 -29.44
N LEU B 76 3.39 -42.00 -28.12
CA LEU B 76 4.13 -40.99 -27.38
C LEU B 76 5.59 -41.39 -27.29
N PRO B 77 6.52 -40.48 -27.59
CA PRO B 77 7.95 -40.79 -27.39
C PRO B 77 8.28 -41.03 -25.93
N ALA B 78 9.47 -41.59 -25.70
CA ALA B 78 9.85 -41.98 -24.34
C ALA B 78 10.01 -40.79 -23.41
N ASP B 79 10.47 -39.65 -23.94
CA ASP B 79 10.62 -38.44 -23.13
C ASP B 79 9.30 -37.74 -22.87
N PHE B 80 8.18 -38.38 -23.22
CA PHE B 80 6.84 -37.81 -23.08
C PHE B 80 5.81 -38.79 -22.52
N ALA B 81 5.96 -40.10 -22.76
CA ALA B 81 4.96 -41.08 -22.37
C ALA B 81 4.56 -41.00 -20.90
N ASP B 82 5.46 -40.58 -20.01
CA ASP B 82 5.16 -40.56 -18.58
C ASP B 82 4.41 -39.29 -18.23
N ILE B 83 3.08 -39.37 -18.32
CA ILE B 83 2.22 -38.21 -18.07
C ILE B 83 1.98 -38.06 -16.58
N THR B 84 2.27 -36.87 -16.05
CA THR B 84 1.94 -36.53 -14.67
C THR B 84 0.56 -35.89 -14.57
N THR B 85 0.27 -34.92 -15.44
CA THR B 85 -0.97 -34.18 -15.39
C THR B 85 -1.67 -34.25 -16.75
N LEU B 86 -2.94 -34.62 -16.72
CA LEU B 86 -3.80 -34.58 -17.89
C LEU B 86 -4.81 -33.45 -17.70
N ILE B 87 -4.80 -32.48 -18.61
CA ILE B 87 -5.71 -31.35 -18.56
C ILE B 87 -6.71 -31.55 -19.69
N ASN B 88 -7.92 -31.99 -19.34
CA ASN B 88 -8.99 -32.22 -20.31
C ASN B 88 -9.71 -30.90 -20.57
N ASN B 89 -9.06 -30.07 -21.39
CA ASN B 89 -9.55 -28.72 -21.64
C ASN B 89 -10.34 -28.58 -22.94
N ALA B 90 -10.10 -29.44 -23.92
CA ALA B 90 -10.77 -29.33 -25.22
C ALA B 90 -12.28 -29.38 -25.05
N GLY B 91 -12.95 -28.28 -25.43
CA GLY B 91 -14.40 -28.19 -25.35
C GLY B 91 -14.88 -26.97 -26.10
N LEU B 92 -16.20 -26.88 -26.21
CA LEU B 92 -16.83 -25.81 -26.98
C LEU B 92 -18.30 -25.73 -26.62
N ALA B 93 -18.88 -24.55 -26.84
CA ALA B 93 -20.31 -24.36 -26.73
C ALA B 93 -20.86 -23.82 -28.05
N LEU B 94 -22.15 -24.06 -28.30
CA LEU B 94 -22.80 -23.59 -29.51
C LEU B 94 -24.22 -23.15 -29.20
N SER B 95 -24.80 -22.41 -30.16
CA SER B 95 -26.19 -21.96 -30.18
C SER B 95 -26.65 -21.34 -28.87
N PRO B 96 -26.41 -20.05 -28.66
CA PRO B 96 -26.88 -19.40 -27.43
C PRO B 96 -28.38 -19.11 -27.42
N GLN B 97 -29.10 -19.48 -28.46
CA GLN B 97 -30.54 -19.26 -28.53
C GLN B 97 -31.25 -20.28 -27.64
N PRO B 98 -32.55 -20.08 -27.36
CA PRO B 98 -33.29 -21.10 -26.61
C PRO B 98 -33.21 -22.46 -27.27
N ALA B 99 -33.47 -23.49 -26.47
CA ALA B 99 -33.29 -24.86 -26.94
C ALA B 99 -34.20 -25.17 -28.12
N GLN B 100 -35.40 -24.60 -28.15
CA GLN B 100 -36.35 -24.87 -29.22
C GLN B 100 -35.94 -24.28 -30.55
N LYS B 101 -34.83 -23.55 -30.61
CA LYS B 101 -34.35 -22.94 -31.85
C LYS B 101 -32.91 -23.37 -32.14
N VAL B 102 -32.52 -24.54 -31.65
CA VAL B 102 -31.16 -25.06 -31.82
C VAL B 102 -31.20 -26.22 -32.79
N ASP B 103 -30.24 -26.25 -33.71
CA ASP B 103 -30.09 -27.40 -34.60
C ASP B 103 -29.42 -28.53 -33.83
N LEU B 104 -29.83 -29.77 -34.14
CA LEU B 104 -29.36 -30.91 -33.36
C LEU B 104 -27.89 -31.21 -33.61
N ASP B 105 -27.36 -30.83 -34.77
CA ASP B 105 -25.94 -31.06 -35.02
C ASP B 105 -25.07 -30.21 -34.11
N ASP B 106 -25.59 -29.05 -33.68
CA ASP B 106 -24.87 -28.24 -32.71
C ASP B 106 -24.92 -28.88 -31.33
N TRP B 107 -26.04 -29.53 -31.00
CA TRP B 107 -26.12 -30.30 -29.76
C TRP B 107 -25.19 -31.51 -29.80
N LYS B 108 -25.12 -32.18 -30.95
CA LYS B 108 -24.27 -33.36 -31.06
C LYS B 108 -22.79 -33.00 -30.97
N THR B 109 -22.40 -31.86 -31.55
CA THR B 109 -20.99 -31.46 -31.51
C THR B 109 -20.54 -31.20 -30.08
N MET B 110 -21.40 -30.62 -29.26
CA MET B 110 -21.05 -30.38 -27.87
C MET B 110 -20.94 -31.68 -27.09
N ILE B 111 -21.86 -32.61 -27.31
CA ILE B 111 -21.79 -33.90 -26.63
C ILE B 111 -20.58 -34.70 -27.11
N ASP B 112 -20.30 -34.66 -28.42
CA ASP B 112 -19.17 -35.42 -28.94
C ASP B 112 -17.84 -34.89 -28.43
N THR B 113 -17.78 -33.60 -28.11
CA THR B 113 -16.54 -32.95 -27.69
C THR B 113 -16.42 -32.82 -26.17
N ASN B 114 -17.45 -32.29 -25.51
CA ASN B 114 -17.36 -32.04 -24.08
C ASN B 114 -17.59 -33.29 -23.24
N VAL B 115 -18.35 -34.26 -23.76
CA VAL B 115 -18.67 -35.46 -23.00
C VAL B 115 -17.88 -36.66 -23.52
N THR B 116 -18.23 -37.13 -24.72
CA THR B 116 -17.55 -38.30 -25.26
C THR B 116 -16.06 -38.04 -25.44
N GLY B 117 -15.69 -36.86 -25.93
CA GLY B 117 -14.29 -36.54 -26.11
C GLY B 117 -13.53 -36.54 -24.79
N LEU B 118 -14.20 -36.15 -23.71
CA LEU B 118 -13.54 -36.10 -22.40
C LEU B 118 -13.32 -37.49 -21.83
N VAL B 119 -14.26 -38.40 -22.04
CA VAL B 119 -14.08 -39.77 -21.55
C VAL B 119 -13.13 -40.55 -22.45
N ASN B 120 -13.04 -40.19 -23.73
CA ASN B 120 -12.10 -40.85 -24.61
C ASN B 120 -10.66 -40.60 -24.17
N VAL B 121 -10.35 -39.35 -23.81
CA VAL B 121 -8.99 -39.01 -23.40
C VAL B 121 -8.67 -39.64 -22.04
N THR B 122 -9.64 -39.67 -21.14
CA THR B 122 -9.41 -40.31 -19.85
C THR B 122 -9.17 -41.80 -20.00
N HIS B 123 -9.98 -42.45 -20.84
CA HIS B 123 -9.83 -43.89 -21.06
C HIS B 123 -8.45 -44.22 -21.63
N ALA B 124 -7.98 -43.40 -22.57
CA ALA B 124 -6.68 -43.67 -23.19
C ALA B 124 -5.52 -43.43 -22.24
N LEU B 125 -5.67 -42.49 -21.31
CA LEU B 125 -4.57 -42.10 -20.43
C LEU B 125 -4.68 -42.64 -19.01
N LEU B 126 -5.78 -43.33 -18.68
CA LEU B 126 -5.92 -43.86 -17.31
C LEU B 126 -4.80 -44.82 -16.93
N PRO B 127 -4.41 -45.81 -17.74
CA PRO B 127 -3.29 -46.67 -17.34
C PRO B 127 -1.99 -45.91 -17.17
N THR B 128 -1.75 -44.88 -17.98
CA THR B 128 -0.53 -44.10 -17.86
C THR B 128 -0.49 -43.34 -16.54
N LEU B 129 -1.60 -42.71 -16.17
CA LEU B 129 -1.64 -41.94 -14.93
C LEU B 129 -1.57 -42.84 -13.71
N ILE B 130 -2.19 -44.02 -13.78
CA ILE B 130 -2.09 -44.94 -12.65
C ILE B 130 -0.67 -45.47 -12.53
N ASN B 131 0.00 -45.71 -13.67
CA ASN B 131 1.40 -46.11 -13.63
C ASN B 131 2.32 -44.97 -13.21
N HIS B 132 1.79 -43.75 -13.12
CA HIS B 132 2.59 -42.65 -12.56
C HIS B 132 2.44 -42.71 -11.05
N GLY B 133 1.28 -42.35 -10.54
CA GLY B 133 0.99 -42.67 -9.16
C GLY B 133 0.85 -41.46 -8.28
N ALA B 134 1.95 -41.09 -7.63
CA ALA B 134 1.94 -40.02 -6.64
C ALA B 134 2.24 -38.71 -7.34
N GLY B 135 1.30 -37.77 -7.24
CA GLY B 135 1.38 -36.49 -7.90
C GLY B 135 0.62 -36.40 -9.20
N ALA B 136 0.07 -37.51 -9.69
CA ALA B 136 -0.67 -37.49 -10.93
C ALA B 136 -2.03 -36.82 -10.74
N SER B 137 -2.47 -36.08 -11.75
CA SER B 137 -3.71 -35.34 -11.68
C SER B 137 -4.45 -35.40 -13.00
N ILE B 138 -5.77 -35.57 -12.93
CA ILE B 138 -6.67 -35.43 -14.06
C ILE B 138 -7.49 -34.18 -13.79
N ILE B 139 -7.18 -33.09 -14.50
CA ILE B 139 -7.84 -31.82 -14.31
C ILE B 139 -8.91 -31.69 -15.40
N ASN B 140 -10.16 -31.96 -15.03
CA ASN B 140 -11.28 -31.81 -15.95
C ASN B 140 -11.77 -30.36 -15.90
N ILE B 141 -11.85 -29.73 -17.07
CA ILE B 141 -12.27 -28.34 -17.18
C ILE B 141 -13.79 -28.33 -17.32
N GLY B 142 -14.47 -28.09 -16.20
CA GLY B 142 -15.91 -27.96 -16.21
C GLY B 142 -16.32 -26.51 -16.43
N SER B 143 -17.38 -26.09 -15.75
CA SER B 143 -17.85 -24.72 -15.90
C SER B 143 -18.84 -24.42 -14.79
N ILE B 144 -19.08 -23.12 -14.57
CA ILE B 144 -20.17 -22.71 -13.69
C ILE B 144 -21.51 -23.19 -14.23
N ALA B 145 -21.58 -23.40 -15.56
CA ALA B 145 -22.79 -23.92 -16.18
C ALA B 145 -23.10 -25.35 -15.76
N GLY B 146 -22.11 -26.08 -15.26
CA GLY B 146 -22.33 -27.43 -14.78
C GLY B 146 -23.05 -27.53 -13.45
N GLN B 147 -23.35 -26.42 -12.80
CA GLN B 147 -24.06 -26.40 -11.54
C GLN B 147 -25.24 -25.45 -11.55
N TRP B 148 -25.12 -24.31 -12.24
CA TRP B 148 -26.15 -23.28 -12.23
C TRP B 148 -26.82 -23.22 -13.59
N PRO B 149 -28.14 -23.40 -13.66
CA PRO B 149 -28.81 -23.31 -14.96
C PRO B 149 -29.06 -21.87 -15.36
N TYR B 150 -29.11 -21.63 -16.67
CA TYR B 150 -29.37 -20.29 -17.18
C TYR B 150 -29.86 -20.36 -18.61
N PRO B 151 -30.60 -19.36 -19.08
CA PRO B 151 -31.11 -19.38 -20.45
C PRO B 151 -29.98 -19.36 -21.48
N GLY B 152 -30.17 -20.13 -22.54
CA GLY B 152 -29.19 -20.28 -23.59
C GLY B 152 -28.19 -21.36 -23.30
N SER B 153 -28.14 -21.84 -22.07
CA SER B 153 -27.41 -23.03 -21.69
C SER B 153 -28.39 -24.17 -21.74
N HIS B 154 -28.05 -25.24 -22.45
CA HIS B 154 -28.95 -26.36 -22.58
C HIS B 154 -28.12 -27.62 -22.53
N VAL B 155 -27.48 -27.96 -23.66
CA VAL B 155 -26.62 -29.12 -23.72
C VAL B 155 -25.21 -28.75 -23.25
N TYR B 156 -24.83 -27.47 -23.35
CA TYR B 156 -23.53 -27.05 -22.84
C TYR B 156 -23.46 -27.20 -21.34
N GLY B 157 -24.43 -26.62 -20.62
CA GLY B 157 -24.44 -26.74 -19.18
C GLY B 157 -24.61 -28.17 -18.71
N ALA B 158 -25.47 -28.93 -19.40
CA ALA B 158 -25.65 -30.34 -19.08
C ALA B 158 -24.37 -31.13 -19.32
N SER B 159 -23.66 -30.80 -20.40
CA SER B 159 -22.39 -31.48 -20.67
C SER B 159 -21.37 -31.18 -19.58
N LYS B 160 -21.37 -29.96 -19.04
CA LYS B 160 -20.45 -29.60 -17.97
C LYS B 160 -20.91 -30.12 -16.62
N ALA B 161 -22.20 -30.43 -16.45
CA ALA B 161 -22.63 -31.14 -15.26
C ALA B 161 -22.20 -32.59 -15.32
N PHE B 162 -22.15 -33.17 -16.52
CA PHE B 162 -21.58 -34.50 -16.70
C PHE B 162 -20.15 -34.56 -16.20
N VAL B 163 -19.31 -33.59 -16.62
CA VAL B 163 -17.91 -33.63 -16.23
C VAL B 163 -17.76 -33.43 -14.72
N LYS B 164 -18.65 -32.65 -14.10
CA LYS B 164 -18.58 -32.47 -12.66
C LYS B 164 -18.79 -33.80 -11.95
N GLN B 165 -19.86 -34.51 -12.31
CA GLN B 165 -20.14 -35.78 -11.67
C GLN B 165 -19.17 -36.87 -12.12
N PHE B 166 -18.73 -36.82 -13.38
CA PHE B 166 -17.74 -37.77 -13.86
C PHE B 166 -16.43 -37.66 -13.07
N SER B 167 -16.07 -36.45 -12.64
CA SER B 167 -14.88 -36.28 -11.82
C SER B 167 -15.08 -36.90 -10.44
N TYR B 168 -16.23 -36.64 -9.80
CA TYR B 168 -16.49 -37.23 -8.50
C TYR B 168 -16.51 -38.75 -8.57
N ASN B 169 -17.16 -39.30 -9.60
CA ASN B 169 -17.26 -40.75 -9.73
C ASN B 169 -15.89 -41.40 -9.98
N LEU B 170 -15.01 -40.72 -10.71
CA LEU B 170 -13.67 -41.25 -10.94
C LEU B 170 -12.90 -41.39 -9.63
N ARG B 171 -13.09 -40.45 -8.70
CA ARG B 171 -12.37 -40.50 -7.44
C ARG B 171 -12.78 -41.71 -6.61
N CYS B 172 -14.06 -42.10 -6.68
CA CYS B 172 -14.51 -43.25 -5.93
C CYS B 172 -13.84 -44.53 -6.41
N ASP B 173 -13.55 -44.62 -7.70
CA ASP B 173 -12.94 -45.81 -8.27
C ASP B 173 -11.42 -45.78 -8.26
N LEU B 174 -10.80 -44.60 -8.14
CA LEU B 174 -9.35 -44.49 -8.16
C LEU B 174 -8.75 -44.39 -6.76
N LEU B 175 -9.51 -44.79 -5.74
CA LEU B 175 -9.02 -44.74 -4.37
C LEU B 175 -7.84 -45.71 -4.21
N GLY B 176 -6.74 -45.20 -3.66
CA GLY B 176 -5.56 -45.99 -3.45
C GLY B 176 -4.52 -45.92 -4.55
N THR B 177 -4.86 -45.35 -5.71
CA THR B 177 -3.91 -45.21 -6.81
C THR B 177 -3.10 -43.92 -6.72
N GLY B 178 -3.50 -42.98 -5.87
CA GLY B 178 -2.83 -41.71 -5.72
C GLY B 178 -3.11 -40.67 -6.79
N VAL B 179 -3.79 -41.03 -7.88
CA VAL B 179 -4.07 -40.06 -8.94
C VAL B 179 -5.27 -39.23 -8.54
N ARG B 180 -5.19 -37.92 -8.78
CA ARG B 180 -6.17 -36.96 -8.35
C ARG B 180 -7.03 -36.50 -9.52
N VAL B 181 -8.31 -36.27 -9.26
CA VAL B 181 -9.26 -35.79 -10.25
C VAL B 181 -9.89 -34.51 -9.75
N THR B 182 -9.86 -33.47 -10.58
CA THR B 182 -10.30 -32.14 -10.17
C THR B 182 -11.19 -31.56 -11.26
N ASP B 183 -12.32 -30.98 -10.86
CA ASP B 183 -13.18 -30.22 -11.77
C ASP B 183 -12.86 -28.75 -11.55
N LEU B 184 -12.14 -28.16 -12.50
CA LEU B 184 -11.89 -26.72 -12.52
C LEU B 184 -13.04 -26.08 -13.30
N ALA B 185 -13.92 -25.39 -12.60
CA ALA B 185 -15.13 -24.83 -13.23
C ALA B 185 -15.04 -23.32 -13.29
N PRO B 186 -14.60 -22.74 -14.41
CA PRO B 186 -14.46 -21.28 -14.49
C PRO B 186 -15.75 -20.59 -14.88
N GLY B 187 -15.77 -19.29 -14.64
CA GLY B 187 -16.86 -18.42 -15.05
C GLY B 187 -16.59 -17.81 -16.41
N ILE B 188 -17.17 -16.64 -16.63
CA ILE B 188 -17.07 -16.01 -17.94
C ILE B 188 -15.64 -15.55 -18.17
N ALA B 189 -15.08 -15.92 -19.33
CA ALA B 189 -13.70 -15.61 -19.66
C ALA B 189 -13.58 -15.29 -21.14
N GLU B 190 -12.77 -14.29 -21.46
CA GLU B 190 -12.61 -13.81 -22.84
C GLU B 190 -11.60 -14.66 -23.58
N THR B 191 -12.10 -15.61 -24.35
CA THR B 191 -11.27 -16.46 -25.21
C THR B 191 -12.00 -16.56 -26.55
N GLU B 192 -11.47 -17.37 -27.46
CA GLU B 192 -12.27 -17.73 -28.64
C GLU B 192 -13.58 -18.50 -28.25
N PHE B 193 -13.92 -18.69 -26.97
CA PHE B 193 -15.07 -19.50 -26.59
C PHE B 193 -16.36 -18.95 -27.19
N THR B 194 -16.66 -17.68 -26.92
CA THR B 194 -17.87 -17.06 -27.45
C THR B 194 -17.79 -16.92 -28.97
N LEU B 195 -16.59 -16.80 -29.52
CA LEU B 195 -16.44 -16.76 -30.98
C LEU B 195 -16.93 -18.06 -31.60
N VAL B 196 -16.56 -19.20 -31.02
CA VAL B 196 -17.04 -20.48 -31.53
C VAL B 196 -18.53 -20.65 -31.28
N ARG B 197 -19.04 -20.11 -30.17
CA ARG B 197 -20.46 -20.30 -29.86
C ARG B 197 -21.35 -19.51 -30.81
N THR B 198 -20.86 -18.40 -31.34
CA THR B 198 -21.60 -17.63 -32.34
C THR B 198 -21.17 -17.98 -33.76
N LYS B 199 -20.39 -19.05 -33.92
CA LYS B 199 -19.96 -19.55 -35.22
C LYS B 199 -19.14 -18.51 -35.99
N GLY B 200 -18.42 -17.67 -35.27
CA GLY B 200 -17.50 -16.72 -35.87
C GLY B 200 -17.89 -15.26 -35.78
N ASP B 201 -18.90 -14.91 -34.97
CA ASP B 201 -19.35 -13.52 -34.84
C ASP B 201 -18.46 -12.85 -33.81
N GLN B 202 -17.39 -12.20 -34.28
CA GLN B 202 -16.49 -11.51 -33.37
C GLN B 202 -17.15 -10.30 -32.73
N ALA B 203 -18.11 -9.68 -33.42
CA ALA B 203 -18.86 -8.58 -32.85
C ALA B 203 -19.67 -9.03 -31.64
N ALA B 204 -20.27 -10.22 -31.72
CA ALA B 204 -20.99 -10.76 -30.58
C ALA B 204 -20.04 -11.07 -29.42
N SER B 205 -18.82 -11.54 -29.71
CA SER B 205 -17.85 -11.81 -28.68
C SER B 205 -17.23 -10.55 -28.09
N ASP B 206 -17.50 -9.38 -28.67
CA ASP B 206 -17.04 -8.13 -28.09
C ASP B 206 -18.13 -7.42 -27.30
N ASN B 207 -19.38 -7.59 -27.72
CA ASN B 207 -20.51 -7.03 -26.98
C ASN B 207 -20.75 -7.76 -25.67
N LEU B 208 -20.32 -9.02 -25.56
CA LEU B 208 -20.47 -9.75 -24.30
C LEU B 208 -19.50 -9.25 -23.23
N TYR B 209 -18.23 -9.13 -23.58
CA TYR B 209 -17.20 -8.77 -22.59
C TYR B 209 -17.02 -7.28 -22.41
N ARG B 210 -17.75 -6.44 -23.15
CA ARG B 210 -17.53 -5.01 -23.07
C ARG B 210 -18.14 -4.42 -21.80
N GLY B 211 -17.35 -3.64 -21.08
CA GLY B 211 -17.78 -2.98 -19.87
C GLY B 211 -17.68 -3.78 -18.59
N THR B 212 -17.05 -4.95 -18.63
CA THR B 212 -16.86 -5.76 -17.43
C THR B 212 -15.44 -6.30 -17.44
N THR B 213 -15.05 -6.94 -16.33
CA THR B 213 -13.73 -7.56 -16.22
C THR B 213 -13.92 -9.07 -16.17
N PRO B 214 -13.87 -9.76 -17.29
CA PRO B 214 -13.99 -11.22 -17.29
C PRO B 214 -12.66 -11.86 -16.90
N LEU B 215 -12.67 -13.18 -16.80
CA LEU B 215 -11.45 -13.91 -16.51
C LEU B 215 -10.55 -13.94 -17.74
N SER B 216 -9.25 -13.92 -17.50
CA SER B 216 -8.28 -14.06 -18.58
C SER B 216 -7.94 -15.53 -18.77
N ALA B 217 -7.40 -15.85 -19.95
CA ALA B 217 -6.96 -17.21 -20.20
C ALA B 217 -5.80 -17.60 -19.29
N ARG B 218 -4.98 -16.62 -18.90
CA ARG B 218 -3.87 -16.88 -18.00
C ARG B 218 -4.32 -17.06 -16.56
N ASP B 219 -5.48 -16.50 -16.19
CA ASP B 219 -6.01 -16.74 -14.85
C ASP B 219 -6.34 -18.21 -14.65
N ILE B 220 -7.03 -18.81 -15.63
CA ILE B 220 -7.35 -20.22 -15.56
C ILE B 220 -6.12 -21.08 -15.78
N ALA B 221 -5.20 -20.62 -16.64
CA ALA B 221 -3.97 -21.37 -16.86
C ALA B 221 -3.17 -21.49 -15.57
N GLU B 222 -3.08 -20.41 -14.80
CA GLU B 222 -2.41 -20.46 -13.50
C GLU B 222 -3.19 -21.31 -12.50
N GLN B 223 -4.49 -21.49 -12.71
CA GLN B 223 -5.27 -22.37 -11.85
C GLN B 223 -4.98 -23.84 -12.15
N MET B 224 -4.82 -24.17 -13.44
CA MET B 224 -4.42 -25.52 -13.81
C MET B 224 -3.06 -25.86 -13.21
N PHE B 225 -2.11 -24.94 -13.27
CA PHE B 225 -0.78 -25.22 -12.71
C PHE B 225 -0.84 -25.34 -11.20
N TYR B 226 -1.66 -24.52 -10.54
CA TYR B 226 -1.81 -24.65 -9.09
C TYR B 226 -2.36 -26.02 -8.72
N ILE B 227 -3.35 -26.50 -9.48
CA ILE B 227 -3.92 -27.83 -9.20
C ILE B 227 -2.91 -28.92 -9.50
N ALA B 228 -2.18 -28.81 -10.61
CA ALA B 228 -1.26 -29.87 -11.01
C ALA B 228 -0.09 -30.01 -10.04
N THR B 229 0.36 -28.91 -9.45
CA THR B 229 1.49 -28.93 -8.52
C THR B 229 1.06 -29.07 -7.07
N LEU B 230 -0.21 -29.38 -6.82
CA LEU B 230 -0.67 -29.56 -5.46
C LEU B 230 0.07 -30.73 -4.82
N PRO B 231 0.32 -30.67 -3.50
CA PRO B 231 0.97 -31.79 -2.82
C PRO B 231 0.22 -33.09 -3.06
N ASP B 232 0.96 -34.19 -3.10
CA ASP B 232 0.43 -35.46 -3.59
C ASP B 232 -0.73 -35.98 -2.75
N HIS B 233 -0.76 -35.64 -1.46
CA HIS B 233 -1.80 -36.16 -0.58
C HIS B 233 -3.11 -35.38 -0.65
N MET B 234 -3.13 -34.20 -1.26
CA MET B 234 -4.31 -33.36 -1.34
C MET B 234 -5.03 -33.57 -2.67
N ASN B 235 -6.34 -33.31 -2.67
CA ASN B 235 -7.12 -33.40 -3.89
C ASN B 235 -8.24 -32.36 -3.88
N ILE B 236 -8.30 -31.54 -4.92
CA ILE B 236 -9.37 -30.57 -5.09
C ILE B 236 -10.52 -31.28 -5.81
N ASN B 237 -11.65 -31.45 -5.13
CA ASN B 237 -12.81 -32.04 -5.77
C ASN B 237 -13.35 -31.10 -6.85
N ARG B 238 -13.53 -29.84 -6.51
CA ARG B 238 -14.06 -28.87 -7.45
C ARG B 238 -13.70 -27.47 -6.94
N VAL B 239 -13.26 -26.62 -7.85
CA VAL B 239 -13.05 -25.22 -7.56
C VAL B 239 -13.83 -24.42 -8.61
N GLU B 240 -14.81 -23.65 -8.17
CA GLU B 240 -15.60 -22.81 -9.06
C GLU B 240 -15.07 -21.39 -8.92
N VAL B 241 -14.37 -20.92 -9.95
CA VAL B 241 -13.78 -19.59 -9.95
C VAL B 241 -14.55 -18.73 -10.95
N MET B 242 -15.12 -17.65 -10.46
CA MET B 242 -15.83 -16.64 -11.22
C MET B 242 -15.06 -15.33 -11.14
N PRO B 243 -15.17 -14.47 -12.14
CA PRO B 243 -14.74 -13.09 -11.95
C PRO B 243 -15.60 -12.44 -10.88
N VAL B 244 -14.98 -11.65 -10.01
CA VAL B 244 -15.68 -11.04 -8.89
C VAL B 244 -16.79 -10.09 -9.36
N ARG B 245 -16.81 -9.74 -10.64
CA ARG B 245 -17.88 -8.95 -11.23
C ARG B 245 -19.00 -9.81 -11.80
N GLN B 246 -19.05 -11.10 -11.43
CA GLN B 246 -20.11 -12.00 -11.87
C GLN B 246 -20.74 -12.69 -10.68
N ALA B 247 -22.08 -12.78 -10.70
CA ALA B 247 -22.82 -13.43 -9.64
C ALA B 247 -24.13 -14.00 -10.18
N TRP B 248 -25.17 -14.01 -9.35
CA TRP B 248 -26.45 -14.58 -9.72
C TRP B 248 -27.54 -13.51 -9.67
N GLN B 249 -28.45 -13.57 -10.64
CA GLN B 249 -29.57 -12.64 -10.75
C GLN B 249 -30.76 -13.18 -9.98
N PRO B 250 -31.79 -12.36 -9.78
CA PRO B 250 -33.02 -12.88 -9.19
C PRO B 250 -33.66 -13.93 -10.10
N PHE B 251 -34.67 -14.60 -9.55
CA PHE B 251 -35.37 -15.63 -10.31
C PHE B 251 -36.16 -15.02 -11.46
N ALA B 252 -36.19 -15.75 -12.58
CA ALA B 252 -37.01 -15.33 -13.71
C ALA B 252 -38.47 -15.62 -13.42
N ILE B 253 -39.32 -14.61 -13.59
CA ILE B 253 -40.76 -14.74 -13.39
C ILE B 253 -41.46 -14.25 -14.65
N ASP B 254 -42.17 -15.17 -15.32
CA ASP B 254 -42.93 -14.79 -16.50
C ASP B 254 -44.16 -13.98 -16.10
N ARG B 255 -44.35 -12.83 -16.72
CA ARG B 255 -45.44 -11.93 -16.37
C ARG B 255 -46.21 -11.53 -17.62
N ASP B 256 -47.46 -11.15 -17.42
CA ASP B 256 -48.35 -10.78 -18.51
C ASP B 256 -47.94 -9.46 -19.14
N SER C 6 13.60 -4.06 34.44
CA SER C 6 13.01 -4.94 35.44
C SER C 6 11.91 -4.22 36.22
N LYS C 7 11.95 -2.89 36.17
CA LYS C 7 10.93 -2.05 36.80
C LYS C 7 10.09 -1.43 35.69
N VAL C 8 8.77 -1.60 35.78
CA VAL C 8 7.86 -1.22 34.71
C VAL C 8 6.87 -0.19 35.23
N VAL C 9 6.67 0.89 34.47
CA VAL C 9 5.72 1.93 34.80
C VAL C 9 4.62 1.95 33.74
N PHE C 10 3.38 2.09 34.19
CA PHE C 10 2.20 2.18 33.33
C PHE C 10 1.72 3.63 33.36
N ILE C 11 1.91 4.35 32.27
CA ILE C 11 1.57 5.77 32.19
C ILE C 11 0.39 5.93 31.24
N THR C 12 -0.72 6.46 31.75
CA THR C 12 -1.87 6.80 30.94
C THR C 12 -1.78 8.25 30.48
N GLY C 13 -2.30 8.51 29.29
CA GLY C 13 -2.24 9.84 28.71
C GLY C 13 -0.82 10.34 28.56
N ALA C 14 0.01 9.56 27.87
CA ALA C 14 1.42 9.88 27.73
C ALA C 14 1.73 10.67 26.45
N THR C 15 0.70 11.08 25.71
CA THR C 15 0.93 11.78 24.46
C THR C 15 1.32 13.24 24.67
N SER C 16 1.06 13.80 25.84
CA SER C 16 1.38 15.20 26.09
C SER C 16 1.51 15.44 27.59
N GLY C 17 1.99 16.64 27.92
CA GLY C 17 1.95 17.13 29.29
C GLY C 17 2.73 16.28 30.27
N PHE C 18 2.12 16.06 31.44
CA PHE C 18 2.78 15.32 32.51
C PHE C 18 3.18 13.92 32.06
N GLY C 19 2.27 13.22 31.37
CA GLY C 19 2.57 11.87 30.94
C GLY C 19 3.74 11.80 29.99
N GLU C 20 3.81 12.75 29.04
CA GLU C 20 4.92 12.77 28.09
C GLU C 20 6.24 13.05 28.80
N ALA C 21 6.23 13.95 29.78
CA ALA C 21 7.45 14.22 30.54
C ALA C 21 7.82 13.05 31.44
N ALA C 22 6.83 12.35 31.98
CA ALA C 22 7.10 11.20 32.84
C ALA C 22 7.80 10.09 32.06
N ALA C 23 7.50 9.96 30.76
CA ALA C 23 8.16 8.95 29.95
C ALA C 23 9.66 9.19 29.90
N GLN C 24 10.08 10.46 29.82
CA GLN C 24 11.50 10.77 29.74
C GLN C 24 12.18 10.62 31.10
N VAL C 25 11.47 10.92 32.19
CA VAL C 25 12.09 10.82 33.51
C VAL C 25 12.29 9.36 33.89
N PHE C 26 11.29 8.52 33.60
CA PHE C 26 11.42 7.10 33.90
C PHE C 26 12.38 6.40 32.95
N ALA C 27 12.48 6.87 31.71
CA ALA C 27 13.44 6.31 30.76
C ALA C 27 14.86 6.61 31.19
N ASP C 28 15.11 7.81 31.72
CA ASP C 28 16.44 8.17 32.19
C ASP C 28 16.86 7.39 33.44
N ALA C 29 15.94 6.65 34.05
CA ALA C 29 16.24 5.86 35.23
C ALA C 29 16.27 4.37 34.94
N GLY C 30 16.17 3.98 33.67
CA GLY C 30 16.24 2.59 33.28
C GLY C 30 14.94 1.82 33.42
N TRP C 31 13.85 2.47 33.81
CA TRP C 31 12.57 1.79 33.95
C TRP C 31 11.98 1.51 32.58
N SER C 32 11.48 0.29 32.39
CA SER C 32 10.74 0.00 31.17
C SER C 32 9.40 0.73 31.20
N LEU C 33 8.93 1.12 30.01
CA LEU C 33 7.81 2.03 29.89
C LEU C 33 6.63 1.34 29.22
N VAL C 34 5.43 1.64 29.70
CA VAL C 34 4.18 1.23 29.06
C VAL C 34 3.33 2.49 28.96
N LEU C 35 3.28 3.10 27.78
CA LEU C 35 2.63 4.38 27.59
C LEU C 35 1.40 4.20 26.71
N SER C 36 0.28 4.79 27.14
CA SER C 36 -0.99 4.70 26.44
C SER C 36 -1.49 6.11 26.09
N GLY C 37 -2.64 6.15 25.43
CA GLY C 37 -3.22 7.39 24.95
C GLY C 37 -4.01 7.13 23.69
N ARG C 38 -4.60 8.20 23.17
CA ARG C 38 -5.46 8.10 21.99
C ARG C 38 -4.78 8.56 20.71
N ARG C 39 -3.84 9.49 20.80
CA ARG C 39 -3.13 9.95 19.61
C ARG C 39 -2.03 8.93 19.33
N PHE C 40 -2.37 7.93 18.51
CA PHE C 40 -1.45 6.84 18.24
C PHE C 40 -0.22 7.29 17.47
N GLU C 41 -0.36 8.28 16.59
CA GLU C 41 0.77 8.74 15.80
C GLU C 41 1.75 9.57 16.62
N ARG C 42 1.34 10.05 17.80
CA ARG C 42 2.25 10.71 18.71
C ARG C 42 2.96 9.73 19.63
N LEU C 43 2.33 8.58 19.91
CA LEU C 43 2.99 7.55 20.71
C LEU C 43 4.10 6.87 19.92
N LYS C 44 3.92 6.71 18.60
CA LYS C 44 4.95 6.09 17.79
C LYS C 44 6.20 6.97 17.74
N THR C 45 6.03 8.29 17.69
CA THR C 45 7.18 9.18 17.75
C THR C 45 7.85 9.11 19.12
N LEU C 46 7.06 8.97 20.19
CA LEU C 46 7.61 8.93 21.55
C LEU C 46 8.31 7.60 21.86
N GLN C 47 7.77 6.49 21.37
CA GLN C 47 8.40 5.20 21.60
C GLN C 47 9.79 5.19 21.01
N ASP C 48 9.90 5.81 19.86
CA ASP C 48 10.96 5.62 18.89
C ASP C 48 12.11 6.57 19.22
N LYS C 49 11.77 7.69 19.89
CA LYS C 49 12.74 8.58 20.51
C LYS C 49 13.25 8.01 21.84
N LEU C 50 12.48 7.13 22.48
CA LEU C 50 12.85 6.59 23.79
C LEU C 50 13.23 5.11 23.76
N ALA C 51 12.98 4.40 22.65
CA ALA C 51 13.37 3.00 22.56
C ALA C 51 14.87 2.81 22.63
N SER C 52 15.65 3.84 22.32
CA SER C 52 17.09 3.77 22.48
C SER C 52 17.46 3.52 23.94
N GLN C 53 17.09 4.45 24.81
CA GLN C 53 17.41 4.34 26.23
C GLN C 53 16.78 3.09 26.85
N VAL C 54 15.48 2.88 26.64
CA VAL C 54 14.74 1.90 27.44
C VAL C 54 13.73 1.17 26.55
N PRO C 55 13.41 -0.09 26.89
CA PRO C 55 12.34 -0.79 26.18
C PRO C 55 10.99 -0.13 26.42
N VAL C 56 10.24 0.05 25.34
CA VAL C 56 8.97 0.79 25.36
C VAL C 56 7.88 -0.07 24.75
N HIS C 57 6.71 -0.07 25.39
CA HIS C 57 5.51 -0.74 24.88
C HIS C 57 4.39 0.29 24.85
N ILE C 58 3.86 0.58 23.66
CA ILE C 58 2.83 1.60 23.49
C ILE C 58 1.49 0.93 23.24
N ILE C 59 0.42 1.62 23.65
CA ILE C 59 -0.95 1.14 23.52
C ILE C 59 -1.83 2.30 23.08
N GLU C 60 -2.59 2.11 22.00
CA GLU C 60 -3.62 3.07 21.60
C GLU C 60 -4.85 2.78 22.43
N LEU C 61 -5.10 3.61 23.45
CA LEU C 61 -6.13 3.30 24.44
C LEU C 61 -6.96 4.52 24.78
N ASP C 62 -8.28 4.36 24.77
CA ASP C 62 -9.21 5.35 25.33
C ASP C 62 -9.65 4.78 26.67
N VAL C 63 -9.27 5.45 27.76
CA VAL C 63 -9.55 4.95 29.10
C VAL C 63 -11.03 4.90 29.41
N ARG C 64 -11.87 5.55 28.61
CA ARG C 64 -13.31 5.49 28.85
C ARG C 64 -13.91 4.14 28.45
N ASP C 65 -13.16 3.32 27.72
CA ASP C 65 -13.61 1.99 27.31
C ASP C 65 -13.00 0.98 28.27
N SER C 66 -13.82 0.45 29.18
CA SER C 66 -13.31 -0.48 30.18
C SER C 66 -12.87 -1.79 29.55
N ASP C 67 -13.59 -2.26 28.53
CA ASP C 67 -13.22 -3.52 27.89
C ASP C 67 -11.89 -3.39 27.16
N SER C 68 -11.62 -2.24 26.54
CA SER C 68 -10.32 -2.03 25.91
C SER C 68 -9.22 -1.95 26.95
N VAL C 69 -9.49 -1.27 28.07
CA VAL C 69 -8.50 -1.18 29.14
C VAL C 69 -8.22 -2.56 29.72
N ALA C 70 -9.27 -3.35 29.94
CA ALA C 70 -9.08 -4.71 30.45
C ALA C 70 -8.32 -5.57 29.46
N ALA C 71 -8.62 -5.42 28.17
CA ALA C 71 -7.92 -6.19 27.15
C ALA C 71 -6.48 -5.73 27.00
N ALA C 72 -6.24 -4.42 27.11
CA ALA C 72 -4.89 -3.90 26.90
C ALA C 72 -3.91 -4.39 27.96
N VAL C 73 -4.36 -4.51 29.21
CA VAL C 73 -3.46 -4.96 30.26
C VAL C 73 -3.30 -6.49 30.21
N ALA C 74 -4.38 -7.21 29.87
CA ALA C 74 -4.28 -8.66 29.79
C ALA C 74 -3.39 -9.12 28.65
N ALA C 75 -3.29 -8.33 27.57
CA ALA C 75 -2.48 -8.66 26.42
C ALA C 75 -1.06 -8.11 26.52
N LEU C 76 -0.61 -7.77 27.72
CA LEU C 76 0.72 -7.22 27.89
C LEU C 76 1.77 -8.33 27.71
N PRO C 77 2.84 -8.05 26.96
CA PRO C 77 3.92 -9.03 26.85
C PRO C 77 4.59 -9.29 28.20
N ALA C 78 5.37 -10.36 28.24
CA ALA C 78 5.98 -10.79 29.50
C ALA C 78 7.01 -9.78 30.01
N ASP C 79 7.72 -9.10 29.11
CA ASP C 79 8.72 -8.12 29.51
C ASP C 79 8.11 -6.81 30.00
N PHE C 80 6.78 -6.77 30.17
CA PHE C 80 6.06 -5.58 30.59
C PHE C 80 4.99 -5.87 31.64
N ALA C 81 4.38 -7.07 31.64
CA ALA C 81 3.27 -7.39 32.52
C ALA C 81 3.53 -7.10 34.00
N ASP C 82 4.79 -7.19 34.44
CA ASP C 82 5.08 -6.97 35.86
C ASP C 82 5.22 -5.48 36.12
N ILE C 83 4.08 -4.82 36.36
CA ILE C 83 4.05 -3.38 36.55
C ILE C 83 4.34 -3.05 38.01
N THR C 84 5.31 -2.17 38.23
CA THR C 84 5.62 -1.67 39.57
C THR C 84 4.81 -0.42 39.89
N THR C 85 4.73 0.52 38.96
CA THR C 85 4.07 1.80 39.18
C THR C 85 3.00 2.03 38.12
N LEU C 86 1.81 2.39 38.57
CA LEU C 86 0.72 2.81 37.69
C LEU C 86 0.50 4.30 37.91
N ILE C 87 0.58 5.07 36.83
CA ILE C 87 0.35 6.51 36.88
C ILE C 87 -0.96 6.78 36.17
N ASN C 88 -2.01 7.04 36.95
CA ASN C 88 -3.32 7.37 36.38
C ASN C 88 -3.34 8.86 36.07
N ASN C 89 -2.69 9.21 34.96
CA ASN C 89 -2.50 10.60 34.58
C ASN C 89 -3.51 11.10 33.55
N ALA C 90 -4.06 10.21 32.74
CA ALA C 90 -5.00 10.63 31.69
C ALA C 90 -6.16 11.37 32.32
N GLY C 91 -6.31 12.64 31.94
CA GLY C 91 -7.39 13.46 32.47
C GLY C 91 -7.54 14.69 31.60
N LEU C 92 -8.60 15.44 31.90
CA LEU C 92 -8.98 16.54 31.01
C LEU C 92 -9.93 17.48 31.74
N ALA C 93 -9.91 18.74 31.33
CA ALA C 93 -10.89 19.72 31.77
C ALA C 93 -11.54 20.36 30.55
N LEU C 94 -12.77 20.83 30.71
CA LEU C 94 -13.47 21.53 29.64
C LEU C 94 -14.31 22.65 30.22
N SER C 95 -14.71 23.57 29.33
CA SER C 95 -15.62 24.68 29.59
C SER C 95 -15.30 25.43 30.88
N PRO C 96 -14.40 26.41 30.84
CA PRO C 96 -14.09 27.18 32.05
C PRO C 96 -15.16 28.18 32.46
N GLN C 97 -16.27 28.26 31.73
CA GLN C 97 -17.35 29.19 32.04
C GLN C 97 -18.13 28.69 33.26
N PRO C 98 -19.01 29.54 33.82
CA PRO C 98 -19.86 29.08 34.94
C PRO C 98 -20.68 27.86 34.57
N ALA C 99 -21.12 27.11 35.59
CA ALA C 99 -21.78 25.84 35.37
C ALA C 99 -23.08 26.00 34.59
N GLN C 100 -23.79 27.10 34.78
CA GLN C 100 -25.06 27.31 34.10
C GLN C 100 -24.92 27.56 32.61
N LYS C 101 -23.69 27.62 32.08
CA LYS C 101 -23.45 27.86 30.67
C LYS C 101 -22.57 26.76 30.08
N VAL C 102 -22.65 25.56 30.65
CA VAL C 102 -21.84 24.42 30.22
C VAL C 102 -22.74 23.43 29.50
N ASP C 103 -22.25 22.87 28.39
CA ASP C 103 -22.96 21.81 27.70
C ASP C 103 -22.78 20.51 28.47
N LEU C 104 -23.83 19.68 28.48
CA LEU C 104 -23.78 18.47 29.29
C LEU C 104 -22.81 17.44 28.73
N ASP C 105 -22.54 17.48 27.42
CA ASP C 105 -21.57 16.55 26.85
C ASP C 105 -20.16 16.84 27.33
N ASP C 106 -19.86 18.10 27.66
CA ASP C 106 -18.55 18.41 28.22
C ASP C 106 -18.44 17.93 29.66
N TRP C 107 -19.54 17.98 30.41
CA TRP C 107 -19.54 17.40 31.75
C TRP C 107 -19.39 15.90 31.70
N LYS C 108 -20.02 15.25 30.72
CA LYS C 108 -19.91 13.80 30.58
C LYS C 108 -18.50 13.39 30.19
N THR C 109 -17.83 14.19 29.36
CA THR C 109 -16.49 13.84 28.92
C THR C 109 -15.51 13.83 30.09
N MET C 110 -15.65 14.78 31.01
CA MET C 110 -14.76 14.80 32.17
C MET C 110 -15.06 13.63 33.11
N ILE C 111 -16.34 13.33 33.33
CA ILE C 111 -16.71 12.23 34.20
C ILE C 111 -16.25 10.90 33.61
N ASP C 112 -16.40 10.73 32.29
CA ASP C 112 -15.99 9.49 31.67
C ASP C 112 -14.48 9.30 31.70
N THR C 113 -13.72 10.38 31.73
CA THR C 113 -12.26 10.32 31.64
C THR C 113 -11.57 10.41 33.00
N ASN C 114 -11.91 11.41 33.81
CA ASN C 114 -11.22 11.60 35.07
C ASN C 114 -11.72 10.66 36.15
N VAL C 115 -12.96 10.20 36.05
CA VAL C 115 -13.55 9.33 37.05
C VAL C 115 -13.58 7.89 36.54
N THR C 116 -14.46 7.62 35.57
CA THR C 116 -14.58 6.26 35.05
C THR C 116 -13.28 5.77 34.46
N GLY C 117 -12.59 6.63 33.70
CA GLY C 117 -11.32 6.22 33.12
C GLY C 117 -10.30 5.86 34.18
N LEU C 118 -10.32 6.56 35.31
CA LEU C 118 -9.37 6.28 36.38
C LEU C 118 -9.74 4.99 37.11
N VAL C 119 -11.05 4.71 37.28
CA VAL C 119 -11.42 3.46 37.92
C VAL C 119 -11.28 2.30 36.95
N ASN C 120 -11.40 2.55 35.65
CA ASN C 120 -11.21 1.49 34.66
C ASN C 120 -9.78 0.97 34.69
N VAL C 121 -8.81 1.89 34.73
CA VAL C 121 -7.41 1.47 34.71
C VAL C 121 -7.02 0.83 36.04
N THR C 122 -7.55 1.35 37.14
CA THR C 122 -7.22 0.78 38.45
C THR C 122 -7.78 -0.63 38.58
N HIS C 123 -9.04 -0.83 38.17
CA HIS C 123 -9.65 -2.15 38.29
C HIS C 123 -8.90 -3.20 37.47
N ALA C 124 -8.47 -2.83 36.26
CA ALA C 124 -7.80 -3.80 35.40
C ALA C 124 -6.43 -4.17 35.93
N LEU C 125 -5.74 -3.24 36.59
CA LEU C 125 -4.37 -3.45 37.03
C LEU C 125 -4.25 -3.76 38.52
N LEU C 126 -5.35 -3.73 39.26
CA LEU C 126 -5.30 -4.03 40.69
C LEU C 126 -4.71 -5.40 40.98
N PRO C 127 -5.12 -6.48 40.30
CA PRO C 127 -4.47 -7.77 40.58
C PRO C 127 -2.97 -7.76 40.26
N THR C 128 -2.56 -7.06 39.20
CA THR C 128 -1.15 -7.05 38.84
C THR C 128 -0.31 -6.35 39.90
N LEU C 129 -0.80 -5.22 40.40
CA LEU C 129 -0.03 -4.50 41.41
C LEU C 129 0.02 -5.26 42.73
N ILE C 130 -1.05 -6.01 43.03
CA ILE C 130 -1.04 -6.78 44.28
C ILE C 130 -0.04 -7.94 44.20
N ASN C 131 0.04 -8.61 43.04
CA ASN C 131 1.09 -9.63 42.88
C ASN C 131 2.49 -9.05 42.76
N HIS C 132 2.62 -7.73 42.57
CA HIS C 132 3.95 -7.17 42.66
C HIS C 132 4.38 -7.20 44.12
N GLY C 133 3.74 -6.39 44.95
CA GLY C 133 3.91 -6.57 46.37
C GLY C 133 4.61 -5.40 47.00
N ALA C 134 5.92 -5.53 47.16
CA ALA C 134 6.70 -4.53 47.85
C ALA C 134 7.25 -3.58 46.80
N GLY C 135 6.89 -2.30 46.91
CA GLY C 135 7.28 -1.28 45.96
C GLY C 135 6.20 -0.88 44.99
N ALA C 136 5.05 -1.57 45.01
CA ALA C 136 3.98 -1.22 44.08
C ALA C 136 3.33 0.08 44.49
N SER C 137 3.00 0.91 43.50
CA SER C 137 2.42 2.22 43.76
C SER C 137 1.35 2.53 42.72
N ILE C 138 0.25 3.11 43.18
CA ILE C 138 -0.77 3.67 42.31
C ILE C 138 -0.71 5.17 42.50
N ILE C 139 -0.19 5.87 41.50
CA ILE C 139 -0.05 7.33 41.56
C ILE C 139 -1.24 7.91 40.81
N ASN C 140 -2.25 8.35 41.56
CA ASN C 140 -3.40 9.03 40.97
C ASN C 140 -3.12 10.51 40.87
N ILE C 141 -3.30 11.06 39.67
CA ILE C 141 -3.01 12.47 39.41
C ILE C 141 -4.28 13.25 39.72
N GLY C 142 -4.32 13.85 40.91
CA GLY C 142 -5.42 14.71 41.29
C GLY C 142 -5.17 16.15 40.88
N SER C 143 -5.59 17.09 41.72
CA SER C 143 -5.40 18.51 41.44
C SER C 143 -5.72 19.32 42.69
N ILE C 144 -5.23 20.56 42.71
CA ILE C 144 -5.65 21.50 43.73
C ILE C 144 -7.15 21.76 43.63
N ALA C 145 -7.72 21.57 42.44
CA ALA C 145 -9.15 21.73 42.25
C ALA C 145 -9.95 20.68 43.00
N GLY C 146 -9.33 19.55 43.36
CA GLY C 146 -10.00 18.53 44.13
C GLY C 146 -10.19 18.84 45.59
N GLN C 147 -9.70 19.97 46.05
CA GLN C 147 -9.85 20.40 47.43
C GLN C 147 -10.39 21.81 47.55
N TRP C 148 -10.00 22.71 46.65
CA TRP C 148 -10.35 24.12 46.76
C TRP C 148 -11.31 24.50 45.64
N PRO C 149 -12.50 25.00 45.97
CA PRO C 149 -13.43 25.41 44.92
C PRO C 149 -13.10 26.78 44.35
N TYR C 150 -13.49 26.98 43.09
CA TYR C 150 -13.29 28.25 42.42
C TYR C 150 -14.25 28.33 41.23
N PRO C 151 -14.59 29.53 40.78
CA PRO C 151 -15.53 29.64 39.64
C PRO C 151 -14.95 29.00 38.38
N GLY C 152 -15.80 28.29 37.65
CA GLY C 152 -15.41 27.64 36.43
C GLY C 152 -14.85 26.24 36.58
N SER C 153 -14.70 25.75 37.81
CA SER C 153 -14.18 24.42 38.06
C SER C 153 -15.24 23.33 38.06
N HIS C 154 -16.50 23.69 38.33
CA HIS C 154 -17.66 22.81 38.50
C HIS C 154 -17.38 21.31 38.55
N VAL C 155 -17.33 20.66 37.39
CA VAL C 155 -17.18 19.21 37.36
C VAL C 155 -15.71 18.77 37.34
N TYR C 156 -14.81 19.61 36.83
CA TYR C 156 -13.41 19.25 36.86
C TYR C 156 -12.90 19.12 38.28
N GLY C 157 -13.12 20.15 39.10
CA GLY C 157 -12.69 20.09 40.49
C GLY C 157 -13.39 18.98 41.25
N ALA C 158 -14.69 18.77 40.95
CA ALA C 158 -15.42 17.68 41.58
C ALA C 158 -14.85 16.33 41.18
N SER C 159 -14.46 16.19 39.92
CA SER C 159 -13.85 14.94 39.47
C SER C 159 -12.52 14.68 40.15
N LYS C 160 -11.75 15.74 40.41
CA LYS C 160 -10.48 15.56 41.11
C LYS C 160 -10.68 15.37 42.60
N ALA C 161 -11.83 15.78 43.15
CA ALA C 161 -12.15 15.41 44.52
C ALA C 161 -12.52 13.94 44.62
N PHE C 162 -13.13 13.39 43.56
CA PHE C 162 -13.35 11.95 43.48
C PHE C 162 -12.04 11.18 43.63
N VAL C 163 -11.01 11.57 42.89
CA VAL C 163 -9.74 10.84 42.94
C VAL C 163 -9.09 10.95 44.32
N LYS C 164 -9.24 12.09 45.00
CA LYS C 164 -8.66 12.23 46.32
C LYS C 164 -9.26 11.21 47.28
N GLN C 165 -10.58 11.13 47.32
CA GLN C 165 -11.23 10.18 48.22
C GLN C 165 -11.07 8.75 47.72
N PHE C 166 -11.07 8.55 46.40
CA PHE C 166 -10.80 7.23 45.85
C PHE C 166 -9.42 6.73 46.21
N SER C 167 -8.43 7.64 46.29
CA SER C 167 -7.09 7.24 46.69
C SER C 167 -7.05 6.83 48.16
N TYR C 168 -7.66 7.63 49.03
CA TYR C 168 -7.69 7.29 50.46
C TYR C 168 -8.39 5.97 50.69
N ASN C 169 -9.53 5.75 50.02
CA ASN C 169 -10.29 4.53 50.20
C ASN C 169 -9.52 3.31 49.73
N LEU C 170 -8.73 3.44 48.66
CA LEU C 170 -7.93 2.32 48.19
C LEU C 170 -6.95 1.87 49.25
N ARG C 171 -6.40 2.81 50.03
CA ARG C 171 -5.46 2.46 51.09
C ARG C 171 -6.13 1.62 52.17
N CYS C 172 -7.41 1.91 52.46
CA CYS C 172 -8.11 1.18 53.50
C CYS C 172 -8.30 -0.29 53.14
N ASP C 173 -8.49 -0.60 51.87
CA ASP C 173 -8.73 -1.96 51.42
C ASP C 173 -7.45 -2.70 51.04
N LEU C 174 -6.36 -1.99 50.77
CA LEU C 174 -5.11 -2.62 50.36
C LEU C 174 -4.14 -2.80 51.51
N LEU C 175 -4.63 -2.76 52.75
CA LEU C 175 -3.78 -2.95 53.91
C LEU C 175 -3.21 -4.37 53.92
N GLY C 176 -1.89 -4.46 54.03
CA GLY C 176 -1.21 -5.75 54.03
C GLY C 176 -0.72 -6.22 52.68
N THR C 177 -1.14 -5.57 51.59
CA THR C 177 -0.68 -5.96 50.26
C THR C 177 0.61 -5.28 49.85
N GLY C 178 1.06 -4.26 50.58
CA GLY C 178 2.24 -3.51 50.20
C GLY C 178 2.01 -2.49 49.11
N VAL C 179 0.84 -2.46 48.50
CA VAL C 179 0.57 -1.54 47.39
C VAL C 179 0.27 -0.16 47.96
N ARG C 180 0.86 0.86 47.36
CA ARG C 180 0.75 2.23 47.82
C ARG C 180 -0.15 3.02 46.89
N VAL C 181 -0.96 3.90 47.46
CA VAL C 181 -1.85 4.77 46.72
C VAL C 181 -1.57 6.21 47.10
N THR C 182 -1.33 7.06 46.11
CA THR C 182 -0.92 8.44 46.33
C THR C 182 -1.73 9.35 45.42
N ASP C 183 -2.26 10.44 45.97
CA ASP C 183 -2.89 11.49 45.18
C ASP C 183 -1.87 12.61 45.01
N LEU C 184 -1.28 12.68 43.82
CA LEU C 184 -0.41 13.79 43.45
C LEU C 184 -1.29 14.87 42.84
N ALA C 185 -1.47 15.97 43.57
CA ALA C 185 -2.39 17.02 43.18
C ALA C 185 -1.60 18.27 42.81
N PRO C 186 -1.34 18.52 41.53
CA PRO C 186 -0.54 19.69 41.16
C PRO C 186 -1.39 20.94 41.04
N GLY C 187 -0.69 22.08 41.02
CA GLY C 187 -1.28 23.37 40.78
C GLY C 187 -1.26 23.75 39.32
N ILE C 188 -1.22 25.06 39.07
CA ILE C 188 -1.30 25.54 37.69
C ILE C 188 -0.01 25.17 36.95
N ALA C 189 -0.16 24.57 35.77
CA ALA C 189 0.97 24.11 34.98
C ALA C 189 0.68 24.29 33.49
N GLU C 190 1.70 24.72 32.74
CA GLU C 190 1.58 24.99 31.31
C GLU C 190 1.82 23.72 30.50
N THR C 191 0.73 23.10 30.07
CA THR C 191 0.76 21.92 29.19
C THR C 191 -0.32 22.14 28.13
N GLU C 192 -0.60 21.11 27.34
CA GLU C 192 -1.80 21.12 26.52
C GLU C 192 -3.10 21.22 27.33
N PHE C 193 -3.03 21.31 28.66
CA PHE C 193 -4.21 21.25 29.51
C PHE C 193 -5.19 22.38 29.19
N THR C 194 -4.73 23.64 29.30
CA THR C 194 -5.62 24.76 29.05
C THR C 194 -6.03 24.84 27.59
N LEU C 195 -5.17 24.35 26.68
CA LEU C 195 -5.53 24.32 25.28
C LEU C 195 -6.74 23.44 25.03
N VAL C 196 -6.77 22.26 25.66
CA VAL C 196 -7.93 21.38 25.53
C VAL C 196 -9.15 21.98 26.23
N ARG C 197 -8.94 22.67 27.34
CA ARG C 197 -10.05 23.15 28.15
C ARG C 197 -10.80 24.29 27.48
N THR C 198 -10.12 25.06 26.63
CA THR C 198 -10.73 26.15 25.89
C THR C 198 -11.12 25.75 24.48
N LYS C 199 -11.07 24.45 24.16
CA LYS C 199 -11.47 23.92 22.86
C LYS C 199 -10.60 24.48 21.74
N GLY C 200 -9.34 24.79 22.05
CA GLY C 200 -8.37 25.18 21.04
C GLY C 200 -7.93 26.63 21.07
N ASP C 201 -8.27 27.40 22.10
CA ASP C 201 -7.91 28.82 22.16
C ASP C 201 -6.49 28.94 22.70
N GLN C 202 -5.52 28.99 21.80
CA GLN C 202 -4.13 29.12 22.22
C GLN C 202 -3.85 30.49 22.83
N ALA C 203 -4.59 31.51 22.40
CA ALA C 203 -4.42 32.84 23.00
C ALA C 203 -4.79 32.82 24.47
N ALA C 204 -5.88 32.13 24.83
CA ALA C 204 -6.27 32.04 26.23
C ALA C 204 -5.24 31.26 27.04
N SER C 205 -4.64 30.22 26.45
CA SER C 205 -3.63 29.46 27.17
C SER C 205 -2.32 30.22 27.31
N ASP C 206 -2.19 31.36 26.65
CA ASP C 206 -1.03 32.23 26.82
C ASP C 206 -1.34 33.42 27.70
N ASN C 207 -2.59 33.88 27.70
CA ASN C 207 -3.00 34.97 28.59
C ASN C 207 -3.00 34.54 30.04
N LEU C 208 -3.13 33.24 30.31
CA LEU C 208 -3.02 32.70 31.65
C LEU C 208 -1.55 32.80 32.08
N TYR C 209 -0.75 31.80 31.72
CA TYR C 209 0.65 31.69 32.09
C TYR C 209 1.51 32.94 31.85
N ARG C 210 0.95 34.03 31.33
CA ARG C 210 1.76 35.20 31.00
C ARG C 210 2.16 35.97 32.24
N GLY C 211 3.46 36.17 32.40
CA GLY C 211 3.93 36.96 33.53
C GLY C 211 4.03 36.23 34.85
N THR C 212 3.90 34.91 34.86
CA THR C 212 4.02 34.15 36.08
C THR C 212 4.93 32.95 35.83
N THR C 213 5.28 32.27 36.92
CA THR C 213 6.09 31.05 36.86
C THR C 213 5.23 29.87 37.29
N PRO C 214 4.54 29.20 36.38
CA PRO C 214 3.74 28.02 36.74
C PRO C 214 4.63 26.79 36.84
N LEU C 215 4.00 25.66 37.17
CA LEU C 215 4.73 24.41 37.20
C LEU C 215 5.07 23.96 35.78
N SER C 216 6.22 23.30 35.65
CA SER C 216 6.66 22.71 34.40
C SER C 216 6.20 21.25 34.32
N ALA C 217 6.18 20.73 33.10
CA ALA C 217 5.83 19.32 32.92
C ALA C 217 6.86 18.41 33.56
N ARG C 218 8.13 18.82 33.58
CA ARG C 218 9.14 18.00 34.24
C ARG C 218 9.09 18.12 35.75
N ASP C 219 8.54 19.21 36.27
CA ASP C 219 8.39 19.35 37.72
C ASP C 219 7.47 18.26 38.26
N ILE C 220 6.32 18.07 37.60
CA ILE C 220 5.38 17.04 38.06
C ILE C 220 5.90 15.65 37.70
N ALA C 221 6.57 15.52 36.55
CA ALA C 221 7.13 14.22 36.17
C ALA C 221 8.18 13.75 37.18
N GLU C 222 9.06 14.66 37.60
CA GLU C 222 10.04 14.31 38.62
C GLU C 222 9.41 14.06 39.97
N GLN C 223 8.20 14.57 40.21
CA GLN C 223 7.48 14.23 41.44
C GLN C 223 6.89 12.83 41.37
N MET C 224 6.39 12.44 40.20
CA MET C 224 5.92 11.07 40.02
C MET C 224 7.04 10.07 40.29
N PHE C 225 8.24 10.36 39.77
CA PHE C 225 9.35 9.44 39.99
C PHE C 225 9.74 9.39 41.46
N TYR C 226 9.68 10.53 42.15
CA TYR C 226 9.98 10.54 43.58
C TYR C 226 9.01 9.65 44.36
N ILE C 227 7.73 9.72 44.01
CA ILE C 227 6.73 8.88 44.67
C ILE C 227 6.96 7.41 44.32
N ALA C 228 7.23 7.12 43.05
CA ALA C 228 7.38 5.73 42.63
C ALA C 228 8.59 5.07 43.27
N THR C 229 9.65 5.83 43.53
CA THR C 229 10.87 5.30 44.13
C THR C 229 10.91 5.44 45.64
N LEU C 230 9.78 5.82 46.27
CA LEU C 230 9.76 5.92 47.72
C LEU C 230 10.02 4.56 48.36
N PRO C 231 10.71 4.53 49.51
CA PRO C 231 10.93 3.25 50.19
C PRO C 231 9.61 2.52 50.45
N ASP C 232 9.68 1.19 50.43
CA ASP C 232 8.46 0.38 50.36
C ASP C 232 7.57 0.56 51.59
N HIS C 233 8.15 0.87 52.74
CA HIS C 233 7.35 0.98 53.95
C HIS C 233 6.62 2.31 54.08
N MET C 234 6.97 3.29 53.25
CA MET C 234 6.35 4.61 53.29
C MET C 234 5.24 4.70 52.26
N ASN C 235 4.26 5.55 52.53
CA ASN C 235 3.19 5.83 51.57
C ASN C 235 2.78 7.28 51.74
N ILE C 236 2.81 8.04 50.65
CA ILE C 236 2.30 9.41 50.66
C ILE C 236 0.82 9.36 50.32
N ASN C 237 -0.02 9.79 51.27
CA ASN C 237 -1.45 9.86 50.99
C ASN C 237 -1.76 10.92 49.93
N ARG C 238 -1.13 12.09 50.05
CA ARG C 238 -1.42 13.18 49.12
C ARG C 238 -0.28 14.19 49.13
N VAL C 239 0.07 14.69 47.96
CA VAL C 239 1.00 15.80 47.80
C VAL C 239 0.28 16.87 46.99
N GLU C 240 0.07 18.03 47.60
CA GLU C 240 -0.49 19.18 46.89
C GLU C 240 0.66 20.10 46.55
N VAL C 241 1.01 20.16 45.27
CA VAL C 241 2.13 20.95 44.79
C VAL C 241 1.58 22.15 44.03
N MET C 242 1.90 23.34 44.51
CA MET C 242 1.56 24.57 43.83
C MET C 242 2.83 25.31 43.43
N PRO C 243 2.79 26.10 42.37
CA PRO C 243 3.86 27.07 42.16
C PRO C 243 3.83 28.09 43.28
N VAL C 244 5.02 28.51 43.73
CA VAL C 244 5.11 29.44 44.85
C VAL C 244 4.46 30.77 44.55
N ARG C 245 4.15 31.04 43.28
CA ARG C 245 3.41 32.24 42.90
C ARG C 245 1.90 31.99 42.81
N GLN C 246 1.41 30.90 43.40
CA GLN C 246 -0.01 30.61 43.44
C GLN C 246 -0.45 30.39 44.89
N ALA C 247 -1.59 30.98 45.24
CA ALA C 247 -2.15 30.84 46.58
C ALA C 247 -3.67 31.01 46.52
N TRP C 248 -4.25 31.53 47.59
CA TRP C 248 -5.70 31.68 47.68
C TRP C 248 -6.07 33.16 47.81
N GLN C 249 -7.14 33.54 47.15
CA GLN C 249 -7.67 34.90 47.17
C GLN C 249 -8.69 35.06 48.29
N PRO C 250 -9.10 36.29 48.60
CA PRO C 250 -10.18 36.48 49.57
C PRO C 250 -11.47 35.85 49.07
N PHE C 251 -12.46 35.82 49.96
CA PHE C 251 -13.76 35.27 49.61
C PHE C 251 -14.46 36.15 48.59
N ALA C 252 -15.16 35.52 47.66
CA ALA C 252 -16.00 36.26 46.71
C ALA C 252 -17.24 36.78 47.41
N ILE C 253 -17.50 38.07 47.29
CA ILE C 253 -18.66 38.70 47.88
C ILE C 253 -19.42 39.45 46.79
N ASP C 254 -20.65 39.03 46.51
CA ASP C 254 -21.48 39.70 45.52
C ASP C 254 -21.97 41.04 46.04
N ARG C 255 -21.78 42.08 45.25
CA ARG C 255 -22.14 43.44 45.66
C ARG C 255 -23.01 44.11 44.59
N SER D 6 11.09 -18.23 -3.90
CA SER D 6 11.34 -17.97 -5.31
C SER D 6 12.46 -16.96 -5.49
N LYS D 7 12.28 -16.00 -6.40
CA LYS D 7 13.25 -14.95 -6.66
C LYS D 7 12.73 -13.63 -6.14
N VAL D 8 13.52 -12.96 -5.30
CA VAL D 8 13.13 -11.73 -4.63
C VAL D 8 14.14 -10.63 -4.97
N VAL D 9 13.65 -9.45 -5.33
CA VAL D 9 14.49 -8.30 -5.61
C VAL D 9 14.20 -7.21 -4.58
N PHE D 10 15.27 -6.58 -4.08
CA PHE D 10 15.18 -5.48 -3.13
C PHE D 10 15.51 -4.19 -3.86
N ILE D 11 14.51 -3.36 -4.08
CA ILE D 11 14.65 -2.13 -4.86
C ILE D 11 14.47 -0.94 -3.93
N THR D 12 15.51 -0.11 -3.82
CA THR D 12 15.43 1.15 -3.11
C THR D 12 15.07 2.26 -4.09
N GLY D 13 14.33 3.25 -3.60
CA GLY D 13 13.85 4.33 -4.44
C GLY D 13 12.94 3.86 -5.55
N ALA D 14 11.89 3.12 -5.21
CA ALA D 14 10.96 2.56 -6.17
C ALA D 14 9.71 3.41 -6.38
N THR D 15 9.65 4.60 -5.76
CA THR D 15 8.45 5.43 -5.90
C THR D 15 8.38 6.18 -7.22
N SER D 16 9.50 6.33 -7.91
CA SER D 16 9.51 7.06 -9.17
C SER D 16 10.73 6.62 -9.98
N GLY D 17 10.77 7.06 -11.23
CA GLY D 17 11.95 6.90 -12.05
C GLY D 17 12.32 5.45 -12.30
N PHE D 18 13.63 5.18 -12.22
CA PHE D 18 14.14 3.84 -12.52
C PHE D 18 13.53 2.78 -11.61
N GLY D 19 13.47 3.07 -10.31
CA GLY D 19 12.94 2.10 -9.37
C GLY D 19 11.50 1.75 -9.64
N GLU D 20 10.69 2.75 -9.98
CA GLU D 20 9.28 2.49 -10.28
C GLU D 20 9.14 1.66 -11.55
N ALA D 21 9.96 1.96 -12.57
CA ALA D 21 9.93 1.15 -13.79
C ALA D 21 10.48 -0.25 -13.55
N ALA D 22 11.50 -0.35 -12.71
CA ALA D 22 12.07 -1.66 -12.40
C ALA D 22 11.07 -2.54 -11.66
N ALA D 23 10.21 -1.95 -10.82
CA ALA D 23 9.22 -2.73 -10.11
C ALA D 23 8.31 -3.44 -11.09
N GLN D 24 7.94 -2.79 -12.21
CA GLN D 24 7.13 -3.56 -13.12
C GLN D 24 7.96 -4.52 -13.96
N VAL D 25 9.19 -4.17 -14.30
CA VAL D 25 9.91 -5.07 -15.18
C VAL D 25 10.14 -6.40 -14.47
N PHE D 26 10.44 -6.34 -13.16
CA PHE D 26 10.64 -7.58 -12.41
C PHE D 26 9.31 -8.28 -12.13
N ALA D 27 8.22 -7.52 -11.99
CA ALA D 27 6.91 -8.15 -11.77
C ALA D 27 6.47 -8.90 -13.02
N ASP D 28 6.78 -8.38 -14.20
CA ASP D 28 6.42 -9.04 -15.45
C ASP D 28 7.18 -10.35 -15.66
N ALA D 29 8.18 -10.64 -14.82
CA ALA D 29 8.94 -11.87 -14.90
C ALA D 29 8.67 -12.80 -13.73
N GLY D 30 7.69 -12.48 -12.89
CA GLY D 30 7.33 -13.32 -11.76
C GLY D 30 8.17 -13.13 -10.51
N TRP D 31 9.10 -12.18 -10.51
CA TRP D 31 9.93 -11.95 -9.33
C TRP D 31 9.14 -11.25 -8.23
N SER D 32 9.28 -11.74 -7.00
CA SER D 32 8.71 -11.05 -5.86
C SER D 32 9.47 -9.75 -5.59
N LEU D 33 8.75 -8.75 -5.12
CA LEU D 33 9.26 -7.39 -5.04
C LEU D 33 9.36 -6.95 -3.59
N VAL D 34 10.42 -6.21 -3.28
CA VAL D 34 10.57 -5.52 -2.00
C VAL D 34 10.92 -4.08 -2.36
N LEU D 35 9.94 -3.19 -2.27
CA LEU D 35 10.08 -1.84 -2.73
C LEU D 35 10.12 -0.89 -1.54
N SER D 36 11.10 0.00 -1.52
CA SER D 36 11.27 0.95 -0.43
C SER D 36 11.23 2.38 -0.97
N GLY D 37 11.30 3.33 -0.07
CA GLY D 37 11.18 4.73 -0.40
C GLY D 37 10.51 5.47 0.73
N ARG D 38 10.37 6.78 0.52
CA ARG D 38 9.78 7.65 1.52
C ARG D 38 8.34 8.03 1.22
N ARG D 39 7.95 8.05 -0.06
CA ARG D 39 6.58 8.33 -0.45
C ARG D 39 5.78 7.06 -0.24
N PHE D 40 5.20 6.92 0.95
CA PHE D 40 4.48 5.70 1.30
C PHE D 40 3.22 5.53 0.47
N GLU D 41 2.57 6.64 0.08
CA GLU D 41 1.35 6.56 -0.71
C GLU D 41 1.61 6.19 -2.16
N ARG D 42 2.87 6.26 -2.62
CA ARG D 42 3.23 5.75 -3.93
C ARG D 42 3.59 4.28 -3.89
N LEU D 43 4.07 3.78 -2.75
CA LEU D 43 4.38 2.35 -2.64
C LEU D 43 3.10 1.53 -2.57
N LYS D 44 2.06 2.05 -1.90
CA LYS D 44 0.79 1.31 -1.83
C LYS D 44 0.11 1.29 -3.19
N THR D 45 0.18 2.40 -3.92
CA THR D 45 -0.41 2.43 -5.26
C THR D 45 0.31 1.48 -6.20
N LEU D 46 1.63 1.39 -6.07
CA LEU D 46 2.39 0.45 -6.89
C LEU D 46 2.18 -0.99 -6.42
N GLN D 47 2.00 -1.19 -5.11
CA GLN D 47 1.74 -2.53 -4.61
C GLN D 47 0.39 -3.05 -5.09
N ASP D 48 -0.64 -2.20 -5.02
CA ASP D 48 -1.97 -2.64 -5.42
C ASP D 48 -2.07 -2.91 -6.92
N LYS D 49 -1.26 -2.22 -7.72
CA LYS D 49 -1.24 -2.47 -9.16
C LYS D 49 -0.46 -3.73 -9.50
N LEU D 50 0.46 -4.14 -8.62
CA LEU D 50 1.36 -5.25 -8.87
C LEU D 50 1.12 -6.48 -8.02
N ALA D 51 0.33 -6.37 -6.95
CA ALA D 51 0.06 -7.53 -6.10
C ALA D 51 -0.68 -8.63 -6.85
N SER D 52 -1.38 -8.29 -7.93
CA SER D 52 -2.01 -9.32 -8.76
C SER D 52 -0.96 -10.25 -9.35
N GLN D 53 -0.08 -9.70 -10.18
CA GLN D 53 0.93 -10.52 -10.84
C GLN D 53 1.81 -11.25 -9.82
N VAL D 54 2.39 -10.51 -8.87
CA VAL D 54 3.43 -11.07 -8.02
C VAL D 54 3.29 -10.53 -6.60
N PRO D 55 3.75 -11.30 -5.60
CA PRO D 55 3.77 -10.77 -4.22
C PRO D 55 4.74 -9.61 -4.07
N VAL D 56 4.27 -8.56 -3.39
CA VAL D 56 5.01 -7.32 -3.23
C VAL D 56 5.07 -6.98 -1.74
N HIS D 57 6.24 -6.53 -1.28
CA HIS D 57 6.43 -6.08 0.09
C HIS D 57 7.00 -4.67 0.08
N ILE D 58 6.28 -3.71 0.64
CA ILE D 58 6.70 -2.32 0.65
C ILE D 58 7.16 -1.94 2.05
N ILE D 59 8.12 -1.02 2.10
CA ILE D 59 8.69 -0.53 3.35
C ILE D 59 8.92 0.96 3.21
N GLU D 60 8.42 1.75 4.16
CA GLU D 60 8.72 3.17 4.21
C GLU D 60 10.11 3.34 4.82
N LEU D 61 11.10 3.62 3.97
CA LEU D 61 12.50 3.60 4.38
C LEU D 61 13.22 4.83 3.84
N ASP D 62 13.95 5.50 4.73
CA ASP D 62 14.90 6.55 4.35
C ASP D 62 16.29 5.93 4.46
N VAL D 63 16.97 5.77 3.32
CA VAL D 63 18.25 5.09 3.30
C VAL D 63 19.33 5.83 4.09
N ARG D 64 19.08 7.10 4.43
CA ARG D 64 20.05 7.87 5.21
C ARG D 64 20.07 7.48 6.69
N ASP D 65 19.07 6.73 7.15
CA ASP D 65 19.00 6.27 8.53
C ASP D 65 19.49 4.84 8.58
N SER D 66 20.70 4.62 9.12
CA SER D 66 21.27 3.29 9.16
C SER D 66 20.48 2.36 10.06
N ASP D 67 19.97 2.88 11.19
CA ASP D 67 19.18 2.05 12.09
C ASP D 67 17.86 1.63 11.45
N SER D 68 17.25 2.53 10.68
CA SER D 68 16.01 2.17 9.99
C SER D 68 16.27 1.12 8.92
N VAL D 69 17.38 1.26 8.19
CA VAL D 69 17.71 0.27 7.16
C VAL D 69 17.99 -1.08 7.78
N ALA D 70 18.73 -1.12 8.89
CA ALA D 70 19.00 -2.39 9.55
C ALA D 70 17.72 -3.00 10.09
N ALA D 71 16.84 -2.18 10.66
CA ALA D 71 15.57 -2.69 11.15
C ALA D 71 14.68 -3.14 10.00
N ALA D 72 14.71 -2.41 8.87
CA ALA D 72 13.88 -2.79 7.74
C ALA D 72 14.32 -4.12 7.14
N VAL D 73 15.63 -4.37 7.12
CA VAL D 73 16.12 -5.63 6.57
C VAL D 73 15.92 -6.77 7.57
N ALA D 74 16.09 -6.49 8.87
CA ALA D 74 15.88 -7.52 9.87
C ALA D 74 14.41 -7.93 9.97
N ALA D 75 13.50 -7.00 9.67
CA ALA D 75 12.06 -7.25 9.75
C ALA D 75 11.50 -7.77 8.44
N LEU D 76 12.33 -8.33 7.56
CA LEU D 76 11.81 -8.86 6.31
C LEU D 76 11.01 -10.11 6.62
N PRO D 77 9.81 -10.26 6.06
CA PRO D 77 9.05 -11.50 6.27
C PRO D 77 9.78 -12.69 5.69
N ALA D 78 9.37 -13.88 6.12
CA ALA D 78 10.08 -15.09 5.73
C ALA D 78 9.96 -15.38 4.24
N ASP D 79 8.82 -15.04 3.64
CA ASP D 79 8.63 -15.23 2.20
C ASP D 79 9.35 -14.18 1.37
N PHE D 80 10.21 -13.38 2.02
CA PHE D 80 10.94 -12.30 1.37
C PHE D 80 12.40 -12.23 1.77
N ALA D 81 12.77 -12.71 2.97
CA ALA D 81 14.13 -12.56 3.49
C ALA D 81 15.21 -13.02 2.51
N ASP D 82 14.92 -14.01 1.66
CA ASP D 82 15.94 -14.55 0.77
C ASP D 82 16.03 -13.68 -0.48
N ILE D 83 16.88 -12.66 -0.41
CA ILE D 83 17.03 -11.70 -1.51
C ILE D 83 18.00 -12.26 -2.54
N THR D 84 17.60 -12.23 -3.81
CA THR D 84 18.49 -12.60 -4.90
C THR D 84 19.25 -11.39 -5.43
N THR D 85 18.54 -10.29 -5.67
CA THR D 85 19.12 -9.09 -6.27
C THR D 85 18.82 -7.88 -5.41
N LEU D 86 19.86 -7.09 -5.12
CA LEU D 86 19.70 -5.79 -4.48
C LEU D 86 20.02 -4.72 -5.51
N ILE D 87 19.06 -3.84 -5.75
CA ILE D 87 19.22 -2.72 -6.68
C ILE D 87 19.28 -1.46 -5.83
N ASN D 88 20.48 -0.92 -5.66
CA ASN D 88 20.68 0.31 -4.89
C ASN D 88 20.45 1.50 -5.82
N ASN D 89 19.16 1.80 -6.01
CA ASN D 89 18.74 2.83 -6.95
C ASN D 89 18.46 4.17 -6.30
N ALA D 90 18.14 4.20 -5.01
CA ALA D 90 17.80 5.45 -4.34
C ALA D 90 18.94 6.46 -4.43
N GLY D 91 18.68 7.59 -5.06
CA GLY D 91 19.69 8.63 -5.18
C GLY D 91 19.07 9.92 -5.66
N LEU D 92 19.88 10.98 -5.64
CA LEU D 92 19.39 12.31 -5.99
C LEU D 92 20.58 13.22 -6.25
N ALA D 93 20.33 14.26 -7.03
CA ALA D 93 21.27 15.35 -7.23
C ALA D 93 20.58 16.66 -6.87
N LEU D 94 21.39 17.66 -6.50
CA LEU D 94 20.84 18.97 -6.19
C LEU D 94 21.76 20.06 -6.70
N SER D 95 21.21 21.27 -6.79
CA SER D 95 21.89 22.51 -7.15
C SER D 95 22.80 22.35 -8.37
N PRO D 96 22.26 22.49 -9.58
CA PRO D 96 23.10 22.39 -10.79
C PRO D 96 23.98 23.61 -11.04
N GLN D 97 23.95 24.60 -10.15
CA GLN D 97 24.74 25.81 -10.31
C GLN D 97 26.21 25.50 -10.00
N PRO D 98 27.13 26.43 -10.30
CA PRO D 98 28.54 26.20 -9.95
C PRO D 98 28.76 25.86 -8.48
N ALA D 99 29.89 25.21 -8.19
CA ALA D 99 30.13 24.71 -6.83
C ALA D 99 30.23 25.84 -5.81
N GLN D 100 30.76 26.99 -6.21
CA GLN D 100 30.91 28.10 -5.28
C GLN D 100 29.59 28.76 -4.91
N LYS D 101 28.47 28.32 -5.48
CA LYS D 101 27.16 28.90 -5.20
C LYS D 101 26.17 27.83 -4.74
N VAL D 102 26.67 26.75 -4.14
CA VAL D 102 25.85 25.65 -3.68
C VAL D 102 25.82 25.68 -2.15
N ASP D 103 24.64 25.46 -1.58
CA ASP D 103 24.50 25.35 -0.14
C ASP D 103 25.02 24.02 0.35
N LEU D 104 25.64 24.02 1.54
CA LEU D 104 26.28 22.82 2.04
C LEU D 104 25.26 21.75 2.41
N ASP D 105 24.03 22.16 2.72
CA ASP D 105 22.99 21.17 3.01
C ASP D 105 22.64 20.36 1.77
N ASP D 106 22.81 20.94 0.59
CA ASP D 106 22.59 20.20 -0.64
C ASP D 106 23.72 19.20 -0.89
N TRP D 107 24.95 19.58 -0.53
CA TRP D 107 26.06 18.65 -0.64
C TRP D 107 25.92 17.50 0.35
N LYS D 108 25.51 17.81 1.59
CA LYS D 108 25.37 16.78 2.61
C LYS D 108 24.23 15.82 2.27
N THR D 109 23.14 16.34 1.68
CA THR D 109 22.02 15.48 1.32
C THR D 109 22.41 14.47 0.25
N MET D 110 23.23 14.90 -0.71
CA MET D 110 23.68 13.97 -1.75
C MET D 110 24.62 12.91 -1.18
N ILE D 111 25.54 13.32 -0.29
CA ILE D 111 26.44 12.35 0.33
C ILE D 111 25.67 11.38 1.21
N ASP D 112 24.67 11.89 1.95
CA ASP D 112 23.93 11.03 2.87
C ASP D 112 23.10 9.99 2.13
N THR D 113 22.68 10.29 0.90
CA THR D 113 21.82 9.40 0.13
C THR D 113 22.59 8.55 -0.87
N ASN D 114 23.44 9.17 -1.69
CA ASN D 114 24.13 8.43 -2.73
C ASN D 114 25.34 7.67 -2.19
N VAL D 115 25.92 8.13 -1.07
CA VAL D 115 27.08 7.46 -0.51
C VAL D 115 26.68 6.67 0.73
N THR D 116 26.36 7.38 1.82
CA THR D 116 26.02 6.69 3.07
C THR D 116 24.79 5.81 2.92
N GLY D 117 23.76 6.31 2.22
CA GLY D 117 22.54 5.53 2.09
C GLY D 117 22.76 4.22 1.37
N LEU D 118 23.62 4.22 0.36
CA LEU D 118 23.93 3.00 -0.37
C LEU D 118 24.82 2.09 0.46
N VAL D 119 25.69 2.68 1.28
CA VAL D 119 26.54 1.89 2.16
C VAL D 119 25.72 1.35 3.33
N ASN D 120 24.67 2.06 3.73
CA ASN D 120 23.78 1.56 4.77
C ASN D 120 23.03 0.31 4.31
N VAL D 121 22.48 0.35 3.09
CA VAL D 121 21.70 -0.78 2.60
C VAL D 121 22.60 -1.96 2.27
N THR D 122 23.78 -1.70 1.73
CA THR D 122 24.70 -2.79 1.39
C THR D 122 25.16 -3.51 2.64
N HIS D 123 25.50 -2.77 3.70
CA HIS D 123 25.94 -3.41 4.94
C HIS D 123 24.85 -4.29 5.53
N ALA D 124 23.59 -3.81 5.48
CA ALA D 124 22.50 -4.55 6.08
C ALA D 124 22.19 -5.84 5.31
N LEU D 125 22.40 -5.85 4.00
CA LEU D 125 22.01 -6.98 3.16
C LEU D 125 23.17 -7.87 2.76
N LEU D 126 24.41 -7.51 3.12
CA LEU D 126 25.55 -8.33 2.72
C LEU D 126 25.45 -9.76 3.25
N PRO D 127 25.11 -10.01 4.52
CA PRO D 127 24.97 -11.42 4.94
C PRO D 127 23.88 -12.14 4.17
N THR D 128 22.81 -11.45 3.80
CA THR D 128 21.71 -12.07 3.08
C THR D 128 22.15 -12.48 1.67
N LEU D 129 22.86 -11.59 0.96
CA LEU D 129 23.27 -11.91 -0.40
C LEU D 129 24.30 -13.03 -0.43
N ILE D 130 25.20 -13.05 0.57
CA ILE D 130 26.20 -14.11 0.66
C ILE D 130 25.55 -15.44 1.02
N ASN D 131 24.53 -15.41 1.89
CA ASN D 131 23.82 -16.63 2.21
C ASN D 131 22.96 -17.13 1.06
N HIS D 132 22.82 -16.34 0.00
CA HIS D 132 22.14 -16.79 -1.20
C HIS D 132 23.13 -17.56 -2.07
N GLY D 133 24.13 -16.87 -2.60
CA GLY D 133 25.24 -17.59 -3.18
C GLY D 133 25.35 -17.40 -4.67
N ALA D 134 24.79 -18.34 -5.42
CA ALA D 134 24.93 -18.37 -6.87
C ALA D 134 23.75 -17.61 -7.48
N GLY D 135 24.08 -16.58 -8.26
CA GLY D 135 23.08 -15.75 -8.88
C GLY D 135 22.80 -14.45 -8.16
N ALA D 136 23.39 -14.24 -7.00
CA ALA D 136 23.15 -13.01 -6.25
C ALA D 136 23.86 -11.84 -6.93
N SER D 137 23.22 -10.68 -6.90
CA SER D 137 23.77 -9.51 -7.56
C SER D 137 23.52 -8.26 -6.71
N ILE D 138 24.53 -7.40 -6.66
CA ILE D 138 24.40 -6.06 -6.09
C ILE D 138 24.52 -5.10 -7.27
N ILE D 139 23.39 -4.53 -7.68
CA ILE D 139 23.36 -3.61 -8.82
C ILE D 139 23.38 -2.21 -8.24
N ASN D 140 24.55 -1.58 -8.28
CA ASN D 140 24.70 -0.19 -7.87
C ASN D 140 24.43 0.72 -9.05
N ILE D 141 23.52 1.68 -8.86
CA ILE D 141 23.16 2.61 -9.92
C ILE D 141 24.12 3.79 -9.83
N GLY D 142 25.14 3.79 -10.68
CA GLY D 142 26.05 4.91 -10.77
C GLY D 142 25.57 5.93 -11.79
N SER D 143 26.51 6.52 -12.53
CA SER D 143 26.18 7.50 -13.55
C SER D 143 27.42 7.76 -14.37
N ILE D 144 27.22 8.34 -15.55
CA ILE D 144 28.36 8.85 -16.32
C ILE D 144 29.07 9.92 -15.51
N ALA D 145 28.35 10.59 -14.60
CA ALA D 145 28.95 11.60 -13.76
C ALA D 145 29.99 11.03 -12.81
N GLY D 146 29.96 9.73 -12.55
CA GLY D 146 30.97 9.09 -11.72
C GLY D 146 32.30 8.86 -12.40
N GLN D 147 32.40 9.19 -13.67
CA GLN D 147 33.61 9.02 -14.46
C GLN D 147 34.01 10.29 -15.20
N TRP D 148 33.03 11.07 -15.68
CA TRP D 148 33.29 12.23 -16.53
C TRP D 148 32.98 13.51 -15.78
N PRO D 149 33.93 14.43 -15.64
CA PRO D 149 33.63 15.71 -14.99
C PRO D 149 32.95 16.68 -15.93
N TYR D 150 32.12 17.54 -15.35
CA TYR D 150 31.40 18.56 -16.10
C TYR D 150 30.92 19.62 -15.12
N PRO D 151 30.67 20.85 -15.59
CA PRO D 151 30.21 21.90 -14.67
C PRO D 151 28.86 21.55 -14.06
N GLY D 152 28.72 21.84 -12.76
CA GLY D 152 27.48 21.58 -12.08
C GLY D 152 27.35 20.19 -11.49
N SER D 153 28.35 19.33 -11.71
CA SER D 153 28.33 17.98 -11.18
C SER D 153 28.90 17.86 -9.77
N HIS D 154 29.73 18.83 -9.37
CA HIS D 154 30.52 18.87 -8.14
C HIS D 154 30.42 17.64 -7.23
N VAL D 155 29.44 17.61 -6.32
CA VAL D 155 29.36 16.50 -5.38
C VAL D 155 28.51 15.35 -5.88
N TYR D 156 27.57 15.61 -6.79
CA TYR D 156 26.77 14.52 -7.35
C TYR D 156 27.66 13.57 -8.14
N GLY D 157 28.44 14.11 -9.08
CA GLY D 157 29.35 13.27 -9.83
C GLY D 157 30.38 12.59 -8.97
N ALA D 158 30.87 13.29 -7.94
CA ALA D 158 31.81 12.67 -7.02
C ALA D 158 31.16 11.52 -6.25
N SER D 159 29.90 11.69 -5.86
CA SER D 159 29.20 10.62 -5.18
C SER D 159 29.03 9.41 -6.08
N LYS D 160 28.83 9.63 -7.37
CA LYS D 160 28.73 8.53 -8.32
C LYS D 160 30.09 7.92 -8.65
N ALA D 161 31.18 8.66 -8.44
CA ALA D 161 32.49 8.05 -8.52
C ALA D 161 32.78 7.18 -7.30
N PHE D 162 32.28 7.58 -6.14
CA PHE D 162 32.31 6.71 -4.96
C PHE D 162 31.62 5.39 -5.26
N VAL D 163 30.45 5.45 -5.90
CA VAL D 163 29.69 4.22 -6.18
C VAL D 163 30.48 3.32 -7.12
N LYS D 164 31.19 3.90 -8.09
CA LYS D 164 31.95 3.09 -9.03
C LYS D 164 33.06 2.31 -8.32
N GLN D 165 33.88 3.00 -7.53
CA GLN D 165 34.99 2.33 -6.86
C GLN D 165 34.51 1.40 -5.74
N PHE D 166 33.43 1.78 -5.05
CA PHE D 166 32.86 0.89 -4.04
C PHE D 166 32.41 -0.42 -4.66
N SER D 167 31.92 -0.39 -5.91
CA SER D 167 31.53 -1.62 -6.59
C SER D 167 32.74 -2.48 -6.92
N TYR D 168 33.79 -1.86 -7.49
CA TYR D 168 35.00 -2.62 -7.83
C TYR D 168 35.62 -3.22 -6.57
N ASN D 169 35.69 -2.44 -5.49
CA ASN D 169 36.27 -2.93 -4.25
C ASN D 169 35.45 -4.05 -3.64
N LEU D 170 34.12 -3.99 -3.81
CA LEU D 170 33.26 -5.04 -3.28
C LEU D 170 33.58 -6.39 -3.91
N ARG D 171 33.94 -6.39 -5.20
CA ARG D 171 34.25 -7.64 -5.88
C ARG D 171 35.49 -8.30 -5.30
N CYS D 172 36.47 -7.50 -4.88
CA CYS D 172 37.70 -8.06 -4.32
C CYS D 172 37.44 -8.82 -3.04
N ASP D 173 36.46 -8.38 -2.25
CA ASP D 173 36.15 -9.03 -0.98
C ASP D 173 35.14 -10.16 -1.11
N LEU D 174 34.37 -10.19 -2.21
CA LEU D 174 33.34 -11.20 -2.40
C LEU D 174 33.80 -12.33 -3.31
N LEU D 175 35.11 -12.50 -3.50
CA LEU D 175 35.60 -13.58 -4.35
C LEU D 175 35.27 -14.93 -3.71
N GLY D 176 34.64 -15.81 -4.48
CA GLY D 176 34.27 -17.13 -4.00
C GLY D 176 32.89 -17.22 -3.40
N THR D 177 32.24 -16.09 -3.13
CA THR D 177 30.89 -16.09 -2.57
C THR D 177 29.81 -16.17 -3.63
N GLY D 178 30.16 -16.01 -4.90
CA GLY D 178 29.18 -16.03 -5.97
C GLY D 178 28.38 -14.76 -6.14
N VAL D 179 28.51 -13.80 -5.23
CA VAL D 179 27.74 -12.57 -5.30
C VAL D 179 28.39 -11.66 -6.33
N ARG D 180 27.56 -11.04 -7.16
CA ARG D 180 28.02 -10.21 -8.26
C ARG D 180 27.79 -8.75 -7.92
N VAL D 181 28.73 -7.89 -8.30
CA VAL D 181 28.64 -6.45 -8.07
C VAL D 181 28.77 -5.75 -9.41
N THR D 182 27.81 -4.88 -9.72
CA THR D 182 27.75 -4.22 -11.01
C THR D 182 27.44 -2.74 -10.81
N ASP D 183 28.17 -1.88 -11.50
CA ASP D 183 27.88 -0.44 -11.54
C ASP D 183 27.14 -0.17 -12.85
N LEU D 184 25.83 0.02 -12.76
CA LEU D 184 25.03 0.45 -13.90
C LEU D 184 25.04 1.97 -13.93
N ALA D 185 25.76 2.54 -14.89
CA ALA D 185 25.97 3.98 -14.98
C ALA D 185 25.23 4.54 -16.19
N PRO D 186 24.01 5.04 -16.01
CA PRO D 186 23.24 5.58 -17.14
C PRO D 186 23.55 7.05 -17.41
N GLY D 187 23.13 7.48 -18.59
CA GLY D 187 23.20 8.88 -18.98
C GLY D 187 21.92 9.61 -18.64
N ILE D 188 21.64 10.66 -19.40
CA ILE D 188 20.47 11.49 -19.10
C ILE D 188 19.20 10.71 -19.44
N ALA D 189 18.25 10.71 -18.51
CA ALA D 189 17.02 9.97 -18.65
C ALA D 189 15.89 10.80 -18.06
N GLU D 190 14.73 10.80 -18.71
CA GLU D 190 13.60 11.64 -18.30
C GLU D 190 12.86 10.95 -17.16
N THR D 191 13.19 11.37 -15.95
CA THR D 191 12.53 10.94 -14.72
C THR D 191 12.33 12.18 -13.85
N GLU D 192 11.81 11.97 -12.65
CA GLU D 192 11.81 13.03 -11.63
C GLU D 192 13.21 13.51 -11.24
N PHE D 193 14.27 13.02 -11.88
CA PHE D 193 15.63 13.35 -11.45
C PHE D 193 15.90 14.85 -11.54
N THR D 194 15.77 15.44 -12.73
CA THR D 194 16.05 16.86 -12.89
C THR D 194 15.05 17.71 -12.14
N LEU D 195 13.83 17.20 -11.95
CA LEU D 195 12.84 17.90 -11.14
C LEU D 195 13.32 18.02 -9.69
N VAL D 196 13.85 16.93 -9.14
CA VAL D 196 14.37 16.98 -7.77
C VAL D 196 15.62 17.84 -7.71
N ARG D 197 16.45 17.84 -8.75
CA ARG D 197 17.70 18.58 -8.72
C ARG D 197 17.46 20.09 -8.81
N THR D 198 16.37 20.51 -9.44
CA THR D 198 16.03 21.91 -9.56
C THR D 198 15.01 22.35 -8.51
N LYS D 199 14.71 21.50 -7.53
CA LYS D 199 13.79 21.83 -6.44
C LYS D 199 12.39 22.15 -6.95
N GLY D 200 12.00 21.55 -8.06
CA GLY D 200 10.65 21.69 -8.58
C GLY D 200 10.50 22.48 -9.87
N ASP D 201 11.60 22.77 -10.57
CA ASP D 201 11.53 23.55 -11.81
C ASP D 201 11.20 22.60 -12.95
N GLN D 202 9.91 22.49 -13.26
CA GLN D 202 9.48 21.63 -14.35
C GLN D 202 9.92 22.19 -15.70
N ALA D 203 10.04 23.52 -15.81
CA ALA D 203 10.55 24.11 -17.05
C ALA D 203 11.99 23.70 -17.30
N ALA D 204 12.81 23.72 -16.25
CA ALA D 204 14.19 23.26 -16.40
C ALA D 204 14.24 21.76 -16.69
N SER D 205 13.36 20.99 -16.05
CA SER D 205 13.30 19.56 -16.32
C SER D 205 12.66 19.24 -17.66
N ASP D 206 12.05 20.21 -18.33
CA ASP D 206 11.51 20.01 -19.66
C ASP D 206 12.39 20.59 -20.75
N ASN D 207 13.09 21.68 -20.46
CA ASN D 207 14.03 22.26 -21.42
C ASN D 207 15.28 21.41 -21.60
N LEU D 208 15.64 20.60 -20.60
CA LEU D 208 16.77 19.70 -20.75
C LEU D 208 16.43 18.54 -21.68
N TYR D 209 15.25 17.95 -21.52
CA TYR D 209 14.88 16.79 -22.31
C TYR D 209 14.17 17.14 -23.61
N ARG D 210 13.92 18.42 -23.87
CA ARG D 210 13.17 18.82 -25.05
C ARG D 210 14.06 18.75 -26.29
N GLY D 211 13.45 18.42 -27.43
CA GLY D 211 14.15 18.33 -28.68
C GLY D 211 15.20 17.24 -28.79
N THR D 212 15.30 16.35 -27.81
CA THR D 212 16.26 15.26 -27.86
C THR D 212 15.57 13.97 -27.44
N THR D 213 16.28 12.86 -27.60
CA THR D 213 15.81 11.54 -27.19
C THR D 213 16.67 11.02 -26.05
N PRO D 214 16.28 11.26 -24.80
CA PRO D 214 17.05 10.75 -23.66
C PRO D 214 16.69 9.28 -23.41
N LEU D 215 17.32 8.72 -22.39
CA LEU D 215 16.99 7.37 -21.97
C LEU D 215 15.63 7.35 -21.29
N SER D 216 14.92 6.24 -21.44
CA SER D 216 13.65 6.07 -20.75
C SER D 216 13.87 5.43 -19.39
N ALA D 217 12.90 5.62 -18.50
CA ALA D 217 12.98 4.99 -17.19
C ALA D 217 12.91 3.47 -17.33
N ARG D 218 12.19 2.98 -18.33
CA ARG D 218 12.11 1.55 -18.57
C ARG D 218 13.36 1.02 -19.27
N ASP D 219 14.09 1.88 -19.98
CA ASP D 219 15.35 1.46 -20.59
C ASP D 219 16.34 1.02 -19.53
N ILE D 220 16.45 1.79 -18.44
CA ILE D 220 17.35 1.43 -17.36
C ILE D 220 16.81 0.24 -16.57
N ALA D 221 15.49 0.16 -16.43
CA ALA D 221 14.88 -0.97 -15.72
C ALA D 221 15.16 -2.28 -16.45
N GLU D 222 15.05 -2.29 -17.77
CA GLU D 222 15.36 -3.49 -18.53
C GLU D 222 16.85 -3.82 -18.49
N GLN D 223 17.70 -2.83 -18.20
CA GLN D 223 19.11 -3.11 -17.99
C GLN D 223 19.37 -3.72 -16.62
N MET D 224 18.66 -3.24 -15.59
CA MET D 224 18.76 -3.85 -14.26
C MET D 224 18.36 -5.31 -14.32
N PHE D 225 17.25 -5.61 -15.00
CA PHE D 225 16.80 -6.99 -15.11
C PHE D 225 17.79 -7.83 -15.91
N TYR D 226 18.39 -7.24 -16.95
CA TYR D 226 19.37 -7.97 -17.74
C TYR D 226 20.56 -8.37 -16.88
N ILE D 227 21.03 -7.46 -16.03
CA ILE D 227 22.16 -7.76 -15.15
C ILE D 227 21.75 -8.78 -14.09
N ALA D 228 20.53 -8.64 -13.54
CA ALA D 228 20.10 -9.53 -12.46
C ALA D 228 19.92 -10.96 -12.95
N THR D 229 19.50 -11.16 -14.20
CA THR D 229 19.29 -12.49 -14.75
C THR D 229 20.50 -13.03 -15.49
N LEU D 230 21.64 -12.36 -15.38
CA LEU D 230 22.85 -12.83 -16.04
C LEU D 230 23.26 -14.19 -15.46
N PRO D 231 23.85 -15.07 -16.28
CA PRO D 231 24.31 -16.36 -15.76
C PRO D 231 25.26 -16.18 -14.58
N ASP D 232 25.21 -17.16 -13.66
CA ASP D 232 25.84 -16.99 -12.35
C ASP D 232 27.34 -16.81 -12.44
N HIS D 233 27.98 -17.36 -13.47
CA HIS D 233 29.44 -17.26 -13.57
C HIS D 233 29.89 -15.94 -14.17
N MET D 234 29.00 -15.14 -14.75
CA MET D 234 29.37 -13.88 -15.35
C MET D 234 29.16 -12.74 -14.37
N ASN D 235 29.94 -11.67 -14.55
CA ASN D 235 29.78 -10.47 -13.74
C ASN D 235 30.14 -9.26 -14.58
N ILE D 236 29.23 -8.30 -14.69
CA ILE D 236 29.49 -7.04 -15.36
C ILE D 236 30.05 -6.09 -14.31
N ASN D 237 31.32 -5.69 -14.48
CA ASN D 237 31.91 -4.75 -13.53
C ASN D 237 31.23 -3.40 -13.63
N ARG D 238 31.05 -2.90 -14.84
CA ARG D 238 30.44 -1.59 -15.05
C ARG D 238 29.94 -1.53 -16.48
N VAL D 239 28.72 -1.02 -16.65
CA VAL D 239 28.17 -0.75 -17.98
C VAL D 239 27.70 0.70 -17.99
N GLU D 240 28.31 1.51 -18.85
CA GLU D 240 27.95 2.91 -19.00
C GLU D 240 27.06 3.05 -20.24
N VAL D 241 25.78 3.31 -20.00
CA VAL D 241 24.80 3.44 -21.07
C VAL D 241 24.41 4.91 -21.20
N MET D 242 24.64 5.48 -22.37
CA MET D 242 24.26 6.83 -22.72
C MET D 242 23.26 6.79 -23.88
N PRO D 243 22.39 7.78 -23.99
CA PRO D 243 21.66 7.93 -25.25
C PRO D 243 22.66 8.28 -26.34
N VAL D 244 22.49 7.65 -27.51
CA VAL D 244 23.44 7.85 -28.60
C VAL D 244 23.46 9.29 -29.10
N ARG D 245 22.48 10.09 -28.69
CA ARG D 245 22.47 11.52 -28.99
C ARG D 245 23.15 12.32 -27.89
N GLN D 246 23.94 11.66 -27.04
CA GLN D 246 24.74 12.29 -26.01
C GLN D 246 26.18 11.83 -26.16
N ALA D 247 27.12 12.78 -26.04
CA ALA D 247 28.54 12.47 -26.12
C ALA D 247 29.35 13.49 -25.33
N TRP D 248 30.57 13.78 -25.78
CA TRP D 248 31.48 14.68 -25.07
C TRP D 248 31.81 15.88 -25.96
N GLN D 249 31.90 17.05 -25.35
CA GLN D 249 32.25 18.29 -26.03
C GLN D 249 33.74 18.50 -25.96
N PRO D 250 34.27 19.46 -26.72
CA PRO D 250 35.69 19.83 -26.57
C PRO D 250 35.99 20.38 -25.19
N PHE D 251 37.27 20.58 -24.91
CA PHE D 251 37.68 21.10 -23.62
C PHE D 251 37.23 22.55 -23.46
N ALA D 252 36.82 22.90 -22.25
CA ALA D 252 36.50 24.27 -21.94
C ALA D 252 37.77 25.09 -21.83
N ILE D 253 37.82 26.21 -22.54
CA ILE D 253 38.98 27.10 -22.55
C ILE D 253 38.51 28.48 -22.14
N ASP D 254 39.04 28.96 -21.01
CA ASP D 254 38.74 30.30 -20.55
C ASP D 254 39.46 31.34 -21.40
N ARG D 255 38.71 32.32 -21.90
CA ARG D 255 39.25 33.34 -22.79
C ARG D 255 38.86 34.71 -22.28
N ASP D 256 39.83 35.62 -22.18
CA ASP D 256 39.58 36.95 -21.67
C ASP D 256 39.04 37.87 -22.75
N SER E 6 52.31 37.31 4.13
CA SER E 6 52.00 37.19 2.72
C SER E 6 51.45 35.75 2.25
N LYS E 7 52.17 34.63 2.32
CA LYS E 7 51.59 33.36 1.86
C LYS E 7 51.22 32.42 3.01
N VAL E 8 49.96 32.01 3.04
CA VAL E 8 49.36 31.22 4.12
C VAL E 8 48.79 29.92 3.56
N VAL E 9 49.09 28.81 4.24
CA VAL E 9 48.57 27.49 3.90
C VAL E 9 47.66 26.98 5.02
N PHE E 10 46.53 26.39 4.64
CA PHE E 10 45.56 25.81 5.58
C PHE E 10 45.71 24.30 5.50
N ILE E 11 46.27 23.70 6.55
CA ILE E 11 46.55 22.27 6.59
C ILE E 11 45.62 21.61 7.60
N THR E 12 44.80 20.69 7.11
CA THR E 12 43.98 19.86 7.98
C THR E 12 44.71 18.56 8.29
N GLY E 13 44.48 18.04 9.49
CA GLY E 13 45.18 16.85 9.93
C GLY E 13 46.68 17.04 9.95
N ALA E 14 47.13 18.08 10.64
CA ALA E 14 48.55 18.41 10.72
C ALA E 14 49.21 17.83 11.96
N THR E 15 48.49 17.02 12.73
CA THR E 15 49.03 16.48 13.97
C THR E 15 50.01 15.35 13.71
N SER E 16 49.97 14.74 12.54
CA SER E 16 50.88 13.65 12.22
C SER E 16 51.01 13.55 10.71
N GLY E 17 51.98 12.76 10.27
CA GLY E 17 52.07 12.36 8.89
C GLY E 17 52.29 13.48 7.90
N PHE E 18 51.55 13.39 6.79
CA PHE E 18 51.73 14.33 5.68
C PHE E 18 51.54 15.77 6.16
N GLY E 19 50.48 16.02 6.94
CA GLY E 19 50.26 17.37 7.43
C GLY E 19 51.38 17.83 8.35
N GLU E 20 51.85 16.95 9.23
CA GLU E 20 52.93 17.30 10.13
C GLU E 20 54.23 17.55 9.38
N ALA E 21 54.53 16.72 8.37
CA ALA E 21 55.72 16.94 7.57
C ALA E 21 55.55 18.16 6.67
N ALA E 22 54.33 18.38 6.17
CA ALA E 22 54.07 19.55 5.35
C ALA E 22 54.21 20.83 6.15
N ALA E 23 53.91 20.78 7.44
CA ALA E 23 54.02 21.98 8.28
C ALA E 23 55.46 22.50 8.32
N GLN E 24 56.44 21.60 8.39
CA GLN E 24 57.82 22.06 8.43
C GLN E 24 58.33 22.46 7.05
N VAL E 25 57.84 21.82 5.99
CA VAL E 25 58.32 22.16 4.65
C VAL E 25 57.84 23.55 4.24
N PHE E 26 56.60 23.89 4.57
CA PHE E 26 56.11 25.22 4.27
C PHE E 26 56.73 26.25 5.22
N ALA E 27 57.04 25.84 6.45
CA ALA E 27 57.72 26.73 7.37
C ALA E 27 59.15 27.02 6.91
N ASP E 28 59.82 26.02 6.33
CA ASP E 28 61.16 26.23 5.79
C ASP E 28 61.16 27.15 4.58
N ALA E 29 59.99 27.47 4.03
CA ALA E 29 59.87 28.36 2.88
C ALA E 29 59.24 29.70 3.24
N GLY E 30 59.04 29.98 4.54
CA GLY E 30 58.52 31.25 4.96
C GLY E 30 57.01 31.38 4.89
N TRP E 31 56.29 30.33 4.52
CA TRP E 31 54.85 30.40 4.44
C TRP E 31 54.24 30.40 5.84
N SER E 32 53.25 31.27 6.04
CA SER E 32 52.48 31.23 7.28
C SER E 32 51.62 29.98 7.31
N LEU E 33 51.42 29.45 8.51
CA LEU E 33 50.80 28.14 8.69
C LEU E 33 49.48 28.26 9.44
N VAL E 34 48.51 27.45 9.03
CA VAL E 34 47.25 27.28 9.74
C VAL E 34 47.05 25.77 9.86
N LEU E 35 47.30 25.22 11.04
CA LEU E 35 47.31 23.77 11.25
C LEU E 35 46.08 23.37 12.07
N SER E 36 45.38 22.35 11.61
CA SER E 36 44.17 21.88 12.26
C SER E 36 44.33 20.41 12.67
N GLY E 37 43.33 19.90 13.34
CA GLY E 37 43.37 18.56 13.87
C GLY E 37 42.60 18.49 15.17
N ARG E 38 42.57 17.29 15.73
CA ARG E 38 41.82 17.05 16.96
C ARG E 38 42.70 16.97 18.21
N ARG E 39 43.94 16.52 18.06
CA ARG E 39 44.87 16.41 19.19
C ARG E 39 45.50 17.77 19.43
N PHE E 40 44.90 18.56 20.32
CA PHE E 40 45.37 19.92 20.56
C PHE E 40 46.76 19.95 21.16
N GLU E 41 47.10 18.97 21.99
CA GLU E 41 48.43 18.99 22.60
C GLU E 41 49.52 18.64 21.60
N ARG E 42 49.16 18.13 20.43
CA ARG E 42 50.11 17.94 19.34
C ARG E 42 50.27 19.19 18.50
N LEU E 43 49.23 20.03 18.45
CA LEU E 43 49.35 21.31 17.75
C LEU E 43 50.25 22.28 18.50
N LYS E 44 50.24 22.23 19.84
CA LYS E 44 51.11 23.11 20.61
C LYS E 44 52.57 22.71 20.46
N THR E 45 52.86 21.41 20.42
CA THR E 45 54.24 20.99 20.21
C THR E 45 54.74 21.36 18.83
N LEU E 46 53.88 21.26 17.81
CA LEU E 46 54.28 21.66 16.47
C LEU E 46 54.35 23.17 16.34
N GLN E 47 53.48 23.89 17.05
CA GLN E 47 53.52 25.35 17.04
C GLN E 47 54.80 25.86 17.69
N ASP E 48 55.17 25.29 18.84
CA ASP E 48 56.38 25.72 19.53
C ASP E 48 57.63 25.32 18.75
N LYS E 49 57.55 24.23 17.98
CA LYS E 49 58.66 23.80 17.14
C LYS E 49 58.81 24.64 15.88
N LEU E 50 57.73 25.26 15.40
CA LEU E 50 57.77 25.98 14.13
C LEU E 50 57.62 27.49 14.27
N ALA E 51 57.23 27.99 15.44
CA ALA E 51 57.13 29.44 15.62
C ALA E 51 58.49 30.13 15.51
N SER E 52 59.59 29.40 15.78
CA SER E 52 60.92 29.95 15.60
C SER E 52 61.22 30.30 14.15
N GLN E 53 60.39 29.89 13.20
CA GLN E 53 60.58 30.15 11.78
C GLN E 53 59.50 31.06 11.22
N VAL E 54 58.24 30.71 11.42
CA VAL E 54 57.11 31.41 10.79
C VAL E 54 55.98 31.52 11.79
N PRO E 55 55.13 32.53 11.66
CA PRO E 55 53.93 32.58 12.51
C PRO E 55 53.03 31.38 12.22
N VAL E 56 52.56 30.77 13.30
CA VAL E 56 51.75 29.55 13.22
C VAL E 56 50.45 29.80 13.97
N HIS E 57 49.35 29.38 13.36
CA HIS E 57 48.03 29.48 13.98
C HIS E 57 47.40 28.10 13.96
N ILE E 58 47.13 27.55 15.15
CA ILE E 58 46.61 26.20 15.29
C ILE E 58 45.13 26.26 15.65
N ILE E 59 44.40 25.23 15.23
CA ILE E 59 42.96 25.13 15.48
C ILE E 59 42.64 23.69 15.84
N GLU E 60 41.97 23.50 16.98
CA GLU E 60 41.41 22.20 17.33
C GLU E 60 40.08 22.06 16.60
N LEU E 61 40.07 21.28 15.52
CA LEU E 61 38.91 21.20 14.65
C LEU E 61 38.67 19.76 14.26
N ASP E 62 37.41 19.32 14.37
CA ASP E 62 36.98 18.03 13.84
C ASP E 62 36.24 18.32 12.54
N VAL E 63 36.81 17.88 11.42
CA VAL E 63 36.26 18.18 10.11
C VAL E 63 34.88 17.56 9.90
N ARG E 64 34.48 16.62 10.75
CA ARG E 64 33.15 16.01 10.66
C ARG E 64 32.05 16.93 11.17
N ASP E 65 32.40 18.01 11.87
CA ASP E 65 31.44 18.98 12.35
C ASP E 65 31.47 20.16 11.39
N SER E 66 30.43 20.26 10.56
CA SER E 66 30.40 21.32 9.55
C SER E 66 30.25 22.69 10.19
N ASP E 67 29.47 22.79 11.27
CA ASP E 67 29.30 24.07 11.94
C ASP E 67 30.60 24.52 12.61
N SER E 68 31.35 23.59 13.17
CA SER E 68 32.64 23.94 13.77
C SER E 68 33.63 24.38 12.70
N VAL E 69 33.63 23.70 11.55
CA VAL E 69 34.53 24.08 10.47
C VAL E 69 34.17 25.46 9.92
N ALA E 70 32.88 25.73 9.73
CA ALA E 70 32.45 27.03 9.23
C ALA E 70 32.77 28.14 10.21
N ALA E 71 32.59 27.88 11.51
CA ALA E 71 32.88 28.91 12.51
C ALA E 71 34.38 29.17 12.61
N ALA E 72 35.20 28.13 12.48
CA ALA E 72 36.65 28.30 12.58
C ALA E 72 37.17 29.16 11.44
N VAL E 73 36.59 29.02 10.24
CA VAL E 73 37.06 29.82 9.11
C VAL E 73 36.53 31.24 9.22
N ALA E 74 35.29 31.41 9.71
CA ALA E 74 34.72 32.75 9.84
C ALA E 74 35.43 33.57 10.90
N ALA E 75 35.95 32.94 11.95
CA ALA E 75 36.63 33.64 13.03
C ALA E 75 38.14 33.71 12.83
N LEU E 76 38.62 33.53 11.61
CA LEU E 76 40.05 33.56 11.37
C LEU E 76 40.60 34.99 11.47
N PRO E 77 41.73 35.18 12.14
CA PRO E 77 42.35 36.51 12.17
C PRO E 77 42.83 36.92 10.78
N ALA E 78 43.08 38.21 10.62
CA ALA E 78 43.40 38.75 9.30
C ALA E 78 44.77 38.30 8.80
N ASP E 79 45.76 38.14 9.69
CA ASP E 79 47.09 37.71 9.24
C ASP E 79 47.14 36.24 8.88
N PHE E 80 46.00 35.58 8.83
CA PHE E 80 45.84 34.17 8.47
C PHE E 80 44.66 33.92 7.55
N ALA E 81 43.59 34.71 7.64
CA ALA E 81 42.36 34.49 6.87
C ALA E 81 42.59 34.39 5.37
N ASP E 82 43.57 35.10 4.82
CA ASP E 82 43.80 35.08 3.38
C ASP E 82 44.66 33.87 3.04
N ILE E 83 43.99 32.75 2.80
CA ILE E 83 44.67 31.49 2.55
C ILE E 83 45.03 31.39 1.08
N THR E 84 46.30 31.06 0.80
CA THR E 84 46.77 30.81 -0.54
C THR E 84 46.58 29.36 -0.95
N THR E 85 46.90 28.42 -0.07
CA THR E 85 46.81 27.00 -0.35
C THR E 85 45.97 26.32 0.72
N LEU E 86 44.99 25.53 0.29
CA LEU E 86 44.22 24.68 1.19
C LEU E 86 44.63 23.24 0.89
N ILE E 87 45.11 22.54 1.92
CA ILE E 87 45.52 21.16 1.80
C ILE E 87 44.51 20.32 2.56
N ASN E 88 43.62 19.63 1.82
CA ASN E 88 42.61 18.77 2.42
C ASN E 88 43.24 17.42 2.71
N ASN E 89 44.00 17.37 3.80
CA ASN E 89 44.78 16.20 4.17
C ASN E 89 44.10 15.31 5.20
N ALA E 90 43.21 15.87 6.02
CA ALA E 90 42.58 15.09 7.08
C ALA E 90 41.83 13.89 6.51
N GLY E 91 42.30 12.70 6.87
CA GLY E 91 41.66 11.47 6.41
C GLY E 91 42.19 10.28 7.17
N LEU E 92 41.55 9.14 6.93
CA LEU E 92 41.89 7.90 7.63
C LEU E 92 41.25 6.72 6.91
N ALA E 93 41.83 5.55 7.13
CA ALA E 93 41.24 4.30 6.68
C ALA E 93 41.05 3.41 7.89
N LEU E 94 40.07 2.51 7.82
CA LEU E 94 39.80 1.58 8.90
C LEU E 94 39.39 0.23 8.33
N SER E 95 39.45 -0.78 9.20
CA SER E 95 39.02 -2.16 8.95
C SER E 95 39.57 -2.70 7.63
N PRO E 96 40.79 -3.23 7.62
CA PRO E 96 41.36 -3.81 6.40
C PRO E 96 40.80 -5.18 6.03
N GLN E 97 39.84 -5.70 6.79
CA GLN E 97 39.26 -7.00 6.50
C GLN E 97 38.31 -6.88 5.31
N PRO E 98 37.88 -8.00 4.74
CA PRO E 98 36.88 -7.94 3.67
C PRO E 98 35.64 -7.19 4.09
N ALA E 99 34.90 -6.69 3.11
CA ALA E 99 33.75 -5.82 3.38
C ALA E 99 32.68 -6.52 4.20
N GLN E 100 32.48 -7.82 3.98
CA GLN E 100 31.44 -8.55 4.70
C GLN E 100 31.77 -8.75 6.17
N LYS E 101 32.93 -8.29 6.63
CA LYS E 101 33.34 -8.42 8.02
C LYS E 101 33.69 -7.06 8.63
N VAL E 102 33.09 -6.00 8.10
CA VAL E 102 33.33 -4.63 8.55
C VAL E 102 32.11 -4.12 9.31
N ASP E 103 32.36 -3.43 10.43
CA ASP E 103 31.28 -2.77 11.16
C ASP E 103 30.89 -1.49 10.46
N LEU E 104 29.60 -1.17 10.51
CA LEU E 104 29.10 -0.02 9.74
C LEU E 104 29.58 1.31 10.32
N ASP E 105 29.92 1.34 11.61
CA ASP E 105 30.43 2.59 12.18
C ASP E 105 31.82 2.93 11.66
N ASP E 106 32.60 1.94 11.28
CA ASP E 106 33.90 2.23 10.67
C ASP E 106 33.73 2.77 9.26
N TRP E 107 32.71 2.27 8.54
CA TRP E 107 32.40 2.81 7.23
C TRP E 107 31.91 4.25 7.33
N LYS E 108 31.11 4.55 8.36
CA LYS E 108 30.62 5.91 8.55
C LYS E 108 31.75 6.86 8.90
N THR E 109 32.72 6.40 9.69
CA THR E 109 33.83 7.27 10.08
C THR E 109 34.67 7.68 8.88
N MET E 110 34.88 6.75 7.94
CA MET E 110 35.66 7.09 6.74
C MET E 110 34.89 8.06 5.85
N ILE E 111 33.58 7.83 5.68
CA ILE E 111 32.76 8.73 4.87
C ILE E 111 32.65 10.09 5.54
N ASP E 112 32.51 10.12 6.87
CA ASP E 112 32.38 11.39 7.57
C ASP E 112 33.65 12.23 7.50
N THR E 113 34.82 11.58 7.37
CA THR E 113 36.10 12.27 7.39
C THR E 113 36.66 12.51 5.99
N ASN E 114 36.72 11.46 5.15
CA ASN E 114 37.35 11.60 3.84
C ASN E 114 36.43 12.27 2.83
N VAL E 115 35.11 12.16 3.01
CA VAL E 115 34.17 12.74 2.06
C VAL E 115 33.56 14.00 2.63
N THR E 116 32.69 13.85 3.64
CA THR E 116 32.02 15.01 4.22
C THR E 116 33.02 15.98 4.83
N GLY E 117 34.03 15.45 5.53
CA GLY E 117 35.02 16.33 6.13
C GLY E 117 35.79 17.12 5.10
N LEU E 118 36.05 16.53 3.94
CA LEU E 118 36.79 17.24 2.90
C LEU E 118 35.92 18.29 2.22
N VAL E 119 34.64 17.99 2.01
CA VAL E 119 33.76 18.98 1.40
C VAL E 119 33.37 20.05 2.42
N ASN E 120 33.39 19.71 3.71
CA ASN E 120 33.09 20.73 4.73
C ASN E 120 34.13 21.83 4.72
N VAL E 121 35.42 21.46 4.63
CA VAL E 121 36.48 22.46 4.67
C VAL E 121 36.51 23.27 3.37
N THR E 122 36.27 22.61 2.23
CA THR E 122 36.29 23.33 0.96
C THR E 122 35.15 24.33 0.87
N HIS E 123 33.94 23.93 1.28
CA HIS E 123 32.80 24.84 1.22
C HIS E 123 33.04 26.09 2.05
N ALA E 124 33.62 25.92 3.24
CA ALA E 124 33.86 27.07 4.11
C ALA E 124 34.95 27.98 3.56
N LEU E 125 35.93 27.41 2.85
CA LEU E 125 37.09 28.15 2.37
C LEU E 125 37.00 28.52 0.91
N LEU E 126 35.95 28.09 0.21
CA LEU E 126 35.82 28.41 -1.21
C LEU E 126 35.79 29.91 -1.48
N PRO E 127 34.99 30.72 -0.77
CA PRO E 127 35.03 32.17 -1.02
C PRO E 127 36.39 32.78 -0.73
N THR E 128 37.11 32.26 0.28
CA THR E 128 38.42 32.80 0.61
C THR E 128 39.41 32.55 -0.52
N LEU E 129 39.42 31.35 -1.07
CA LEU E 129 40.38 31.02 -2.13
C LEU E 129 40.04 31.75 -3.43
N ILE E 130 38.75 31.93 -3.73
CA ILE E 130 38.38 32.67 -4.93
C ILE E 130 38.73 34.15 -4.78
N ASN E 131 38.55 34.70 -3.58
CA ASN E 131 38.94 36.10 -3.34
C ASN E 131 40.46 36.28 -3.32
N HIS E 132 41.22 35.19 -3.37
CA HIS E 132 42.67 35.28 -3.50
C HIS E 132 42.96 35.46 -4.98
N GLY E 133 42.73 34.41 -5.77
CA GLY E 133 42.73 34.59 -7.20
C GLY E 133 43.85 33.84 -7.87
N ALA E 134 44.94 34.56 -8.16
CA ALA E 134 46.04 33.98 -8.90
C ALA E 134 47.04 33.40 -7.91
N GLY E 135 47.27 32.10 -8.02
CA GLY E 135 48.14 31.37 -7.13
C GLY E 135 47.42 30.51 -6.13
N ALA E 136 46.09 30.60 -6.06
CA ALA E 136 45.33 29.80 -5.11
C ALA E 136 45.30 28.35 -5.56
N SER E 137 45.39 27.45 -4.58
CA SER E 137 45.42 26.02 -4.87
C SER E 137 44.60 25.27 -3.83
N ILE E 138 43.81 24.31 -4.31
CA ILE E 138 43.14 23.35 -3.45
C ILE E 138 43.79 22.00 -3.69
N ILE E 139 44.60 21.55 -2.74
CA ILE E 139 45.31 20.28 -2.84
C ILE E 139 44.50 19.25 -2.06
N ASN E 140 43.72 18.44 -2.78
CA ASN E 140 43.00 17.35 -2.17
C ASN E 140 43.90 16.12 -2.13
N ILE E 141 44.07 15.54 -0.95
CA ILE E 141 44.94 14.38 -0.78
C ILE E 141 44.09 13.14 -1.04
N GLY E 142 44.20 12.61 -2.26
CA GLY E 142 43.54 11.37 -2.61
C GLY E 142 44.42 10.19 -2.31
N SER E 143 44.39 9.18 -3.17
CA SER E 143 45.22 7.99 -2.97
C SER E 143 45.20 7.17 -4.25
N ILE E 144 46.19 6.28 -4.36
CA ILE E 144 46.14 5.29 -5.44
C ILE E 144 44.91 4.41 -5.28
N ALA E 145 44.41 4.27 -4.05
CA ALA E 145 43.21 3.48 -3.80
C ALA E 145 41.97 4.10 -4.44
N GLY E 146 42.02 5.39 -4.75
CA GLY E 146 40.93 6.06 -5.44
C GLY E 146 40.84 5.75 -6.91
N GLN E 147 41.75 4.94 -7.43
CA GLN E 147 41.78 4.55 -8.83
C GLN E 147 41.87 3.05 -9.01
N TRP E 148 42.63 2.35 -8.18
CA TRP E 148 42.88 0.93 -8.35
C TRP E 148 42.19 0.14 -7.24
N PRO E 149 41.31 -0.79 -7.58
CA PRO E 149 40.65 -1.58 -6.54
C PRO E 149 41.54 -2.71 -6.03
N TYR E 150 41.33 -3.07 -4.76
CA TYR E 150 42.07 -4.14 -4.13
C TYR E 150 41.31 -4.61 -2.90
N PRO E 151 41.55 -5.84 -2.44
CA PRO E 151 40.84 -6.34 -1.25
C PRO E 151 41.16 -5.54 -0.01
N GLY E 152 40.12 -5.29 0.79
CA GLY E 152 40.29 -4.56 2.03
C GLY E 152 40.17 -3.05 1.92
N SER E 153 40.01 -2.52 0.71
CA SER E 153 39.89 -1.09 0.51
C SER E 153 38.45 -0.59 0.61
N HIS E 154 37.48 -1.46 0.35
CA HIS E 154 36.04 -1.18 0.25
C HIS E 154 35.64 0.29 0.25
N VAL E 155 35.45 0.88 1.43
CA VAL E 155 34.99 2.26 1.50
C VAL E 155 36.14 3.27 1.51
N TYR E 156 37.33 2.86 1.95
CA TYR E 156 38.46 3.78 1.91
C TYR E 156 38.80 4.16 0.48
N GLY E 157 38.98 3.15 -0.38
CA GLY E 157 39.26 3.44 -1.78
C GLY E 157 38.14 4.19 -2.46
N ALA E 158 36.89 3.85 -2.13
CA ALA E 158 35.75 4.55 -2.72
C ALA E 158 35.73 6.01 -2.31
N SER E 159 36.06 6.31 -1.06
CA SER E 159 36.11 7.70 -0.63
C SER E 159 37.19 8.49 -1.36
N LYS E 160 38.31 7.84 -1.67
CA LYS E 160 39.36 8.53 -2.41
C LYS E 160 39.04 8.65 -3.89
N ALA E 161 38.14 7.81 -4.41
CA ALA E 161 37.63 8.03 -5.75
C ALA E 161 36.65 9.20 -5.77
N PHE E 162 35.90 9.39 -4.69
CA PHE E 162 35.11 10.61 -4.52
C PHE E 162 36.02 11.83 -4.58
N VAL E 163 37.15 11.79 -3.88
CA VAL E 163 38.05 12.94 -3.83
C VAL E 163 38.61 13.22 -5.22
N LYS E 164 38.90 12.17 -5.99
CA LYS E 164 39.42 12.36 -7.35
C LYS E 164 38.41 13.09 -8.23
N GLN E 165 37.18 12.60 -8.26
CA GLN E 165 36.17 13.21 -9.13
C GLN E 165 35.74 14.57 -8.61
N PHE E 166 35.68 14.73 -7.28
CA PHE E 166 35.36 16.03 -6.71
C PHE E 166 36.38 17.08 -7.11
N SER E 167 37.65 16.67 -7.23
CA SER E 167 38.70 17.59 -7.68
C SER E 167 38.48 17.98 -9.14
N TYR E 168 38.21 16.99 -9.99
CA TYR E 168 37.93 17.29 -11.39
C TYR E 168 36.72 18.19 -11.55
N ASN E 169 35.64 17.88 -10.81
CA ASN E 169 34.42 18.67 -10.93
C ASN E 169 34.62 20.10 -10.44
N LEU E 170 35.44 20.29 -9.41
CA LEU E 170 35.71 21.65 -8.94
C LEU E 170 36.36 22.50 -10.02
N ARG E 171 37.21 21.89 -10.85
CA ARG E 171 37.86 22.64 -11.93
C ARG E 171 36.85 23.14 -12.95
N CYS E 172 35.80 22.35 -13.22
CA CYS E 172 34.79 22.76 -14.19
C CYS E 172 34.03 23.99 -13.72
N ASP E 173 33.82 24.12 -12.41
CA ASP E 173 33.08 25.23 -11.85
C ASP E 173 33.96 26.42 -11.48
N LEU E 174 35.27 26.22 -11.33
CA LEU E 174 36.17 27.29 -10.94
C LEU E 174 36.92 27.89 -12.13
N LEU E 175 36.44 27.66 -13.35
CA LEU E 175 37.09 28.21 -14.54
C LEU E 175 36.99 29.72 -14.53
N GLY E 176 38.12 30.40 -14.71
CA GLY E 176 38.14 31.84 -14.72
C GLY E 176 38.46 32.51 -13.40
N THR E 177 38.45 31.75 -12.31
CA THR E 177 38.75 32.29 -10.99
C THR E 177 40.23 32.27 -10.65
N GLY E 178 41.06 31.58 -11.44
CA GLY E 178 42.46 31.46 -11.13
C GLY E 178 42.79 30.43 -10.07
N VAL E 179 41.78 29.86 -9.40
CA VAL E 179 41.99 28.89 -8.34
C VAL E 179 42.30 27.53 -8.93
N ARG E 180 43.29 26.84 -8.36
CA ARG E 180 43.76 25.57 -8.86
C ARG E 180 43.29 24.44 -7.95
N VAL E 181 42.94 23.30 -8.56
CA VAL E 181 42.50 22.11 -7.82
C VAL E 181 43.35 20.94 -8.27
N THR E 182 43.93 20.22 -7.30
CA THR E 182 44.84 19.12 -7.57
C THR E 182 44.51 17.94 -6.67
N ASP E 183 44.48 16.74 -7.25
CA ASP E 183 44.36 15.50 -6.49
C ASP E 183 45.76 14.90 -6.38
N LEU E 184 46.37 15.03 -5.20
CA LEU E 184 47.66 14.39 -4.92
C LEU E 184 47.39 13.00 -4.35
N ALA E 185 47.70 11.97 -5.15
CA ALA E 185 47.38 10.59 -4.79
C ALA E 185 48.65 9.80 -4.50
N PRO E 186 49.06 9.67 -3.24
CA PRO E 186 50.29 8.94 -2.92
C PRO E 186 50.04 7.44 -2.76
N GLY E 187 51.14 6.69 -2.80
CA GLY E 187 51.13 5.27 -2.56
C GLY E 187 51.37 4.92 -1.11
N ILE E 188 51.94 3.73 -0.89
CA ILE E 188 52.15 3.25 0.46
C ILE E 188 53.23 4.09 1.14
N ALA E 189 52.93 4.55 2.34
CA ALA E 189 53.83 5.42 3.09
C ALA E 189 53.76 5.06 4.57
N GLU E 190 54.91 5.08 5.23
CA GLU E 190 55.02 4.67 6.63
C GLU E 190 54.61 5.84 7.53
N THR E 191 53.37 5.83 7.99
CA THR E 191 52.88 6.85 8.89
C THR E 191 52.00 6.20 9.97
N GLU E 192 51.44 7.04 10.84
CA GLU E 192 50.38 6.61 11.76
C GLU E 192 49.15 6.12 11.01
N PHE E 193 49.20 6.14 9.67
CA PHE E 193 48.04 5.78 8.87
C PHE E 193 47.61 4.34 9.14
N THR E 194 48.53 3.39 8.95
CA THR E 194 48.19 1.99 9.19
C THR E 194 47.96 1.73 10.67
N LEU E 195 48.60 2.51 11.55
CA LEU E 195 48.34 2.36 12.98
C LEU E 195 46.89 2.67 13.30
N VAL E 196 46.36 3.77 12.74
CA VAL E 196 44.95 4.09 12.94
C VAL E 196 44.07 3.07 12.22
N ARG E 197 44.54 2.53 11.09
CA ARG E 197 43.71 1.64 10.31
C ARG E 197 43.49 0.30 11.00
N THR E 198 44.44 -0.12 11.84
CA THR E 198 44.30 -1.33 12.63
C THR E 198 43.87 -1.04 14.07
N LYS E 199 43.49 0.21 14.36
CA LYS E 199 43.01 0.61 15.68
C LYS E 199 44.08 0.44 16.76
N GLY E 200 45.35 0.58 16.40
CA GLY E 200 46.44 0.60 17.36
C GLY E 200 47.39 -0.58 17.35
N ASP E 201 47.34 -1.44 16.34
CA ASP E 201 48.24 -2.60 16.27
C ASP E 201 49.53 -2.14 15.60
N GLN E 202 50.51 -1.75 16.41
CA GLN E 202 51.79 -1.31 15.86
C GLN E 202 52.56 -2.46 15.22
N ALA E 203 52.37 -3.68 15.71
CA ALA E 203 53.01 -4.84 15.09
C ALA E 203 52.54 -5.02 13.65
N ALA E 204 51.22 -4.88 13.43
CA ALA E 204 50.69 -4.99 12.08
C ALA E 204 51.22 -3.88 11.17
N SER E 205 51.35 -2.67 11.71
CA SER E 205 51.90 -1.55 10.95
C SER E 205 53.40 -1.65 10.74
N ASP E 206 54.07 -2.59 11.40
CA ASP E 206 55.49 -2.81 11.18
C ASP E 206 55.78 -3.99 10.28
N ASN E 207 54.92 -5.02 10.30
CA ASN E 207 55.11 -6.12 9.37
C ASN E 207 54.78 -5.69 7.96
N LEU E 208 53.86 -4.74 7.82
CA LEU E 208 53.75 -3.96 6.60
C LEU E 208 54.85 -2.90 6.65
N TYR E 209 55.48 -2.63 5.51
CA TYR E 209 56.63 -1.77 5.29
C TYR E 209 57.94 -2.49 5.60
N ARG E 210 57.90 -3.73 6.12
CA ARG E 210 59.10 -4.43 6.53
C ARG E 210 59.80 -5.01 5.31
N GLY E 211 61.03 -4.58 5.04
CA GLY E 211 61.75 -5.08 3.90
C GLY E 211 61.52 -4.37 2.60
N THR E 212 60.85 -3.22 2.62
CA THR E 212 60.60 -2.42 1.43
C THR E 212 60.90 -0.96 1.74
N THR E 213 60.89 -0.13 0.69
CA THR E 213 61.13 1.31 0.83
C THR E 213 59.84 2.04 0.51
N PRO E 214 59.02 2.35 1.50
CA PRO E 214 57.78 3.09 1.25
C PRO E 214 58.07 4.59 1.10
N LEU E 215 57.03 5.35 0.82
CA LEU E 215 57.17 6.78 0.75
C LEU E 215 57.34 7.36 2.15
N SER E 216 58.10 8.44 2.23
CA SER E 216 58.27 9.16 3.48
C SER E 216 57.19 10.23 3.63
N ALA E 217 56.97 10.65 4.87
CA ALA E 217 56.03 11.73 5.11
C ALA E 217 56.52 13.03 4.48
N ARG E 218 57.84 13.23 4.44
CA ARG E 218 58.40 14.42 3.82
C ARG E 218 58.39 14.33 2.30
N ASP E 219 58.40 13.12 1.74
CA ASP E 219 58.31 12.97 0.29
C ASP E 219 56.99 13.53 -0.23
N ILE E 220 55.89 13.18 0.42
CA ILE E 220 54.59 13.71 0.02
C ILE E 220 54.46 15.17 0.42
N ALA E 221 55.06 15.55 1.55
CA ALA E 221 55.04 16.96 1.95
C ALA E 221 55.73 17.84 0.92
N GLU E 222 56.87 17.39 0.41
CA GLU E 222 57.56 18.13 -0.65
C GLU E 222 56.76 18.15 -1.94
N GLN E 223 55.85 17.20 -2.12
CA GLN E 223 54.95 17.24 -3.27
C GLN E 223 53.85 18.28 -3.07
N MET E 224 53.34 18.41 -1.85
CA MET E 224 52.37 19.45 -1.56
C MET E 224 52.95 20.83 -1.83
N PHE E 225 54.20 21.06 -1.41
CA PHE E 225 54.82 22.35 -1.66
C PHE E 225 55.08 22.57 -3.14
N TYR E 226 55.48 21.52 -3.86
CA TYR E 226 55.70 21.64 -5.29
C TYR E 226 54.44 22.06 -6.03
N ILE E 227 53.30 21.46 -5.66
CA ILE E 227 52.03 21.82 -6.28
C ILE E 227 51.62 23.24 -5.87
N ALA E 228 51.82 23.59 -4.60
CA ALA E 228 51.38 24.89 -4.12
C ALA E 228 52.16 26.03 -4.74
N THR E 229 53.44 25.82 -5.05
CA THR E 229 54.29 26.87 -5.61
C THR E 229 54.33 26.87 -7.12
N LEU E 230 53.46 26.09 -7.78
CA LEU E 230 53.43 26.06 -9.23
C LEU E 230 53.05 27.44 -9.78
N PRO E 231 53.59 27.82 -10.94
CA PRO E 231 53.20 29.10 -11.55
C PRO E 231 51.69 29.19 -11.72
N ASP E 232 51.19 30.43 -11.65
CA ASP E 232 49.74 30.65 -11.49
C ASP E 232 48.96 30.10 -12.68
N HIS E 233 49.55 30.04 -13.87
CA HIS E 233 48.81 29.57 -15.04
C HIS E 233 48.74 28.05 -15.16
N MET E 234 49.54 27.31 -14.39
CA MET E 234 49.55 25.86 -14.47
C MET E 234 48.65 25.25 -13.40
N ASN E 235 48.15 24.05 -13.69
CA ASN E 235 47.33 23.30 -12.75
C ASN E 235 47.56 21.82 -12.96
N ILE E 236 47.91 21.11 -11.89
CA ILE E 236 48.04 19.66 -11.94
C ILE E 236 46.66 19.08 -11.66
N ASN E 237 46.07 18.40 -12.63
CA ASN E 237 44.78 17.76 -12.40
C ASN E 237 44.91 16.64 -11.38
N ARG E 238 45.90 15.79 -11.54
CA ARG E 238 46.13 14.67 -10.63
C ARG E 238 47.57 14.19 -10.82
N VAL E 239 48.25 13.92 -9.71
CA VAL E 239 49.55 13.28 -9.73
C VAL E 239 49.51 12.08 -8.82
N GLU E 240 49.71 10.89 -9.39
CA GLU E 240 49.75 9.64 -8.63
C GLU E 240 51.21 9.24 -8.43
N VAL E 241 51.70 9.36 -7.21
CA VAL E 241 53.08 9.04 -6.87
C VAL E 241 53.10 7.77 -6.02
N MET E 242 53.81 6.75 -6.50
CA MET E 242 54.04 5.50 -5.82
C MET E 242 55.53 5.34 -5.51
N PRO E 243 55.87 4.59 -4.47
CA PRO E 243 57.26 4.14 -4.33
C PRO E 243 57.60 3.20 -5.47
N VAL E 244 58.83 3.33 -5.99
CA VAL E 244 59.25 2.51 -7.12
C VAL E 244 59.23 1.03 -6.79
N ARG E 245 59.10 0.69 -5.51
CA ARG E 245 58.94 -0.69 -5.07
C ARG E 245 57.48 -1.10 -4.96
N GLN E 246 56.55 -0.35 -5.55
CA GLN E 246 55.14 -0.69 -5.55
C GLN E 246 54.60 -0.68 -6.98
N ALA E 247 53.78 -1.69 -7.29
CA ALA E 247 53.17 -1.78 -8.61
C ALA E 247 51.84 -2.52 -8.51
N TRP E 248 51.48 -3.24 -9.58
CA TRP E 248 50.21 -3.96 -9.64
C TRP E 248 50.46 -5.44 -9.82
N GLN E 249 49.67 -6.26 -9.15
CA GLN E 249 49.76 -7.71 -9.26
C GLN E 249 48.84 -8.19 -10.37
N PRO E 250 48.99 -9.45 -10.80
CA PRO E 250 48.04 -10.00 -11.77
C PRO E 250 46.64 -10.08 -11.20
N PHE E 251 45.69 -10.43 -12.06
CA PHE E 251 44.29 -10.52 -11.63
C PHE E 251 44.12 -11.66 -10.63
N ALA E 252 43.27 -11.42 -9.63
CA ALA E 252 42.92 -12.47 -8.69
C ALA E 252 41.96 -13.45 -9.36
N ILE E 253 42.28 -14.74 -9.29
CA ILE E 253 41.46 -15.78 -9.88
C ILE E 253 41.12 -16.80 -8.79
N ASP E 254 39.82 -16.91 -8.49
CA ASP E 254 39.36 -17.91 -7.54
C ASP E 254 39.39 -19.29 -8.20
N ARG E 255 40.01 -20.26 -7.54
CA ARG E 255 40.19 -21.58 -8.13
C ARG E 255 39.69 -22.65 -7.17
N ASP E 256 39.81 -23.91 -7.61
CA ASP E 256 39.37 -25.08 -6.84
C ASP E 256 37.88 -25.03 -6.56
N SER F 6 -36.14 67.67 23.18
CA SER F 6 -34.90 68.34 22.82
C SER F 6 -34.10 67.48 21.86
N LYS F 7 -32.97 66.97 22.34
CA LYS F 7 -32.12 66.08 21.56
C LYS F 7 -32.26 64.67 22.14
N VAL F 8 -32.58 63.70 21.29
CA VAL F 8 -32.89 62.34 21.73
C VAL F 8 -31.92 61.40 21.03
N VAL F 9 -31.34 60.48 21.81
CA VAL F 9 -30.45 59.44 21.32
C VAL F 9 -31.10 58.08 21.57
N PHE F 10 -31.03 57.20 20.59
CA PHE F 10 -31.56 55.84 20.68
C PHE F 10 -30.37 54.88 20.80
N ILE F 11 -30.17 54.32 21.99
CA ILE F 11 -29.03 53.46 22.28
C ILE F 11 -29.53 52.03 22.48
N THR F 12 -29.08 51.11 21.63
CA THR F 12 -29.34 49.70 21.83
C THR F 12 -28.20 49.06 22.61
N GLY F 13 -28.55 48.07 23.44
CA GLY F 13 -27.57 47.45 24.30
C GLY F 13 -26.93 48.41 25.28
N ALA F 14 -27.74 49.10 26.06
CA ALA F 14 -27.26 50.11 26.99
C ALA F 14 -27.04 49.55 28.40
N THR F 15 -27.15 48.24 28.58
CA THR F 15 -27.01 47.64 29.90
C THR F 15 -25.56 47.50 30.34
N SER F 16 -24.61 47.54 29.43
CA SER F 16 -23.20 47.39 29.78
C SER F 16 -22.34 48.00 28.70
N GLY F 17 -21.04 48.11 28.99
CA GLY F 17 -20.06 48.45 27.98
C GLY F 17 -20.28 49.82 27.36
N PHE F 18 -20.14 49.88 26.03
CA PHE F 18 -20.27 51.13 25.31
C PHE F 18 -21.64 51.76 25.54
N GLY F 19 -22.70 50.95 25.46
CA GLY F 19 -24.03 51.48 25.62
C GLY F 19 -24.25 52.09 27.01
N GLU F 20 -23.75 51.41 28.05
CA GLU F 20 -23.89 51.95 29.39
C GLU F 20 -23.09 53.24 29.55
N ALA F 21 -21.90 53.31 28.96
CA ALA F 21 -21.11 54.53 29.04
C ALA F 21 -21.73 55.63 28.17
N ALA F 22 -22.30 55.27 27.02
CA ALA F 22 -22.92 56.27 26.16
C ALA F 22 -24.14 56.89 26.82
N ALA F 23 -24.87 56.13 27.63
CA ALA F 23 -26.04 56.68 28.31
C ALA F 23 -25.63 57.80 29.25
N GLN F 24 -24.50 57.65 29.93
CA GLN F 24 -24.04 58.68 30.87
C GLN F 24 -23.40 59.86 30.15
N VAL F 25 -22.75 59.61 29.01
CA VAL F 25 -22.09 60.69 28.27
C VAL F 25 -23.12 61.61 27.63
N PHE F 26 -24.19 61.03 27.06
CA PHE F 26 -25.22 61.86 26.44
C PHE F 26 -26.09 62.54 27.50
N ALA F 27 -26.25 61.92 28.66
CA ALA F 27 -27.03 62.55 29.73
C ALA F 27 -26.31 63.78 30.27
N ASP F 28 -24.98 63.73 30.35
CA ASP F 28 -24.21 64.88 30.83
C ASP F 28 -24.29 66.06 29.87
N ALA F 29 -24.84 65.88 28.68
CA ALA F 29 -24.98 66.94 27.70
C ALA F 29 -26.42 67.37 27.51
N GLY F 30 -27.34 66.88 28.36
CA GLY F 30 -28.73 67.26 28.29
C GLY F 30 -29.57 66.50 27.29
N TRP F 31 -29.02 65.49 26.63
CA TRP F 31 -29.78 64.72 25.65
C TRP F 31 -30.79 63.82 26.36
N SER F 32 -32.01 63.75 25.83
CA SER F 32 -32.96 62.77 26.29
C SER F 32 -32.54 61.38 25.83
N LEU F 33 -32.83 60.38 26.66
CA LEU F 33 -32.27 59.04 26.48
C LEU F 33 -33.37 58.03 26.18
N VAL F 34 -33.07 57.09 25.29
CA VAL F 34 -33.91 55.93 25.02
C VAL F 34 -33.00 54.72 25.06
N LEU F 35 -33.05 53.97 26.16
CA LEU F 35 -32.14 52.86 26.39
C LEU F 35 -32.90 51.55 26.28
N SER F 36 -32.36 50.62 25.49
CA SER F 36 -32.98 49.32 25.28
C SER F 36 -32.01 48.21 25.69
N GLY F 37 -32.50 46.98 25.61
CA GLY F 37 -31.72 45.84 26.05
C GLY F 37 -32.65 44.77 26.59
N ARG F 38 -32.04 43.66 27.03
CA ARG F 38 -32.79 42.52 27.52
C ARG F 38 -32.82 42.43 29.04
N ARG F 39 -31.77 42.91 29.71
CA ARG F 39 -31.72 42.91 31.17
C ARG F 39 -32.48 44.14 31.68
N PHE F 40 -33.78 43.97 31.92
CA PHE F 40 -34.61 45.09 32.33
C PHE F 40 -34.24 45.59 33.73
N GLU F 41 -33.76 44.70 34.60
CA GLU F 41 -33.41 45.13 35.95
C GLU F 41 -32.13 45.95 35.97
N ARG F 42 -31.36 45.94 34.89
CA ARG F 42 -30.24 46.86 34.74
C ARG F 42 -30.67 48.17 34.11
N LEU F 43 -31.70 48.12 33.26
CA LEU F 43 -32.25 49.35 32.69
C LEU F 43 -32.99 50.17 33.72
N LYS F 44 -33.66 49.50 34.66
CA LYS F 44 -34.37 50.22 35.71
C LYS F 44 -33.38 50.91 36.64
N THR F 45 -32.26 50.25 36.94
CA THR F 45 -31.23 50.88 37.77
C THR F 45 -30.60 52.06 37.05
N LEU F 46 -30.42 51.95 35.73
CA LEU F 46 -29.83 53.04 34.97
C LEU F 46 -30.77 54.24 34.87
N GLN F 47 -32.09 53.98 34.85
CA GLN F 47 -33.05 55.07 34.82
C GLN F 47 -33.00 55.88 36.11
N ASP F 48 -32.88 55.20 37.26
CA ASP F 48 -32.87 55.90 38.54
C ASP F 48 -31.64 56.79 38.70
N LYS F 49 -30.51 56.39 38.10
CA LYS F 49 -29.30 57.18 38.19
C LYS F 49 -29.29 58.38 37.23
N LEU F 50 -30.04 58.31 36.13
CA LEU F 50 -29.97 59.34 35.11
C LEU F 50 -31.24 60.17 34.98
N ALA F 51 -32.34 59.78 35.61
CA ALA F 51 -33.57 60.56 35.52
C ALA F 51 -33.40 61.96 36.11
N SER F 52 -32.42 62.15 36.99
CA SER F 52 -32.11 63.49 37.49
C SER F 52 -31.67 64.40 36.36
N GLN F 53 -30.54 64.07 35.72
CA GLN F 53 -30.01 64.90 34.64
C GLN F 53 -30.99 65.02 33.48
N VAL F 54 -31.48 63.88 32.98
CA VAL F 54 -32.21 63.88 31.70
C VAL F 54 -33.41 62.95 31.81
N PRO F 55 -34.44 63.22 31.01
CA PRO F 55 -35.56 62.28 30.90
C PRO F 55 -35.09 60.98 30.27
N VAL F 56 -35.51 59.85 30.85
CA VAL F 56 -35.04 58.54 30.42
C VAL F 56 -36.25 57.67 30.10
N HIS F 57 -36.18 56.96 28.98
CA HIS F 57 -37.20 56.01 28.57
C HIS F 57 -36.51 54.67 28.31
N ILE F 58 -36.86 53.65 29.10
CA ILE F 58 -36.23 52.35 29.02
C ILE F 58 -37.18 51.37 28.34
N ILE F 59 -36.60 50.42 27.63
CA ILE F 59 -37.36 49.42 26.87
C ILE F 59 -36.69 48.06 27.03
N GLU F 60 -37.45 47.06 27.43
CA GLU F 60 -36.97 45.68 27.42
C GLU F 60 -37.11 45.17 25.99
N LEU F 61 -36.00 45.12 25.26
CA LEU F 61 -36.03 44.82 23.84
C LEU F 61 -34.91 43.85 23.47
N ASP F 62 -35.26 42.80 22.74
CA ASP F 62 -34.31 41.91 22.08
C ASP F 62 -34.31 42.26 20.61
N VAL F 63 -33.18 42.77 20.11
CA VAL F 63 -33.09 43.25 18.74
C VAL F 63 -33.27 42.14 17.70
N ARG F 64 -33.21 40.87 18.12
CA ARG F 64 -33.40 39.78 17.17
C ARG F 64 -34.85 39.59 16.75
N ASP F 65 -35.81 40.19 17.47
CA ASP F 65 -37.22 40.09 17.11
C ASP F 65 -37.64 41.39 16.42
N SER F 66 -37.87 41.31 15.11
CA SER F 66 -38.21 42.52 14.36
C SER F 66 -39.56 43.08 14.78
N ASP F 67 -40.52 42.19 15.10
CA ASP F 67 -41.83 42.66 15.52
C ASP F 67 -41.77 43.38 16.86
N SER F 68 -40.90 42.91 17.76
CA SER F 68 -40.73 43.60 19.04
C SER F 68 -40.08 44.96 18.85
N VAL F 69 -39.11 45.06 17.94
CA VAL F 69 -38.46 46.34 17.68
C VAL F 69 -39.44 47.33 17.05
N ALA F 70 -40.23 46.86 16.08
CA ALA F 70 -41.20 47.74 15.44
C ALA F 70 -42.26 48.21 16.42
N ALA F 71 -42.73 47.32 17.29
CA ALA F 71 -43.71 47.73 18.29
C ALA F 71 -43.10 48.66 19.32
N ALA F 72 -41.84 48.42 19.70
CA ALA F 72 -41.19 49.26 20.70
C ALA F 72 -40.98 50.68 20.19
N VAL F 73 -40.69 50.84 18.90
CA VAL F 73 -40.48 52.16 18.33
C VAL F 73 -41.82 52.86 18.10
N ALA F 74 -42.86 52.11 17.73
CA ALA F 74 -44.17 52.70 17.51
C ALA F 74 -44.77 53.24 18.81
N ALA F 75 -44.43 52.64 19.94
CA ALA F 75 -44.98 53.04 21.23
C ALA F 75 -44.15 54.12 21.93
N LEU F 76 -43.33 54.84 21.19
CA LEU F 76 -42.50 55.89 21.81
C LEU F 76 -43.35 57.09 22.19
N PRO F 77 -43.17 57.64 23.39
CA PRO F 77 -43.90 58.86 23.78
C PRO F 77 -43.49 60.05 22.93
N ALA F 78 -44.29 61.11 23.02
CA ALA F 78 -44.09 62.29 22.18
C ALA F 78 -42.79 63.02 22.53
N ASP F 79 -42.39 63.03 23.80
CA ASP F 79 -41.15 63.67 24.22
C ASP F 79 -39.91 62.82 23.91
N PHE F 80 -40.07 61.76 23.12
CA PHE F 80 -39.00 60.84 22.76
C PHE F 80 -38.99 60.45 21.29
N ALA F 81 -40.17 60.36 20.64
CA ALA F 81 -40.28 59.83 19.29
C ALA F 81 -39.35 60.48 18.28
N ASP F 82 -38.98 61.75 18.49
CA ASP F 82 -38.14 62.45 17.51
C ASP F 82 -36.67 62.11 17.78
N ILE F 83 -36.21 61.04 17.13
CA ILE F 83 -34.85 60.55 17.35
C ILE F 83 -33.88 61.35 16.50
N THR F 84 -32.83 61.87 17.14
CA THR F 84 -31.79 62.57 16.40
C THR F 84 -30.68 61.62 15.94
N THR F 85 -30.15 60.81 16.85
CA THR F 85 -29.05 59.91 16.55
C THR F 85 -29.39 58.51 17.04
N LEU F 86 -29.20 57.53 16.16
CA LEU F 86 -29.37 56.12 16.50
C LEU F 86 -28.01 55.44 16.58
N ILE F 87 -27.74 54.80 17.71
CA ILE F 87 -26.50 54.08 17.95
C ILE F 87 -26.82 52.59 17.92
N ASN F 88 -26.44 51.92 16.84
CA ASN F 88 -26.64 50.48 16.71
C ASN F 88 -25.48 49.79 17.43
N ASN F 89 -25.57 49.79 18.76
CA ASN F 89 -24.48 49.29 19.58
C ASN F 89 -24.68 47.85 20.06
N ALA F 90 -25.93 47.40 20.18
CA ALA F 90 -26.19 46.06 20.68
C ALA F 90 -25.51 45.02 19.81
N GLY F 91 -24.56 44.30 20.38
CA GLY F 91 -23.83 43.28 19.67
C GLY F 91 -23.05 42.43 20.65
N LEU F 92 -22.47 41.35 20.12
CA LEU F 92 -21.79 40.37 20.97
C LEU F 92 -20.91 39.48 20.11
N ALA F 93 -19.91 38.89 20.77
CA ALA F 93 -19.08 37.85 20.18
C ALA F 93 -19.13 36.60 21.06
N LEU F 94 -18.90 35.45 20.45
CA LEU F 94 -18.85 34.18 21.15
C LEU F 94 -17.79 33.28 20.52
N SER F 95 -17.42 32.23 21.26
CA SER F 95 -16.52 31.17 20.85
C SER F 95 -15.24 31.67 20.17
N PRO F 96 -14.22 32.02 20.94
CA PRO F 96 -12.95 32.46 20.34
C PRO F 96 -12.10 31.32 19.78
N GLN F 97 -12.59 30.08 19.84
CA GLN F 97 -11.83 28.94 19.34
C GLN F 97 -11.84 28.96 17.81
N PRO F 98 -10.98 28.16 17.18
CA PRO F 98 -11.01 28.08 15.70
C PRO F 98 -12.39 27.72 15.17
N ALA F 99 -12.62 28.09 13.91
CA ALA F 99 -13.95 27.91 13.31
C ALA F 99 -14.36 26.45 13.25
N GLN F 100 -13.40 25.54 13.03
CA GLN F 100 -13.71 24.13 12.94
C GLN F 100 -14.10 23.51 14.28
N LYS F 101 -14.08 24.27 15.37
CA LYS F 101 -14.46 23.76 16.68
C LYS F 101 -15.55 24.63 17.31
N VAL F 102 -16.36 25.28 16.47
CA VAL F 102 -17.44 26.15 16.92
C VAL F 102 -18.76 25.48 16.62
N ASP F 103 -19.69 25.55 17.58
CA ASP F 103 -21.04 25.06 17.37
C ASP F 103 -21.82 26.08 16.54
N LEU F 104 -22.70 25.57 15.67
CA LEU F 104 -23.41 26.46 14.76
C LEU F 104 -24.43 27.34 15.47
N ASP F 105 -24.87 26.95 16.66
CA ASP F 105 -25.80 27.79 17.41
C ASP F 105 -25.15 29.10 17.86
N ASP F 106 -23.84 29.09 18.09
CA ASP F 106 -23.14 30.32 18.43
C ASP F 106 -22.97 31.22 17.21
N TRP F 107 -22.74 30.62 16.04
CA TRP F 107 -22.67 31.41 14.81
C TRP F 107 -24.01 32.06 14.51
N LYS F 108 -25.10 31.33 14.74
CA LYS F 108 -26.43 31.88 14.48
C LYS F 108 -26.74 33.04 15.43
N THR F 109 -26.27 32.96 16.67
CA THR F 109 -26.52 34.03 17.63
C THR F 109 -25.85 35.33 17.21
N MET F 110 -24.63 35.25 16.66
CA MET F 110 -23.93 36.45 16.23
C MET F 110 -24.61 37.08 15.02
N ILE F 111 -25.02 36.25 14.06
CA ILE F 111 -25.68 36.77 12.86
C ILE F 111 -27.02 37.40 13.21
N ASP F 112 -27.76 36.78 14.13
CA ASP F 112 -29.09 37.30 14.47
C ASP F 112 -29.02 38.65 15.16
N THR F 113 -27.93 38.93 15.87
CA THR F 113 -27.81 40.14 16.67
C THR F 113 -27.03 41.24 15.96
N ASN F 114 -25.84 40.92 15.45
CA ASN F 114 -25.00 41.95 14.84
C ASN F 114 -25.44 42.29 13.41
N VAL F 115 -26.09 41.37 12.72
CA VAL F 115 -26.52 41.60 11.34
C VAL F 115 -28.02 41.85 11.29
N THR F 116 -28.82 40.80 11.54
CA THR F 116 -30.26 40.95 11.48
C THR F 116 -30.76 41.96 12.51
N GLY F 117 -30.22 41.90 13.73
CA GLY F 117 -30.63 42.85 14.76
C GLY F 117 -30.30 44.28 14.40
N LEU F 118 -29.17 44.49 13.72
CA LEU F 118 -28.76 45.84 13.38
C LEU F 118 -29.64 46.41 12.25
N VAL F 119 -30.04 45.56 11.30
CA VAL F 119 -30.93 46.04 10.26
C VAL F 119 -32.36 46.17 10.78
N ASN F 120 -32.73 45.38 11.79
CA ASN F 120 -34.07 45.49 12.37
C ASN F 120 -34.28 46.86 13.00
N VAL F 121 -33.29 47.34 13.77
CA VAL F 121 -33.42 48.65 14.39
C VAL F 121 -33.33 49.75 13.34
N THR F 122 -32.49 49.55 12.33
CA THR F 122 -32.36 50.56 11.27
C THR F 122 -33.65 50.66 10.46
N HIS F 123 -34.23 49.52 10.09
CA HIS F 123 -35.46 49.54 9.29
C HIS F 123 -36.61 50.22 10.04
N ALA F 124 -36.74 49.94 11.33
CA ALA F 124 -37.85 50.50 12.10
C ALA F 124 -37.68 52.00 12.32
N LEU F 125 -36.45 52.48 12.45
CA LEU F 125 -36.20 53.87 12.80
C LEU F 125 -35.79 54.71 11.60
N LEU F 126 -35.62 54.10 10.42
CA LEU F 126 -35.24 54.88 9.24
C LEU F 126 -36.24 55.98 8.92
N PRO F 127 -37.55 55.75 8.89
CA PRO F 127 -38.47 56.87 8.63
C PRO F 127 -38.38 57.96 9.68
N THR F 128 -38.11 57.60 10.93
CA THR F 128 -38.01 58.60 11.99
C THR F 128 -36.81 59.51 11.77
N LEU F 129 -35.65 58.94 11.43
CA LEU F 129 -34.45 59.75 11.26
C LEU F 129 -34.56 60.65 10.04
N ILE F 130 -35.21 60.16 8.98
CA ILE F 130 -35.41 60.99 7.80
C ILE F 130 -36.37 62.14 8.11
N ASN F 131 -37.38 61.87 8.94
CA ASN F 131 -38.30 62.92 9.37
C ASN F 131 -37.66 63.91 10.32
N HIS F 132 -36.44 63.64 10.77
CA HIS F 132 -35.69 64.61 11.56
C HIS F 132 -34.97 65.55 10.60
N GLY F 133 -33.96 65.02 9.90
CA GLY F 133 -33.41 65.77 8.78
C GLY F 133 -31.98 66.16 9.02
N ALA F 134 -31.76 67.39 9.46
CA ALA F 134 -30.43 67.93 9.60
C ALA F 134 -29.96 67.65 11.02
N GLY F 135 -28.86 66.91 11.13
CA GLY F 135 -28.31 66.49 12.39
C GLY F 135 -28.56 65.04 12.70
N ALA F 136 -29.32 64.35 11.85
CA ALA F 136 -29.61 62.95 12.09
C ALA F 136 -28.39 62.10 11.79
N SER F 137 -28.14 61.10 12.64
CA SER F 137 -26.96 60.26 12.50
C SER F 137 -27.32 58.82 12.82
N ILE F 138 -26.81 57.90 12.02
CA ILE F 138 -26.87 56.47 12.30
C ILE F 138 -25.44 56.03 12.60
N ILE F 139 -25.15 55.81 13.87
CA ILE F 139 -23.80 55.40 14.30
C ILE F 139 -23.83 53.89 14.49
N ASN F 140 -23.33 53.16 13.52
CA ASN F 140 -23.20 51.71 13.61
C ASN F 140 -21.87 51.37 14.26
N ILE F 141 -21.90 50.55 15.31
CA ILE F 141 -20.70 50.17 16.03
C ILE F 141 -20.13 48.96 15.32
N GLY F 142 -19.13 49.19 14.47
CA GLY F 142 -18.44 48.10 13.82
C GLY F 142 -17.27 47.63 14.67
N SER F 143 -16.17 47.26 14.03
CA SER F 143 -14.99 46.80 14.76
C SER F 143 -13.82 46.75 13.79
N ILE F 144 -12.61 46.72 14.37
CA ILE F 144 -11.43 46.44 13.56
C ILE F 144 -11.55 45.06 12.94
N ALA F 145 -12.32 44.17 13.57
CA ALA F 145 -12.55 42.84 13.01
C ALA F 145 -13.31 42.89 11.71
N GLY F 146 -14.02 43.99 11.44
CA GLY F 146 -14.71 44.19 10.19
C GLY F 146 -13.81 44.54 9.02
N GLN F 147 -12.52 44.71 9.26
CA GLN F 147 -11.54 45.05 8.24
C GLN F 147 -10.33 44.12 8.25
N TRP F 148 -9.88 43.70 9.43
CA TRP F 148 -8.66 42.92 9.58
C TRP F 148 -8.98 41.50 10.05
N PRO F 149 -8.58 40.47 9.32
CA PRO F 149 -8.82 39.10 9.77
C PRO F 149 -7.80 38.66 10.81
N TYR F 150 -8.21 37.74 11.67
CA TYR F 150 -7.32 37.18 12.69
C TYR F 150 -7.92 35.87 13.21
N PRO F 151 -7.09 34.99 13.77
CA PRO F 151 -7.61 33.72 14.28
C PRO F 151 -8.59 33.92 15.43
N GLY F 152 -9.62 33.08 15.44
CA GLY F 152 -10.67 33.10 16.44
C GLY F 152 -11.80 34.04 16.09
N SER F 153 -11.61 34.89 15.08
CA SER F 153 -12.69 35.67 14.51
C SER F 153 -13.20 34.88 13.31
N HIS F 154 -14.51 34.75 13.21
CA HIS F 154 -15.10 33.99 12.13
C HIS F 154 -16.36 34.70 11.70
N VAL F 155 -17.42 34.52 12.48
CA VAL F 155 -18.68 35.19 12.20
C VAL F 155 -18.70 36.57 12.84
N TYR F 156 -17.90 36.79 13.90
CA TYR F 156 -17.83 38.12 14.49
C TYR F 156 -17.23 39.12 13.52
N GLY F 157 -16.04 38.82 12.99
CA GLY F 157 -15.41 39.71 12.04
C GLY F 157 -16.22 39.86 10.77
N ALA F 158 -16.82 38.77 10.30
CA ALA F 158 -17.67 38.84 9.11
C ALA F 158 -18.91 39.68 9.37
N SER F 159 -19.51 39.54 10.55
CA SER F 159 -20.70 40.34 10.87
C SER F 159 -20.36 41.82 10.96
N LYS F 160 -19.19 42.15 11.51
CA LYS F 160 -18.81 43.56 11.59
C LYS F 160 -18.30 44.09 10.26
N ALA F 161 -17.90 43.20 9.35
CA ALA F 161 -17.66 43.62 7.96
C ALA F 161 -18.97 43.86 7.23
N PHE F 162 -20.01 43.09 7.55
CA PHE F 162 -21.36 43.41 7.09
C PHE F 162 -21.74 44.82 7.50
N VAL F 163 -21.47 45.18 8.76
CA VAL F 163 -21.85 46.49 9.28
C VAL F 163 -21.11 47.59 8.52
N LYS F 164 -19.85 47.34 8.13
CA LYS F 164 -19.08 48.34 7.40
C LYS F 164 -19.75 48.63 6.05
N GLN F 165 -20.04 47.59 5.28
CA GLN F 165 -20.63 47.80 3.95
C GLN F 165 -22.08 48.27 4.05
N PHE F 166 -22.82 47.78 5.05
CA PHE F 166 -24.19 48.26 5.22
C PHE F 166 -24.22 49.74 5.50
N SER F 167 -23.23 50.27 6.23
CA SER F 167 -23.17 51.72 6.48
C SER F 167 -22.88 52.48 5.19
N TYR F 168 -21.87 52.05 4.43
CA TYR F 168 -21.57 52.72 3.16
C TYR F 168 -22.75 52.65 2.22
N ASN F 169 -23.39 51.48 2.14
CA ASN F 169 -24.53 51.31 1.27
C ASN F 169 -25.70 52.16 1.72
N LEU F 170 -25.85 52.36 3.04
CA LEU F 170 -26.90 53.21 3.57
C LEU F 170 -26.74 54.66 3.12
N ARG F 171 -25.49 55.13 3.02
CA ARG F 171 -25.25 56.51 2.59
C ARG F 171 -25.68 56.74 1.15
N CYS F 172 -25.49 55.74 0.29
CA CYS F 172 -25.85 55.90 -1.12
C CYS F 172 -27.35 56.08 -1.30
N ASP F 173 -28.16 55.43 -0.45
CA ASP F 173 -29.61 55.52 -0.59
C ASP F 173 -30.21 56.69 0.17
N LEU F 174 -29.50 57.25 1.14
CA LEU F 174 -29.98 58.38 1.94
C LEU F 174 -29.42 59.72 1.47
N LEU F 175 -28.91 59.78 0.24
CA LEU F 175 -28.35 61.02 -0.27
C LEU F 175 -29.41 62.10 -0.39
N GLY F 176 -29.12 63.27 0.16
CA GLY F 176 -30.02 64.40 0.11
C GLY F 176 -30.97 64.54 1.29
N THR F 177 -31.06 63.53 2.15
CA THR F 177 -31.94 63.58 3.31
C THR F 177 -31.29 64.22 4.52
N GLY F 178 -29.98 64.48 4.47
CA GLY F 178 -29.26 65.04 5.59
C GLY F 178 -28.89 64.07 6.69
N VAL F 179 -29.37 62.83 6.64
CA VAL F 179 -29.06 61.87 7.68
C VAL F 179 -27.67 61.29 7.40
N ARG F 180 -26.87 61.16 8.45
CA ARG F 180 -25.49 60.70 8.32
C ARG F 180 -25.39 59.27 8.81
N VAL F 181 -24.55 58.48 8.15
CA VAL F 181 -24.29 57.10 8.51
C VAL F 181 -22.80 56.94 8.76
N THR F 182 -22.46 56.41 9.93
CA THR F 182 -21.07 56.32 10.37
C THR F 182 -20.82 54.93 10.94
N ASP F 183 -19.71 54.32 10.53
CA ASP F 183 -19.24 53.06 11.09
C ASP F 183 -18.15 53.41 12.09
N LEU F 184 -18.48 53.36 13.37
CA LEU F 184 -17.51 53.53 14.44
C LEU F 184 -16.93 52.15 14.75
N ALA F 185 -15.66 51.96 14.39
CA ALA F 185 -15.01 50.65 14.51
C ALA F 185 -13.94 50.68 15.59
N PRO F 186 -14.25 50.26 16.81
CA PRO F 186 -13.25 50.30 17.89
C PRO F 186 -12.36 49.07 17.90
N GLY F 187 -11.26 49.20 18.62
CA GLY F 187 -10.34 48.12 18.87
C GLY F 187 -10.66 47.41 20.17
N ILE F 188 -9.63 46.83 20.78
CA ILE F 188 -9.83 46.05 21.99
C ILE F 188 -10.21 46.99 23.13
N ALA F 189 -11.28 46.65 23.85
CA ALA F 189 -11.78 47.48 24.93
C ALA F 189 -12.29 46.60 26.06
N GLU F 190 -12.01 46.99 27.29
CA GLU F 190 -12.38 46.21 28.47
C GLU F 190 -13.82 46.53 28.86
N THR F 191 -14.72 45.66 28.43
CA THR F 191 -16.13 45.74 28.78
C THR F 191 -16.59 44.31 29.09
N GLU F 192 -17.89 44.13 29.31
CA GLU F 192 -18.42 42.77 29.35
C GLU F 192 -18.23 42.01 28.04
N PHE F 193 -17.56 42.58 27.03
CA PHE F 193 -17.43 41.96 25.72
C PHE F 193 -16.76 40.59 25.81
N THR F 194 -15.55 40.54 26.39
CA THR F 194 -14.84 39.28 26.50
C THR F 194 -15.55 38.33 27.46
N LEU F 195 -16.27 38.86 28.44
CA LEU F 195 -17.05 38.02 29.35
C LEU F 195 -18.11 37.22 28.60
N VAL F 196 -18.84 37.88 27.69
CA VAL F 196 -19.84 37.17 26.91
C VAL F 196 -19.19 36.21 25.93
N ARG F 197 -18.01 36.55 25.39
CA ARG F 197 -17.41 35.70 24.38
C ARG F 197 -16.88 34.39 24.98
N THR F 198 -16.52 34.41 26.26
CA THR F 198 -16.08 33.22 26.96
C THR F 198 -17.21 32.58 27.77
N LYS F 199 -18.44 33.04 27.55
CA LYS F 199 -19.63 32.49 28.21
C LYS F 199 -19.57 32.66 29.73
N GLY F 200 -18.90 33.71 30.19
CA GLY F 200 -18.90 34.06 31.60
C GLY F 200 -17.59 33.85 32.34
N ASP F 201 -16.49 33.61 31.64
CA ASP F 201 -15.19 33.37 32.27
C ASP F 201 -14.52 34.70 32.56
N GLN F 202 -14.72 35.21 33.78
CA GLN F 202 -14.12 36.48 34.15
C GLN F 202 -12.60 36.39 34.26
N ALA F 203 -12.08 35.22 34.60
CA ALA F 203 -10.63 35.05 34.66
C ALA F 203 -10.01 35.26 33.27
N ALA F 204 -10.66 34.73 32.23
CA ALA F 204 -10.19 34.96 30.88
C ALA F 204 -10.32 36.42 30.48
N SER F 205 -11.38 37.10 30.94
CA SER F 205 -11.56 38.50 30.61
C SER F 205 -10.60 39.42 31.35
N ASP F 206 -9.86 38.89 32.33
CA ASP F 206 -8.83 39.66 33.01
C ASP F 206 -7.44 39.32 32.49
N ASN F 207 -7.24 38.08 32.05
CA ASN F 207 -5.99 37.66 31.47
C ASN F 207 -5.74 38.28 30.09
N LEU F 208 -6.80 38.66 29.37
CA LEU F 208 -6.61 39.32 28.08
C LEU F 208 -6.12 40.76 28.26
N TYR F 209 -6.81 41.54 29.09
CA TYR F 209 -6.48 42.95 29.22
C TYR F 209 -5.34 43.23 30.19
N ARG F 210 -4.78 42.21 30.83
CA ARG F 210 -3.76 42.45 31.85
C ARG F 210 -2.43 42.79 31.21
N GLY F 211 -1.79 43.85 31.71
CA GLY F 211 -0.51 44.28 31.20
C GLY F 211 -0.57 45.19 29.98
N THR F 212 -1.76 45.65 29.59
CA THR F 212 -1.91 46.54 28.45
C THR F 212 -2.86 47.66 28.83
N THR F 213 -2.95 48.65 27.95
CA THR F 213 -3.88 49.77 28.12
C THR F 213 -4.91 49.69 26.99
N PRO F 214 -6.03 49.02 27.20
CA PRO F 214 -7.06 48.96 26.17
C PRO F 214 -7.91 50.24 26.20
N LEU F 215 -8.87 50.30 25.28
CA LEU F 215 -9.78 51.43 25.27
C LEU F 215 -10.75 51.31 26.44
N SER F 216 -11.18 52.45 26.95
CA SER F 216 -12.17 52.46 27.99
C SER F 216 -13.56 52.46 27.37
N ALA F 217 -14.55 52.02 28.13
CA ALA F 217 -15.92 52.06 27.62
C ALA F 217 -16.35 53.51 27.39
N ARG F 218 -15.83 54.43 28.21
CA ARG F 218 -16.13 55.83 28.06
C ARG F 218 -15.35 56.46 26.91
N ASP F 219 -14.22 55.88 26.52
CA ASP F 219 -13.49 56.37 25.36
C ASP F 219 -14.35 56.27 24.10
N ILE F 220 -14.99 55.11 23.91
CA ILE F 220 -15.86 54.90 22.77
C ILE F 220 -17.15 55.70 22.94
N ALA F 221 -17.63 55.86 24.18
CA ALA F 221 -18.83 56.65 24.40
C ALA F 221 -18.63 58.09 23.97
N GLU F 222 -17.49 58.68 24.30
CA GLU F 222 -17.19 60.04 23.87
C GLU F 222 -16.96 60.12 22.36
N GLN F 223 -16.62 58.99 21.72
CA GLN F 223 -16.54 58.98 20.27
C GLN F 223 -17.92 58.95 19.63
N MET F 224 -18.85 58.21 20.23
CA MET F 224 -20.24 58.25 19.77
C MET F 224 -20.80 59.67 19.86
N PHE F 225 -20.55 60.34 20.97
CA PHE F 225 -21.04 61.72 21.13
C PHE F 225 -20.35 62.66 20.16
N TYR F 226 -19.05 62.47 19.91
CA TYR F 226 -18.37 63.31 18.93
C TYR F 226 -18.99 63.15 17.55
N ILE F 227 -19.29 61.90 17.17
CA ILE F 227 -19.93 61.66 15.87
C ILE F 227 -21.34 62.23 15.85
N ALA F 228 -22.07 62.08 16.96
CA ALA F 228 -23.46 62.55 17.01
C ALA F 228 -23.56 64.07 16.94
N THR F 229 -22.61 64.79 17.53
CA THR F 229 -22.65 66.25 17.54
C THR F 229 -21.88 66.89 16.40
N LEU F 230 -21.46 66.11 15.40
CA LEU F 230 -20.76 66.68 14.26
C LEU F 230 -21.68 67.65 13.51
N PRO F 231 -21.12 68.71 12.93
CA PRO F 231 -21.93 69.65 12.14
C PRO F 231 -22.75 68.93 11.07
N ASP F 232 -23.91 69.50 10.76
CA ASP F 232 -24.90 68.78 9.96
C ASP F 232 -24.41 68.45 8.55
N HIS F 233 -23.52 69.27 8.00
CA HIS F 233 -23.05 69.03 6.63
C HIS F 233 -21.95 67.99 6.56
N MET F 234 -21.37 67.59 7.68
CA MET F 234 -20.28 66.63 7.71
C MET F 234 -20.80 65.23 8.00
N ASN F 235 -20.07 64.23 7.49
CA ASN F 235 -20.40 62.83 7.73
C ASN F 235 -19.11 62.02 7.76
N ILE F 236 -18.91 61.29 8.85
CA ILE F 236 -17.79 60.37 8.96
C ILE F 236 -18.22 59.03 8.39
N ASN F 237 -17.58 58.61 7.30
CA ASN F 237 -17.90 57.30 6.71
C ASN F 237 -17.52 56.17 7.66
N ARG F 238 -16.31 56.23 8.20
CA ARG F 238 -15.81 55.19 9.11
C ARG F 238 -14.65 55.77 9.90
N VAL F 239 -14.62 55.48 11.20
CA VAL F 239 -13.48 55.81 12.05
C VAL F 239 -13.05 54.56 12.79
N GLU F 240 -11.80 54.13 12.55
CA GLU F 240 -11.22 52.97 13.21
C GLU F 240 -10.31 53.47 14.33
N VAL F 241 -10.75 53.29 15.58
CA VAL F 241 -10.01 53.73 16.75
C VAL F 241 -9.46 52.51 17.48
N MET F 242 -8.15 52.46 17.63
CA MET F 242 -7.45 51.42 18.36
C MET F 242 -6.73 52.02 19.55
N PRO F 243 -6.49 51.24 20.61
CA PRO F 243 -5.51 51.68 21.61
C PRO F 243 -4.13 51.76 20.97
N VAL F 244 -3.37 52.79 21.34
CA VAL F 244 -2.06 52.99 20.75
C VAL F 244 -1.12 51.83 21.05
N ARG F 245 -1.49 50.95 21.98
CA ARG F 245 -0.73 49.74 22.26
C ARG F 245 -1.22 48.54 21.47
N GLN F 246 -2.00 48.77 20.41
CA GLN F 246 -2.48 47.72 19.54
C GLN F 246 -2.12 48.03 18.10
N ALA F 247 -1.64 47.02 17.38
CA ALA F 247 -1.29 47.18 15.98
C ALA F 247 -1.45 45.84 15.25
N TRP F 248 -0.63 45.59 14.23
CA TRP F 248 -0.72 44.38 13.44
C TRP F 248 0.59 43.61 13.55
N GLN F 249 0.48 42.28 13.63
CA GLN F 249 1.62 41.39 13.71
C GLN F 249 2.02 40.93 12.31
N PRO F 250 3.19 40.29 12.18
CA PRO F 250 3.56 39.71 10.88
C PRO F 250 2.58 38.62 10.47
N PHE F 251 2.75 38.17 9.22
CA PHE F 251 1.88 37.12 8.71
C PHE F 251 2.18 35.80 9.41
N ALA F 252 1.12 35.02 9.66
CA ALA F 252 1.28 33.69 10.21
C ALA F 252 1.78 32.73 9.12
N ILE F 253 2.85 32.00 9.43
CA ILE F 253 3.45 31.06 8.49
C ILE F 253 3.57 29.68 9.14
N ASP F 254 2.91 28.69 8.54
CA ASP F 254 3.01 27.31 9.02
C ASP F 254 4.38 26.75 8.68
N ARG F 255 5.05 26.17 9.69
CA ARG F 255 6.40 25.69 9.45
C ARG F 255 6.58 24.24 9.89
N ASP F 256 7.82 23.75 9.80
CA ASP F 256 8.16 22.34 10.06
C ASP F 256 7.36 21.42 9.14
N SER G 6 39.45 -50.46 19.46
CA SER G 6 40.54 -49.59 19.03
C SER G 6 40.56 -48.31 19.85
N LYS G 7 41.39 -47.36 19.43
CA LYS G 7 41.51 -46.07 20.09
C LYS G 7 40.87 -44.98 19.25
N VAL G 8 40.05 -44.15 19.88
CA VAL G 8 39.28 -43.11 19.23
C VAL G 8 39.73 -41.77 19.77
N VAL G 9 39.97 -40.81 18.89
CA VAL G 9 40.39 -39.47 19.27
C VAL G 9 39.26 -38.51 18.95
N PHE G 10 38.96 -37.63 19.90
CA PHE G 10 37.92 -36.62 19.77
C PHE G 10 38.60 -35.28 19.57
N ILE G 11 38.53 -34.75 18.35
CA ILE G 11 39.21 -33.51 17.99
C ILE G 11 38.14 -32.44 17.76
N THR G 12 38.19 -31.38 18.55
CA THR G 12 37.33 -30.22 18.34
C THR G 12 38.05 -29.20 17.46
N GLY G 13 37.28 -28.50 16.63
CA GLY G 13 37.84 -27.56 15.69
C GLY G 13 38.81 -28.22 14.74
N ALA G 14 38.36 -29.28 14.06
CA ALA G 14 39.21 -30.07 13.19
C ALA G 14 39.12 -29.64 11.73
N THR G 15 38.43 -28.54 11.43
CA THR G 15 38.25 -28.13 10.04
C THR G 15 39.47 -27.44 9.45
N SER G 16 40.36 -26.90 10.28
CA SER G 16 41.52 -26.19 9.79
C SER G 16 42.61 -26.21 10.85
N GLY G 17 43.80 -25.75 10.46
CA GLY G 17 44.87 -25.52 11.41
C GLY G 17 45.31 -26.79 12.10
N PHE G 18 45.51 -26.70 13.42
CA PHE G 18 46.01 -27.83 14.20
C PHE G 18 45.08 -29.03 14.10
N GLY G 19 43.78 -28.80 14.26
CA GLY G 19 42.83 -29.91 14.26
C GLY G 19 42.81 -30.65 12.93
N GLU G 20 42.85 -29.93 11.82
CA GLU G 20 42.85 -30.57 10.52
C GLU G 20 44.12 -31.38 10.30
N ALA G 21 45.26 -30.86 10.75
CA ALA G 21 46.51 -31.61 10.64
C ALA G 21 46.51 -32.80 11.58
N ALA G 22 45.89 -32.66 12.76
CA ALA G 22 45.81 -33.77 13.69
C ALA G 22 44.99 -34.91 13.13
N ALA G 23 43.98 -34.59 12.31
CA ALA G 23 43.17 -35.63 11.69
C ALA G 23 44.00 -36.53 10.79
N GLN G 24 44.96 -35.94 10.07
CA GLN G 24 45.78 -36.75 9.17
C GLN G 24 46.85 -37.55 9.90
N VAL G 25 47.42 -37.01 10.98
CA VAL G 25 48.49 -37.73 11.68
C VAL G 25 47.91 -38.91 12.45
N PHE G 26 46.73 -38.75 13.07
CA PHE G 26 46.12 -39.86 13.78
C PHE G 26 45.58 -40.90 12.82
N ALA G 27 45.11 -40.47 11.64
CA ALA G 27 44.64 -41.42 10.64
C ALA G 27 45.79 -42.26 10.08
N ASP G 28 46.97 -41.65 9.93
CA ASP G 28 48.13 -42.37 9.42
C ASP G 28 48.63 -43.44 10.38
N ALA G 29 48.13 -43.47 11.62
CA ALA G 29 48.53 -44.46 12.60
C ALA G 29 47.43 -45.49 12.90
N GLY G 30 46.35 -45.48 12.13
CA GLY G 30 45.29 -46.44 12.31
C GLY G 30 44.27 -46.09 13.37
N TRP G 31 44.39 -44.92 13.99
CA TRP G 31 43.45 -44.52 15.02
C TRP G 31 42.10 -44.14 14.40
N SER G 32 41.01 -44.58 15.03
CA SER G 32 39.71 -44.10 14.62
C SER G 32 39.51 -42.65 15.04
N LEU G 33 38.79 -41.88 14.21
CA LEU G 33 38.71 -40.44 14.32
C LEU G 33 37.28 -39.98 14.58
N VAL G 34 37.14 -38.95 15.41
CA VAL G 34 35.87 -38.25 15.61
C VAL G 34 36.18 -36.76 15.52
N LEU G 35 35.83 -36.13 14.39
CA LEU G 35 36.18 -34.75 14.12
C LEU G 35 34.94 -33.88 14.19
N SER G 36 35.03 -32.77 14.91
CA SER G 36 33.93 -31.84 15.11
C SER G 36 34.31 -30.44 14.63
N GLY G 37 33.34 -29.54 14.72
CA GLY G 37 33.50 -28.18 14.23
C GLY G 37 32.17 -27.65 13.73
N ARG G 38 32.19 -26.40 13.27
CA ARG G 38 30.98 -25.73 12.83
C ARG G 38 30.83 -25.71 11.31
N ARG G 39 31.94 -25.67 10.58
CA ARG G 39 31.86 -25.71 9.12
C ARG G 39 31.66 -27.18 8.76
N PHE G 40 30.39 -27.58 8.75
CA PHE G 40 30.05 -28.97 8.49
C PHE G 40 30.41 -29.35 7.07
N GLU G 41 30.25 -28.40 6.15
CA GLU G 41 30.55 -28.69 4.75
C GLU G 41 32.06 -28.78 4.46
N ARG G 42 32.90 -28.33 5.43
CA ARG G 42 34.33 -28.56 5.44
C ARG G 42 34.69 -29.82 6.20
N LEU G 43 33.89 -30.19 7.22
CA LEU G 43 34.11 -31.47 7.91
C LEU G 43 33.70 -32.63 7.01
N LYS G 44 32.69 -32.41 6.18
CA LYS G 44 32.18 -33.45 5.30
C LYS G 44 33.19 -33.86 4.26
N THR G 45 33.90 -32.88 3.68
CA THR G 45 34.98 -33.23 2.77
C THR G 45 36.12 -33.91 3.52
N LEU G 46 36.29 -33.56 4.79
CA LEU G 46 37.37 -34.13 5.59
C LEU G 46 37.17 -35.63 5.84
N GLN G 47 35.92 -36.09 5.91
CA GLN G 47 35.70 -37.53 6.08
C GLN G 47 36.12 -38.31 4.85
N ASP G 48 35.77 -37.83 3.65
CA ASP G 48 36.04 -38.58 2.41
C ASP G 48 37.53 -38.72 2.14
N LYS G 49 38.32 -37.76 2.61
CA LYS G 49 39.76 -37.79 2.44
C LYS G 49 40.44 -38.78 3.40
N LEU G 50 39.84 -39.05 4.56
CA LEU G 50 40.42 -39.92 5.56
C LEU G 50 39.63 -41.19 5.83
N ALA G 51 38.40 -41.31 5.32
CA ALA G 51 37.61 -42.53 5.53
C ALA G 51 38.27 -43.75 4.91
N SER G 52 39.18 -43.55 3.95
CA SER G 52 39.93 -44.66 3.38
C SER G 52 40.78 -45.34 4.46
N GLN G 53 41.72 -44.60 5.05
CA GLN G 53 42.62 -45.17 6.04
C GLN G 53 41.87 -45.76 7.23
N VAL G 54 41.02 -44.97 7.88
CA VAL G 54 40.41 -45.36 9.15
C VAL G 54 38.96 -44.88 9.19
N PRO G 55 38.12 -45.54 9.99
CA PRO G 55 36.74 -45.05 10.17
C PRO G 55 36.71 -43.67 10.79
N VAL G 56 35.86 -42.81 10.23
CA VAL G 56 35.76 -41.40 10.62
C VAL G 56 34.30 -41.08 10.95
N HIS G 57 34.10 -40.33 12.04
CA HIS G 57 32.78 -39.86 12.44
C HIS G 57 32.84 -38.34 12.61
N ILE G 58 32.07 -37.62 11.82
CA ILE G 58 32.09 -36.16 11.83
C ILE G 58 30.83 -35.64 12.52
N ILE G 59 30.97 -34.47 13.16
CA ILE G 59 29.89 -33.83 13.92
C ILE G 59 29.92 -32.33 13.65
N GLU G 60 28.76 -31.76 13.31
CA GLU G 60 28.62 -30.30 13.25
C GLU G 60 28.45 -29.85 14.69
N LEU G 61 29.49 -29.24 15.26
CA LEU G 61 29.55 -28.97 16.69
C LEU G 61 29.99 -27.53 16.96
N ASP G 62 29.21 -26.81 17.76
CA ASP G 62 29.62 -25.53 18.32
C ASP G 62 29.91 -25.73 19.79
N VAL G 63 31.18 -25.60 20.18
CA VAL G 63 31.57 -25.86 21.57
C VAL G 63 30.96 -24.85 22.53
N ARG G 64 30.47 -23.71 22.03
CA ARG G 64 29.87 -22.71 22.90
C ARG G 64 28.48 -23.11 23.39
N ASP G 65 27.87 -24.12 22.79
CA ASP G 65 26.56 -24.61 23.22
C ASP G 65 26.74 -25.89 24.03
N SER G 66 26.52 -25.78 25.35
CA SER G 66 26.69 -26.95 26.21
C SER G 66 25.66 -28.02 25.88
N ASP G 67 24.45 -27.60 25.51
CA ASP G 67 23.41 -28.56 25.15
C ASP G 67 23.75 -29.32 23.89
N SER G 68 24.38 -28.64 22.92
CA SER G 68 24.82 -29.34 21.71
C SER G 68 25.94 -30.31 22.01
N VAL G 69 26.88 -29.91 22.88
CA VAL G 69 27.99 -30.79 23.23
C VAL G 69 27.50 -32.01 23.98
N ALA G 70 26.59 -31.81 24.94
CA ALA G 70 26.06 -32.93 25.71
C ALA G 70 25.29 -33.91 24.83
N ALA G 71 24.49 -33.37 23.89
CA ALA G 71 23.73 -34.22 22.99
C ALA G 71 24.62 -34.95 22.00
N ALA G 72 25.69 -34.30 21.54
CA ALA G 72 26.51 -34.88 20.46
C ALA G 72 27.22 -36.16 20.88
N VAL G 73 27.78 -36.22 22.08
CA VAL G 73 28.46 -37.45 22.50
C VAL G 73 27.46 -38.48 23.01
N ALA G 74 26.34 -38.04 23.60
CA ALA G 74 25.36 -39.02 24.04
C ALA G 74 24.85 -39.83 22.86
N ALA G 75 24.84 -39.22 21.67
CA ALA G 75 24.46 -39.85 20.42
C ALA G 75 25.66 -40.45 19.69
N LEU G 76 26.76 -40.72 20.40
CA LEU G 76 27.96 -41.25 19.76
C LEU G 76 27.76 -42.71 19.34
N PRO G 77 28.21 -43.07 18.13
CA PRO G 77 28.10 -44.46 17.68
C PRO G 77 28.93 -45.44 18.51
N ALA G 78 28.61 -46.73 18.34
CA ALA G 78 29.24 -47.79 19.12
C ALA G 78 30.71 -47.98 18.76
N ASP G 79 31.08 -47.78 17.50
CA ASP G 79 32.48 -47.93 17.11
C ASP G 79 33.33 -46.75 17.56
N PHE G 80 32.75 -45.86 18.36
CA PHE G 80 33.42 -44.70 18.91
C PHE G 80 33.00 -44.58 20.37
N ALA G 81 32.24 -43.53 20.69
CA ALA G 81 31.78 -43.18 22.02
C ALA G 81 32.79 -43.33 23.16
N ASP G 82 33.62 -44.38 23.16
CA ASP G 82 34.64 -44.56 24.19
C ASP G 82 35.93 -43.96 23.66
N ILE G 83 36.11 -42.67 23.91
CA ILE G 83 37.27 -41.94 23.40
C ILE G 83 38.45 -42.16 24.35
N THR G 84 39.62 -42.45 23.77
CA THR G 84 40.83 -42.58 24.58
C THR G 84 41.48 -41.22 24.82
N THR G 85 41.62 -40.40 23.78
CA THR G 85 42.29 -39.11 23.88
C THR G 85 41.34 -38.04 23.36
N LEU G 86 41.17 -36.99 24.16
CA LEU G 86 40.40 -35.81 23.76
C LEU G 86 41.34 -34.65 23.54
N ILE G 87 41.27 -34.04 22.36
CA ILE G 87 42.10 -32.90 22.00
C ILE G 87 41.17 -31.69 21.96
N ASN G 88 41.24 -30.86 22.99
CA ASN G 88 40.42 -29.64 23.05
C ASN G 88 41.15 -28.54 22.30
N ASN G 89 41.04 -28.61 20.97
CA ASN G 89 41.77 -27.71 20.07
C ASN G 89 40.93 -26.53 19.59
N ALA G 90 39.61 -26.67 19.57
CA ALA G 90 38.76 -25.59 19.08
C ALA G 90 38.99 -24.33 19.88
N GLY G 91 39.48 -23.29 19.22
CA GLY G 91 39.74 -22.02 19.86
C GLY G 91 39.94 -20.95 18.81
N LEU G 92 40.00 -19.71 19.26
CA LEU G 92 40.05 -18.59 18.33
C LEU G 92 40.51 -17.34 19.08
N ALA G 93 41.13 -16.42 18.34
CA ALA G 93 41.50 -15.12 18.87
C ALA G 93 40.90 -14.01 18.00
N LEU G 94 40.69 -12.85 18.61
CA LEU G 94 40.17 -11.70 17.89
C LEU G 94 40.80 -10.42 18.42
N SER G 95 40.66 -9.36 17.63
CA SER G 95 41.07 -7.98 17.93
C SER G 95 42.50 -7.86 18.46
N PRO G 96 43.50 -7.80 17.59
CA PRO G 96 44.89 -7.62 18.06
C PRO G 96 45.22 -6.21 18.52
N GLN G 97 44.26 -5.28 18.49
CA GLN G 97 44.49 -3.92 18.91
C GLN G 97 44.53 -3.85 20.43
N PRO G 98 44.96 -2.70 21.01
CA PRO G 98 44.93 -2.55 22.46
C PRO G 98 43.55 -2.81 23.07
N ALA G 99 43.52 -3.12 24.36
CA ALA G 99 42.27 -3.51 25.02
C ALA G 99 41.24 -2.39 24.98
N GLN G 100 41.68 -1.13 25.04
CA GLN G 100 40.77 0.00 25.06
C GLN G 100 40.06 0.23 23.74
N LYS G 101 40.33 -0.57 22.71
CA LYS G 101 39.69 -0.43 21.41
C LYS G 101 39.04 -1.74 20.96
N VAL G 102 38.63 -2.57 21.91
CA VAL G 102 38.03 -3.87 21.60
C VAL G 102 36.55 -3.85 21.93
N ASP G 103 35.76 -4.39 21.02
CA ASP G 103 34.34 -4.62 21.27
C ASP G 103 34.13 -5.91 22.06
N LEU G 104 33.13 -5.90 22.94
CA LEU G 104 32.85 -7.07 23.77
C LEU G 104 32.28 -8.27 23.03
N ASP G 105 31.70 -8.10 21.84
CA ASP G 105 31.27 -9.32 21.19
C ASP G 105 32.48 -10.18 20.81
N ASP G 106 33.63 -9.57 20.56
CA ASP G 106 34.86 -10.31 20.30
C ASP G 106 35.51 -10.86 21.57
N TRP G 107 35.46 -10.09 22.67
CA TRP G 107 35.97 -10.62 23.93
C TRP G 107 35.14 -11.78 24.43
N LYS G 108 33.81 -11.68 24.34
CA LYS G 108 32.95 -12.76 24.81
C LYS G 108 33.08 -13.99 23.93
N THR G 109 33.29 -13.82 22.62
CA THR G 109 33.43 -14.96 21.75
C THR G 109 34.63 -15.79 22.14
N MET G 110 35.72 -15.13 22.52
CA MET G 110 36.91 -15.84 22.98
C MET G 110 36.66 -16.51 24.32
N ILE G 111 35.98 -15.82 25.23
CA ILE G 111 35.63 -16.41 26.53
C ILE G 111 34.67 -17.58 26.34
N ASP G 112 33.69 -17.42 25.43
CA ASP G 112 32.71 -18.48 25.20
C ASP G 112 33.33 -19.72 24.56
N THR G 113 34.42 -19.54 23.81
CA THR G 113 35.02 -20.66 23.08
C THR G 113 36.21 -21.28 23.80
N ASN G 114 37.19 -20.47 24.21
CA ASN G 114 38.40 -21.00 24.81
C ASN G 114 38.21 -21.35 26.28
N VAL G 115 37.27 -20.68 26.96
CA VAL G 115 37.02 -20.92 28.38
C VAL G 115 35.76 -21.74 28.56
N THR G 116 34.60 -21.12 28.31
CA THR G 116 33.33 -21.83 28.48
C THR G 116 33.25 -23.02 27.55
N GLY G 117 33.66 -22.85 26.30
CA GLY G 117 33.63 -23.94 25.35
C GLY G 117 34.53 -25.09 25.76
N LEU G 118 35.67 -24.79 26.39
CA LEU G 118 36.60 -25.84 26.76
C LEU G 118 36.10 -26.66 27.95
N VAL G 119 35.46 -26.00 28.92
CA VAL G 119 34.92 -26.73 30.05
C VAL G 119 33.59 -27.41 29.68
N ASN G 120 32.86 -26.84 28.72
CA ASN G 120 31.64 -27.50 28.26
C ASN G 120 31.97 -28.85 27.64
N VAL G 121 33.00 -28.88 26.80
CA VAL G 121 33.42 -30.12 26.18
C VAL G 121 34.06 -31.03 27.22
N THR G 122 34.78 -30.44 28.18
CA THR G 122 35.44 -31.26 29.21
C THR G 122 34.41 -31.98 30.07
N HIS G 123 33.34 -31.28 30.48
CA HIS G 123 32.31 -31.92 31.30
C HIS G 123 31.63 -33.07 30.56
N ALA G 124 31.38 -32.89 29.26
CA ALA G 124 30.61 -33.89 28.53
C ALA G 124 31.35 -35.21 28.40
N LEU G 125 32.67 -35.18 28.28
CA LEU G 125 33.45 -36.40 28.08
C LEU G 125 34.20 -36.85 29.32
N LEU G 126 34.13 -36.11 30.43
CA LEU G 126 34.82 -36.51 31.64
C LEU G 126 34.41 -37.92 32.09
N PRO G 127 33.12 -38.28 32.15
CA PRO G 127 32.79 -39.67 32.48
C PRO G 127 33.34 -40.67 31.48
N THR G 128 33.40 -40.31 30.20
CA THR G 128 33.93 -41.23 29.19
C THR G 128 35.41 -41.51 29.42
N LEU G 129 36.19 -40.46 29.73
CA LEU G 129 37.62 -40.64 29.89
C LEU G 129 37.93 -41.45 31.14
N ILE G 130 37.15 -41.30 32.20
CA ILE G 130 37.38 -42.07 33.42
C ILE G 130 37.05 -43.53 33.20
N ASN G 131 35.99 -43.82 32.44
CA ASN G 131 35.65 -45.21 32.11
C ASN G 131 36.66 -45.75 31.10
N HIS G 132 37.90 -45.30 31.23
CA HIS G 132 39.04 -45.74 30.43
C HIS G 132 40.27 -45.47 31.29
N GLY G 133 41.18 -46.43 31.35
CA GLY G 133 42.41 -46.17 32.07
C GLY G 133 43.67 -45.99 31.24
N ALA G 134 44.44 -47.07 31.12
CA ALA G 134 45.76 -47.06 30.48
C ALA G 134 45.80 -46.33 29.15
N GLY G 135 45.99 -45.01 29.19
CA GLY G 135 46.08 -44.21 27.98
C GLY G 135 45.13 -43.04 27.88
N ALA G 136 44.22 -42.81 28.81
CA ALA G 136 43.28 -41.71 28.64
C ALA G 136 44.03 -40.39 28.76
N SER G 137 43.70 -39.46 27.86
CA SER G 137 44.40 -38.18 27.79
C SER G 137 43.42 -37.07 27.48
N ILE G 138 43.57 -35.95 28.18
CA ILE G 138 42.89 -34.71 27.85
C ILE G 138 43.99 -33.74 27.40
N ILE G 139 44.09 -33.51 26.10
CA ILE G 139 45.11 -32.63 25.53
C ILE G 139 44.45 -31.28 25.29
N ASN G 140 44.66 -30.35 26.22
CA ASN G 140 44.16 -28.99 26.07
C ASN G 140 45.20 -28.16 25.31
N ILE G 141 44.75 -27.51 24.24
CA ILE G 141 45.63 -26.70 23.41
C ILE G 141 45.66 -25.30 24.00
N GLY G 142 46.70 -25.00 24.76
CA GLY G 142 46.90 -23.67 25.31
C GLY G 142 47.68 -22.80 24.37
N SER G 143 48.55 -21.95 24.92
CA SER G 143 49.37 -21.06 24.11
C SER G 143 50.44 -20.44 25.00
N ILE G 144 51.49 -19.94 24.36
CA ILE G 144 52.46 -19.12 25.07
C ILE G 144 51.79 -17.88 25.66
N ALA G 145 50.68 -17.45 25.06
CA ALA G 145 49.95 -16.31 25.59
C ALA G 145 49.37 -16.61 26.96
N GLY G 146 49.23 -17.88 27.32
CA GLY G 146 48.75 -18.23 28.64
C GLY G 146 49.73 -18.07 29.78
N GLN G 147 50.94 -17.68 29.48
CA GLN G 147 52.01 -17.45 30.45
C GLN G 147 52.73 -16.14 30.23
N TRP G 148 52.90 -15.70 28.97
CA TRP G 148 53.68 -14.48 28.73
C TRP G 148 52.78 -13.36 28.27
N PRO G 149 52.73 -12.23 28.98
CA PRO G 149 51.89 -11.12 28.52
C PRO G 149 52.56 -10.33 27.41
N TYR G 150 51.71 -9.74 26.56
CA TYR G 150 52.19 -8.90 25.47
C TYR G 150 51.04 -8.02 25.00
N PRO G 151 51.34 -6.87 24.39
CA PRO G 151 50.27 -5.97 23.93
C PRO G 151 49.41 -6.63 22.87
N GLY G 152 48.10 -6.39 22.96
CA GLY G 152 47.17 -6.94 21.99
C GLY G 152 46.65 -8.32 22.31
N SER G 153 47.14 -8.95 23.38
CA SER G 153 46.66 -10.27 23.78
C SER G 153 45.44 -10.22 24.68
N HIS G 154 45.27 -9.12 25.42
CA HIS G 154 44.23 -8.87 26.42
C HIS G 154 43.45 -10.10 26.91
N VAL G 155 42.39 -10.48 26.19
CA VAL G 155 41.56 -11.59 26.64
C VAL G 155 42.02 -12.94 26.09
N TYR G 156 42.73 -12.95 24.96
CA TYR G 156 43.24 -14.21 24.42
C TYR G 156 44.23 -14.86 25.38
N GLY G 157 45.24 -14.10 25.82
CA GLY G 157 46.22 -14.65 26.73
C GLY G 157 45.62 -15.10 28.05
N ALA G 158 44.65 -14.33 28.56
CA ALA G 158 44.00 -14.74 29.80
C ALA G 158 43.21 -16.02 29.62
N SER G 159 42.53 -16.18 28.47
CA SER G 159 41.77 -17.39 28.22
C SER G 159 42.69 -18.61 28.13
N LYS G 160 43.88 -18.44 27.56
CA LYS G 160 44.83 -19.54 27.49
C LYS G 160 45.54 -19.78 28.82
N ALA G 161 45.56 -18.78 29.71
CA ALA G 161 46.01 -19.03 31.08
C ALA G 161 44.95 -19.79 31.87
N PHE G 162 43.68 -19.54 31.59
CA PHE G 162 42.61 -20.36 32.14
C PHE G 162 42.83 -21.83 31.79
N VAL G 163 43.15 -22.10 30.52
CA VAL G 163 43.36 -23.46 30.08
C VAL G 163 44.55 -24.08 30.79
N LYS G 164 45.59 -23.28 31.04
CA LYS G 164 46.77 -23.79 31.73
C LYS G 164 46.44 -24.24 33.15
N GLN G 165 45.79 -23.37 33.92
CA GLN G 165 45.47 -23.71 35.29
C GLN G 165 44.37 -24.75 35.38
N PHE G 166 43.40 -24.71 34.45
CA PHE G 166 42.36 -25.74 34.42
C PHE G 166 42.95 -27.12 34.18
N SER G 167 44.02 -27.21 33.39
CA SER G 167 44.67 -28.49 33.17
C SER G 167 45.34 -29.00 34.45
N TYR G 168 46.06 -28.12 35.15
CA TYR G 168 46.69 -28.51 36.40
C TYR G 168 45.65 -28.95 37.42
N ASN G 169 44.56 -28.21 37.55
CA ASN G 169 43.53 -28.53 38.53
C ASN G 169 42.84 -29.86 38.19
N LEU G 170 42.70 -30.17 36.90
CA LEU G 170 42.10 -31.44 36.51
C LEU G 170 42.93 -32.61 37.01
N ARG G 171 44.26 -32.45 37.03
CA ARG G 171 45.12 -33.52 37.51
C ARG G 171 44.91 -33.77 39.00
N CYS G 172 44.65 -32.72 39.76
CA CYS G 172 44.44 -32.86 41.20
C CYS G 172 43.18 -33.67 41.51
N ASP G 173 42.13 -33.50 40.71
CA ASP G 173 40.87 -34.18 40.96
C ASP G 173 40.78 -35.54 40.28
N LEU G 174 41.60 -35.79 39.27
CA LEU G 174 41.60 -37.06 38.55
C LEU G 174 42.72 -37.99 39.03
N LEU G 175 43.29 -37.72 40.20
CA LEU G 175 44.36 -38.56 40.72
C LEU G 175 43.84 -39.96 41.03
N GLY G 176 44.54 -40.96 40.53
CA GLY G 176 44.15 -42.35 40.72
C GLY G 176 43.30 -42.94 39.62
N THR G 177 42.80 -42.12 38.70
CA THR G 177 42.00 -42.60 37.58
C THR G 177 42.84 -42.99 36.37
N GLY G 178 44.13 -42.66 36.35
CA GLY G 178 44.98 -42.97 35.22
C GLY G 178 44.84 -42.05 34.03
N VAL G 179 43.86 -41.14 34.02
CA VAL G 179 43.66 -40.24 32.91
C VAL G 179 44.66 -39.10 32.98
N ARG G 180 45.22 -38.74 31.83
CA ARG G 180 46.26 -37.73 31.74
C ARG G 180 45.69 -36.42 31.22
N VAL G 181 46.17 -35.30 31.76
CA VAL G 181 45.79 -33.97 31.30
C VAL G 181 47.07 -33.22 30.96
N THR G 182 47.13 -32.65 29.76
CA THR G 182 48.33 -32.00 29.25
C THR G 182 47.96 -30.68 28.62
N ASP G 183 48.73 -29.64 28.93
CA ASP G 183 48.58 -28.34 28.29
C ASP G 183 49.66 -28.22 27.22
N LEU G 184 49.25 -28.36 25.97
CA LEU G 184 50.12 -28.12 24.82
C LEU G 184 50.02 -26.65 24.45
N ALA G 185 51.07 -25.88 24.74
CA ALA G 185 51.08 -24.43 24.54
C ALA G 185 52.07 -24.05 23.44
N PRO G 186 51.61 -23.88 22.20
CA PRO G 186 52.52 -23.55 21.10
C PRO G 186 52.75 -22.05 20.94
N GLY G 187 53.77 -21.73 20.15
CA GLY G 187 54.06 -20.36 19.74
C GLY G 187 53.39 -20.02 18.42
N ILE G 188 53.97 -19.05 17.69
CA ILE G 188 53.35 -18.60 16.45
C ILE G 188 53.45 -19.69 15.40
N ALA G 189 52.33 -19.97 14.73
CA ALA G 189 52.24 -21.03 13.74
C ALA G 189 51.35 -20.56 12.62
N GLU G 190 51.71 -20.93 11.38
CA GLU G 190 50.96 -20.48 10.20
C GLU G 190 49.75 -21.37 10.00
N THR G 191 48.60 -20.90 10.46
CA THR G 191 47.30 -21.54 10.26
C THR G 191 46.30 -20.45 9.91
N GLU G 192 45.03 -20.83 9.75
CA GLU G 192 43.96 -19.83 9.66
C GLU G 192 43.82 -18.98 10.92
N PHE G 193 44.69 -19.15 11.92
CA PHE G 193 44.53 -18.47 13.21
C PHE G 193 44.54 -16.96 13.04
N THR G 194 45.62 -16.41 12.47
CA THR G 194 45.71 -14.96 12.31
C THR G 194 44.68 -14.45 11.31
N LEU G 195 44.28 -15.28 10.35
CA LEU G 195 43.26 -14.88 9.39
C LEU G 195 41.93 -14.58 10.10
N VAL G 196 41.51 -15.47 11.00
CA VAL G 196 40.27 -15.21 11.75
C VAL G 196 40.48 -14.07 12.73
N ARG G 197 41.70 -13.90 13.25
CA ARG G 197 41.93 -12.89 14.28
C ARG G 197 41.84 -11.48 13.72
N THR G 198 42.11 -11.31 12.43
CA THR G 198 41.97 -10.03 11.74
C THR G 198 40.65 -9.92 10.98
N LYS G 199 39.72 -10.84 11.23
CA LYS G 199 38.40 -10.85 10.60
C LYS G 199 38.47 -11.03 9.10
N GLY G 200 39.50 -11.75 8.63
CA GLY G 200 39.61 -12.11 7.23
C GLY G 200 40.70 -11.41 6.44
N ASP G 201 41.62 -10.71 7.11
CA ASP G 201 42.68 -9.96 6.43
C ASP G 201 43.83 -10.92 6.12
N GLN G 202 43.81 -11.47 4.92
CA GLN G 202 44.86 -12.39 4.51
C GLN G 202 46.20 -11.69 4.35
N ALA G 203 46.19 -10.41 3.99
CA ALA G 203 47.43 -9.65 3.87
C ALA G 203 48.13 -9.53 5.22
N ALA G 204 47.38 -9.27 6.28
CA ALA G 204 47.98 -9.18 7.61
C ALA G 204 48.56 -10.52 8.05
N SER G 205 47.89 -11.63 7.70
CA SER G 205 48.40 -12.94 8.04
C SER G 205 49.59 -13.36 7.19
N ASP G 206 49.96 -12.58 6.17
CA ASP G 206 51.15 -12.88 5.40
C ASP G 206 52.33 -12.01 5.79
N ASN G 207 52.08 -10.76 6.21
CA ASN G 207 53.15 -9.89 6.66
C ASN G 207 53.71 -10.31 8.01
N LEU G 208 52.92 -11.02 8.82
CA LEU G 208 53.43 -11.51 10.10
C LEU G 208 54.42 -12.65 9.93
N TYR G 209 54.05 -13.68 9.19
CA TYR G 209 54.92 -14.84 9.08
C TYR G 209 56.01 -14.71 8.03
N ARG G 210 56.04 -13.63 7.25
CA ARG G 210 57.03 -13.55 6.18
C ARG G 210 58.39 -13.18 6.75
N GLY G 211 59.43 -13.76 6.14
CA GLY G 211 60.79 -13.53 6.58
C GLY G 211 61.20 -14.29 7.82
N THR G 212 60.33 -15.18 8.34
CA THR G 212 60.66 -15.98 9.51
C THR G 212 60.19 -17.41 9.25
N THR G 213 60.55 -18.30 10.19
CA THR G 213 60.13 -19.69 10.16
C THR G 213 59.21 -19.96 11.34
N PRO G 214 57.90 -19.86 11.16
CA PRO G 214 56.97 -20.15 12.25
C PRO G 214 56.77 -21.66 12.39
N LEU G 215 55.95 -22.04 13.36
CA LEU G 215 55.60 -23.45 13.50
C LEU G 215 54.66 -23.86 12.38
N SER G 216 54.77 -25.11 11.97
CA SER G 216 53.87 -25.66 10.98
C SER G 216 52.65 -26.28 11.65
N ALA G 217 51.57 -26.42 10.87
CA ALA G 217 50.37 -27.07 11.40
C ALA G 217 50.62 -28.53 11.72
N ARG G 218 51.50 -29.20 10.96
CA ARG G 218 51.83 -30.59 11.24
C ARG G 218 52.78 -30.74 12.43
N ASP G 219 53.53 -29.69 12.76
CA ASP G 219 54.42 -29.75 13.92
C ASP G 219 53.63 -29.94 15.20
N ILE G 220 52.56 -29.16 15.39
CA ILE G 220 51.75 -29.30 16.59
C ILE G 220 50.93 -30.58 16.54
N ALA G 221 50.48 -30.98 15.34
CA ALA G 221 49.73 -32.22 15.21
C ALA G 221 50.57 -33.42 15.62
N GLU G 222 51.84 -33.45 15.19
CA GLU G 222 52.72 -34.55 15.58
C GLU G 222 53.04 -34.51 17.08
N GLN G 223 52.93 -33.35 17.71
CA GLN G 223 53.09 -33.28 19.16
C GLN G 223 51.84 -33.73 19.88
N MET G 224 50.66 -33.41 19.34
CA MET G 224 49.43 -33.93 19.90
C MET G 224 49.45 -35.45 19.95
N PHE G 225 49.92 -36.08 18.87
CA PHE G 225 50.01 -37.53 18.84
C PHE G 225 51.05 -38.05 19.83
N TYR G 226 52.16 -37.33 19.97
CA TYR G 226 53.19 -37.74 20.92
C TYR G 226 52.66 -37.75 22.34
N ILE G 227 51.86 -36.75 22.70
CA ILE G 227 51.26 -36.74 24.04
C ILE G 227 50.27 -37.88 24.18
N ALA G 228 49.48 -38.13 23.14
CA ALA G 228 48.50 -39.21 23.18
C ALA G 228 49.19 -40.57 23.23
N THR G 229 50.37 -40.68 22.63
CA THR G 229 51.14 -41.93 22.60
C THR G 229 52.08 -42.05 23.78
N LEU G 230 51.99 -41.15 24.76
CA LEU G 230 52.84 -41.24 25.93
C LEU G 230 52.52 -42.51 26.72
N PRO G 231 53.53 -43.15 27.32
CA PRO G 231 53.24 -44.29 28.19
C PRO G 231 52.27 -43.89 29.28
N ASP G 232 51.43 -44.87 29.64
CA ASP G 232 50.26 -44.61 30.48
C ASP G 232 50.61 -44.11 31.87
N HIS G 233 51.79 -44.47 32.37
CA HIS G 233 52.18 -43.98 33.68
C HIS G 233 52.73 -42.56 33.64
N MET G 234 53.02 -42.04 32.45
CA MET G 234 53.59 -40.71 32.30
C MET G 234 52.51 -39.68 32.01
N ASN G 235 52.78 -38.44 32.40
CA ASN G 235 51.89 -37.33 32.13
C ASN G 235 52.71 -36.07 31.98
N ILE G 236 52.55 -35.38 30.85
CA ILE G 236 53.20 -34.08 30.66
C ILE G 236 52.26 -33.01 31.20
N ASN G 237 52.71 -32.30 32.23
CA ASN G 237 51.90 -31.22 32.79
C ASN G 237 51.71 -30.12 31.76
N ARG G 238 52.79 -29.72 31.12
CA ARG G 238 52.75 -28.65 30.12
C ARG G 238 54.01 -28.76 29.28
N VAL G 239 53.85 -28.59 27.97
CA VAL G 239 54.97 -28.47 27.05
C VAL G 239 54.77 -27.20 26.26
N GLU G 240 55.69 -26.25 26.40
CA GLU G 240 55.65 -24.99 25.67
C GLU G 240 56.64 -25.07 24.52
N VAL G 241 56.12 -25.17 23.31
CA VAL G 241 56.94 -25.28 22.10
C VAL G 241 56.82 -23.98 21.31
N MET G 242 57.95 -23.34 21.08
CA MET G 242 58.08 -22.13 20.27
C MET G 242 58.93 -22.42 19.04
N PRO G 243 58.75 -21.69 17.95
CA PRO G 243 59.76 -21.72 16.90
C PRO G 243 61.06 -21.16 17.44
N VAL G 244 62.18 -21.77 17.06
CA VAL G 244 63.47 -21.35 17.57
C VAL G 244 63.80 -19.91 17.17
N ARG G 245 63.05 -19.35 16.22
CA ARG G 245 63.18 -17.95 15.83
C ARG G 245 62.23 -17.03 16.59
N GLN G 246 61.66 -17.48 17.71
CA GLN G 246 60.81 -16.66 18.55
C GLN G 246 61.31 -16.69 19.99
N ALA G 247 61.34 -15.52 20.62
CA ALA G 247 61.78 -15.41 22.01
C ALA G 247 61.10 -14.24 22.71
N TRP G 248 61.79 -13.61 23.65
CA TRP G 248 61.23 -12.53 24.44
C TRP G 248 62.02 -11.25 24.21
N GLN G 249 61.31 -10.14 24.13
CA GLN G 249 61.91 -8.83 23.94
C GLN G 249 62.20 -8.20 25.30
N PRO G 250 62.97 -7.11 25.34
CA PRO G 250 63.17 -6.39 26.60
C PRO G 250 61.86 -5.82 27.12
N PHE G 251 61.92 -5.29 28.35
CA PHE G 251 60.74 -4.66 28.93
C PHE G 251 60.41 -3.39 28.17
N ALA G 252 59.12 -3.14 27.99
CA ALA G 252 58.68 -1.90 27.40
C ALA G 252 58.84 -0.76 28.39
N ILE G 253 59.47 0.33 27.98
CA ILE G 253 59.64 1.51 28.81
C ILE G 253 59.07 2.69 28.04
N ASP G 254 57.99 3.29 28.58
CA ASP G 254 57.39 4.45 27.96
C ASP G 254 58.28 5.67 28.18
N ARG G 255 58.57 6.39 27.09
CA ARG G 255 59.46 7.54 27.14
C ARG G 255 58.78 8.73 26.50
N ASP G 256 59.24 9.91 26.89
CA ASP G 256 58.71 11.17 26.37
C ASP G 256 59.13 11.38 24.92
N SER H 6 -55.44 -43.62 15.37
CA SER H 6 -55.68 -42.96 14.09
C SER H 6 -54.40 -42.35 13.53
N LYS H 7 -54.55 -41.45 12.55
CA LYS H 7 -53.45 -40.76 11.93
C LYS H 7 -53.45 -39.29 12.34
N VAL H 8 -52.31 -38.80 12.83
CA VAL H 8 -52.20 -37.46 13.40
C VAL H 8 -51.08 -36.69 12.70
N VAL H 9 -51.35 -35.42 12.37
CA VAL H 9 -50.36 -34.51 11.81
C VAL H 9 -50.05 -33.40 12.80
N PHE H 10 -48.75 -33.14 12.97
CA PHE H 10 -48.23 -32.07 13.80
C PHE H 10 -47.76 -30.98 12.88
N ILE H 11 -48.49 -29.87 12.83
CA ILE H 11 -48.21 -28.77 11.92
C ILE H 11 -47.75 -27.58 12.74
N THR H 12 -46.51 -27.14 12.51
CA THR H 12 -46.03 -25.91 13.11
C THR H 12 -46.29 -24.74 12.16
N GLY H 13 -46.59 -23.58 12.75
CA GLY H 13 -46.93 -22.41 11.96
C GLY H 13 -48.14 -22.63 11.08
N ALA H 14 -49.24 -23.08 11.67
CA ALA H 14 -50.46 -23.39 10.94
C ALA H 14 -51.44 -22.24 10.91
N THR H 15 -51.03 -21.06 11.39
CA THR H 15 -51.94 -19.91 11.48
C THR H 15 -52.18 -19.23 10.14
N SER H 16 -51.31 -19.44 9.15
CA SER H 16 -51.48 -18.77 7.86
C SER H 16 -50.75 -19.57 6.79
N GLY H 17 -50.98 -19.18 5.54
CA GLY H 17 -50.19 -19.69 4.44
C GLY H 17 -50.33 -21.19 4.28
N PHE H 18 -49.18 -21.86 4.07
CA PHE H 18 -49.18 -23.30 3.84
C PHE H 18 -49.76 -24.05 5.03
N GLY H 19 -49.38 -23.66 6.26
CA GLY H 19 -49.82 -24.41 7.43
C GLY H 19 -51.32 -24.42 7.62
N GLU H 20 -51.95 -23.26 7.48
CA GLU H 20 -53.40 -23.21 7.62
C GLU H 20 -54.09 -23.95 6.48
N ALA H 21 -53.54 -23.85 5.26
CA ALA H 21 -54.11 -24.58 4.14
C ALA H 21 -53.91 -26.08 4.28
N ALA H 22 -52.78 -26.50 4.87
CA ALA H 22 -52.55 -27.92 5.09
C ALA H 22 -53.54 -28.49 6.11
N ALA H 23 -53.97 -27.67 7.08
CA ALA H 23 -54.94 -28.13 8.06
C ALA H 23 -56.25 -28.53 7.38
N GLN H 24 -56.65 -27.79 6.34
CA GLN H 24 -57.88 -28.11 5.65
C GLN H 24 -57.72 -29.32 4.74
N VAL H 25 -56.53 -29.51 4.17
CA VAL H 25 -56.32 -30.63 3.26
C VAL H 25 -56.31 -31.95 4.04
N PHE H 26 -55.68 -31.96 5.21
CA PHE H 26 -55.68 -33.16 6.03
C PHE H 26 -57.02 -33.41 6.70
N ALA H 27 -57.78 -32.34 7.01
CA ALA H 27 -59.09 -32.53 7.61
C ALA H 27 -60.06 -33.16 6.62
N ASP H 28 -59.96 -32.81 5.34
CA ASP H 28 -60.81 -33.41 4.32
C ASP H 28 -60.51 -34.88 4.08
N ALA H 29 -59.41 -35.40 4.63
CA ALA H 29 -59.04 -36.80 4.51
C ALA H 29 -59.20 -37.57 5.81
N GLY H 30 -59.79 -36.95 6.83
CA GLY H 30 -60.05 -37.61 8.10
C GLY H 30 -58.89 -37.66 9.07
N TRP H 31 -57.76 -37.03 8.76
CA TRP H 31 -56.62 -37.04 9.67
C TRP H 31 -56.89 -36.12 10.85
N SER H 32 -56.56 -36.60 12.05
CA SER H 32 -56.62 -35.73 13.22
C SER H 32 -55.47 -34.72 13.18
N LEU H 33 -55.74 -33.52 13.67
CA LEU H 33 -54.81 -32.40 13.54
C LEU H 33 -54.36 -31.91 14.92
N VAL H 34 -53.08 -31.57 15.03
CA VAL H 34 -52.55 -30.85 16.19
C VAL H 34 -51.74 -29.69 15.63
N LEU H 35 -52.29 -28.48 15.69
CA LEU H 35 -51.75 -27.31 15.03
C LEU H 35 -51.17 -26.34 16.06
N SER H 36 -49.96 -25.84 15.76
CA SER H 36 -49.25 -24.93 16.65
C SER H 36 -49.00 -23.60 15.96
N GLY H 37 -48.41 -22.68 16.71
CA GLY H 37 -48.18 -21.33 16.26
C GLY H 37 -48.26 -20.38 17.44
N ARG H 38 -48.04 -19.10 17.15
CA ARG H 38 -48.02 -18.09 18.22
C ARG H 38 -49.29 -17.25 18.29
N ARG H 39 -49.96 -17.01 17.16
CA ARG H 39 -51.21 -16.24 17.17
C ARG H 39 -52.33 -17.21 17.51
N PHE H 40 -52.60 -17.34 18.81
CA PHE H 40 -53.59 -18.30 19.28
C PHE H 40 -54.99 -17.94 18.82
N GLU H 41 -55.27 -16.65 18.63
CA GLU H 41 -56.63 -16.25 18.28
C GLU H 41 -56.98 -16.60 16.85
N ARG H 42 -56.02 -16.88 16.00
CA ARG H 42 -56.44 -17.36 14.72
C ARG H 42 -56.43 -18.89 14.71
N LEU H 43 -55.67 -19.50 15.62
CA LEU H 43 -55.68 -20.96 15.77
C LEU H 43 -57.02 -21.42 16.31
N LYS H 44 -57.63 -20.62 17.19
CA LYS H 44 -58.96 -20.95 17.70
C LYS H 44 -60.01 -20.82 16.60
N THR H 45 -59.83 -19.82 15.72
CA THR H 45 -60.73 -19.68 14.59
C THR H 45 -60.62 -20.86 13.64
N LEU H 46 -59.40 -21.38 13.45
CA LEU H 46 -59.21 -22.53 12.59
C LEU H 46 -59.71 -23.82 13.24
N GLN H 47 -59.61 -23.91 14.57
CA GLN H 47 -60.08 -25.11 15.27
C GLN H 47 -61.59 -25.28 15.15
N ASP H 48 -62.35 -24.20 15.34
CA ASP H 48 -63.80 -24.30 15.30
C ASP H 48 -64.29 -24.57 13.88
N LYS H 49 -63.54 -24.15 12.87
CA LYS H 49 -63.91 -24.44 11.50
C LYS H 49 -63.64 -25.89 11.12
N LEU H 50 -62.70 -26.55 11.81
CA LEU H 50 -62.31 -27.90 11.48
C LEU H 50 -62.69 -28.93 12.55
N ALA H 51 -63.12 -28.50 13.74
CA ALA H 51 -63.51 -29.46 14.77
C ALA H 51 -64.69 -30.31 14.33
N SER H 52 -65.48 -29.84 13.38
CA SER H 52 -66.54 -30.66 12.80
C SER H 52 -65.94 -31.87 12.08
N GLN H 53 -65.11 -31.62 11.07
CA GLN H 53 -64.53 -32.70 10.28
C GLN H 53 -63.70 -33.65 11.14
N VAL H 54 -62.74 -33.13 11.89
CA VAL H 54 -61.74 -33.97 12.57
C VAL H 54 -61.45 -33.40 13.94
N PRO H 55 -61.02 -34.26 14.88
CA PRO H 55 -60.58 -33.76 16.19
C PRO H 55 -59.34 -32.90 16.07
N VAL H 56 -59.34 -31.76 16.75
CA VAL H 56 -58.27 -30.77 16.65
C VAL H 56 -57.75 -30.44 18.05
N HIS H 57 -56.43 -30.38 18.18
CA HIS H 57 -55.77 -29.93 19.39
C HIS H 57 -54.80 -28.82 19.01
N ILE H 58 -55.01 -27.62 19.56
CA ILE H 58 -54.21 -26.46 19.20
C ILE H 58 -53.23 -26.16 20.32
N ILE H 59 -52.07 -25.62 19.95
CA ILE H 59 -51.00 -25.32 20.90
C ILE H 59 -50.40 -23.96 20.57
N GLU H 60 -50.33 -23.08 21.58
CA GLU H 60 -49.60 -21.83 21.45
C GLU H 60 -48.13 -22.09 21.72
N LEU H 61 -47.33 -22.17 20.66
CA LEU H 61 -45.93 -22.55 20.77
C LEU H 61 -45.08 -21.66 19.87
N ASP H 62 -44.00 -21.12 20.42
CA ASP H 62 -42.97 -20.47 19.62
C ASP H 62 -41.77 -21.41 19.52
N VAL H 63 -41.47 -21.85 18.30
CA VAL H 63 -40.44 -22.84 18.06
C VAL H 63 -39.05 -22.38 18.49
N ARG H 64 -38.86 -21.08 18.76
CA ARG H 64 -37.56 -20.62 19.23
C ARG H 64 -37.29 -20.97 20.68
N ASP H 65 -38.30 -21.41 21.43
CA ASP H 65 -38.15 -21.82 22.83
C ASP H 65 -38.10 -23.34 22.90
N SER H 66 -36.91 -23.89 23.16
CA SER H 66 -36.78 -25.35 23.20
C SER H 66 -37.53 -25.94 24.39
N ASP H 67 -37.50 -25.27 25.54
CA ASP H 67 -38.19 -25.79 26.72
C ASP H 67 -39.69 -25.76 26.53
N SER H 68 -40.21 -24.74 25.85
CA SER H 68 -41.65 -24.68 25.58
C SER H 68 -42.07 -25.76 24.59
N VAL H 69 -41.24 -26.02 23.58
CA VAL H 69 -41.57 -27.07 22.60
C VAL H 69 -41.58 -28.44 23.26
N ALA H 70 -40.60 -28.72 24.12
CA ALA H 70 -40.57 -30.00 24.81
C ALA H 70 -41.79 -30.18 25.72
N ALA H 71 -42.20 -29.11 26.40
CA ALA H 71 -43.38 -29.19 27.26
C ALA H 71 -44.65 -29.36 26.43
N ALA H 72 -44.71 -28.73 25.26
CA ALA H 72 -45.89 -28.84 24.41
C ALA H 72 -46.07 -30.26 23.91
N VAL H 73 -44.97 -30.97 23.66
CA VAL H 73 -45.05 -32.35 23.20
C VAL H 73 -45.38 -33.28 24.37
N ALA H 74 -44.86 -32.97 25.56
CA ALA H 74 -45.14 -33.79 26.73
C ALA H 74 -46.60 -33.71 27.14
N ALA H 75 -47.26 -32.58 26.87
CA ALA H 75 -48.66 -32.38 27.25
C ALA H 75 -49.62 -32.83 26.15
N LEU H 76 -49.17 -33.67 25.23
CA LEU H 76 -50.02 -34.13 24.14
C LEU H 76 -51.08 -35.10 24.66
N PRO H 77 -52.34 -34.95 24.26
CA PRO H 77 -53.36 -35.93 24.64
C PRO H 77 -53.06 -37.30 24.02
N ALA H 78 -53.71 -38.33 24.58
CA ALA H 78 -53.47 -39.69 24.12
C ALA H 78 -53.98 -39.90 22.70
N ASP H 79 -55.08 -39.26 22.34
CA ASP H 79 -55.64 -39.34 20.99
C ASP H 79 -54.88 -38.49 19.98
N PHE H 80 -53.73 -37.95 20.38
CA PHE H 80 -52.92 -37.08 19.54
C PHE H 80 -51.43 -37.38 19.61
N ALA H 81 -50.90 -37.82 20.76
CA ALA H 81 -49.46 -38.00 20.95
C ALA H 81 -48.81 -38.85 19.87
N ASP H 82 -49.53 -39.81 19.29
CA ASP H 82 -48.94 -40.69 18.29
C ASP H 82 -49.04 -40.01 16.93
N ILE H 83 -48.02 -39.20 16.61
CA ILE H 83 -47.99 -38.43 15.37
C ILE H 83 -47.42 -39.32 14.26
N THR H 84 -48.12 -39.35 13.12
CA THR H 84 -47.62 -40.06 11.96
C THR H 84 -46.73 -39.18 11.09
N THR H 85 -47.15 -37.95 10.82
CA THR H 85 -46.42 -37.03 9.97
C THR H 85 -46.18 -35.72 10.71
N LEU H 86 -44.93 -35.25 10.72
CA LEU H 86 -44.56 -33.95 11.27
C LEU H 86 -44.19 -33.03 10.12
N ILE H 87 -44.86 -31.88 10.05
CA ILE H 87 -44.60 -30.88 9.02
C ILE H 87 -43.94 -29.68 9.69
N ASN H 88 -42.64 -29.52 9.46
CA ASN H 88 -41.88 -28.38 10.00
C ASN H 88 -42.07 -27.20 9.05
N ASN H 89 -43.22 -26.54 9.20
CA ASN H 89 -43.62 -25.46 8.31
C ASN H 89 -43.28 -24.07 8.85
N ALA H 90 -43.16 -23.92 10.17
CA ALA H 90 -42.90 -22.62 10.76
C ALA H 90 -41.60 -22.04 10.23
N GLY H 91 -41.71 -20.91 9.53
CA GLY H 91 -40.54 -20.24 9.01
C GLY H 91 -40.89 -18.84 8.55
N LEU H 92 -39.85 -18.07 8.23
CA LEU H 92 -40.02 -16.66 7.89
C LEU H 92 -38.77 -16.16 7.19
N ALA H 93 -38.95 -15.09 6.41
CA ALA H 93 -37.84 -14.32 5.84
C ALA H 93 -37.97 -12.86 6.24
N LEU H 94 -36.85 -12.15 6.27
CA LEU H 94 -36.85 -10.74 6.60
C LEU H 94 -35.83 -10.01 5.74
N SER H 95 -36.00 -8.68 5.67
CA SER H 95 -35.11 -7.73 5.02
C SER H 95 -34.69 -8.17 3.61
N PRO H 96 -35.49 -7.86 2.59
CA PRO H 96 -35.10 -8.23 1.20
C PRO H 96 -34.00 -7.35 0.64
N GLN H 97 -33.47 -6.40 1.41
CA GLN H 97 -32.40 -5.53 0.93
C GLN H 97 -31.10 -6.32 0.88
N PRO H 98 -30.05 -5.78 0.25
CA PRO H 98 -28.75 -6.47 0.24
C PRO H 98 -28.25 -6.77 1.65
N ALA H 99 -27.36 -7.75 1.72
CA ALA H 99 -26.89 -8.24 3.01
C ALA H 99 -26.16 -7.16 3.80
N GLN H 100 -25.46 -6.26 3.11
CA GLN H 100 -24.72 -5.20 3.80
C GLN H 100 -25.64 -4.14 4.40
N LYS H 101 -26.96 -4.26 4.22
CA LYS H 101 -27.91 -3.30 4.75
C LYS H 101 -28.97 -3.97 5.63
N VAL H 102 -28.61 -5.10 6.25
CA VAL H 102 -29.53 -5.85 7.10
C VAL H 102 -29.11 -5.67 8.55
N ASP H 103 -30.09 -5.45 9.42
CA ASP H 103 -29.83 -5.40 10.85
C ASP H 103 -29.67 -6.81 11.39
N LEU H 104 -28.79 -6.96 12.39
CA LEU H 104 -28.43 -8.29 12.86
C LEU H 104 -29.59 -8.97 13.57
N ASP H 105 -30.54 -8.21 14.10
CA ASP H 105 -31.71 -8.83 14.73
C ASP H 105 -32.60 -9.51 13.72
N ASP H 106 -32.61 -9.02 12.47
CA ASP H 106 -33.38 -9.72 11.44
C ASP H 106 -32.70 -11.03 11.06
N TRP H 107 -31.38 -11.04 11.05
CA TRP H 107 -30.64 -12.27 10.79
C TRP H 107 -30.82 -13.27 11.93
N LYS H 108 -30.79 -12.79 13.18
CA LYS H 108 -30.95 -13.69 14.31
C LYS H 108 -32.35 -14.29 14.36
N THR H 109 -33.36 -13.49 14.02
CA THR H 109 -34.74 -13.99 14.07
C THR H 109 -34.95 -15.13 13.08
N MET H 110 -34.32 -15.04 11.91
CA MET H 110 -34.45 -16.10 10.92
C MET H 110 -33.71 -17.37 11.35
N ILE H 111 -32.51 -17.22 11.90
CA ILE H 111 -31.78 -18.39 12.36
C ILE H 111 -32.51 -19.04 13.53
N ASP H 112 -33.04 -18.23 14.44
CA ASP H 112 -33.71 -18.77 15.62
C ASP H 112 -34.98 -19.52 15.25
N THR H 113 -35.62 -19.17 14.13
CA THR H 113 -36.87 -19.78 13.74
C THR H 113 -36.69 -20.89 12.71
N ASN H 114 -35.96 -20.61 11.62
CA ASN H 114 -35.82 -21.60 10.56
C ASN H 114 -34.79 -22.67 10.89
N VAL H 115 -33.81 -22.36 11.72
CA VAL H 115 -32.74 -23.31 12.04
C VAL H 115 -32.98 -23.88 13.43
N THR H 116 -32.78 -23.07 14.46
CA THR H 116 -32.95 -23.56 15.82
C THR H 116 -34.38 -24.03 16.07
N GLY H 117 -35.36 -23.29 15.57
CA GLY H 117 -36.74 -23.70 15.77
C GLY H 117 -37.06 -25.03 15.11
N LEU H 118 -36.46 -25.29 13.95
CA LEU H 118 -36.74 -26.54 13.25
C LEU H 118 -36.08 -27.73 13.94
N VAL H 119 -34.90 -27.53 14.52
CA VAL H 119 -34.27 -28.62 15.25
C VAL H 119 -34.91 -28.81 16.62
N ASN H 120 -35.50 -27.74 17.18
CA ASN H 120 -36.19 -27.86 18.46
C ASN H 120 -37.40 -28.78 18.35
N VAL H 121 -38.19 -28.63 17.29
CA VAL H 121 -39.38 -29.46 17.11
C VAL H 121 -38.97 -30.90 16.78
N THR H 122 -37.93 -31.07 15.96
CA THR H 122 -37.50 -32.41 15.59
C THR H 122 -36.95 -33.16 16.79
N HIS H 123 -36.14 -32.49 17.62
CA HIS H 123 -35.56 -33.17 18.78
C HIS H 123 -36.64 -33.66 19.73
N ALA H 124 -37.68 -32.86 19.96
CA ALA H 124 -38.72 -33.24 20.91
C ALA H 124 -39.56 -34.40 20.40
N LEU H 125 -39.75 -34.51 19.09
CA LEU H 125 -40.64 -35.51 18.50
C LEU H 125 -39.89 -36.71 17.93
N LEU H 126 -38.56 -36.71 17.97
CA LEU H 126 -37.81 -37.85 17.43
C LEU H 126 -38.18 -39.16 18.13
N PRO H 127 -38.25 -39.25 19.47
CA PRO H 127 -38.70 -40.51 20.06
C PRO H 127 -40.12 -40.87 19.67
N THR H 128 -40.99 -39.88 19.49
CA THR H 128 -42.37 -40.16 19.13
C THR H 128 -42.48 -40.75 17.72
N LEU H 129 -41.75 -40.19 16.77
CA LEU H 129 -41.84 -40.66 15.39
C LEU H 129 -41.23 -42.04 15.21
N ILE H 130 -40.15 -42.34 15.94
CA ILE H 130 -39.52 -43.65 15.82
C ILE H 130 -40.42 -44.75 16.39
N ASN H 131 -41.11 -44.46 17.49
CA ASN H 131 -42.03 -45.44 18.06
C ASN H 131 -43.27 -45.66 17.20
N HIS H 132 -43.46 -44.85 16.16
CA HIS H 132 -44.53 -45.08 15.19
C HIS H 132 -43.99 -45.98 14.09
N GLY H 133 -43.23 -45.41 13.16
CA GLY H 133 -42.50 -46.20 12.19
C GLY H 133 -43.35 -46.45 10.97
N ALA H 134 -42.92 -47.44 10.19
CA ALA H 134 -43.55 -47.79 8.92
C ALA H 134 -43.89 -46.56 8.08
N GLY H 135 -45.01 -45.93 8.41
CA GLY H 135 -45.56 -44.78 7.72
C GLY H 135 -45.13 -43.40 8.20
N ALA H 136 -44.29 -43.31 9.22
CA ALA H 136 -43.92 -42.00 9.76
C ALA H 136 -43.08 -41.21 8.78
N SER H 137 -43.32 -39.90 8.74
CA SER H 137 -42.66 -38.99 7.82
C SER H 137 -42.34 -37.68 8.53
N ILE H 138 -41.15 -37.14 8.25
CA ILE H 138 -40.75 -35.81 8.68
C ILE H 138 -40.66 -34.93 7.44
N ILE H 139 -41.63 -34.05 7.26
CA ILE H 139 -41.70 -33.16 6.10
C ILE H 139 -41.14 -31.80 6.52
N ASN H 140 -39.90 -31.55 6.15
CA ASN H 140 -39.27 -30.25 6.38
C ASN H 140 -39.56 -29.34 5.20
N ILE H 141 -40.08 -28.15 5.48
CA ILE H 141 -40.45 -27.19 4.44
C ILE H 141 -39.22 -26.35 4.12
N GLY H 142 -38.52 -26.72 3.06
CA GLY H 142 -37.39 -25.94 2.60
C GLY H 142 -37.81 -24.88 1.62
N SER H 143 -36.99 -24.62 0.62
CA SER H 143 -37.31 -23.62 -0.39
C SER H 143 -36.33 -23.77 -1.54
N ILE H 144 -36.69 -23.17 -2.67
CA ILE H 144 -35.73 -23.06 -3.77
C ILE H 144 -34.53 -22.24 -3.30
N ALA H 145 -34.72 -21.37 -2.30
CA ALA H 145 -33.62 -20.60 -1.77
C ALA H 145 -32.58 -21.46 -1.08
N GLY H 146 -32.94 -22.67 -0.66
CA GLY H 146 -32.00 -23.58 -0.06
C GLY H 146 -31.04 -24.25 -1.02
N GLN H 147 -31.21 -24.03 -2.30
CA GLN H 147 -30.37 -24.58 -3.35
C GLN H 147 -29.85 -23.53 -4.31
N TRP H 148 -30.67 -22.53 -4.63
CA TRP H 148 -30.34 -21.52 -5.64
C TRP H 148 -30.12 -20.17 -4.98
N PRO H 149 -28.97 -19.54 -5.18
CA PRO H 149 -28.73 -18.22 -4.63
C PRO H 149 -29.36 -17.11 -5.46
N TYR H 150 -29.69 -16.01 -4.79
CA TYR H 150 -30.26 -14.84 -5.45
C TYR H 150 -30.07 -13.63 -4.55
N PRO H 151 -30.05 -12.42 -5.11
CA PRO H 151 -29.85 -11.21 -4.28
C PRO H 151 -30.98 -11.03 -3.27
N GLY H 152 -30.60 -10.65 -2.06
CA GLY H 152 -31.57 -10.41 -1.01
C GLY H 152 -31.94 -11.62 -0.18
N SER H 153 -31.42 -12.80 -0.52
CA SER H 153 -31.73 -14.02 0.21
C SER H 153 -30.81 -14.26 1.40
N HIS H 154 -29.64 -13.63 1.43
CA HIS H 154 -28.56 -13.81 2.40
C HIS H 154 -28.73 -14.96 3.39
N VAL H 155 -29.43 -14.71 4.49
CA VAL H 155 -29.58 -15.73 5.54
C VAL H 155 -30.80 -16.61 5.31
N TYR H 156 -31.80 -16.13 4.54
CA TYR H 156 -32.96 -16.96 4.27
C TYR H 156 -32.57 -18.20 3.47
N GLY H 157 -31.88 -18.00 2.34
CA GLY H 157 -31.44 -19.14 1.55
C GLY H 157 -30.51 -20.04 2.32
N ALA H 158 -29.63 -19.45 3.13
CA ALA H 158 -28.72 -20.24 3.94
C ALA H 158 -29.49 -21.07 4.97
N SER H 159 -30.51 -20.48 5.58
CA SER H 159 -31.31 -21.23 6.55
C SER H 159 -32.05 -22.37 5.89
N LYS H 160 -32.52 -22.17 4.65
CA LYS H 160 -33.20 -23.23 3.91
C LYS H 160 -32.23 -24.25 3.33
N ALA H 161 -30.96 -23.88 3.16
CA ALA H 161 -29.95 -24.87 2.83
C ALA H 161 -29.61 -25.73 4.05
N PHE H 162 -29.65 -25.13 5.25
CA PHE H 162 -29.53 -25.90 6.47
C PHE H 162 -30.62 -26.97 6.53
N VAL H 163 -31.86 -26.60 6.20
CA VAL H 163 -32.97 -27.55 6.25
C VAL H 163 -32.76 -28.67 5.25
N LYS H 164 -32.19 -28.35 4.08
CA LYS H 164 -31.96 -29.37 3.07
C LYS H 164 -30.97 -30.42 3.57
N GLN H 165 -29.83 -29.99 4.08
CA GLN H 165 -28.82 -30.94 4.52
C GLN H 165 -29.22 -31.65 5.79
N PHE H 166 -29.93 -30.96 6.70
CA PHE H 166 -30.42 -31.60 7.91
C PHE H 166 -31.39 -32.73 7.57
N SER H 167 -32.19 -32.56 6.50
CA SER H 167 -33.09 -33.62 6.08
C SER H 167 -32.32 -34.83 5.56
N TYR H 168 -31.33 -34.60 4.71
CA TYR H 168 -30.52 -35.70 4.21
C TYR H 168 -29.79 -36.41 5.35
N ASN H 169 -29.24 -35.64 6.27
CA ASN H 169 -28.50 -36.22 7.39
C ASN H 169 -29.41 -37.01 8.32
N LEU H 170 -30.64 -36.53 8.51
CA LEU H 170 -31.60 -37.27 9.34
C LEU H 170 -31.88 -38.64 8.74
N ARG H 171 -31.92 -38.72 7.40
CA ARG H 171 -32.18 -39.99 6.75
C ARG H 171 -31.06 -40.99 7.03
N CYS H 172 -29.81 -40.50 7.11
CA CYS H 172 -28.68 -41.37 7.35
C CYS H 172 -28.73 -41.99 8.74
N ASP H 173 -29.24 -41.27 9.73
CA ASP H 173 -29.27 -41.77 11.10
C ASP H 173 -30.52 -42.57 11.42
N LEU H 174 -31.60 -42.39 10.67
CA LEU H 174 -32.85 -43.10 10.94
C LEU H 174 -33.02 -44.33 10.05
N LEU H 175 -31.93 -44.84 9.48
CA LEU H 175 -32.01 -46.03 8.67
C LEU H 175 -32.42 -47.23 9.53
N GLY H 176 -33.42 -47.97 9.05
CA GLY H 176 -33.93 -49.12 9.77
C GLY H 176 -35.12 -48.84 10.67
N THR H 177 -35.44 -47.57 10.92
CA THR H 177 -36.61 -47.23 11.72
C THR H 177 -37.88 -47.08 10.90
N GLY H 178 -37.76 -47.05 9.57
CA GLY H 178 -38.90 -46.84 8.72
C GLY H 178 -39.37 -45.41 8.60
N VAL H 179 -38.80 -44.49 9.38
CA VAL H 179 -39.22 -43.09 9.39
C VAL H 179 -38.66 -42.38 8.17
N ARG H 180 -39.49 -41.56 7.54
CA ARG H 180 -39.13 -40.86 6.32
C ARG H 180 -38.88 -39.40 6.61
N VAL H 181 -37.87 -38.83 5.94
CA VAL H 181 -37.55 -37.42 6.05
C VAL H 181 -37.51 -36.83 4.64
N THR H 182 -38.25 -35.75 4.44
CA THR H 182 -38.42 -35.17 3.11
C THR H 182 -38.28 -33.65 3.19
N ASP H 183 -37.54 -33.08 2.25
CA ASP H 183 -37.44 -31.63 2.09
C ASP H 183 -38.39 -31.20 0.97
N LEU H 184 -39.51 -30.59 1.34
CA LEU H 184 -40.43 -29.99 0.38
C LEU H 184 -39.97 -28.55 0.14
N ALA H 185 -39.44 -28.30 -1.05
CA ALA H 185 -38.88 -27.00 -1.38
C ALA H 185 -39.73 -26.30 -2.43
N PRO H 186 -40.66 -25.44 -2.03
CA PRO H 186 -41.53 -24.77 -3.01
C PRO H 186 -40.89 -23.50 -3.57
N GLY H 187 -41.47 -23.02 -4.65
CA GLY H 187 -41.08 -21.75 -5.24
C GLY H 187 -41.89 -20.61 -4.67
N ILE H 188 -42.04 -19.55 -5.46
CA ILE H 188 -42.76 -18.38 -4.99
C ILE H 188 -44.25 -18.69 -4.92
N ALA H 189 -44.87 -18.33 -3.79
CA ALA H 189 -46.28 -18.61 -3.54
C ALA H 189 -46.90 -17.44 -2.79
N GLU H 190 -48.14 -17.09 -3.14
CA GLU H 190 -48.81 -15.92 -2.59
C GLU H 190 -49.41 -16.27 -1.24
N THR H 191 -48.69 -15.93 -0.17
CA THR H 191 -49.15 -16.11 1.20
C THR H 191 -48.80 -14.85 1.98
N GLU H 192 -49.10 -14.88 3.29
CA GLU H 192 -48.65 -13.87 4.25
C GLU H 192 -47.12 -13.79 4.37
N PHE H 193 -46.38 -14.59 3.59
CA PHE H 193 -44.93 -14.66 3.71
C PHE H 193 -44.27 -13.32 3.38
N THR H 194 -44.55 -12.80 2.18
CA THR H 194 -43.90 -11.57 1.72
C THR H 194 -44.30 -10.37 2.58
N LEU H 195 -45.48 -10.41 3.20
CA LEU H 195 -45.85 -9.35 4.12
C LEU H 195 -44.89 -9.31 5.31
N VAL H 196 -44.53 -10.48 5.85
CA VAL H 196 -43.58 -10.51 6.95
C VAL H 196 -42.19 -10.08 6.50
N ARG H 197 -41.81 -10.39 5.25
CA ARG H 197 -40.46 -10.10 4.79
C ARG H 197 -40.25 -8.61 4.57
N THR H 198 -41.31 -7.88 4.20
CA THR H 198 -41.23 -6.43 4.02
C THR H 198 -41.72 -5.67 5.25
N LYS H 199 -41.94 -6.37 6.36
CA LYS H 199 -42.35 -5.77 7.63
C LYS H 199 -43.71 -5.06 7.52
N GLY H 200 -44.59 -5.56 6.65
CA GLY H 200 -45.95 -5.10 6.56
C GLY H 200 -46.33 -4.32 5.31
N ASP H 201 -45.47 -4.28 4.30
CA ASP H 201 -45.73 -3.54 3.06
C ASP H 201 -46.46 -4.46 2.09
N GLN H 202 -47.80 -4.40 2.09
CA GLN H 202 -48.58 -5.20 1.15
C GLN H 202 -48.40 -4.69 -0.27
N ALA H 203 -48.08 -3.39 -0.43
CA ALA H 203 -47.82 -2.89 -1.76
C ALA H 203 -46.62 -3.59 -2.37
N ALA H 204 -45.56 -3.77 -1.58
CA ALA H 204 -44.42 -4.54 -2.05
C ALA H 204 -44.81 -5.99 -2.25
N SER H 205 -45.64 -6.52 -1.36
CA SER H 205 -46.14 -7.88 -1.49
C SER H 205 -47.20 -8.00 -2.58
N ASP H 206 -47.64 -6.89 -3.16
CA ASP H 206 -48.58 -6.91 -4.28
C ASP H 206 -47.91 -6.67 -5.61
N ASN H 207 -46.79 -5.95 -5.66
CA ASN H 207 -46.09 -5.82 -6.93
C ASN H 207 -45.53 -7.17 -7.33
N LEU H 208 -45.21 -8.00 -6.34
CA LEU H 208 -44.94 -9.40 -6.59
C LEU H 208 -46.26 -10.12 -6.83
N TYR H 209 -46.17 -11.29 -7.47
CA TYR H 209 -47.32 -12.10 -7.86
C TYR H 209 -48.19 -11.45 -8.92
N ARG H 210 -47.92 -10.20 -9.28
CA ARG H 210 -48.77 -9.49 -10.23
C ARG H 210 -48.45 -9.93 -11.66
N GLY H 211 -49.49 -10.22 -12.44
CA GLY H 211 -49.29 -10.63 -13.82
C GLY H 211 -48.68 -12.00 -13.99
N THR H 212 -48.55 -12.78 -12.92
CA THR H 212 -47.99 -14.12 -12.99
C THR H 212 -48.89 -15.07 -12.21
N THR H 213 -48.61 -16.37 -12.33
CA THR H 213 -49.35 -17.40 -11.63
C THR H 213 -48.44 -18.08 -10.62
N PRO H 214 -48.41 -17.62 -9.37
CA PRO H 214 -47.59 -18.28 -8.35
C PRO H 214 -48.29 -19.52 -7.81
N LEU H 215 -47.61 -20.20 -6.90
CA LEU H 215 -48.20 -21.35 -6.21
C LEU H 215 -49.22 -20.87 -5.19
N SER H 216 -50.25 -21.68 -4.97
CA SER H 216 -51.24 -21.39 -3.95
C SER H 216 -50.84 -22.03 -2.62
N ALA H 217 -51.40 -21.51 -1.53
CA ALA H 217 -51.11 -22.07 -0.21
C ALA H 217 -51.66 -23.49 -0.07
N ARG H 218 -52.82 -23.77 -0.67
CA ARG H 218 -53.37 -25.12 -0.60
C ARG H 218 -52.70 -26.07 -1.57
N ASP H 219 -52.07 -25.53 -2.63
CA ASP H 219 -51.32 -26.35 -3.57
C ASP H 219 -50.14 -27.03 -2.91
N ILE H 220 -49.40 -26.31 -2.06
CA ILE H 220 -48.31 -26.94 -1.35
C ILE H 220 -48.87 -27.95 -0.35
N ALA H 221 -50.07 -27.67 0.20
CA ALA H 221 -50.72 -28.58 1.14
C ALA H 221 -51.08 -29.91 0.50
N GLU H 222 -51.66 -29.87 -0.71
CA GLU H 222 -51.93 -31.10 -1.44
C GLU H 222 -50.66 -31.81 -1.79
N GLN H 223 -49.54 -31.07 -1.88
CA GLN H 223 -48.25 -31.73 -2.05
C GLN H 223 -47.70 -32.31 -0.74
N MET H 224 -47.93 -31.62 0.39
CA MET H 224 -47.57 -32.17 1.69
C MET H 224 -48.34 -33.44 1.98
N PHE H 225 -49.62 -33.47 1.62
CA PHE H 225 -50.44 -34.66 1.85
C PHE H 225 -49.95 -35.83 1.01
N TYR H 226 -49.52 -35.54 -0.22
CA TYR H 226 -48.96 -36.58 -1.09
C TYR H 226 -47.74 -37.23 -0.46
N ILE H 227 -46.87 -36.42 0.15
CA ILE H 227 -45.70 -36.97 0.80
C ILE H 227 -46.09 -37.83 1.99
N ALA H 228 -47.06 -37.38 2.78
CA ALA H 228 -47.47 -38.12 3.97
C ALA H 228 -48.14 -39.43 3.61
N THR H 229 -48.86 -39.49 2.49
CA THR H 229 -49.57 -40.69 2.06
C THR H 229 -48.74 -41.58 1.14
N LEU H 230 -47.45 -41.30 1.00
CA LEU H 230 -46.59 -42.14 0.18
C LEU H 230 -46.49 -43.54 0.78
N PRO H 231 -46.36 -44.57 -0.06
CA PRO H 231 -46.17 -45.92 0.47
C PRO H 231 -44.99 -45.99 1.42
N ASP H 232 -45.10 -46.89 2.41
CA ASP H 232 -44.15 -46.88 3.53
C ASP H 232 -42.73 -47.18 3.08
N HIS H 233 -42.55 -47.93 1.99
CA HIS H 233 -41.22 -48.30 1.53
C HIS H 233 -40.54 -47.20 0.72
N MET H 234 -41.28 -46.18 0.29
CA MET H 234 -40.73 -45.09 -0.50
C MET H 234 -40.36 -43.92 0.38
N ASN H 235 -39.37 -43.14 -0.06
CA ASN H 235 -39.00 -41.91 0.63
C ASN H 235 -38.51 -40.92 -0.40
N ILE H 236 -39.12 -39.75 -0.43
CA ILE H 236 -38.66 -38.66 -1.28
C ILE H 236 -37.65 -37.83 -0.48
N ASN H 237 -36.40 -37.81 -0.95
CA ASN H 237 -35.39 -37.00 -0.27
C ASN H 237 -35.72 -35.52 -0.37
N ARG H 238 -36.06 -35.07 -1.57
CA ARG H 238 -36.34 -33.66 -1.81
C ARG H 238 -37.14 -33.54 -3.08
N VAL H 239 -38.18 -32.70 -3.05
CA VAL H 239 -38.94 -32.34 -4.23
C VAL H 239 -38.97 -30.82 -4.30
N GLU H 240 -38.41 -30.27 -5.38
CA GLU H 240 -38.42 -28.83 -5.61
C GLU H 240 -39.53 -28.51 -6.61
N VAL H 241 -40.59 -27.89 -6.12
CA VAL H 241 -41.75 -27.56 -6.95
C VAL H 241 -41.78 -26.04 -7.16
N MET H 242 -41.73 -25.62 -8.41
CA MET H 242 -41.84 -24.22 -8.78
C MET H 242 -43.09 -24.02 -9.63
N PRO H 243 -43.67 -22.83 -9.62
CA PRO H 243 -44.65 -22.50 -10.65
C PRO H 243 -43.98 -22.49 -12.02
N VAL H 244 -44.68 -23.03 -13.02
CA VAL H 244 -44.09 -23.15 -14.35
C VAL H 244 -43.77 -21.78 -14.96
N ARG H 245 -44.27 -20.71 -14.37
CA ARG H 245 -43.92 -19.35 -14.78
C ARG H 245 -42.74 -18.79 -13.98
N GLN H 246 -42.00 -19.65 -13.29
CA GLN H 246 -40.81 -19.24 -12.54
C GLN H 246 -39.64 -20.11 -12.98
N ALA H 247 -38.49 -19.46 -13.21
CA ALA H 247 -37.29 -20.16 -13.62
C ALA H 247 -36.05 -19.39 -13.18
N TRP H 248 -34.97 -19.50 -13.94
CA TRP H 248 -33.71 -18.87 -13.60
C TRP H 248 -33.28 -17.89 -14.69
N GLN H 249 -32.73 -16.77 -14.26
CA GLN H 249 -32.22 -15.74 -15.16
C GLN H 249 -30.75 -16.00 -15.48
N PRO H 250 -30.19 -15.32 -16.48
CA PRO H 250 -28.75 -15.44 -16.71
C PRO H 250 -27.96 -14.93 -15.51
N PHE H 251 -26.65 -15.13 -15.58
CA PHE H 251 -25.78 -14.68 -14.49
C PHE H 251 -25.75 -13.16 -14.42
N ALA H 252 -25.67 -12.63 -13.20
CA ALA H 252 -25.53 -11.20 -13.02
C ALA H 252 -24.12 -10.78 -13.42
N ILE H 253 -24.03 -9.75 -14.25
CA ILE H 253 -22.75 -9.23 -14.73
C ILE H 253 -22.67 -7.75 -14.39
N ASP H 254 -21.72 -7.40 -13.53
CA ASP H 254 -21.49 -6.00 -13.18
C ASP H 254 -20.81 -5.28 -14.34
N ARG H 255 -21.34 -4.12 -14.71
CA ARG H 255 -20.83 -3.38 -15.86
C ARG H 255 -20.47 -1.96 -15.46
N ASP H 256 -20.26 -1.08 -16.44
CA ASP H 256 -19.91 0.31 -16.17
C ASP H 256 -20.94 1.25 -16.80
N SER I 6 -57.42 -36.94 -27.85
CA SER I 6 -57.26 -37.43 -26.49
C SER I 6 -55.91 -37.01 -25.92
N LYS I 7 -55.46 -37.73 -24.90
CA LYS I 7 -54.17 -37.48 -24.27
C LYS I 7 -53.21 -38.61 -24.64
N VAL I 8 -52.05 -38.25 -25.17
CA VAL I 8 -51.09 -39.20 -25.72
C VAL I 8 -49.77 -39.07 -24.99
N VAL I 9 -49.18 -40.23 -24.64
CA VAL I 9 -47.88 -40.28 -23.98
C VAL I 9 -46.87 -40.94 -24.90
N PHE I 10 -45.68 -40.35 -24.98
CA PHE I 10 -44.57 -40.89 -25.76
C PHE I 10 -43.56 -41.44 -24.75
N ILE I 11 -43.48 -42.76 -24.66
CA ILE I 11 -42.63 -43.45 -23.68
C ILE I 11 -41.49 -44.14 -24.42
N THR I 12 -40.26 -43.75 -24.10
CA THR I 12 -39.07 -44.43 -24.60
C THR I 12 -38.63 -45.51 -23.61
N GLY I 13 -38.03 -46.57 -24.15
CA GLY I 13 -37.62 -47.70 -23.35
C GLY I 13 -38.76 -48.40 -22.65
N ALA I 14 -39.76 -48.80 -23.43
CA ALA I 14 -40.97 -49.43 -22.91
C ALA I 14 -40.92 -50.96 -22.93
N THR I 15 -39.78 -51.55 -23.28
CA THR I 15 -39.73 -53.00 -23.37
C THR I 15 -39.63 -53.66 -22.00
N SER I 16 -39.20 -52.94 -20.98
CA SER I 16 -39.08 -53.50 -19.64
C SER I 16 -39.06 -52.37 -18.63
N GLY I 17 -39.12 -52.75 -17.36
CA GLY I 17 -38.88 -51.82 -16.26
C GLY I 17 -39.88 -50.69 -16.19
N PHE I 18 -39.36 -49.48 -15.97
CA PHE I 18 -40.21 -48.31 -15.79
C PHE I 18 -41.09 -48.05 -17.01
N GLY I 19 -40.49 -48.11 -18.21
CA GLY I 19 -41.26 -47.83 -19.41
C GLY I 19 -42.39 -48.80 -19.63
N GLU I 20 -42.13 -50.10 -19.41
CA GLU I 20 -43.18 -51.11 -19.57
C GLU I 20 -44.25 -50.96 -18.50
N ALA I 21 -43.85 -50.67 -17.27
CA ALA I 21 -44.82 -50.47 -16.20
C ALA I 21 -45.58 -49.16 -16.37
N ALA I 22 -44.94 -48.12 -16.87
CA ALA I 22 -45.62 -46.85 -17.08
C ALA I 22 -46.71 -46.97 -18.13
N ALA I 23 -46.52 -47.84 -19.13
CA ALA I 23 -47.52 -48.02 -20.17
C ALA I 23 -48.85 -48.49 -19.58
N GLN I 24 -48.81 -49.37 -18.57
CA GLN I 24 -50.04 -49.88 -18.00
C GLN I 24 -50.75 -48.87 -17.10
N VAL I 25 -49.99 -48.04 -16.39
CA VAL I 25 -50.61 -47.06 -15.50
C VAL I 25 -51.26 -45.95 -16.32
N PHE I 26 -50.64 -45.54 -17.42
CA PHE I 26 -51.25 -44.51 -18.28
C PHE I 26 -52.45 -45.07 -19.01
N ALA I 27 -52.43 -46.37 -19.33
CA ALA I 27 -53.58 -47.00 -19.98
C ALA I 27 -54.78 -47.05 -19.04
N ASP I 28 -54.53 -47.24 -17.73
CA ASP I 28 -55.61 -47.27 -16.75
C ASP I 28 -56.31 -45.93 -16.61
N ALA I 29 -55.76 -44.87 -17.19
CA ALA I 29 -56.36 -43.54 -17.14
C ALA I 29 -56.92 -43.09 -18.49
N GLY I 30 -56.93 -43.97 -19.48
CA GLY I 30 -57.48 -43.64 -20.78
C GLY I 30 -56.55 -42.90 -21.71
N TRP I 31 -55.29 -42.69 -21.33
CA TRP I 31 -54.35 -41.99 -22.18
C TRP I 31 -53.95 -42.88 -23.36
N SER I 32 -53.91 -42.27 -24.55
CA SER I 32 -53.38 -42.98 -25.71
C SER I 32 -51.86 -43.13 -25.57
N LEU I 33 -51.35 -44.23 -26.11
CA LEU I 33 -49.97 -44.64 -25.85
C LEU I 33 -49.16 -44.70 -27.14
N VAL I 34 -47.90 -44.28 -27.04
CA VAL I 34 -46.90 -44.44 -28.10
C VAL I 34 -45.65 -45.02 -27.45
N LEU I 35 -45.41 -46.31 -27.62
CA LEU I 35 -44.33 -47.00 -26.93
C LEU I 35 -43.23 -47.36 -27.91
N SER I 36 -41.99 -47.08 -27.53
CA SER I 36 -40.83 -47.33 -28.38
C SER I 36 -39.87 -48.30 -27.67
N GLY I 37 -38.82 -48.67 -28.39
CA GLY I 37 -37.86 -49.64 -27.91
C GLY I 37 -37.30 -50.43 -29.08
N ARG I 38 -36.38 -51.33 -28.76
CA ARG I 38 -35.71 -52.13 -29.78
C ARG I 38 -36.21 -53.56 -29.86
N ARG I 39 -36.68 -54.13 -28.75
CA ARG I 39 -37.20 -55.50 -28.70
C ARG I 39 -38.65 -55.48 -29.19
N PHE I 40 -38.85 -55.77 -30.47
CA PHE I 40 -40.18 -55.69 -31.06
C PHE I 40 -41.13 -56.74 -30.48
N GLU I 41 -40.62 -57.91 -30.08
CA GLU I 41 -41.51 -58.94 -29.57
C GLU I 41 -42.07 -58.59 -28.20
N ARG I 42 -41.48 -57.62 -27.51
CA ARG I 42 -42.07 -57.07 -26.30
C ARG I 42 -43.01 -55.92 -26.59
N LEU I 43 -42.76 -55.18 -27.67
CA LEU I 43 -43.67 -54.11 -28.06
C LEU I 43 -44.96 -54.68 -28.63
N LYS I 44 -44.86 -55.77 -29.39
CA LYS I 44 -46.07 -56.39 -29.91
C LYS I 44 -46.87 -57.03 -28.79
N THR I 45 -46.18 -57.61 -27.81
CA THR I 45 -46.88 -58.20 -26.66
C THR I 45 -47.56 -57.14 -25.80
N LEU I 46 -46.95 -55.97 -25.62
CA LEU I 46 -47.59 -54.91 -24.85
C LEU I 46 -48.77 -54.32 -25.63
N GLN I 47 -48.64 -54.26 -26.97
CA GLN I 47 -49.75 -53.74 -27.77
C GLN I 47 -50.95 -54.66 -27.69
N ASP I 48 -50.75 -55.97 -27.79
CA ASP I 48 -51.89 -56.88 -27.75
C ASP I 48 -52.52 -56.91 -26.37
N LYS I 49 -51.72 -56.68 -25.33
CA LYS I 49 -52.25 -56.63 -23.98
C LYS I 49 -52.95 -55.31 -23.66
N LEU I 50 -52.58 -54.23 -24.35
CA LEU I 50 -53.10 -52.91 -24.04
C LEU I 50 -54.02 -52.33 -25.11
N ALA I 51 -54.08 -52.93 -26.30
CA ALA I 51 -54.97 -52.41 -27.34
C ALA I 51 -56.43 -52.42 -26.92
N SER I 52 -56.78 -53.25 -25.94
CA SER I 52 -58.14 -53.23 -25.39
C SER I 52 -58.44 -51.88 -24.75
N GLN I 53 -57.69 -51.54 -23.70
CA GLN I 53 -57.95 -50.30 -22.96
C GLN I 53 -57.83 -49.06 -23.84
N VAL I 54 -56.69 -48.88 -24.52
CA VAL I 54 -56.38 -47.61 -25.17
C VAL I 54 -55.70 -47.87 -26.51
N PRO I 55 -55.80 -46.92 -27.44
CA PRO I 55 -55.05 -47.04 -28.70
C PRO I 55 -53.54 -46.98 -28.46
N VAL I 56 -52.82 -47.88 -29.12
CA VAL I 56 -51.38 -48.04 -28.94
C VAL I 56 -50.70 -47.96 -30.31
N HIS I 57 -49.60 -47.22 -30.36
CA HIS I 57 -48.75 -47.13 -31.55
C HIS I 57 -47.32 -47.45 -31.14
N ILE I 58 -46.76 -48.51 -31.70
CA ILE I 58 -45.44 -48.98 -31.33
C ILE I 58 -44.44 -48.63 -32.43
N ILE I 59 -43.20 -48.38 -32.02
CA ILE I 59 -42.11 -48.05 -32.91
C ILE I 59 -40.86 -48.79 -32.44
N GLU I 60 -40.22 -49.53 -33.34
CA GLU I 60 -38.91 -50.10 -33.04
C GLU I 60 -37.90 -48.99 -33.27
N LEU I 61 -37.42 -48.40 -32.18
CA LEU I 61 -36.59 -47.20 -32.27
C LEU I 61 -35.37 -47.36 -31.38
N ASP I 62 -34.21 -47.09 -31.94
CA ASP I 62 -32.97 -46.97 -31.20
C ASP I 62 -32.71 -45.48 -31.08
N VAL I 63 -32.78 -44.96 -29.85
CA VAL I 63 -32.69 -43.53 -29.60
C VAL I 63 -31.34 -42.95 -30.01
N ARG I 64 -30.35 -43.79 -30.27
CA ARG I 64 -29.03 -43.32 -30.69
C ARG I 64 -29.00 -42.85 -32.14
N ASP I 65 -30.01 -43.17 -32.95
CA ASP I 65 -30.09 -42.71 -34.34
C ASP I 65 -31.10 -41.57 -34.41
N SER I 66 -30.60 -40.34 -34.53
CA SER I 66 -31.48 -39.17 -34.54
C SER I 66 -32.40 -39.15 -35.76
N ASP I 67 -31.90 -39.61 -36.91
CA ASP I 67 -32.73 -39.60 -38.10
C ASP I 67 -33.93 -40.53 -37.94
N SER I 68 -33.73 -41.66 -37.27
CA SER I 68 -34.85 -42.56 -36.99
C SER I 68 -35.81 -41.94 -35.99
N VAL I 69 -35.28 -41.23 -34.99
CA VAL I 69 -36.15 -40.55 -34.03
C VAL I 69 -36.96 -39.48 -34.74
N ALA I 70 -36.31 -38.73 -35.63
CA ALA I 70 -37.01 -37.71 -36.40
C ALA I 70 -38.07 -38.33 -37.32
N ALA I 71 -37.75 -39.48 -37.92
CA ALA I 71 -38.72 -40.14 -38.80
C ALA I 71 -39.90 -40.70 -38.02
N ALA I 72 -39.65 -41.24 -36.83
CA ALA I 72 -40.75 -41.79 -36.02
C ALA I 72 -41.72 -40.71 -35.59
N VAL I 73 -41.21 -39.51 -35.30
CA VAL I 73 -42.08 -38.42 -34.87
C VAL I 73 -42.83 -37.84 -36.05
N ALA I 74 -42.18 -37.74 -37.22
CA ALA I 74 -42.85 -37.24 -38.41
C ALA I 74 -43.91 -38.20 -38.91
N ALA I 75 -43.71 -39.51 -38.72
CA ALA I 75 -44.64 -40.53 -39.20
C ALA I 75 -45.69 -40.89 -38.16
N LEU I 76 -45.91 -40.05 -37.16
CA LEU I 76 -46.92 -40.35 -36.16
C LEU I 76 -48.30 -40.18 -36.78
N PRO I 77 -49.21 -41.11 -36.58
CA PRO I 77 -50.58 -40.92 -37.09
C PRO I 77 -51.24 -39.74 -36.41
N ALA I 78 -52.34 -39.29 -37.01
CA ALA I 78 -53.00 -38.07 -36.51
C ALA I 78 -53.57 -38.28 -35.12
N ASP I 79 -54.02 -39.50 -34.81
CA ASP I 79 -54.52 -39.84 -33.49
C ASP I 79 -53.40 -40.06 -32.47
N PHE I 80 -52.16 -39.70 -32.83
CA PHE I 80 -50.98 -39.89 -31.99
C PHE I 80 -50.06 -38.68 -31.94
N ALA I 81 -49.93 -37.90 -33.02
CA ALA I 81 -48.96 -36.81 -33.09
C ALA I 81 -49.09 -35.80 -31.95
N ASP I 82 -50.30 -35.59 -31.41
CA ASP I 82 -50.48 -34.57 -30.39
C ASP I 82 -50.14 -35.16 -29.03
N ILE I 83 -48.85 -35.12 -28.69
CA ILE I 83 -48.34 -35.71 -27.46
C ILE I 83 -48.43 -34.68 -26.33
N THR I 84 -49.00 -35.09 -25.20
CA THR I 84 -49.05 -34.26 -24.01
C THR I 84 -47.81 -34.42 -23.12
N THR I 85 -47.39 -35.65 -22.87
CA THR I 85 -46.28 -35.93 -21.98
C THR I 85 -45.24 -36.77 -22.71
N LEU I 86 -43.98 -36.33 -22.65
CA LEU I 86 -42.85 -37.10 -23.16
C LEU I 86 -42.03 -37.59 -21.98
N ILE I 87 -41.85 -38.90 -21.89
CA ILE I 87 -41.08 -39.52 -20.82
C ILE I 87 -39.80 -40.09 -21.43
N ASN I 88 -38.67 -39.42 -21.16
CA ASN I 88 -37.36 -39.87 -21.64
C ASN I 88 -36.82 -40.92 -20.68
N ASN I 89 -37.34 -42.14 -20.82
CA ASN I 89 -37.02 -43.22 -19.90
C ASN I 89 -35.93 -44.15 -20.41
N ALA I 90 -35.75 -44.26 -21.72
CA ALA I 90 -34.76 -45.16 -22.28
C ALA I 90 -33.36 -44.84 -21.76
N GLY I 91 -32.77 -45.77 -21.02
CA GLY I 91 -31.43 -45.60 -20.50
C GLY I 91 -30.91 -46.92 -19.98
N LEU I 92 -29.61 -46.92 -19.65
CA LEU I 92 -28.95 -48.15 -19.27
C LEU I 92 -27.62 -47.83 -18.59
N ALA I 93 -27.16 -48.78 -17.79
CA ALA I 93 -25.81 -48.74 -17.24
C ALA I 93 -25.08 -50.04 -17.61
N LEU I 94 -23.75 -49.95 -17.65
CA LEU I 94 -22.90 -51.09 -17.95
C LEU I 94 -21.66 -51.05 -17.07
N SER I 95 -20.99 -52.20 -16.99
CA SER I 95 -19.73 -52.40 -16.29
C SER I 95 -19.72 -51.79 -14.89
N PRO I 96 -20.23 -52.51 -13.89
CA PRO I 96 -20.22 -51.97 -12.51
C PRO I 96 -18.85 -51.98 -11.85
N GLN I 97 -17.81 -52.43 -12.55
CA GLN I 97 -16.46 -52.47 -12.00
C GLN I 97 -15.90 -51.04 -11.96
N PRO I 98 -14.75 -50.84 -11.28
CA PRO I 98 -14.13 -49.51 -11.29
C PRO I 98 -13.90 -48.95 -12.69
N ALA I 99 -13.78 -47.63 -12.79
CA ALA I 99 -13.69 -46.98 -14.09
C ALA I 99 -12.43 -47.39 -14.85
N GLN I 100 -11.33 -47.62 -14.15
CA GLN I 100 -10.08 -47.99 -14.81
C GLN I 100 -10.10 -49.37 -15.41
N LYS I 101 -11.17 -50.14 -15.23
CA LYS I 101 -11.29 -51.49 -15.75
C LYS I 101 -12.54 -51.63 -16.62
N VAL I 102 -12.99 -50.53 -17.21
CA VAL I 102 -14.18 -50.50 -18.07
C VAL I 102 -13.73 -50.31 -19.50
N ASP I 103 -14.33 -51.07 -20.42
CA ASP I 103 -14.05 -50.90 -21.83
C ASP I 103 -14.76 -49.65 -22.35
N LEU I 104 -14.12 -48.97 -23.30
CA LEU I 104 -14.65 -47.70 -23.76
C LEU I 104 -15.94 -47.88 -24.55
N ASP I 105 -16.17 -49.07 -25.11
CA ASP I 105 -17.41 -49.32 -25.83
C ASP I 105 -18.61 -49.33 -24.88
N ASP I 106 -18.39 -49.70 -23.61
CA ASP I 106 -19.47 -49.63 -22.64
C ASP I 106 -19.76 -48.18 -22.25
N TRP I 107 -18.71 -47.36 -22.17
CA TRP I 107 -18.90 -45.95 -21.89
C TRP I 107 -19.64 -45.25 -23.02
N LYS I 108 -19.31 -45.59 -24.27
CA LYS I 108 -19.97 -44.96 -25.40
C LYS I 108 -21.44 -45.34 -25.45
N THR I 109 -21.76 -46.58 -25.08
CA THR I 109 -23.16 -47.01 -25.10
C THR I 109 -23.98 -46.21 -24.09
N MET I 110 -23.39 -45.88 -22.94
CA MET I 110 -24.08 -45.09 -21.94
C MET I 110 -24.27 -43.65 -22.40
N ILE I 111 -23.22 -43.07 -23.00
CA ILE I 111 -23.33 -41.70 -23.51
C ILE I 111 -24.32 -41.63 -24.66
N ASP I 112 -24.29 -42.62 -25.55
CA ASP I 112 -25.17 -42.60 -26.72
C ASP I 112 -26.64 -42.73 -26.36
N THR I 113 -26.96 -43.39 -25.24
CA THR I 113 -28.35 -43.63 -24.87
C THR I 113 -28.88 -42.63 -23.85
N ASN I 114 -28.16 -42.44 -22.74
CA ASN I 114 -28.64 -41.58 -21.68
C ASN I 114 -28.42 -40.10 -21.98
N VAL I 115 -27.42 -39.78 -22.79
CA VAL I 115 -27.13 -38.39 -23.11
C VAL I 115 -27.61 -38.10 -24.53
N THR I 116 -26.90 -38.63 -25.53
CA THR I 116 -27.25 -38.36 -26.92
C THR I 116 -28.66 -38.85 -27.23
N GLY I 117 -29.02 -40.04 -26.75
CA GLY I 117 -30.34 -40.57 -27.04
C GLY I 117 -31.47 -39.73 -26.48
N LEU I 118 -31.25 -39.14 -25.29
CA LEU I 118 -32.29 -38.34 -24.66
C LEU I 118 -32.46 -36.99 -25.35
N VAL I 119 -31.36 -36.40 -25.82
CA VAL I 119 -31.48 -35.14 -26.53
C VAL I 119 -32.02 -35.36 -27.94
N ASN I 120 -31.80 -36.54 -28.51
CA ASN I 120 -32.36 -36.85 -29.82
C ASN I 120 -33.89 -36.87 -29.75
N VAL I 121 -34.45 -37.47 -28.70
CA VAL I 121 -35.90 -37.56 -28.58
C VAL I 121 -36.50 -36.19 -28.27
N THR I 122 -35.84 -35.39 -27.44
CA THR I 122 -36.38 -34.07 -27.10
C THR I 122 -36.35 -33.12 -28.30
N HIS I 123 -35.27 -33.13 -29.06
CA HIS I 123 -35.18 -32.23 -30.21
C HIS I 123 -36.28 -32.51 -31.22
N ALA I 124 -36.58 -33.79 -31.47
CA ALA I 124 -37.62 -34.14 -32.43
C ALA I 124 -39.00 -33.81 -31.92
N LEU I 125 -39.22 -33.86 -30.60
CA LEU I 125 -40.55 -33.69 -30.04
C LEU I 125 -40.79 -32.32 -29.42
N LEU I 126 -39.76 -31.47 -29.34
CA LEU I 126 -39.96 -30.15 -28.74
C LEU I 126 -41.00 -29.30 -29.47
N PRO I 127 -40.99 -29.18 -30.81
CA PRO I 127 -42.04 -28.37 -31.46
C PRO I 127 -43.44 -28.87 -31.21
N THR I 128 -43.64 -30.20 -31.15
CA THR I 128 -44.98 -30.73 -30.92
C THR I 128 -45.45 -30.41 -29.50
N LEU I 129 -44.57 -30.55 -28.51
CA LEU I 129 -44.98 -30.28 -27.13
C LEU I 129 -45.25 -28.80 -26.91
N ILE I 130 -44.49 -27.92 -27.57
CA ILE I 130 -44.75 -26.49 -27.44
C ILE I 130 -46.07 -26.13 -28.11
N ASN I 131 -46.37 -26.77 -29.25
CA ASN I 131 -47.66 -26.55 -29.91
C ASN I 131 -48.81 -27.16 -29.14
N HIS I 132 -48.53 -27.91 -28.07
CA HIS I 132 -49.60 -28.41 -27.21
C HIS I 132 -49.97 -27.33 -26.21
N GLY I 133 -49.01 -26.92 -25.38
CA GLY I 133 -49.19 -25.71 -24.62
C GLY I 133 -49.29 -25.91 -23.12
N ALA I 134 -50.51 -25.91 -22.61
CA ALA I 134 -50.75 -25.97 -21.19
C ALA I 134 -51.00 -27.43 -20.79
N GLY I 135 -50.15 -27.93 -19.90
CA GLY I 135 -50.23 -29.30 -19.43
C GLY I 135 -49.17 -30.21 -19.99
N ALA I 136 -48.37 -29.72 -20.94
CA ALA I 136 -47.33 -30.55 -21.53
C ALA I 136 -46.17 -30.71 -20.53
N SER I 137 -45.59 -31.90 -20.51
CA SER I 137 -44.53 -32.22 -19.57
C SER I 137 -43.46 -33.04 -20.27
N ILE I 138 -42.20 -32.71 -19.98
CA ILE I 138 -41.06 -33.50 -20.41
C ILE I 138 -40.50 -34.14 -19.15
N ILE I 139 -40.74 -35.43 -18.96
CA ILE I 139 -40.32 -36.16 -17.78
C ILE I 139 -39.03 -36.88 -18.14
N ASN I 140 -37.91 -36.31 -17.72
CA ASN I 140 -36.60 -36.93 -17.89
C ASN I 140 -36.32 -37.83 -16.70
N ILE I 141 -35.99 -39.09 -16.98
CA ILE I 141 -35.74 -40.07 -15.94
C ILE I 141 -34.27 -39.98 -15.56
N GLY I 142 -34.00 -39.29 -14.45
CA GLY I 142 -32.64 -39.21 -13.92
C GLY I 142 -32.33 -40.34 -12.98
N SER I 143 -31.58 -40.05 -11.92
CA SER I 143 -31.22 -41.04 -10.92
C SER I 143 -30.62 -40.33 -9.72
N ILE I 144 -30.58 -41.05 -8.60
CA ILE I 144 -29.79 -40.57 -7.46
C ILE I 144 -28.33 -40.47 -7.86
N ALA I 145 -27.92 -41.26 -8.85
CA ALA I 145 -26.55 -41.20 -9.37
C ALA I 145 -26.24 -39.88 -10.04
N GLY I 146 -27.26 -39.11 -10.42
CA GLY I 146 -27.02 -37.80 -10.97
C GLY I 146 -26.63 -36.72 -9.96
N GLN I 147 -26.63 -37.05 -8.67
CA GLN I 147 -26.25 -36.08 -7.65
C GLN I 147 -25.23 -36.65 -6.68
N TRP I 148 -25.33 -37.93 -6.35
CA TRP I 148 -24.47 -38.53 -5.33
C TRP I 148 -23.47 -39.47 -5.98
N PRO I 149 -22.17 -39.26 -5.77
CA PRO I 149 -21.16 -40.16 -6.35
C PRO I 149 -20.98 -41.41 -5.51
N TYR I 150 -20.57 -42.48 -6.18
CA TYR I 150 -20.33 -43.76 -5.53
C TYR I 150 -19.44 -44.61 -6.42
N PRO I 151 -18.72 -45.59 -5.86
CA PRO I 151 -17.82 -46.41 -6.68
C PRO I 151 -18.60 -47.22 -7.71
N GLY I 152 -18.03 -47.29 -8.92
CA GLY I 152 -18.65 -48.07 -9.97
C GLY I 152 -19.68 -47.34 -10.80
N SER I 153 -19.97 -46.08 -10.49
CA SER I 153 -20.96 -45.32 -11.23
C SER I 153 -20.40 -44.63 -12.48
N HIS I 154 -19.11 -44.30 -12.46
CA HIS I 154 -18.37 -43.57 -13.48
C HIS I 154 -19.19 -42.77 -14.49
N VAL I 155 -19.60 -43.41 -15.59
CA VAL I 155 -20.32 -42.70 -16.65
C VAL I 155 -21.84 -42.73 -16.48
N TYR I 156 -22.37 -43.72 -15.76
CA TYR I 156 -23.81 -43.75 -15.51
C TYR I 156 -24.25 -42.55 -14.69
N GLY I 157 -23.60 -42.35 -13.55
CA GLY I 157 -23.96 -41.22 -12.70
C GLY I 157 -23.73 -39.88 -13.39
N ALA I 158 -22.65 -39.78 -14.16
CA ALA I 158 -22.38 -38.54 -14.89
C ALA I 158 -23.46 -38.28 -15.92
N SER I 159 -23.92 -39.33 -16.60
CA SER I 159 -24.99 -39.18 -17.59
C SER I 159 -26.29 -38.72 -16.93
N LYS I 160 -26.55 -39.22 -15.72
CA LYS I 160 -27.74 -38.79 -14.99
C LYS I 160 -27.56 -37.42 -14.36
N ALA I 161 -26.31 -36.95 -14.21
CA ALA I 161 -26.11 -35.55 -13.88
C ALA I 161 -26.36 -34.66 -15.09
N PHE I 162 -26.06 -35.15 -16.29
CA PHE I 162 -26.42 -34.44 -17.52
C PHE I 162 -27.94 -34.22 -17.59
N VAL I 163 -28.72 -35.27 -17.35
CA VAL I 163 -30.17 -35.13 -17.45
C VAL I 163 -30.71 -34.20 -16.38
N LYS I 164 -30.09 -34.19 -15.19
CA LYS I 164 -30.55 -33.29 -14.14
C LYS I 164 -30.41 -31.83 -14.57
N GLN I 165 -29.21 -31.46 -15.05
CA GLN I 165 -28.97 -30.08 -15.46
C GLN I 165 -29.68 -29.76 -16.77
N PHE I 166 -29.75 -30.72 -17.69
CA PHE I 166 -30.49 -30.51 -18.93
C PHE I 166 -31.96 -30.24 -18.65
N SER I 167 -32.51 -30.84 -17.59
CA SER I 167 -33.89 -30.55 -17.21
C SER I 167 -34.02 -29.11 -16.72
N TYR I 168 -33.11 -28.68 -15.84
CA TYR I 168 -33.14 -27.31 -15.34
C TYR I 168 -32.98 -26.31 -16.48
N ASN I 169 -32.05 -26.58 -17.39
CA ASN I 169 -31.77 -25.66 -18.49
C ASN I 169 -32.95 -25.54 -19.46
N LEU I 170 -33.68 -26.64 -19.68
CA LEU I 170 -34.84 -26.59 -20.58
C LEU I 170 -35.90 -25.63 -20.06
N ARG I 171 -36.07 -25.57 -18.74
CA ARG I 171 -37.08 -24.67 -18.17
C ARG I 171 -36.72 -23.22 -18.44
N CYS I 172 -35.44 -22.88 -18.46
CA CYS I 172 -35.03 -21.51 -18.74
C CYS I 172 -35.38 -21.10 -20.16
N ASP I 173 -35.31 -22.02 -21.12
CA ASP I 173 -35.59 -21.71 -22.51
C ASP I 173 -37.05 -21.85 -22.87
N LEU I 174 -37.81 -22.63 -22.11
CA LEU I 174 -39.24 -22.84 -22.35
C LEU I 174 -40.12 -22.03 -21.41
N LEU I 175 -39.56 -20.97 -20.81
CA LEU I 175 -40.35 -20.12 -19.93
C LEU I 175 -41.44 -19.40 -20.71
N GLY I 176 -42.67 -19.50 -20.21
CA GLY I 176 -43.81 -18.86 -20.84
C GLY I 176 -44.58 -19.74 -21.81
N THR I 177 -44.03 -20.90 -22.19
CA THR I 177 -44.73 -21.80 -23.09
C THR I 177 -45.66 -22.76 -22.36
N GLY I 178 -45.56 -22.82 -21.03
CA GLY I 178 -46.37 -23.72 -20.22
C GLY I 178 -45.90 -25.15 -20.20
N VAL I 179 -44.94 -25.53 -21.05
CA VAL I 179 -44.46 -26.91 -21.07
C VAL I 179 -43.50 -27.10 -19.91
N ARG I 180 -43.65 -28.23 -19.20
CA ARG I 180 -42.92 -28.50 -17.98
C ARG I 180 -41.82 -29.53 -18.21
N VAL I 181 -40.70 -29.33 -17.53
CA VAL I 181 -39.57 -30.25 -17.57
C VAL I 181 -39.26 -30.68 -16.15
N THR I 182 -39.18 -31.99 -15.93
CA THR I 182 -39.01 -32.56 -14.60
C THR I 182 -37.94 -33.64 -14.64
N ASP I 183 -37.06 -33.63 -13.64
CA ASP I 183 -36.08 -34.69 -13.45
C ASP I 183 -36.62 -35.63 -12.38
N LEU I 184 -37.09 -36.79 -12.82
CA LEU I 184 -37.50 -37.87 -11.91
C LEU I 184 -36.28 -38.73 -11.64
N ALA I 185 -35.75 -38.64 -10.42
CA ALA I 185 -34.51 -39.32 -10.06
C ALA I 185 -34.80 -40.43 -9.06
N PRO I 186 -34.95 -41.68 -9.51
CA PRO I 186 -35.27 -42.78 -8.59
C PRO I 186 -34.02 -43.38 -7.96
N GLY I 187 -34.26 -44.14 -6.90
CA GLY I 187 -33.23 -44.91 -6.23
C GLY I 187 -33.13 -46.32 -6.76
N ILE I 188 -32.70 -47.23 -5.89
CA ILE I 188 -32.50 -48.62 -6.30
C ILE I 188 -33.86 -49.27 -6.56
N ALA I 189 -33.98 -49.95 -7.70
CA ALA I 189 -35.25 -50.54 -8.08
C ALA I 189 -35.00 -51.85 -8.82
N GLU I 190 -35.83 -52.86 -8.55
CA GLU I 190 -35.70 -54.16 -9.21
C GLU I 190 -36.41 -53.99 -10.54
N THR I 191 -35.63 -53.66 -11.59
CA THR I 191 -36.18 -53.36 -12.89
C THR I 191 -35.39 -53.98 -14.03
N GLU I 192 -34.81 -55.16 -13.84
CA GLU I 192 -34.06 -55.83 -14.91
C GLU I 192 -32.85 -54.98 -15.27
N PHE I 193 -32.69 -53.88 -14.52
CA PHE I 193 -31.59 -52.94 -14.75
C PHE I 193 -30.26 -53.62 -14.54
N THR I 194 -30.09 -54.24 -13.37
CA THR I 194 -28.84 -54.88 -13.00
C THR I 194 -28.54 -56.08 -13.89
N LEU I 195 -29.57 -56.74 -14.43
CA LEU I 195 -29.32 -57.84 -15.36
C LEU I 195 -28.66 -57.37 -16.64
N VAL I 196 -29.19 -56.31 -17.26
CA VAL I 196 -28.56 -55.76 -18.45
C VAL I 196 -27.24 -55.13 -18.07
N ARG I 197 -27.18 -54.60 -16.86
CA ARG I 197 -26.01 -53.86 -16.37
C ARG I 197 -24.83 -54.76 -16.08
N THR I 198 -25.09 -56.01 -15.71
CA THR I 198 -24.06 -57.00 -15.45
C THR I 198 -23.80 -57.90 -16.64
N LYS I 199 -24.36 -57.54 -17.81
CA LYS I 199 -24.20 -58.29 -19.05
C LYS I 199 -24.79 -59.69 -18.94
N GLY I 200 -25.81 -59.85 -18.09
CA GLY I 200 -26.54 -61.09 -17.96
C GLY I 200 -26.34 -61.86 -16.67
N ASP I 201 -25.72 -61.25 -15.66
CA ASP I 201 -25.42 -61.94 -14.40
C ASP I 201 -26.65 -61.85 -13.48
N GLN I 202 -27.48 -62.88 -13.53
CA GLN I 202 -28.67 -62.92 -12.68
C GLN I 202 -28.33 -63.11 -11.21
N ALA I 203 -27.21 -63.80 -10.91
CA ALA I 203 -26.81 -63.96 -9.52
C ALA I 203 -26.47 -62.63 -8.87
N ALA I 204 -25.73 -61.79 -9.59
CA ALA I 204 -25.41 -60.45 -9.07
C ALA I 204 -26.67 -59.60 -8.93
N SER I 205 -27.60 -59.74 -9.86
CA SER I 205 -28.85 -58.99 -9.81
C SER I 205 -29.81 -59.49 -8.73
N ASP I 206 -29.51 -60.61 -8.07
CA ASP I 206 -30.35 -61.06 -6.97
C ASP I 206 -29.75 -60.74 -5.61
N ASN I 207 -28.43 -60.75 -5.50
CA ASN I 207 -27.75 -60.36 -4.27
C ASN I 207 -27.84 -58.87 -4.01
N LEU I 208 -28.06 -58.06 -5.06
CA LEU I 208 -28.23 -56.62 -4.88
C LEU I 208 -29.57 -56.30 -4.22
N TYR I 209 -30.65 -56.93 -4.67
CA TYR I 209 -31.97 -56.65 -4.14
C TYR I 209 -32.35 -57.56 -2.97
N ARG I 210 -31.46 -58.48 -2.58
CA ARG I 210 -31.83 -59.47 -1.59
C ARG I 210 -31.91 -58.87 -0.19
N GLY I 211 -32.82 -59.43 0.62
CA GLY I 211 -33.06 -58.98 1.97
C GLY I 211 -33.47 -57.53 2.15
N THR I 212 -33.79 -56.83 1.07
CA THR I 212 -34.21 -55.44 1.14
C THR I 212 -35.45 -55.25 0.29
N THR I 213 -36.06 -54.07 0.43
CA THR I 213 -37.24 -53.68 -0.35
C THR I 213 -36.90 -52.53 -1.27
N PRO I 214 -36.50 -52.79 -2.50
CA PRO I 214 -36.20 -51.70 -3.44
C PRO I 214 -37.49 -51.15 -4.03
N LEU I 215 -37.35 -50.16 -4.89
CA LEU I 215 -38.51 -49.60 -5.57
C LEU I 215 -39.01 -50.59 -6.63
N SER I 216 -40.32 -50.61 -6.83
CA SER I 216 -40.92 -51.41 -7.88
C SER I 216 -41.06 -50.58 -9.15
N ALA I 217 -41.19 -51.28 -10.28
CA ALA I 217 -41.38 -50.59 -11.55
C ALA I 217 -42.70 -49.80 -11.55
N ARG I 218 -43.71 -50.31 -10.84
CA ARG I 218 -44.98 -49.60 -10.76
C ARG I 218 -44.94 -48.44 -9.78
N ASP I 219 -44.04 -48.47 -8.80
CA ASP I 219 -43.89 -47.33 -7.89
C ASP I 219 -43.40 -46.10 -8.63
N ILE I 220 -42.39 -46.26 -9.49
CA ILE I 220 -41.88 -45.14 -10.28
C ILE I 220 -42.86 -44.80 -11.39
N ALA I 221 -43.53 -45.81 -11.95
CA ALA I 221 -44.53 -45.55 -12.98
C ALA I 221 -45.67 -44.71 -12.42
N GLU I 222 -46.10 -45.01 -11.19
CA GLU I 222 -47.13 -44.22 -10.54
C GLU I 222 -46.65 -42.81 -10.22
N GLN I 223 -45.33 -42.61 -10.10
CA GLN I 223 -44.79 -41.27 -9.92
C GLN I 223 -44.76 -40.50 -11.22
N MET I 224 -44.44 -41.16 -12.34
CA MET I 224 -44.50 -40.52 -13.65
C MET I 224 -45.89 -39.98 -13.93
N PHE I 225 -46.92 -40.76 -13.64
CA PHE I 225 -48.29 -40.32 -13.87
C PHE I 225 -48.66 -39.15 -12.96
N TYR I 226 -48.16 -39.16 -11.72
CA TYR I 226 -48.43 -38.05 -10.80
C TYR I 226 -47.89 -36.73 -11.33
N ILE I 227 -46.68 -36.74 -11.89
CA ILE I 227 -46.10 -35.53 -12.44
C ILE I 227 -46.86 -35.10 -13.69
N ALA I 228 -47.24 -36.05 -14.54
CA ALA I 228 -47.91 -35.71 -15.78
C ALA I 228 -49.28 -35.10 -15.53
N THR I 229 -49.95 -35.49 -14.45
CA THR I 229 -51.27 -34.97 -14.12
C THR I 229 -51.21 -33.74 -13.22
N LEU I 230 -50.03 -33.17 -13.03
CA LEU I 230 -49.88 -31.98 -12.22
C LEU I 230 -50.62 -30.81 -12.86
N PRO I 231 -51.17 -29.89 -12.05
CA PRO I 231 -51.80 -28.69 -12.62
C PRO I 231 -50.83 -27.93 -13.52
N ASP I 232 -51.38 -27.27 -14.53
CA ASP I 232 -50.55 -26.70 -15.60
C ASP I 232 -49.62 -25.61 -15.09
N HIS I 233 -49.99 -24.91 -14.02
CA HIS I 233 -49.19 -23.79 -13.55
C HIS I 233 -48.00 -24.19 -12.67
N MET I 234 -47.98 -25.42 -12.17
CA MET I 234 -46.89 -25.90 -11.31
C MET I 234 -45.90 -26.72 -12.14
N ASN I 235 -44.67 -26.79 -11.64
CA ASN I 235 -43.63 -27.59 -12.26
C ASN I 235 -42.72 -28.19 -11.20
N ILE I 236 -42.52 -29.50 -11.25
CA ILE I 236 -41.59 -30.17 -10.38
C ILE I 236 -40.22 -30.07 -11.03
N ASN I 237 -39.31 -29.33 -10.39
CA ASN I 237 -37.96 -29.22 -10.93
C ASN I 237 -37.24 -30.56 -10.86
N ARG I 238 -37.28 -31.21 -9.70
CA ARG I 238 -36.65 -32.49 -9.50
C ARG I 238 -37.26 -33.13 -8.27
N VAL I 239 -37.57 -34.42 -8.36
CA VAL I 239 -38.00 -35.22 -7.22
C VAL I 239 -37.10 -36.44 -7.14
N GLU I 240 -36.38 -36.58 -6.03
CA GLU I 240 -35.50 -37.71 -5.80
C GLU I 240 -36.20 -38.71 -4.90
N VAL I 241 -36.56 -39.86 -5.46
CA VAL I 241 -37.29 -40.90 -4.73
C VAL I 241 -36.33 -42.04 -4.45
N MET I 242 -36.12 -42.32 -3.16
CA MET I 242 -35.32 -43.43 -2.67
C MET I 242 -36.19 -44.37 -1.84
N PRO I 243 -35.86 -45.65 -1.80
CA PRO I 243 -36.45 -46.51 -0.77
C PRO I 243 -35.99 -46.04 0.60
N VAL I 244 -36.90 -46.05 1.56
CA VAL I 244 -36.57 -45.57 2.90
C VAL I 244 -35.50 -46.44 3.55
N ARG I 245 -35.21 -47.62 2.99
CA ARG I 245 -34.12 -48.48 3.42
C ARG I 245 -32.85 -48.22 2.62
N GLN I 246 -32.77 -47.09 1.92
CA GLN I 246 -31.59 -46.69 1.18
C GLN I 246 -31.20 -45.29 1.63
N ALA I 247 -29.91 -45.07 1.89
CA ALA I 247 -29.43 -43.77 2.31
C ALA I 247 -27.97 -43.58 1.93
N TRP I 248 -27.23 -42.84 2.74
CA TRP I 248 -25.83 -42.52 2.46
C TRP I 248 -24.94 -43.10 3.55
N GLN I 249 -23.81 -43.64 3.15
CA GLN I 249 -22.82 -44.20 4.07
C GLN I 249 -21.79 -43.14 4.42
N PRO I 250 -20.94 -43.40 5.42
CA PRO I 250 -19.84 -42.47 5.70
C PRO I 250 -18.87 -42.36 4.53
N PHE I 251 -17.94 -41.42 4.65
CA PHE I 251 -16.94 -41.20 3.61
C PHE I 251 -15.99 -42.38 3.51
N ALA I 252 -15.60 -42.70 2.28
CA ALA I 252 -14.58 -43.72 2.06
C ALA I 252 -13.20 -43.18 2.42
N ILE I 253 -12.47 -43.94 3.23
CA ILE I 253 -11.13 -43.56 3.64
C ILE I 253 -10.18 -44.70 3.29
N ASP I 254 -9.22 -44.43 2.40
CA ASP I 254 -8.20 -45.42 2.09
C ASP I 254 -7.23 -45.54 3.25
N ARG I 255 -6.97 -46.77 3.69
CA ARG I 255 -6.15 -47.00 4.86
C ARG I 255 -5.03 -47.99 4.55
N ASP I 256 -4.22 -48.25 5.58
CA ASP I 256 -3.00 -49.06 5.49
C ASP I 256 -1.97 -48.40 4.58
N SER J 6 0.96 38.40 -34.37
CA SER J 6 1.55 37.74 -33.22
C SER J 6 1.19 38.47 -31.93
N LYS J 7 1.40 37.80 -30.79
CA LYS J 7 1.16 38.38 -29.48
C LYS J 7 2.49 38.61 -28.78
N VAL J 8 2.71 39.84 -28.30
CA VAL J 8 3.98 40.25 -27.71
C VAL J 8 3.72 40.68 -26.28
N VAL J 9 4.55 40.21 -25.35
CA VAL J 9 4.45 40.58 -23.95
C VAL J 9 5.69 41.38 -23.57
N PHE J 10 5.47 42.46 -22.81
CA PHE J 10 6.55 43.31 -22.33
C PHE J 10 6.72 43.04 -20.84
N ILE J 11 7.84 42.40 -20.49
CA ILE J 11 8.12 42.01 -19.11
C ILE J 11 9.25 42.90 -18.61
N THR J 12 8.95 43.71 -17.59
CA THR J 12 9.98 44.48 -16.92
C THR J 12 10.50 43.72 -15.71
N GLY J 13 11.79 43.90 -15.44
CA GLY J 13 12.44 43.17 -14.37
C GLY J 13 12.40 41.67 -14.61
N ALA J 14 12.84 41.23 -15.78
CA ALA J 14 12.78 39.83 -16.19
C ALA J 14 14.08 39.08 -15.92
N THR J 15 15.04 39.69 -15.24
CA THR J 15 16.34 39.06 -15.01
C THR J 15 16.30 38.01 -13.91
N SER J 16 15.28 38.03 -13.04
CA SER J 16 15.21 37.08 -11.94
C SER J 16 13.77 36.95 -11.48
N GLY J 17 13.54 35.99 -10.60
CA GLY J 17 12.28 35.87 -9.90
C GLY J 17 11.11 35.62 -10.83
N PHE J 18 10.00 36.32 -10.54
CA PHE J 18 8.78 36.14 -11.31
C PHE J 18 8.99 36.47 -12.79
N GLY J 19 9.69 37.56 -13.07
CA GLY J 19 9.88 37.96 -14.46
C GLY J 19 10.64 36.93 -15.28
N GLU J 20 11.70 36.36 -14.70
CA GLU J 20 12.48 35.36 -15.42
C GLU J 20 11.64 34.11 -15.69
N ALA J 21 10.82 33.70 -14.72
CA ALA J 21 9.95 32.55 -14.93
C ALA J 21 8.84 32.87 -15.93
N ALA J 22 8.36 34.12 -15.91
CA ALA J 22 7.34 34.53 -16.87
C ALA J 22 7.85 34.49 -18.30
N ALA J 23 9.15 34.77 -18.48
CA ALA J 23 9.72 34.73 -19.83
C ALA J 23 9.63 33.32 -20.41
N GLN J 24 9.85 32.29 -19.59
CA GLN J 24 9.81 30.92 -20.11
C GLN J 24 8.37 30.42 -20.30
N VAL J 25 7.44 30.83 -19.44
CA VAL J 25 6.07 30.33 -19.57
C VAL J 25 5.40 30.92 -20.80
N PHE J 26 5.67 32.20 -21.09
CA PHE J 26 5.11 32.81 -22.30
C PHE J 26 5.80 32.29 -23.55
N ALA J 27 7.08 31.91 -23.45
CA ALA J 27 7.78 31.34 -24.59
C ALA J 27 7.20 29.99 -24.98
N ASP J 28 6.77 29.19 -23.99
CA ASP J 28 6.16 27.91 -24.27
C ASP J 28 4.82 28.03 -24.97
N ALA J 29 4.26 29.23 -25.06
CA ALA J 29 2.97 29.45 -25.72
C ALA J 29 3.11 30.21 -27.04
N GLY J 30 4.33 30.41 -27.53
CA GLY J 30 4.53 31.08 -28.80
C GLY J 30 4.52 32.59 -28.75
N TRP J 31 4.43 33.19 -27.57
CA TRP J 31 4.43 34.65 -27.47
C TRP J 31 5.83 35.20 -27.73
N SER J 32 5.90 36.26 -28.53
CA SER J 32 7.15 36.98 -28.66
C SER J 32 7.41 37.77 -27.38
N LEU J 33 8.68 37.88 -27.01
CA LEU J 33 9.07 38.40 -25.70
C LEU J 33 9.88 39.68 -25.84
N VAL J 34 9.64 40.62 -24.92
CA VAL J 34 10.43 41.84 -24.79
C VAL J 34 10.85 41.96 -23.32
N LEU J 35 12.12 41.70 -23.04
CA LEU J 35 12.65 41.59 -21.68
C LEU J 35 13.52 42.79 -21.35
N SER J 36 13.31 43.37 -20.17
CA SER J 36 14.04 44.53 -19.69
C SER J 36 14.74 44.20 -18.38
N GLY J 37 15.51 45.16 -17.87
CA GLY J 37 16.25 44.97 -16.65
C GLY J 37 17.57 45.70 -16.71
N ARG J 38 18.31 45.60 -15.61
CA ARG J 38 19.62 46.25 -15.46
C ARG J 38 20.77 45.28 -15.63
N ARG J 39 20.58 44.00 -15.30
CA ARG J 39 21.63 42.99 -15.45
C ARG J 39 21.66 42.59 -16.93
N PHE J 40 22.48 43.29 -17.71
CA PHE J 40 22.52 43.05 -19.14
C PHE J 40 23.08 41.66 -19.46
N GLU J 41 24.01 41.17 -18.64
CA GLU J 41 24.59 39.86 -18.88
C GLU J 41 23.64 38.72 -18.52
N ARG J 42 22.56 39.02 -17.81
CA ARG J 42 21.50 38.04 -17.56
C ARG J 42 20.44 38.04 -18.66
N LEU J 43 20.20 39.18 -19.30
CA LEU J 43 19.24 39.20 -20.40
C LEU J 43 19.82 38.54 -21.65
N LYS J 44 21.12 38.70 -21.88
CA LYS J 44 21.73 38.05 -23.03
C LYS J 44 21.74 36.54 -22.85
N THR J 45 21.96 36.07 -21.62
CA THR J 45 21.86 34.64 -21.33
C THR J 45 20.42 34.17 -21.48
N LEU J 46 19.46 35.01 -21.11
CA LEU J 46 18.05 34.65 -21.24
C LEU J 46 17.61 34.65 -22.71
N GLN J 47 18.20 35.53 -23.53
CA GLN J 47 17.87 35.54 -24.94
C GLN J 47 18.35 34.28 -25.64
N ASP J 48 19.57 33.83 -25.31
CA ASP J 48 20.13 32.66 -25.98
C ASP J 48 19.38 31.39 -25.60
N LYS J 49 18.79 31.35 -24.40
CA LYS J 49 18.00 30.19 -24.01
C LYS J 49 16.61 30.20 -24.65
N LEU J 50 16.09 31.37 -24.99
CA LEU J 50 14.73 31.49 -25.50
C LEU J 50 14.63 31.88 -26.96
N ALA J 51 15.73 32.29 -27.61
CA ALA J 51 15.68 32.65 -29.01
C ALA J 51 15.26 31.47 -29.89
N SER J 52 15.45 30.24 -29.41
CA SER J 52 14.95 29.07 -30.12
C SER J 52 13.43 29.09 -30.23
N GLN J 53 12.75 29.04 -29.09
CA GLN J 53 11.28 28.97 -29.06
C GLN J 53 10.64 30.17 -29.75
N VAL J 54 11.00 31.39 -29.31
CA VAL J 54 10.24 32.58 -29.72
C VAL J 54 11.21 33.73 -29.97
N PRO J 55 10.79 34.67 -30.81
CA PRO J 55 11.61 35.89 -31.01
C PRO J 55 11.71 36.68 -29.72
N VAL J 56 12.93 37.14 -29.43
CA VAL J 56 13.25 37.81 -28.18
C VAL J 56 13.87 39.16 -28.48
N HIS J 57 13.42 40.20 -27.76
CA HIS J 57 14.00 41.53 -27.85
C HIS J 57 14.38 41.98 -26.45
N ILE J 58 15.66 42.23 -26.23
CA ILE J 58 16.18 42.57 -24.92
C ILE J 58 16.47 44.06 -24.87
N ILE J 59 16.31 44.64 -23.67
CA ILE J 59 16.55 46.06 -23.43
C ILE J 59 17.23 46.21 -22.08
N GLU J 60 18.36 46.91 -22.07
CA GLU J 60 19.00 47.30 -20.81
C GLU J 60 18.29 48.55 -20.30
N LEU J 61 17.44 48.37 -19.29
CA LEU J 61 16.54 49.44 -18.86
C LEU J 61 16.51 49.57 -17.35
N ASP J 62 16.66 50.81 -16.87
CA ASP J 62 16.40 51.16 -15.47
C ASP J 62 15.07 51.90 -15.44
N VAL J 63 14.05 51.29 -14.82
CA VAL J 63 12.71 51.86 -14.82
C VAL J 63 12.62 53.18 -14.08
N ARG J 64 13.63 53.51 -13.26
CA ARG J 64 13.63 54.80 -12.57
C ARG J 64 13.94 55.97 -13.49
N ASP J 65 14.43 55.69 -14.70
CA ASP J 65 14.76 56.71 -15.69
C ASP J 65 13.63 56.78 -16.71
N SER J 66 12.83 57.85 -16.64
CA SER J 66 11.66 57.96 -17.51
C SER J 66 12.05 58.14 -18.97
N ASP J 67 13.11 58.91 -19.24
CA ASP J 67 13.52 59.13 -20.63
C ASP J 67 14.03 57.85 -21.28
N SER J 68 14.73 57.01 -20.50
CA SER J 68 15.21 55.75 -21.04
C SER J 68 14.05 54.82 -21.37
N VAL J 69 13.01 54.81 -20.54
CA VAL J 69 11.85 53.96 -20.80
C VAL J 69 11.15 54.40 -22.08
N ALA J 70 10.99 55.72 -22.26
CA ALA J 70 10.36 56.22 -23.47
C ALA J 70 11.21 55.89 -24.70
N ALA J 71 12.54 55.97 -24.56
CA ALA J 71 13.42 55.62 -25.67
C ALA J 71 13.35 54.12 -25.94
N ALA J 72 13.21 53.31 -24.90
CA ALA J 72 13.14 51.87 -25.09
C ALA J 72 11.88 51.48 -25.87
N VAL J 73 10.78 52.19 -25.65
CA VAL J 73 9.54 51.87 -26.35
C VAL J 73 9.59 52.38 -27.78
N ALA J 74 10.22 53.54 -28.01
CA ALA J 74 10.32 54.08 -29.36
C ALA J 74 11.22 53.24 -30.25
N ALA J 75 12.22 52.57 -29.67
CA ALA J 75 13.18 51.78 -30.43
C ALA J 75 12.77 50.31 -30.58
N LEU J 76 11.50 50.00 -30.41
CA LEU J 76 11.04 48.63 -30.57
C LEU J 76 11.01 48.27 -32.05
N PRO J 77 11.54 47.11 -32.45
CA PRO J 77 11.41 46.69 -33.86
C PRO J 77 9.95 46.46 -34.22
N ALA J 78 9.71 46.37 -35.53
CA ALA J 78 8.33 46.29 -36.02
C ALA J 78 7.65 44.99 -35.60
N ASP J 79 8.40 43.90 -35.49
CA ASP J 79 7.84 42.61 -35.07
C ASP J 79 7.64 42.54 -33.55
N PHE J 80 7.73 43.68 -32.85
CA PHE J 80 7.63 43.72 -31.40
C PHE J 80 6.73 44.85 -30.91
N ALA J 81 6.69 45.94 -31.68
CA ALA J 81 6.00 47.17 -31.24
C ALA J 81 4.56 46.94 -30.79
N ASP J 82 3.85 45.97 -31.39
CA ASP J 82 2.44 45.78 -31.03
C ASP J 82 2.36 44.90 -29.78
N ILE J 83 2.42 45.53 -28.63
CA ILE J 83 2.42 44.80 -27.36
C ILE J 83 0.98 44.50 -26.96
N THR J 84 0.72 43.23 -26.64
CA THR J 84 -0.58 42.80 -26.15
C THR J 84 -0.70 42.93 -24.64
N THR J 85 0.31 42.47 -23.91
CA THR J 85 0.28 42.44 -22.45
C THR J 85 1.51 43.14 -21.90
N LEU J 86 1.29 44.08 -20.97
CA LEU J 86 2.38 44.71 -20.23
C LEU J 86 2.32 44.24 -18.79
N ILE J 87 3.42 43.66 -18.32
CA ILE J 87 3.53 43.15 -16.96
C ILE J 87 4.52 44.04 -16.21
N ASN J 88 4.00 44.88 -15.32
CA ASN J 88 4.83 45.77 -14.51
C ASN J 88 5.33 45.00 -13.29
N ASN J 89 6.36 44.19 -13.54
CA ASN J 89 6.91 43.28 -12.54
C ASN J 89 8.12 43.83 -11.80
N ALA J 90 8.87 44.74 -12.42
CA ALA J 90 10.08 45.28 -11.81
C ALA J 90 9.76 45.94 -10.48
N GLY J 91 10.32 45.40 -9.41
CA GLY J 91 10.09 45.95 -8.08
C GLY J 91 11.10 45.40 -7.10
N LEU J 92 11.08 45.96 -5.90
CA LEU J 92 12.08 45.63 -4.89
C LEU J 92 11.58 46.10 -3.53
N ALA J 93 12.11 45.46 -2.50
CA ALA J 93 11.95 45.90 -1.12
C ALA J 93 13.34 46.12 -0.55
N LEU J 94 13.43 46.94 0.50
CA LEU J 94 14.68 47.15 1.23
C LEU J 94 14.38 47.36 2.71
N SER J 95 15.42 47.22 3.54
CA SER J 95 15.42 47.52 4.98
C SER J 95 14.22 46.94 5.72
N PRO J 96 14.29 45.69 6.20
CA PRO J 96 13.17 45.10 6.94
C PRO J 96 13.03 45.56 8.38
N GLN J 97 13.89 46.45 8.88
CA GLN J 97 13.83 46.90 10.27
C GLN J 97 12.67 47.88 10.46
N PRO J 98 12.33 48.21 11.72
CA PRO J 98 11.28 49.21 11.95
C PRO J 98 11.55 50.53 11.24
N ALA J 99 10.50 51.32 11.02
CA ALA J 99 10.62 52.52 10.22
C ALA J 99 11.58 53.53 10.84
N GLN J 100 11.63 53.60 12.17
CA GLN J 100 12.49 54.56 12.83
C GLN J 100 13.97 54.23 12.70
N LYS J 101 14.33 53.10 12.06
CA LYS J 101 15.72 52.70 11.87
C LYS J 101 16.05 52.45 10.41
N VAL J 102 15.33 53.09 9.50
CA VAL J 102 15.51 52.91 8.06
C VAL J 102 16.14 54.17 7.47
N ASP J 103 17.10 53.97 6.57
CA ASP J 103 17.71 55.08 5.84
C ASP J 103 16.77 55.59 4.76
N LEU J 104 16.77 56.91 4.56
CA LEU J 104 15.82 57.49 3.63
C LEU J 104 16.14 57.14 2.18
N ASP J 105 17.40 56.83 1.88
CA ASP J 105 17.75 56.41 0.53
C ASP J 105 17.16 55.05 0.19
N ASP J 106 16.97 54.19 1.20
CA ASP J 106 16.32 52.91 0.96
C ASP J 106 14.83 53.09 0.74
N TRP J 107 14.22 54.06 1.42
CA TRP J 107 12.82 54.39 1.15
C TRP J 107 12.68 55.00 -0.24
N LYS J 108 13.64 55.85 -0.63
CA LYS J 108 13.57 56.50 -1.93
C LYS J 108 13.73 55.50 -3.07
N THR J 109 14.58 54.49 -2.90
CA THR J 109 14.78 53.51 -3.95
C THR J 109 13.50 52.71 -4.22
N MET J 110 12.75 52.40 -3.17
CA MET J 110 11.50 51.68 -3.35
C MET J 110 10.46 52.55 -4.05
N ILE J 111 10.39 53.83 -3.68
CA ILE J 111 9.44 54.73 -4.34
C ILE J 111 9.82 54.94 -5.79
N ASP J 112 11.11 55.11 -6.08
CA ASP J 112 11.54 55.39 -7.45
C ASP J 112 11.29 54.20 -8.37
N THR J 113 11.29 52.98 -7.84
CA THR J 113 11.15 51.78 -8.65
C THR J 113 9.73 51.24 -8.65
N ASN J 114 9.13 51.05 -7.48
CA ASN J 114 7.80 50.44 -7.41
C ASN J 114 6.70 51.45 -7.73
N VAL J 115 6.94 52.73 -7.51
CA VAL J 115 5.93 53.76 -7.74
C VAL J 115 6.26 54.52 -9.02
N THR J 116 7.30 55.35 -8.97
CA THR J 116 7.67 56.15 -10.15
C THR J 116 8.06 55.25 -11.32
N GLY J 117 8.81 54.19 -11.07
CA GLY J 117 9.20 53.28 -12.14
C GLY J 117 8.01 52.60 -12.78
N LEU J 118 7.01 52.26 -11.97
CA LEU J 118 5.82 51.61 -12.52
C LEU J 118 4.98 52.61 -13.29
N VAL J 119 4.98 53.87 -12.88
CA VAL J 119 4.25 54.90 -13.59
C VAL J 119 4.99 55.32 -14.87
N ASN J 120 6.32 55.23 -14.86
CA ASN J 120 7.10 55.54 -16.06
C ASN J 120 6.81 54.55 -17.19
N VAL J 121 6.78 53.26 -16.87
CA VAL J 121 6.54 52.25 -17.90
C VAL J 121 5.10 52.31 -18.41
N THR J 122 4.16 52.57 -17.50
CA THR J 122 2.75 52.64 -17.91
C THR J 122 2.51 53.83 -18.84
N HIS J 123 3.07 55.00 -18.50
CA HIS J 123 2.89 56.17 -19.35
C HIS J 123 3.47 55.96 -20.74
N ALA J 124 4.65 55.34 -20.82
CA ALA J 124 5.30 55.17 -22.10
C ALA J 124 4.57 54.16 -22.99
N LEU J 125 3.93 53.16 -22.40
CA LEU J 125 3.30 52.09 -23.15
C LEU J 125 1.79 52.24 -23.23
N LEU J 126 1.22 53.25 -22.58
CA LEU J 126 -0.22 53.46 -22.65
C LEU J 126 -0.73 53.66 -24.07
N PRO J 127 -0.12 54.51 -24.92
CA PRO J 127 -0.62 54.61 -26.30
C PRO J 127 -0.51 53.32 -27.08
N THR J 128 0.52 52.52 -26.81
CA THR J 128 0.71 51.27 -27.54
C THR J 128 -0.38 50.26 -27.19
N LEU J 129 -0.69 50.12 -25.91
CA LEU J 129 -1.70 49.13 -25.50
C LEU J 129 -3.10 49.56 -25.94
N ILE J 130 -3.38 50.86 -25.94
CA ILE J 130 -4.66 51.35 -26.42
C ILE J 130 -4.77 51.14 -27.93
N ASN J 131 -3.66 51.31 -28.65
CA ASN J 131 -3.66 51.07 -30.10
C ASN J 131 -3.78 49.59 -30.43
N HIS J 132 -3.72 48.71 -29.44
CA HIS J 132 -4.00 47.30 -29.68
C HIS J 132 -5.50 47.06 -29.59
N GLY J 133 -6.08 47.30 -28.41
CA GLY J 133 -7.52 47.38 -28.32
C GLY J 133 -8.12 46.26 -27.49
N ALA J 134 -8.62 45.24 -28.18
CA ALA J 134 -9.30 44.14 -27.52
C ALA J 134 -8.27 43.03 -27.29
N GLY J 135 -8.02 42.72 -26.03
CA GLY J 135 -7.04 41.73 -25.65
C GLY J 135 -5.88 42.33 -24.91
N ALA J 136 -5.80 43.65 -24.86
CA ALA J 136 -4.69 44.30 -24.18
C ALA J 136 -4.85 44.18 -22.68
N SER J 137 -3.74 43.96 -21.98
CA SER J 137 -3.77 43.79 -20.54
C SER J 137 -2.58 44.48 -19.90
N ILE J 138 -2.84 45.17 -18.80
CA ILE J 138 -1.82 45.75 -17.95
C ILE J 138 -1.83 44.97 -16.63
N ILE J 139 -0.85 44.10 -16.45
CA ILE J 139 -0.76 43.26 -15.26
C ILE J 139 0.22 43.94 -14.32
N ASN J 140 -0.31 44.65 -13.32
CA ASN J 140 0.52 45.27 -12.30
C ASN J 140 0.77 44.26 -11.19
N ILE J 141 2.05 44.05 -10.86
CA ILE J 141 2.43 43.08 -9.84
C ILE J 141 2.42 43.81 -8.51
N GLY J 142 1.34 43.64 -7.75
CA GLY J 142 1.25 44.19 -6.42
C GLY J 142 1.77 43.23 -5.38
N SER J 143 1.13 43.18 -4.22
CA SER J 143 1.53 42.29 -3.14
C SER J 143 0.44 42.26 -2.10
N ILE J 144 0.49 41.23 -1.25
CA ILE J 144 -0.35 41.23 -0.05
C ILE J 144 0.04 42.41 0.84
N ALA J 145 1.29 42.88 0.74
CA ALA J 145 1.74 44.00 1.55
C ALA J 145 1.04 45.31 1.21
N GLY J 146 0.52 45.44 0.00
CA GLY J 146 -0.26 46.60 -0.38
C GLY J 146 -1.66 46.61 0.17
N GLN J 147 -2.03 45.55 0.88
CA GLN J 147 -3.37 45.44 1.46
C GLN J 147 -3.37 45.14 2.95
N TRP J 148 -2.44 44.34 3.46
CA TRP J 148 -2.39 43.95 4.86
C TRP J 148 -1.14 44.55 5.51
N PRO J 149 -1.26 45.33 6.58
CA PRO J 149 -0.07 45.90 7.21
C PRO J 149 0.64 44.88 8.10
N TYR J 150 1.94 45.07 8.24
CA TYR J 150 2.77 44.21 9.07
C TYR J 150 4.07 44.94 9.41
N PRO J 151 4.73 44.57 10.50
CA PRO J 151 5.97 45.27 10.87
C PRO J 151 7.05 45.08 9.82
N GLY J 152 7.80 46.14 9.56
CA GLY J 152 8.87 46.09 8.59
C GLY J 152 8.44 46.38 7.17
N SER J 153 7.15 46.59 6.94
CA SER J 153 6.64 46.86 5.59
C SER J 153 6.70 48.34 5.22
N HIS J 154 6.74 49.23 6.21
CA HIS J 154 6.69 50.69 6.09
C HIS J 154 6.41 51.23 4.69
N VAL J 155 7.45 51.38 3.87
CA VAL J 155 7.29 51.95 2.54
C VAL J 155 7.01 50.89 1.49
N TYR J 156 7.40 49.64 1.74
CA TYR J 156 7.12 48.59 0.75
C TYR J 156 5.62 48.37 0.58
N GLY J 157 4.92 48.12 1.68
CA GLY J 157 3.49 47.90 1.59
C GLY J 157 2.77 49.12 1.05
N ALA J 158 3.22 50.32 1.44
CA ALA J 158 2.60 51.53 0.93
C ALA J 158 2.80 51.65 -0.57
N SER J 159 3.99 51.30 -1.06
CA SER J 159 4.25 51.34 -2.50
C SER J 159 3.38 50.33 -3.24
N LYS J 160 3.14 49.17 -2.64
CA LYS J 160 2.28 48.16 -3.26
C LYS J 160 0.80 48.47 -3.09
N ALA J 161 0.43 49.29 -2.11
CA ALA J 161 -0.93 49.81 -2.07
C ALA J 161 -1.15 50.88 -3.13
N PHE J 162 -0.10 51.64 -3.43
CA PHE J 162 -0.13 52.54 -4.57
C PHE J 162 -0.45 51.78 -5.85
N VAL J 163 0.18 50.62 -6.04
CA VAL J 163 -0.05 49.83 -7.25
C VAL J 163 -1.49 49.35 -7.31
N LYS J 164 -2.08 49.00 -6.17
CA LYS J 164 -3.46 48.53 -6.15
C LYS J 164 -4.42 49.63 -6.62
N GLN J 165 -4.31 50.82 -6.04
CA GLN J 165 -5.24 51.88 -6.40
C GLN J 165 -4.95 52.43 -7.79
N PHE J 166 -3.68 52.49 -8.19
CA PHE J 166 -3.35 52.91 -9.55
C PHE J 166 -3.96 51.97 -10.57
N SER J 167 -4.04 50.68 -10.25
CA SER J 167 -4.68 49.72 -11.15
C SER J 167 -6.17 49.98 -11.25
N TYR J 168 -6.84 50.17 -10.10
CA TYR J 168 -8.27 50.45 -10.12
C TYR J 168 -8.56 51.73 -10.87
N ASN J 169 -7.77 52.78 -10.61
CA ASN J 169 -7.99 54.07 -11.26
C ASN J 169 -7.71 54.00 -12.74
N LEU J 170 -6.73 53.18 -13.16
CA LEU J 170 -6.43 53.04 -14.58
C LEU J 170 -7.63 52.48 -15.33
N ARG J 171 -8.37 51.57 -14.71
CA ARG J 171 -9.54 51.00 -15.35
C ARG J 171 -10.62 52.05 -15.57
N CYS J 172 -10.75 53.00 -14.64
CA CYS J 172 -11.78 54.02 -14.76
C CYS J 172 -11.56 54.90 -15.98
N ASP J 173 -10.30 55.15 -16.34
CA ASP J 173 -9.98 56.00 -17.48
C ASP J 173 -9.90 55.23 -18.79
N LEU J 174 -9.70 53.91 -18.74
CA LEU J 174 -9.58 53.10 -19.94
C LEU J 174 -10.86 52.38 -20.29
N LEU J 175 -11.99 52.81 -19.73
CA LEU J 175 -13.27 52.18 -20.03
C LEU J 175 -13.62 52.41 -21.48
N GLY J 176 -13.94 51.33 -22.19
CA GLY J 176 -14.27 51.41 -23.60
C GLY J 176 -13.10 51.21 -24.54
N THR J 177 -11.87 51.22 -24.04
CA THR J 177 -10.68 51.01 -24.85
C THR J 177 -10.34 49.54 -25.00
N GLY J 178 -10.97 48.65 -24.25
CA GLY J 178 -10.67 47.24 -24.29
C GLY J 178 -9.43 46.84 -23.52
N VAL J 179 -8.65 47.79 -23.02
CA VAL J 179 -7.43 47.47 -22.30
C VAL J 179 -7.79 47.07 -20.87
N ARG J 180 -7.17 46.01 -20.39
CA ARG J 180 -7.46 45.45 -19.08
C ARG J 180 -6.34 45.80 -18.12
N VAL J 181 -6.71 46.11 -16.87
CA VAL J 181 -5.74 46.42 -15.82
C VAL J 181 -6.00 45.49 -14.65
N THR J 182 -4.97 44.80 -14.21
CA THR J 182 -5.09 43.79 -13.17
C THR J 182 -3.96 43.97 -12.16
N ASP J 183 -4.31 43.89 -10.88
CA ASP J 183 -3.33 43.88 -9.80
C ASP J 183 -3.16 42.42 -9.36
N LEU J 184 -2.04 41.82 -9.77
CA LEU J 184 -1.66 40.49 -9.31
C LEU J 184 -0.85 40.67 -8.02
N ALA J 185 -1.44 40.32 -6.89
CA ALA J 185 -0.82 40.56 -5.58
C ALA J 185 -0.43 39.24 -4.94
N PRO J 186 0.83 38.82 -5.07
CA PRO J 186 1.23 37.52 -4.51
C PRO J 186 1.63 37.63 -3.04
N GLY J 187 1.70 36.46 -2.40
CA GLY J 187 2.19 36.34 -1.05
C GLY J 187 3.67 36.06 -1.02
N ILE J 188 4.12 35.40 0.05
CA ILE J 188 5.54 35.14 0.22
C ILE J 188 5.99 34.09 -0.80
N ALA J 189 7.07 34.39 -1.50
CA ALA J 189 7.57 33.52 -2.57
C ALA J 189 9.09 33.55 -2.57
N GLU J 190 9.70 32.39 -2.81
CA GLU J 190 11.15 32.23 -2.75
C GLU J 190 11.78 32.67 -4.07
N THR J 191 12.28 33.90 -4.08
CA THR J 191 13.04 34.47 -5.19
C THR J 191 14.22 35.24 -4.59
N GLU J 192 14.99 35.91 -5.44
CA GLU J 192 16.01 36.83 -4.97
C GLU J 192 15.43 38.00 -4.17
N PHE J 193 14.11 38.00 -3.95
CA PHE J 193 13.43 39.14 -3.34
C PHE J 193 13.96 39.45 -1.95
N THR J 194 13.92 38.46 -1.04
CA THR J 194 14.38 38.70 0.33
C THR J 194 15.88 38.93 0.38
N LEU J 195 16.62 38.34 -0.56
CA LEU J 195 18.05 38.60 -0.62
C LEU J 195 18.31 40.08 -0.87
N VAL J 196 17.53 40.71 -1.77
CA VAL J 196 17.75 42.13 -2.03
C VAL J 196 17.31 43.06 -0.87
N ARG J 197 16.15 42.82 -0.18
CA ARG J 197 15.79 43.78 0.89
C ARG J 197 16.71 43.60 2.09
N THR J 198 17.36 42.45 2.21
CA THR J 198 18.27 42.25 3.32
C THR J 198 19.70 42.59 2.97
N LYS J 199 19.94 43.16 1.79
CA LYS J 199 21.26 43.61 1.36
C LYS J 199 22.28 42.47 1.28
N GLY J 200 21.84 41.25 1.00
CA GLY J 200 22.75 40.15 0.75
C GLY J 200 22.83 39.09 1.82
N ASP J 201 21.92 39.08 2.80
CA ASP J 201 21.96 38.11 3.89
C ASP J 201 21.23 36.85 3.43
N GLN J 202 21.99 35.90 2.88
CA GLN J 202 21.39 34.65 2.41
C GLN J 202 20.90 33.79 3.57
N ALA J 203 21.51 33.90 4.74
CA ALA J 203 21.03 33.17 5.90
C ALA J 203 19.65 33.67 6.33
N ALA J 204 19.46 34.99 6.36
CA ALA J 204 18.16 35.54 6.70
C ALA J 204 17.13 35.19 5.63
N SER J 205 17.53 35.21 4.36
CA SER J 205 16.63 34.85 3.28
C SER J 205 16.37 33.34 3.21
N ASP J 206 17.08 32.53 3.99
CA ASP J 206 16.82 31.11 4.02
C ASP J 206 16.02 30.66 5.23
N ASN J 207 16.16 31.35 6.37
CA ASN J 207 15.38 31.02 7.55
C ASN J 207 13.90 31.35 7.39
N LEU J 208 13.56 32.28 6.51
CA LEU J 208 12.16 32.58 6.23
C LEU J 208 11.51 31.49 5.40
N TYR J 209 12.24 30.88 4.48
CA TYR J 209 11.70 29.88 3.56
C TYR J 209 11.99 28.44 3.99
N ARG J 210 12.64 28.24 5.15
CA ARG J 210 13.14 26.92 5.49
C ARG J 210 12.02 25.95 5.85
N GLY J 211 11.30 26.23 6.94
CA GLY J 211 10.28 25.29 7.38
C GLY J 211 8.94 25.35 6.69
N THR J 212 8.78 26.09 5.60
CA THR J 212 7.47 26.24 4.98
C THR J 212 7.54 25.99 3.48
N THR J 213 6.37 26.00 2.86
CA THR J 213 6.18 25.86 1.42
C THR J 213 5.71 27.20 0.88
N PRO J 214 6.61 28.07 0.46
CA PRO J 214 6.20 29.34 -0.13
C PRO J 214 5.82 29.15 -1.59
N LEU J 215 5.40 30.25 -2.22
CA LEU J 215 5.08 30.21 -3.64
C LEU J 215 6.35 30.13 -4.47
N SER J 216 6.25 29.44 -5.61
CA SER J 216 7.34 29.38 -6.56
C SER J 216 7.21 30.50 -7.59
N ALA J 217 8.32 30.80 -8.26
CA ALA J 217 8.29 31.82 -9.31
C ALA J 217 7.39 31.40 -10.46
N ARG J 218 7.26 30.09 -10.69
CA ARG J 218 6.39 29.59 -11.75
C ARG J 218 4.92 29.67 -11.36
N ASP J 219 4.62 29.69 -10.06
CA ASP J 219 3.24 29.88 -9.63
C ASP J 219 2.71 31.23 -10.08
N ILE J 220 3.50 32.28 -9.88
CA ILE J 220 3.08 33.63 -10.29
C ILE J 220 3.18 33.78 -11.81
N ALA J 221 4.18 33.14 -12.42
CA ALA J 221 4.32 33.23 -13.87
C ALA J 221 3.13 32.60 -14.59
N GLU J 222 2.66 31.44 -14.13
CA GLU J 222 1.51 30.81 -14.75
C GLU J 222 0.22 31.60 -14.51
N GLN J 223 0.17 32.41 -13.46
CA GLN J 223 -0.97 33.29 -13.25
C GLN J 223 -0.88 34.54 -14.13
N MET J 224 0.34 35.06 -14.34
CA MET J 224 0.52 36.16 -15.27
C MET J 224 0.01 35.77 -16.66
N PHE J 225 0.34 34.55 -17.10
CA PHE J 225 -0.16 34.07 -18.39
C PHE J 225 -1.67 33.86 -18.34
N TYR J 226 -2.18 33.36 -17.21
CA TYR J 226 -3.62 33.16 -17.07
C TYR J 226 -4.38 34.48 -17.17
N ILE J 227 -3.86 35.54 -16.54
CA ILE J 227 -4.51 36.84 -16.62
C ILE J 227 -4.39 37.41 -18.03
N ALA J 228 -3.21 37.27 -18.65
CA ALA J 228 -2.99 37.85 -19.96
C ALA J 228 -3.82 37.17 -21.04
N THR J 229 -4.08 35.87 -20.90
CA THR J 229 -4.84 35.10 -21.88
C THR J 229 -6.33 35.05 -21.56
N LEU J 230 -6.79 35.82 -20.59
CA LEU J 230 -8.21 35.85 -20.28
C LEU J 230 -9.00 36.37 -21.48
N PRO J 231 -10.23 35.88 -21.68
CA PRO J 231 -11.06 36.40 -22.78
C PRO J 231 -11.22 37.91 -22.71
N ASP J 232 -11.37 38.52 -23.89
CA ASP J 232 -11.26 39.97 -24.00
C ASP J 232 -12.33 40.70 -23.20
N HIS J 233 -13.50 40.07 -23.02
CA HIS J 233 -14.57 40.75 -22.30
C HIS J 233 -14.41 40.68 -20.79
N MET J 234 -13.51 39.83 -20.29
CA MET J 234 -13.29 39.70 -18.86
C MET J 234 -12.11 40.54 -18.41
N ASN J 235 -12.14 40.96 -17.15
CA ASN J 235 -11.02 41.67 -16.55
C ASN J 235 -11.00 41.35 -15.07
N ILE J 236 -9.86 40.86 -14.58
CA ILE J 236 -9.67 40.65 -13.15
C ILE J 236 -9.15 41.95 -12.55
N ASN J 237 -9.92 42.54 -11.65
CA ASN J 237 -9.49 43.77 -11.00
C ASN J 237 -8.27 43.53 -10.12
N ARG J 238 -8.31 42.49 -9.31
CA ARG J 238 -7.21 42.16 -8.41
C ARG J 238 -7.35 40.70 -8.01
N VAL J 239 -6.23 40.00 -7.99
CA VAL J 239 -6.17 38.63 -7.48
C VAL J 239 -5.08 38.55 -6.42
N GLU J 240 -5.46 38.22 -5.20
CA GLU J 240 -4.52 38.04 -4.10
C GLU J 240 -4.30 36.55 -3.88
N VAL J 241 -3.12 36.05 -4.27
CA VAL J 241 -2.78 34.64 -4.12
C VAL J 241 -1.71 34.52 -3.04
N MET J 242 -2.03 33.75 -2.00
CA MET J 242 -1.11 33.44 -0.92
C MET J 242 -0.83 31.95 -0.89
N PRO J 243 0.33 31.53 -0.38
CA PRO J 243 0.50 30.11 -0.07
C PRO J 243 -0.47 29.69 1.02
N VAL J 244 -1.04 28.49 0.86
CA VAL J 244 -2.04 28.01 1.80
C VAL J 244 -1.47 27.81 3.21
N ARG J 245 -0.15 27.82 3.35
CA ARG J 245 0.47 27.77 4.67
C ARG J 245 0.77 29.15 5.22
N GLN J 246 0.16 30.19 4.64
CA GLN J 246 0.30 31.55 5.12
C GLN J 246 -1.09 32.15 5.34
N ALA J 247 -1.24 32.86 6.45
CA ALA J 247 -2.49 33.51 6.78
C ALA J 247 -2.21 34.75 7.61
N TRP J 248 -3.11 35.10 8.51
CA TRP J 248 -2.98 36.31 9.32
C TRP J 248 -2.92 35.92 10.79
N GLN J 249 -2.06 36.60 11.52
CA GLN J 249 -1.87 36.37 12.95
C GLN J 249 -2.81 37.25 13.76
N PRO J 250 -2.94 36.99 15.05
CA PRO J 250 -3.73 37.89 15.90
C PRO J 250 -3.12 39.29 15.94
N PHE J 251 -3.87 40.21 16.54
CA PHE J 251 -3.40 41.58 16.65
C PHE J 251 -2.21 41.68 17.58
N ALA J 252 -1.27 42.55 17.23
CA ALA J 252 -0.16 42.84 18.11
C ALA J 252 -0.64 43.70 19.28
N ILE J 253 -0.33 43.27 20.50
CA ILE J 253 -0.71 44.01 21.70
C ILE J 253 0.55 44.26 22.52
N ASP J 254 0.88 45.52 22.72
CA ASP J 254 2.03 45.88 23.55
C ASP J 254 1.70 45.66 25.01
N ARG J 255 2.56 44.93 25.71
CA ARG J 255 2.32 44.58 27.10
C ARG J 255 3.53 44.97 27.95
N ASP J 256 3.28 45.14 29.24
CA ASP J 256 4.31 45.54 30.19
C ASP J 256 5.26 44.39 30.49
N SER K 6 -11.95 9.26 -7.15
CA SER K 6 -12.44 10.32 -8.02
C SER K 6 -12.53 11.64 -7.27
N LYS K 7 -12.81 12.72 -7.99
CA LYS K 7 -12.95 14.06 -7.43
C LYS K 7 -14.41 14.47 -7.46
N VAL K 8 -14.93 14.92 -6.33
CA VAL K 8 -16.33 15.29 -6.21
C VAL K 8 -16.42 16.73 -5.74
N VAL K 9 -17.32 17.50 -6.35
CA VAL K 9 -17.56 18.89 -5.98
C VAL K 9 -18.99 19.03 -5.48
N PHE K 10 -19.15 19.82 -4.41
CA PHE K 10 -20.46 20.09 -3.80
C PHE K 10 -20.88 21.51 -4.20
N ILE K 11 -21.90 21.62 -5.06
CA ILE K 11 -22.35 22.89 -5.60
C ILE K 11 -23.72 23.24 -5.03
N THR K 12 -23.81 24.35 -4.33
CA THR K 12 -25.08 24.88 -3.88
C THR K 12 -25.60 25.93 -4.87
N GLY K 13 -26.92 26.03 -4.99
CA GLY K 13 -27.57 26.92 -5.94
C GLY K 13 -27.22 26.56 -7.36
N ALA K 14 -27.42 25.29 -7.72
CA ALA K 14 -27.07 24.73 -9.01
C ALA K 14 -28.24 24.67 -10.00
N THR K 15 -29.40 25.21 -9.64
CA THR K 15 -30.54 25.10 -10.53
C THR K 15 -30.49 26.09 -11.69
N SER K 16 -29.71 27.17 -11.57
CA SER K 16 -29.61 28.16 -12.63
C SER K 16 -28.30 28.93 -12.45
N GLY K 17 -27.99 29.75 -13.44
CA GLY K 17 -26.89 30.70 -13.32
C GLY K 17 -25.55 30.01 -13.12
N PHE K 18 -24.78 30.53 -12.19
CA PHE K 18 -23.43 30.02 -11.95
C PHE K 18 -23.45 28.54 -11.59
N GLY K 19 -24.36 28.13 -10.71
CA GLY K 19 -24.42 26.74 -10.29
C GLY K 19 -24.73 25.79 -11.42
N GLU K 20 -25.70 26.17 -12.28
CA GLU K 20 -26.04 25.31 -13.41
C GLU K 20 -24.89 25.24 -14.40
N ALA K 21 -24.21 26.35 -14.64
CA ALA K 21 -23.07 26.35 -15.55
C ALA K 21 -21.88 25.61 -14.94
N ALA K 22 -21.69 25.74 -13.62
CA ALA K 22 -20.60 25.04 -12.96
C ALA K 22 -20.77 23.53 -13.00
N ALA K 23 -22.02 23.05 -12.98
CA ALA K 23 -22.26 21.61 -13.05
C ALA K 23 -21.71 21.02 -14.35
N GLN K 24 -21.86 21.74 -15.45
CA GLN K 24 -21.37 21.24 -16.73
C GLN K 24 -19.86 21.39 -16.86
N VAL K 25 -19.28 22.40 -16.22
CA VAL K 25 -17.84 22.61 -16.33
C VAL K 25 -17.07 21.50 -15.63
N PHE K 26 -17.55 21.08 -14.45
CA PHE K 26 -16.91 19.98 -13.75
C PHE K 26 -17.22 18.63 -14.39
N ALA K 27 -18.41 18.47 -14.98
CA ALA K 27 -18.74 17.21 -15.63
C ALA K 27 -17.88 16.98 -16.86
N ASP K 28 -17.57 18.03 -17.61
CA ASP K 28 -16.70 17.90 -18.78
C ASP K 28 -15.26 17.60 -18.38
N ALA K 29 -14.91 17.69 -17.10
CA ALA K 29 -13.58 17.42 -16.61
C ALA K 29 -13.49 16.12 -15.81
N GLY K 30 -14.57 15.34 -15.79
CA GLY K 30 -14.62 14.07 -15.10
C GLY K 30 -14.93 14.13 -13.62
N TRP K 31 -15.19 15.32 -13.07
CA TRP K 31 -15.54 15.43 -11.66
C TRP K 31 -16.98 14.97 -11.46
N SER K 32 -17.20 14.15 -10.44
CA SER K 32 -18.56 13.84 -10.02
C SER K 32 -19.18 15.03 -9.29
N LEU K 33 -20.51 15.13 -9.38
CA LEU K 33 -21.23 16.31 -8.94
C LEU K 33 -22.15 15.97 -7.77
N VAL K 34 -22.26 16.90 -6.83
CA VAL K 34 -23.27 16.87 -5.77
C VAL K 34 -23.94 18.24 -5.85
N LEU K 35 -25.10 18.28 -6.48
CA LEU K 35 -25.77 19.54 -6.78
C LEU K 35 -26.99 19.70 -5.91
N SER K 36 -27.14 20.87 -5.32
CA SER K 36 -28.24 21.21 -4.44
C SER K 36 -28.99 22.39 -5.05
N GLY K 37 -30.04 22.79 -4.37
CA GLY K 37 -30.91 23.84 -4.89
C GLY K 37 -32.31 23.65 -4.38
N ARG K 38 -33.19 24.56 -4.80
CA ARG K 38 -34.54 24.61 -4.27
C ARG K 38 -35.60 24.05 -5.22
N ARG K 39 -35.45 24.24 -6.51
CA ARG K 39 -36.39 23.70 -7.51
C ARG K 39 -35.92 22.32 -7.93
N PHE K 40 -36.48 21.28 -7.29
CA PHE K 40 -36.03 19.90 -7.54
C PHE K 40 -36.31 19.47 -8.97
N GLU K 41 -37.34 20.02 -9.61
CA GLU K 41 -37.65 19.62 -10.98
C GLU K 41 -36.64 20.15 -11.98
N ARG K 42 -35.82 21.13 -11.59
CA ARG K 42 -34.69 21.55 -12.42
C ARG K 42 -33.45 20.72 -12.12
N LEU K 43 -33.32 20.22 -10.89
CA LEU K 43 -32.21 19.34 -10.55
C LEU K 43 -32.36 17.98 -11.20
N LYS K 44 -33.60 17.48 -11.31
CA LYS K 44 -33.83 16.20 -11.96
C LYS K 44 -33.55 16.26 -13.45
N THR K 45 -33.95 17.37 -14.10
CA THR K 45 -33.63 17.54 -15.52
C THR K 45 -32.14 17.72 -15.73
N LEU K 46 -31.47 18.41 -14.81
CA LEU K 46 -30.03 18.59 -14.92
C LEU K 46 -29.30 17.28 -14.65
N GLN K 47 -29.86 16.43 -13.79
CA GLN K 47 -29.27 15.13 -13.54
C GLN K 47 -29.32 14.25 -14.78
N ASP K 48 -30.45 14.24 -15.50
CA ASP K 48 -30.57 13.38 -16.67
C ASP K 48 -29.66 13.85 -17.80
N LYS K 49 -29.43 15.16 -17.89
CA LYS K 49 -28.52 15.69 -18.91
C LYS K 49 -27.06 15.49 -18.54
N LEU K 50 -26.76 15.35 -17.25
CA LEU K 50 -25.40 15.26 -16.76
C LEU K 50 -25.04 13.88 -16.22
N ALA K 51 -26.01 12.97 -16.08
CA ALA K 51 -25.68 11.63 -15.58
C ALA K 51 -24.71 10.90 -16.50
N SER K 52 -24.67 11.26 -17.78
CA SER K 52 -23.63 10.75 -18.66
C SER K 52 -22.28 11.28 -18.19
N GLN K 53 -21.21 10.64 -18.67
CA GLN K 53 -19.85 11.02 -18.31
C GLN K 53 -19.56 10.87 -16.81
N VAL K 54 -20.39 11.44 -15.95
CA VAL K 54 -20.04 11.51 -14.52
C VAL K 54 -21.26 11.19 -13.67
N PRO K 55 -21.02 10.59 -12.50
CA PRO K 55 -22.11 10.39 -11.53
C PRO K 55 -22.59 11.69 -10.92
N VAL K 56 -23.91 11.82 -10.79
CA VAL K 56 -24.55 13.04 -10.30
C VAL K 56 -25.44 12.70 -9.11
N HIS K 57 -25.37 13.53 -8.07
CA HIS K 57 -26.21 13.40 -6.88
C HIS K 57 -26.91 14.72 -6.61
N ILE K 58 -28.25 14.72 -6.68
CA ILE K 58 -29.04 15.92 -6.47
C ILE K 58 -29.73 15.83 -5.12
N ILE K 59 -29.91 16.98 -4.47
CA ILE K 59 -30.56 17.08 -3.17
C ILE K 59 -31.43 18.34 -3.17
N GLU K 60 -32.69 18.20 -2.78
CA GLU K 60 -33.55 19.36 -2.56
C GLU K 60 -33.24 19.92 -1.17
N LEU K 61 -32.50 21.02 -1.14
CA LEU K 61 -31.99 21.59 0.10
C LEU K 61 -32.18 23.10 0.08
N ASP K 62 -32.75 23.62 1.16
CA ASP K 62 -32.85 25.06 1.39
C ASP K 62 -31.78 25.43 2.42
N VAL K 63 -30.80 26.23 2.00
CA VAL K 63 -29.67 26.57 2.87
C VAL K 63 -30.10 27.36 4.09
N ARG K 64 -31.31 27.91 4.10
CA ARG K 64 -31.81 28.60 5.28
C ARG K 64 -32.19 27.62 6.38
N ASP K 65 -32.28 26.34 6.07
CA ASP K 65 -32.62 25.29 7.04
C ASP K 65 -31.33 24.61 7.46
N SER K 66 -30.87 24.91 8.67
CA SER K 66 -29.62 24.34 9.16
C SER K 66 -29.74 22.84 9.36
N ASP K 67 -30.88 22.38 9.86
CA ASP K 67 -31.07 20.95 10.08
C ASP K 67 -31.14 20.19 8.75
N SER K 68 -31.71 20.80 7.72
CA SER K 68 -31.75 20.16 6.41
C SER K 68 -30.35 20.02 5.81
N VAL K 69 -29.51 21.04 5.98
CA VAL K 69 -28.14 20.95 5.48
C VAL K 69 -27.37 19.85 6.21
N ALA K 70 -27.53 19.79 7.54
CA ALA K 70 -26.86 18.73 8.30
C ALA K 70 -27.38 17.36 7.89
N ALA K 71 -28.69 17.25 7.65
CA ALA K 71 -29.25 15.97 7.22
C ALA K 71 -28.77 15.62 5.81
N ALA K 72 -28.66 16.61 4.94
CA ALA K 72 -28.19 16.37 3.59
C ALA K 72 -26.72 15.93 3.59
N VAL K 73 -25.93 16.48 4.51
CA VAL K 73 -24.52 16.13 4.57
C VAL K 73 -24.35 14.76 5.23
N ALA K 74 -25.17 14.45 6.23
CA ALA K 74 -25.08 13.15 6.88
C ALA K 74 -25.53 12.00 5.96
N ALA K 75 -26.48 12.27 5.06
CA ALA K 75 -27.01 11.25 4.17
C ALA K 75 -26.29 11.16 2.83
N LEU K 76 -25.07 11.67 2.74
CA LEU K 76 -24.33 11.61 1.49
C LEU K 76 -23.83 10.19 1.25
N PRO K 77 -24.00 9.65 0.04
CA PRO K 77 -23.46 8.31 -0.25
C PRO K 77 -21.94 8.28 -0.20
N ALA K 78 -21.41 7.05 -0.15
CA ALA K 78 -19.97 6.87 0.01
C ALA K 78 -19.19 7.35 -1.21
N ASP K 79 -19.77 7.21 -2.40
CA ASP K 79 -19.13 7.69 -3.62
C ASP K 79 -19.23 9.20 -3.77
N PHE K 80 -19.68 9.88 -2.72
CA PHE K 80 -19.86 11.33 -2.70
C PHE K 80 -19.38 11.98 -1.41
N ALA K 81 -19.46 11.30 -0.26
CA ALA K 81 -19.15 11.91 1.03
C ALA K 81 -17.78 12.59 1.08
N ASP K 82 -16.78 12.08 0.36
CA ASP K 82 -15.45 12.67 0.42
C ASP K 82 -15.36 13.82 -0.58
N ILE K 83 -15.82 15.00 -0.13
CA ILE K 83 -15.93 16.17 -0.99
C ILE K 83 -14.59 16.87 -1.08
N THR K 84 -14.18 17.18 -2.32
CA THR K 84 -12.95 17.95 -2.52
C THR K 84 -13.18 19.46 -2.50
N THR K 85 -14.18 19.94 -3.22
CA THR K 85 -14.42 21.38 -3.33
C THR K 85 -15.87 21.71 -2.99
N LEU K 86 -16.07 22.69 -2.12
CA LEU K 86 -17.38 23.21 -1.79
C LEU K 86 -17.52 24.60 -2.41
N ILE K 87 -18.55 24.78 -3.24
CA ILE K 87 -18.82 26.04 -3.92
C ILE K 87 -20.08 26.63 -3.29
N ASN K 88 -19.90 27.67 -2.46
CA ASN K 88 -21.01 28.36 -1.82
C ASN K 88 -21.58 29.42 -2.76
N ASN K 89 -22.39 28.95 -3.72
CA ASN K 89 -22.93 29.82 -4.74
C ASN K 89 -24.34 30.31 -4.46
N ALA K 90 -25.12 29.57 -3.66
CA ALA K 90 -26.50 29.95 -3.39
C ALA K 90 -26.59 31.34 -2.79
N GLY K 91 -27.20 32.26 -3.51
CA GLY K 91 -27.38 33.63 -3.04
C GLY K 91 -28.38 34.35 -3.92
N LEU K 92 -28.76 35.53 -3.47
CA LEU K 92 -29.81 36.29 -4.15
C LEU K 92 -29.76 37.72 -3.66
N ALA K 93 -30.27 38.63 -4.48
CA ALA K 93 -30.51 40.01 -4.10
C ALA K 93 -31.97 40.34 -4.33
N LEU K 94 -32.47 41.32 -3.59
CA LEU K 94 -33.86 41.76 -3.75
C LEU K 94 -33.93 43.27 -3.57
N SER K 95 -35.07 43.83 -4.01
CA SER K 95 -35.45 45.23 -3.86
C SER K 95 -34.34 46.22 -4.22
N PRO K 96 -34.23 46.61 -5.49
CA PRO K 96 -33.20 47.60 -5.88
C PRO K 96 -33.53 49.02 -5.47
N GLN K 97 -34.64 49.25 -4.77
CA GLN K 97 -35.02 50.58 -4.35
C GLN K 97 -34.12 51.05 -3.20
N PRO K 98 -34.13 52.35 -2.88
CA PRO K 98 -33.37 52.83 -1.73
C PRO K 98 -33.77 52.10 -0.46
N ALA K 99 -32.85 52.13 0.53
CA ALA K 99 -33.07 51.39 1.76
C ALA K 99 -34.29 51.88 2.52
N GLN K 100 -34.60 53.17 2.43
CA GLN K 100 -35.76 53.67 3.15
C GLN K 100 -37.09 53.22 2.54
N LYS K 101 -37.07 52.51 1.41
CA LYS K 101 -38.30 52.04 0.76
C LYS K 101 -38.27 50.54 0.50
N VAL K 102 -37.53 49.78 1.30
CA VAL K 102 -37.42 48.33 1.14
C VAL K 102 -38.16 47.66 2.29
N ASP K 103 -38.88 46.59 1.98
CA ASP K 103 -39.57 45.82 3.01
C ASP K 103 -38.58 44.98 3.80
N LEU K 104 -38.84 44.84 5.09
CA LEU K 104 -37.90 44.14 5.97
C LEU K 104 -37.85 42.65 5.67
N ASP K 105 -38.90 42.10 5.06
CA ASP K 105 -38.88 40.69 4.67
C ASP K 105 -37.86 40.43 3.58
N ASP K 106 -37.59 41.43 2.74
CA ASP K 106 -36.55 41.29 1.72
C ASP K 106 -35.15 41.35 2.35
N TRP K 107 -34.99 42.18 3.38
CA TRP K 107 -33.71 42.21 4.08
C TRP K 107 -33.45 40.92 4.83
N LYS K 108 -34.49 40.36 5.48
CA LYS K 108 -34.32 39.12 6.22
C LYS K 108 -34.03 37.96 5.28
N THR K 109 -34.69 37.93 4.12
CA THR K 109 -34.47 36.86 3.17
C THR K 109 -33.04 36.89 2.64
N MET K 110 -32.51 38.09 2.43
CA MET K 110 -31.14 38.22 1.95
C MET K 110 -30.13 37.79 3.01
N ILE K 111 -30.36 38.17 4.27
CA ILE K 111 -29.45 37.78 5.35
C ILE K 111 -29.50 36.28 5.58
N ASP K 112 -30.69 35.69 5.54
CA ASP K 112 -30.83 34.28 5.84
C ASP K 112 -30.15 33.38 4.81
N THR K 113 -30.03 33.84 3.57
CA THR K 113 -29.48 33.02 2.50
C THR K 113 -28.00 33.27 2.25
N ASN K 114 -27.60 34.54 2.07
CA ASN K 114 -26.21 34.83 1.73
C ASN K 114 -25.30 34.80 2.95
N VAL K 115 -25.85 35.03 4.14
CA VAL K 115 -25.06 35.05 5.36
C VAL K 115 -25.29 33.75 6.13
N THR K 116 -26.49 33.60 6.70
CA THR K 116 -26.79 32.40 7.47
C THR K 116 -26.73 31.14 6.61
N GLY K 117 -27.26 31.21 5.39
CA GLY K 117 -27.23 30.05 4.53
C GLY K 117 -25.84 29.60 4.16
N LEU K 118 -24.92 30.56 3.96
CA LEU K 118 -23.56 30.21 3.57
C LEU K 118 -22.78 29.63 4.74
N VAL K 119 -23.01 30.12 5.95
CA VAL K 119 -22.31 29.55 7.10
C VAL K 119 -22.90 28.20 7.48
N ASN K 120 -24.18 27.95 7.17
CA ASN K 120 -24.78 26.65 7.44
C ASN K 120 -24.09 25.56 6.61
N VAL K 121 -23.82 25.84 5.34
CA VAL K 121 -23.20 24.84 4.48
C VAL K 121 -21.74 24.63 4.87
N THR K 122 -21.04 25.69 5.24
CA THR K 122 -19.64 25.54 5.64
C THR K 122 -19.52 24.76 6.94
N HIS K 123 -20.38 25.06 7.92
CA HIS K 123 -20.30 24.39 9.21
C HIS K 123 -20.54 22.90 9.07
N ALA K 124 -21.51 22.51 8.23
CA ALA K 124 -21.84 21.09 8.07
C ALA K 124 -20.74 20.35 7.33
N LEU K 125 -20.03 21.03 6.42
CA LEU K 125 -19.04 20.39 5.57
C LEU K 125 -17.60 20.66 6.02
N LEU K 126 -17.41 21.48 7.06
CA LEU K 126 -16.06 21.75 7.53
C LEU K 126 -15.31 20.48 7.97
N PRO K 127 -15.89 19.59 8.79
CA PRO K 127 -15.15 18.36 9.14
C PRO K 127 -14.85 17.50 7.92
N THR K 128 -15.73 17.48 6.93
CA THR K 128 -15.50 16.67 5.74
C THR K 128 -14.32 17.19 4.93
N LEU K 129 -14.25 18.51 4.73
CA LEU K 129 -13.18 19.07 3.92
C LEU K 129 -11.83 18.98 4.62
N ILE K 130 -11.80 19.12 5.95
CA ILE K 130 -10.53 19.02 6.67
C ILE K 130 -10.00 17.59 6.64
N ASN K 131 -10.88 16.59 6.76
CA ASN K 131 -10.42 15.21 6.68
C ASN K 131 -9.98 14.83 5.27
N HIS K 132 -10.26 15.68 4.29
CA HIS K 132 -9.73 15.49 2.93
C HIS K 132 -8.38 16.19 2.85
N GLY K 133 -8.40 17.51 2.77
CA GLY K 133 -7.17 18.27 2.89
C GLY K 133 -6.43 18.28 1.57
N ALA K 134 -5.12 18.52 1.66
CA ALA K 134 -4.27 18.63 0.48
C ALA K 134 -4.86 19.58 -0.57
N GLY K 135 -5.90 19.11 -1.26
CA GLY K 135 -6.52 19.85 -2.36
C GLY K 135 -7.89 20.45 -2.08
N ALA K 136 -8.40 20.31 -0.86
CA ALA K 136 -9.74 20.78 -0.55
C ALA K 136 -9.83 22.30 -0.60
N SER K 137 -10.95 22.80 -1.12
CA SER K 137 -11.16 24.23 -1.32
C SER K 137 -12.59 24.61 -0.96
N ILE K 138 -12.73 25.75 -0.29
CA ILE K 138 -14.03 26.36 -0.01
C ILE K 138 -14.14 27.63 -0.85
N ILE K 139 -14.93 27.58 -1.92
CA ILE K 139 -15.10 28.71 -2.82
C ILE K 139 -16.40 29.41 -2.43
N ASN K 140 -16.28 30.52 -1.70
CA ASN K 140 -17.43 31.35 -1.37
C ASN K 140 -17.62 32.38 -2.49
N ILE K 141 -18.83 32.44 -3.03
CA ILE K 141 -19.13 33.32 -4.15
C ILE K 141 -19.55 34.68 -3.60
N GLY K 142 -18.61 35.63 -3.58
CA GLY K 142 -18.91 36.98 -3.15
C GLY K 142 -19.38 37.85 -4.30
N SER K 143 -18.98 39.12 -4.30
CA SER K 143 -19.37 40.05 -5.35
C SER K 143 -18.53 41.31 -5.23
N ILE K 144 -18.51 42.08 -6.33
CA ILE K 144 -17.95 43.43 -6.25
C ILE K 144 -18.75 44.28 -5.28
N ALA K 145 -20.02 43.95 -5.07
CA ALA K 145 -20.84 44.66 -4.10
C ALA K 145 -20.35 44.46 -2.68
N GLY K 146 -19.57 43.40 -2.43
CA GLY K 146 -18.98 43.18 -1.12
C GLY K 146 -17.80 44.05 -0.80
N GLN K 147 -17.38 44.89 -1.73
CA GLN K 147 -16.25 45.80 -1.55
C GLN K 147 -16.60 47.22 -1.91
N TRP K 148 -17.39 47.43 -2.96
CA TRP K 148 -17.70 48.76 -3.47
C TRP K 148 -19.16 49.08 -3.20
N PRO K 149 -19.46 50.17 -2.49
CA PRO K 149 -20.86 50.53 -2.26
C PRO K 149 -21.48 51.24 -3.45
N TYR K 150 -22.80 51.10 -3.57
CA TYR K 150 -23.53 51.77 -4.64
C TYR K 150 -25.00 51.83 -4.25
N PRO K 151 -25.76 52.78 -4.82
CA PRO K 151 -27.19 52.89 -4.48
C PRO K 151 -27.98 51.66 -4.88
N GLY K 152 -28.92 51.29 -4.00
CA GLY K 152 -29.78 50.15 -4.20
C GLY K 152 -29.17 48.86 -3.69
N SER K 153 -27.88 48.86 -3.42
CA SER K 153 -27.22 47.78 -2.71
C SER K 153 -27.25 48.17 -1.25
N HIS K 154 -27.71 47.27 -0.40
CA HIS K 154 -27.82 47.62 1.01
C HIS K 154 -27.43 46.39 1.82
N VAL K 155 -28.35 45.44 1.95
CA VAL K 155 -28.08 44.22 2.66
C VAL K 155 -27.44 43.21 1.72
N TYR K 156 -27.67 43.33 0.41
CA TYR K 156 -27.01 42.45 -0.54
C TYR K 156 -25.50 42.67 -0.53
N GLY K 157 -25.07 43.92 -0.75
CA GLY K 157 -23.65 44.21 -0.74
C GLY K 157 -23.01 43.93 0.60
N ALA K 158 -23.73 44.25 1.68
CA ALA K 158 -23.22 43.95 3.02
C ALA K 158 -23.13 42.45 3.25
N SER K 159 -24.12 41.69 2.77
CA SER K 159 -24.06 40.24 2.93
C SER K 159 -22.89 39.63 2.18
N LYS K 160 -22.58 40.16 0.99
CA LYS K 160 -21.42 39.67 0.27
C LYS K 160 -20.12 40.24 0.83
N ALA K 161 -20.21 41.33 1.59
CA ALA K 161 -19.06 41.79 2.38
C ALA K 161 -18.84 40.89 3.58
N PHE K 162 -19.93 40.36 4.16
CA PHE K 162 -19.81 39.31 5.16
C PHE K 162 -19.03 38.14 4.58
N VAL K 163 -19.34 37.76 3.34
CA VAL K 163 -18.67 36.62 2.70
C VAL K 163 -17.18 36.91 2.53
N LYS K 164 -16.83 38.17 2.24
CA LYS K 164 -15.43 38.52 2.05
C LYS K 164 -14.63 38.29 3.33
N GLN K 165 -15.11 38.84 4.44
CA GLN K 165 -14.38 38.71 5.69
C GLN K 165 -14.46 37.30 6.26
N PHE K 166 -15.60 36.62 6.06
CA PHE K 166 -15.73 35.24 6.50
C PHE K 166 -14.72 34.33 5.80
N SER K 167 -14.41 34.63 4.53
CA SER K 167 -13.41 33.85 3.81
C SER K 167 -12.02 34.05 4.42
N TYR K 168 -11.64 35.31 4.66
CA TYR K 168 -10.35 35.60 5.27
C TYR K 168 -10.25 34.98 6.66
N ASN K 169 -11.32 35.10 7.45
CA ASN K 169 -11.30 34.57 8.81
C ASN K 169 -11.19 33.06 8.83
N LEU K 170 -11.83 32.38 7.87
CA LEU K 170 -11.72 30.92 7.81
C LEU K 170 -10.30 30.48 7.56
N ARG K 171 -9.56 31.24 6.75
CA ARG K 171 -8.17 30.89 6.45
C ARG K 171 -7.30 30.97 7.70
N CYS K 172 -7.57 31.93 8.58
CA CYS K 172 -6.76 32.06 9.79
C CYS K 172 -6.93 30.87 10.72
N ASP K 173 -8.12 30.27 10.76
CA ASP K 173 -8.36 29.15 11.65
C ASP K 173 -8.03 27.80 11.03
N LEU K 174 -7.99 27.71 9.69
CA LEU K 174 -7.70 26.47 9.00
C LEU K 174 -6.25 26.40 8.54
N LEU K 175 -5.39 27.23 9.09
CA LEU K 175 -3.98 27.22 8.71
C LEU K 175 -3.34 25.90 9.12
N GLY K 176 -2.68 25.25 8.18
CA GLY K 176 -2.04 23.98 8.42
C GLY K 176 -2.85 22.76 8.05
N THR K 177 -4.15 22.93 7.76
CA THR K 177 -5.00 21.81 7.35
C THR K 177 -4.96 21.55 5.86
N GLY K 178 -4.35 22.44 5.07
CA GLY K 178 -4.30 22.30 3.64
C GLY K 178 -5.56 22.72 2.90
N VAL K 179 -6.64 23.03 3.61
CA VAL K 179 -7.89 23.42 2.98
C VAL K 179 -7.80 24.88 2.54
N ARG K 180 -8.28 25.17 1.35
CA ARG K 180 -8.19 26.50 0.77
C ARG K 180 -9.54 27.20 0.84
N VAL K 181 -9.52 28.51 1.12
CA VAL K 181 -10.72 29.33 1.14
C VAL K 181 -10.51 30.50 0.19
N THR K 182 -11.46 30.70 -0.73
CA THR K 182 -11.34 31.71 -1.77
C THR K 182 -12.66 32.46 -1.90
N ASP K 183 -12.57 33.79 -1.98
CA ASP K 183 -13.72 34.65 -2.25
C ASP K 183 -13.71 34.99 -3.73
N LEU K 184 -14.58 34.35 -4.50
CA LEU K 184 -14.78 34.67 -5.90
C LEU K 184 -15.84 35.76 -6.01
N ALA K 185 -15.42 36.96 -6.38
CA ALA K 185 -16.31 38.12 -6.42
C ALA K 185 -16.51 38.59 -7.86
N PRO K 186 -17.59 38.17 -8.53
CA PRO K 186 -17.81 38.56 -9.92
C PRO K 186 -18.52 39.90 -10.06
N GLY K 187 -18.47 40.44 -11.28
CA GLY K 187 -19.20 41.63 -11.64
C GLY K 187 -20.56 41.31 -12.22
N ILE K 188 -21.07 42.21 -13.06
CA ILE K 188 -22.42 42.04 -13.60
C ILE K 188 -22.42 40.88 -14.59
N ALA K 189 -23.40 39.98 -14.44
CA ALA K 189 -23.48 38.77 -15.24
C ALA K 189 -24.93 38.44 -15.56
N GLU K 190 -25.18 37.94 -16.77
CA GLU K 190 -26.53 37.64 -17.25
C GLU K 190 -26.97 36.28 -16.73
N THR K 191 -27.71 36.30 -15.63
CA THR K 191 -28.32 35.10 -15.03
C THR K 191 -29.73 35.48 -14.60
N GLU K 192 -30.42 34.55 -13.95
CA GLU K 192 -31.67 34.86 -13.26
C GLU K 192 -31.49 35.87 -12.12
N PHE K 193 -30.28 36.39 -11.90
CA PHE K 193 -30.02 37.23 -10.73
C PHE K 193 -30.93 38.46 -10.71
N THR K 194 -30.86 39.27 -11.77
CA THR K 194 -31.70 40.47 -11.84
C THR K 194 -33.17 40.10 -11.97
N LEU K 195 -33.47 38.94 -12.55
CA LEU K 195 -34.86 38.49 -12.63
C LEU K 195 -35.43 38.27 -11.23
N VAL K 196 -34.68 37.58 -10.36
CA VAL K 196 -35.13 37.40 -8.99
C VAL K 196 -35.08 38.73 -8.23
N ARG K 197 -34.11 39.58 -8.54
CA ARG K 197 -33.93 40.82 -7.78
C ARG K 197 -35.00 41.85 -8.09
N THR K 198 -35.54 41.83 -9.29
CA THR K 198 -36.63 42.74 -9.64
C THR K 198 -37.99 42.09 -9.44
N LYS K 199 -38.04 40.90 -8.82
CA LYS K 199 -39.30 40.23 -8.44
C LYS K 199 -40.16 39.88 -9.64
N GLY K 200 -39.52 39.56 -10.76
CA GLY K 200 -40.17 39.01 -11.93
C GLY K 200 -40.21 39.90 -13.14
N ASP K 201 -39.53 41.03 -13.13
CA ASP K 201 -39.55 41.99 -14.22
C ASP K 201 -38.48 41.61 -15.24
N GLN K 202 -38.90 40.86 -16.26
CA GLN K 202 -37.96 40.49 -17.31
C GLN K 202 -37.59 41.70 -18.16
N ALA K 203 -38.50 42.67 -18.28
CA ALA K 203 -38.19 43.88 -19.03
C ALA K 203 -37.08 44.68 -18.35
N ALA K 204 -37.16 44.83 -17.03
CA ALA K 204 -36.10 45.53 -16.30
C ALA K 204 -34.79 44.74 -16.36
N SER K 205 -34.89 43.41 -16.30
CA SER K 205 -33.71 42.55 -16.36
C SER K 205 -33.09 42.51 -17.75
N ASP K 206 -33.73 43.11 -18.75
CA ASP K 206 -33.17 43.18 -20.09
C ASP K 206 -32.52 44.53 -20.38
N ASN K 207 -33.02 45.62 -19.77
CA ASN K 207 -32.43 46.93 -19.94
C ASN K 207 -31.06 47.05 -19.27
N LEU K 208 -30.76 46.22 -18.27
CA LEU K 208 -29.44 46.24 -17.66
C LEU K 208 -28.38 45.65 -18.59
N TYR K 209 -28.69 44.54 -19.26
CA TYR K 209 -27.74 43.80 -20.09
C TYR K 209 -27.80 44.20 -21.56
N ARG K 210 -28.61 45.19 -21.94
CA ARG K 210 -28.89 45.44 -23.34
C ARG K 210 -27.69 46.05 -24.08
N GLY K 211 -27.23 47.21 -23.65
CA GLY K 211 -26.16 47.87 -24.36
C GLY K 211 -24.73 47.51 -23.98
N THR K 212 -24.51 46.47 -23.18
CA THR K 212 -23.16 46.13 -22.74
C THR K 212 -22.91 44.63 -22.90
N THR K 213 -21.67 44.24 -22.61
CA THR K 213 -21.20 42.85 -22.64
C THR K 213 -20.88 42.41 -21.22
N PRO K 214 -21.83 41.84 -20.48
CA PRO K 214 -21.55 41.34 -19.14
C PRO K 214 -20.91 39.96 -19.18
N LEU K 215 -20.59 39.44 -17.99
CA LEU K 215 -20.08 38.08 -17.89
C LEU K 215 -21.20 37.07 -18.09
N SER K 216 -20.83 35.93 -18.66
CA SER K 216 -21.77 34.81 -18.80
C SER K 216 -21.64 33.90 -17.58
N ALA K 217 -22.67 33.07 -17.37
CA ALA K 217 -22.64 32.12 -16.27
C ALA K 217 -21.50 31.13 -16.42
N ARG K 218 -21.11 30.82 -17.67
CA ARG K 218 -20.01 29.92 -17.91
C ARG K 218 -18.65 30.59 -17.69
N ASP K 219 -18.58 31.90 -17.79
CA ASP K 219 -17.33 32.60 -17.49
C ASP K 219 -16.94 32.43 -16.03
N ILE K 220 -17.92 32.60 -15.12
CA ILE K 220 -17.67 32.43 -13.70
C ILE K 220 -17.49 30.97 -13.35
N ALA K 221 -18.22 30.08 -14.05
CA ALA K 221 -18.07 28.65 -13.80
C ALA K 221 -16.66 28.18 -14.12
N GLU K 222 -16.11 28.65 -15.25
CA GLU K 222 -14.74 28.31 -15.58
C GLU K 222 -13.74 28.92 -14.61
N GLN K 223 -14.12 29.99 -13.90
CA GLN K 223 -13.27 30.54 -12.85
C GLN K 223 -13.32 29.70 -11.59
N MET K 224 -14.50 29.20 -11.24
CA MET K 224 -14.61 28.28 -10.10
C MET K 224 -13.74 27.04 -10.31
N PHE K 225 -13.77 26.48 -11.51
CA PHE K 225 -12.99 25.28 -11.81
C PHE K 225 -11.50 25.57 -11.76
N TYR K 226 -11.08 26.74 -12.23
CA TYR K 226 -9.66 27.11 -12.14
C TYR K 226 -9.20 27.17 -10.69
N ILE K 227 -10.05 27.69 -9.81
CA ILE K 227 -9.70 27.77 -8.40
C ILE K 227 -9.62 26.36 -7.80
N ALA K 228 -10.56 25.49 -8.15
CA ALA K 228 -10.60 24.15 -7.58
C ALA K 228 -9.41 23.31 -8.01
N THR K 229 -8.92 23.52 -9.23
CA THR K 229 -7.79 22.76 -9.75
C THR K 229 -6.45 23.42 -9.48
N LEU K 230 -6.43 24.46 -8.66
CA LEU K 230 -5.19 25.13 -8.31
C LEU K 230 -4.25 24.17 -7.58
N PRO K 231 -2.94 24.33 -7.74
CA PRO K 231 -1.99 23.48 -6.99
C PRO K 231 -2.26 23.56 -5.49
N ASP K 232 -1.99 22.44 -4.81
CA ASP K 232 -2.43 22.27 -3.43
C ASP K 232 -1.80 23.29 -2.49
N HIS K 233 -0.59 23.77 -2.82
CA HIS K 233 0.11 24.71 -1.95
C HIS K 233 -0.37 26.15 -2.13
N MET K 234 -1.12 26.44 -3.18
CA MET K 234 -1.59 27.80 -3.46
C MET K 234 -2.99 28.00 -2.91
N ASN K 235 -3.29 29.26 -2.59
CA ASN K 235 -4.62 29.64 -2.15
C ASN K 235 -4.89 31.05 -2.63
N ILE K 236 -6.01 31.23 -3.34
CA ILE K 236 -6.43 32.54 -3.78
C ILE K 236 -7.29 33.16 -2.67
N ASN K 237 -6.82 34.28 -2.12
CA ASN K 237 -7.61 34.98 -1.11
C ASN K 237 -8.90 35.53 -1.71
N ARG K 238 -8.80 36.22 -2.85
CA ARG K 238 -9.97 36.83 -3.46
C ARG K 238 -9.68 37.13 -4.92
N VAL K 239 -10.67 36.88 -5.78
CA VAL K 239 -10.62 37.28 -7.19
C VAL K 239 -11.83 38.13 -7.47
N GLU K 240 -11.60 39.40 -7.79
CA GLU K 240 -12.68 40.29 -8.23
C GLU K 240 -12.56 40.40 -9.74
N VAL K 241 -13.47 39.74 -10.46
CA VAL K 241 -13.47 39.75 -11.91
C VAL K 241 -14.70 40.54 -12.37
N MET K 242 -14.45 41.60 -13.12
CA MET K 242 -15.51 42.40 -13.72
C MET K 242 -15.40 42.36 -15.23
N PRO K 243 -16.50 42.56 -15.96
CA PRO K 243 -16.37 42.82 -17.39
C PRO K 243 -15.60 44.11 -17.62
N VAL K 244 -14.72 44.08 -18.63
CA VAL K 244 -13.88 45.24 -18.91
C VAL K 244 -14.70 46.45 -19.33
N ARG K 245 -15.98 46.26 -19.61
CA ARG K 245 -16.90 47.36 -19.88
C ARG K 245 -17.59 47.83 -18.61
N GLN K 246 -17.09 47.45 -17.45
CA GLN K 246 -17.61 47.89 -16.16
C GLN K 246 -16.46 48.47 -15.33
N ALA K 247 -16.72 49.60 -14.67
CA ALA K 247 -15.71 50.22 -13.83
C ALA K 247 -16.37 51.02 -12.71
N TRP K 248 -15.74 52.12 -12.30
CA TRP K 248 -16.24 52.95 -11.22
C TRP K 248 -16.53 54.36 -11.74
N GLN K 249 -17.62 54.94 -11.28
CA GLN K 249 -18.02 56.29 -11.65
C GLN K 249 -17.47 57.28 -10.64
N PRO K 250 -17.53 58.58 -10.94
CA PRO K 250 -17.15 59.58 -9.93
C PRO K 250 -18.07 59.53 -8.72
N PHE K 251 -17.68 60.28 -7.69
CA PHE K 251 -18.47 60.31 -6.46
C PHE K 251 -19.81 61.00 -6.70
N ALA K 252 -20.84 60.48 -6.06
CA ALA K 252 -22.16 61.11 -6.12
C ALA K 252 -22.16 62.38 -5.28
N ILE K 253 -22.60 63.49 -5.88
CA ILE K 253 -22.66 64.77 -5.19
C ILE K 253 -24.08 65.32 -5.29
N ASP K 254 -24.73 65.47 -4.14
CA ASP K 254 -26.06 66.06 -4.08
C ASP K 254 -25.97 67.56 -4.30
N ARG K 255 -26.78 68.09 -5.22
CA ARG K 255 -26.69 69.50 -5.60
C ARG K 255 -28.05 70.18 -5.51
N ASP K 256 -28.01 71.50 -5.75
CA ASP K 256 -29.15 72.42 -5.59
C ASP K 256 -29.53 72.58 -4.13
N SER L 6 15.75 -7.68 -42.93
CA SER L 6 16.98 -7.45 -43.70
C SER L 6 18.04 -6.76 -42.87
N LYS L 7 18.55 -7.47 -41.86
CA LYS L 7 19.61 -6.96 -41.00
C LYS L 7 20.89 -7.76 -41.22
N VAL L 8 21.99 -7.06 -41.46
CA VAL L 8 23.27 -7.68 -41.80
C VAL L 8 24.30 -7.25 -40.76
N VAL L 9 25.07 -8.22 -40.25
CA VAL L 9 26.13 -7.96 -39.30
C VAL L 9 27.46 -8.36 -39.93
N PHE L 10 28.48 -7.52 -39.74
CA PHE L 10 29.82 -7.74 -40.26
C PHE L 10 30.72 -8.16 -39.10
N ILE L 11 31.14 -9.42 -39.10
CA ILE L 11 31.94 -9.99 -38.02
C ILE L 11 33.35 -10.23 -38.52
N THR L 12 34.32 -9.56 -37.89
CA THR L 12 35.73 -9.82 -38.16
C THR L 12 36.25 -10.86 -37.19
N GLY L 13 37.20 -11.67 -37.67
CA GLY L 13 37.74 -12.75 -36.87
C GLY L 13 36.70 -13.76 -36.43
N ALA L 14 35.94 -14.29 -37.39
CA ALA L 14 34.86 -15.22 -37.12
C ALA L 14 35.29 -16.67 -37.22
N THR L 15 36.59 -16.93 -37.37
CA THR L 15 37.07 -18.30 -37.56
C THR L 15 37.10 -19.11 -36.27
N SER L 16 37.12 -18.46 -35.11
CA SER L 16 37.17 -19.17 -33.84
C SER L 16 36.67 -18.26 -32.73
N GLY L 17 36.50 -18.84 -31.55
CA GLY L 17 36.26 -18.05 -30.35
C GLY L 17 34.99 -17.24 -30.42
N PHE L 18 35.08 -15.98 -30.00
CA PHE L 18 33.91 -15.10 -29.97
C PHE L 18 33.29 -14.97 -31.36
N GLY L 19 34.12 -14.78 -32.38
CA GLY L 19 33.59 -14.62 -33.72
C GLY L 19 32.84 -15.85 -34.20
N GLU L 20 33.36 -17.03 -33.91
CA GLU L 20 32.66 -18.25 -34.30
C GLU L 20 31.35 -18.40 -33.54
N ALA L 21 31.34 -18.06 -32.25
CA ALA L 21 30.11 -18.13 -31.46
C ALA L 21 29.13 -17.04 -31.88
N ALA L 22 29.64 -15.86 -32.24
CA ALA L 22 28.76 -14.79 -32.68
C ALA L 22 28.05 -15.16 -33.98
N ALA L 23 28.71 -15.94 -34.83
CA ALA L 23 28.08 -16.37 -36.08
C ALA L 23 26.83 -17.20 -35.81
N GLN L 24 26.88 -18.06 -34.79
CA GLN L 24 25.73 -18.89 -34.47
C GLN L 24 24.66 -18.13 -33.71
N VAL L 25 25.06 -17.16 -32.88
CA VAL L 25 24.07 -16.42 -32.10
C VAL L 25 23.27 -15.49 -33.00
N PHE L 26 23.93 -14.85 -33.97
CA PHE L 26 23.21 -13.97 -34.89
C PHE L 26 22.38 -14.78 -35.89
N ALA L 27 22.83 -15.98 -36.25
CA ALA L 27 22.06 -16.82 -37.16
C ALA L 27 20.77 -17.29 -36.50
N ASP L 28 20.80 -17.56 -35.21
CA ASP L 28 19.61 -17.99 -34.48
C ASP L 28 18.54 -16.91 -34.38
N ALA L 29 18.85 -15.67 -34.74
CA ALA L 29 17.89 -14.57 -34.64
C ALA L 29 17.40 -14.09 -35.99
N GLY L 30 17.72 -14.79 -37.07
CA GLY L 30 17.25 -14.39 -38.39
C GLY L 30 18.08 -13.32 -39.05
N TRP L 31 19.18 -12.90 -38.44
CA TRP L 31 20.02 -11.88 -39.02
C TRP L 31 20.82 -12.44 -40.19
N SER L 32 20.89 -11.68 -41.28
CA SER L 32 21.79 -12.03 -42.36
C SER L 32 23.22 -11.78 -41.92
N LEU L 33 24.13 -12.64 -42.37
CA LEU L 33 25.49 -12.66 -41.83
C LEU L 33 26.51 -12.36 -42.91
N VAL L 34 27.55 -11.63 -42.51
CA VAL L 34 28.74 -11.38 -43.33
C VAL L 34 29.92 -11.71 -42.45
N LEU L 35 30.54 -12.86 -42.69
CA LEU L 35 31.57 -13.40 -41.81
C LEU L 35 32.93 -13.27 -42.49
N SER L 36 33.90 -12.75 -41.76
CA SER L 36 35.25 -12.50 -42.26
C SER L 36 36.26 -13.31 -41.45
N GLY L 37 37.52 -13.21 -41.87
CA GLY L 37 38.58 -13.98 -41.26
C GLY L 37 39.63 -14.35 -42.29
N ARG L 38 40.65 -15.07 -41.82
CA ARG L 38 41.77 -15.45 -42.68
C ARG L 38 41.72 -16.91 -43.11
N ARG L 39 41.16 -17.79 -42.29
CA ARG L 39 41.05 -19.22 -42.62
C ARG L 39 39.83 -19.43 -43.49
N PHE L 40 40.04 -19.41 -44.81
CA PHE L 40 38.93 -19.51 -45.74
C PHE L 40 38.23 -20.87 -45.65
N GLU L 41 38.98 -21.92 -45.29
CA GLU L 41 38.36 -23.24 -45.21
C GLU L 41 37.49 -23.39 -43.96
N ARG L 42 37.63 -22.48 -42.99
CA ARG L 42 36.71 -22.44 -41.86
C ARG L 42 35.46 -21.61 -42.14
N LEU L 43 35.57 -20.61 -43.02
CA LEU L 43 34.38 -19.85 -43.40
C LEU L 43 33.46 -20.67 -44.30
N LYS L 44 34.02 -21.53 -45.15
CA LYS L 44 33.19 -22.34 -46.04
C LYS L 44 32.43 -23.42 -45.28
N THR L 45 33.06 -24.05 -44.29
CA THR L 45 32.35 -25.05 -43.50
C THR L 45 31.25 -24.43 -42.64
N LEU L 46 31.49 -23.22 -42.11
CA LEU L 46 30.45 -22.58 -41.31
C LEU L 46 29.29 -22.09 -42.17
N GLN L 47 29.56 -21.73 -43.44
CA GLN L 47 28.47 -21.30 -44.31
C GLN L 47 27.48 -22.43 -44.51
N ASP L 48 27.97 -23.65 -44.73
CA ASP L 48 27.07 -24.78 -44.93
C ASP L 48 26.30 -25.12 -43.67
N LYS L 49 26.88 -24.85 -42.50
CA LYS L 49 26.20 -25.12 -41.23
C LYS L 49 25.14 -24.08 -40.91
N LEU L 50 25.26 -22.86 -41.41
CA LEU L 50 24.34 -21.79 -41.07
C LEU L 50 23.44 -21.36 -42.21
N ALA L 51 23.71 -21.80 -43.45
CA ALA L 51 22.84 -21.46 -44.56
C ALA L 51 21.44 -22.03 -44.40
N SER L 52 21.27 -23.07 -43.58
CA SER L 52 19.96 -23.61 -43.28
C SER L 52 19.06 -22.61 -42.58
N GLN L 53 19.61 -21.52 -42.05
CA GLN L 53 18.84 -20.51 -41.33
C GLN L 53 18.81 -19.17 -42.05
N VAL L 54 19.96 -18.62 -42.40
CA VAL L 54 20.05 -17.26 -42.92
C VAL L 54 21.09 -17.21 -44.03
N PRO L 55 20.95 -16.26 -44.95
CA PRO L 55 21.97 -16.07 -45.98
C PRO L 55 23.30 -15.65 -45.38
N VAL L 56 24.38 -16.27 -45.85
CA VAL L 56 25.73 -16.06 -45.34
C VAL L 56 26.64 -15.65 -46.48
N HIS L 57 27.47 -14.63 -46.23
CA HIS L 57 28.46 -14.17 -47.19
C HIS L 57 29.82 -14.19 -46.51
N ILE L 58 30.74 -14.99 -47.03
CA ILE L 58 32.05 -15.19 -46.42
C ILE L 58 33.11 -14.46 -47.21
N ILE L 59 34.13 -13.98 -46.49
CA ILE L 59 35.24 -13.23 -47.08
C ILE L 59 36.53 -13.65 -46.39
N GLU L 60 37.53 -14.02 -47.19
CA GLU L 60 38.88 -14.23 -46.68
C GLU L 60 39.57 -12.87 -46.58
N LEU L 61 39.69 -12.33 -45.37
CA LEU L 61 40.15 -10.98 -45.17
C LEU L 61 41.16 -10.93 -44.04
N ASP L 62 42.29 -10.26 -44.29
CA ASP L 62 43.30 -9.97 -43.27
C ASP L 62 43.17 -8.50 -42.88
N VAL L 63 42.80 -8.23 -41.62
CA VAL L 63 42.55 -6.87 -41.18
C VAL L 63 43.81 -6.01 -41.17
N ARG L 64 45.00 -6.61 -41.23
CA ARG L 64 46.22 -5.82 -41.27
C ARG L 64 46.46 -5.19 -42.63
N ASP L 65 45.73 -5.62 -43.66
CA ASP L 65 45.85 -5.07 -45.01
C ASP L 65 44.71 -4.09 -45.24
N SER L 66 45.03 -2.80 -45.27
CA SER L 66 44.00 -1.78 -45.46
C SER L 66 43.40 -1.86 -46.85
N ASP L 67 44.19 -2.23 -47.86
CA ASP L 67 43.66 -2.32 -49.21
C ASP L 67 42.63 -3.45 -49.34
N SER L 68 42.85 -4.56 -48.63
CA SER L 68 41.90 -5.67 -48.68
C SER L 68 40.57 -5.32 -48.03
N VAL L 69 40.60 -4.57 -46.93
CA VAL L 69 39.35 -4.19 -46.27
C VAL L 69 38.52 -3.27 -47.17
N ALA L 70 39.19 -2.34 -47.85
CA ALA L 70 38.46 -1.46 -48.77
C ALA L 70 37.87 -2.25 -49.92
N ALA L 71 38.62 -3.21 -50.45
CA ALA L 71 38.11 -4.02 -51.55
C ALA L 71 36.97 -4.93 -51.09
N ALA L 72 37.08 -5.47 -49.87
CA ALA L 72 36.05 -6.38 -49.37
C ALA L 72 34.73 -5.68 -49.13
N VAL L 73 34.76 -4.43 -48.67
CA VAL L 73 33.51 -3.71 -48.44
C VAL L 73 32.92 -3.24 -49.75
N ALA L 74 33.78 -2.86 -50.71
CA ALA L 74 33.28 -2.47 -52.02
C ALA L 74 32.68 -3.66 -52.75
N ALA L 75 33.16 -4.87 -52.47
CA ALA L 75 32.69 -6.08 -53.13
C ALA L 75 31.52 -6.73 -52.41
N LEU L 76 30.82 -6.00 -51.56
CA LEU L 76 29.67 -6.57 -50.87
C LEU L 76 28.50 -6.67 -51.85
N PRO L 77 27.80 -7.81 -51.90
CA PRO L 77 26.61 -7.92 -52.75
C PRO L 77 25.51 -6.99 -52.28
N ALA L 78 24.51 -6.80 -53.15
CA ALA L 78 23.44 -5.85 -52.86
C ALA L 78 22.57 -6.30 -51.70
N ASP L 79 22.37 -7.61 -51.54
CA ASP L 79 21.59 -8.14 -50.43
C ASP L 79 22.39 -8.18 -49.13
N PHE L 80 23.57 -7.58 -49.10
CA PHE L 80 24.46 -7.57 -47.94
C PHE L 80 25.11 -6.23 -47.64
N ALA L 81 25.36 -5.38 -48.64
CA ALA L 81 26.12 -4.15 -48.47
C ALA L 81 25.63 -3.27 -47.33
N ASP L 82 24.34 -3.28 -47.02
CA ASP L 82 23.81 -2.39 -45.98
C ASP L 82 24.02 -3.04 -44.62
N ILE L 83 25.18 -2.76 -44.02
CA ILE L 83 25.56 -3.36 -42.74
C ILE L 83 24.93 -2.58 -41.60
N THR L 84 24.25 -3.31 -40.70
CA THR L 84 23.71 -2.68 -39.50
C THR L 84 24.72 -2.70 -38.35
N THR L 85 25.36 -3.83 -38.10
CA THR L 85 26.28 -3.98 -36.98
C THR L 85 27.63 -4.44 -37.47
N LEU L 86 28.68 -3.74 -37.06
CA LEU L 86 30.06 -4.14 -37.31
C LEU L 86 30.70 -4.55 -35.99
N ILE L 87 31.17 -5.80 -35.93
CA ILE L 87 31.84 -6.33 -34.74
C ILE L 87 33.31 -6.51 -35.11
N ASN L 88 34.15 -5.57 -34.67
CA ASN L 88 35.59 -5.63 -34.92
C ASN L 88 36.22 -6.49 -33.83
N ASN L 89 36.11 -7.80 -34.02
CA ASN L 89 36.54 -8.77 -33.02
C ASN L 89 37.96 -9.27 -33.27
N ALA L 90 38.46 -9.16 -34.49
CA ALA L 90 39.79 -9.65 -34.83
C ALA L 90 40.84 -9.03 -33.91
N GLY L 91 41.52 -9.87 -33.15
CA GLY L 91 42.53 -9.38 -32.22
C GLY L 91 43.42 -10.51 -31.77
N LEU L 92 44.48 -10.14 -31.05
CA LEU L 92 45.51 -11.10 -30.70
C LEU L 92 46.38 -10.57 -29.58
N ALA L 93 46.89 -11.50 -28.76
CA ALA L 93 47.92 -11.21 -27.78
C ALA L 93 49.05 -12.22 -27.92
N LEU L 94 50.27 -11.80 -27.58
CA LEU L 94 51.41 -12.71 -27.61
C LEU L 94 52.41 -12.36 -26.50
N SER L 95 53.33 -13.30 -26.26
CA SER L 95 54.46 -13.19 -25.34
C SER L 95 54.06 -12.69 -23.96
N PRO L 96 53.63 -13.59 -23.06
CA PRO L 96 53.26 -13.19 -21.70
C PRO L 96 54.42 -12.89 -20.77
N GLN L 97 55.67 -12.96 -21.25
CA GLN L 97 56.82 -12.71 -20.41
C GLN L 97 56.93 -11.22 -20.09
N PRO L 98 57.78 -10.84 -19.11
CA PRO L 98 57.98 -9.40 -18.84
C PRO L 98 58.39 -8.61 -20.07
N ALA L 99 58.18 -7.29 -20.03
CA ALA L 99 58.41 -6.46 -21.21
C ALA L 99 59.85 -6.50 -21.66
N GLN L 100 60.79 -6.65 -20.72
CA GLN L 100 62.21 -6.67 -21.07
C GLN L 100 62.63 -7.94 -21.81
N LYS L 101 61.73 -8.90 -22.03
CA LYS L 101 62.07 -10.14 -22.71
C LYS L 101 61.16 -10.38 -23.90
N VAL L 102 60.62 -9.33 -24.51
CA VAL L 102 59.72 -9.45 -25.65
C VAL L 102 60.40 -8.97 -26.91
N ASP L 103 60.24 -9.73 -27.99
CA ASP L 103 60.68 -9.33 -29.32
C ASP L 103 59.67 -8.39 -29.98
N LEU L 104 60.16 -7.48 -30.81
CA LEU L 104 59.28 -6.53 -31.49
C LEU L 104 58.36 -7.16 -32.50
N ASP L 105 58.72 -8.31 -33.06
CA ASP L 105 57.76 -8.87 -33.99
C ASP L 105 56.47 -9.26 -33.27
N ASP L 106 56.56 -9.59 -31.97
CA ASP L 106 55.37 -9.86 -31.19
C ASP L 106 54.63 -8.57 -30.82
N TRP L 107 55.37 -7.51 -30.48
CA TRP L 107 54.72 -6.24 -30.20
C TRP L 107 54.11 -5.64 -31.45
N LYS L 108 54.81 -5.73 -32.58
CA LYS L 108 54.31 -5.16 -33.82
C LYS L 108 53.06 -5.89 -34.30
N THR L 109 53.01 -7.21 -34.11
CA THR L 109 51.84 -7.96 -34.59
C THR L 109 50.58 -7.55 -33.85
N MET L 110 50.69 -7.29 -32.54
CA MET L 110 49.53 -6.84 -31.79
C MET L 110 49.13 -5.42 -32.20
N ILE L 111 50.11 -4.53 -32.38
CA ILE L 111 49.82 -3.18 -32.81
C ILE L 111 49.24 -3.19 -34.23
N ASP L 112 49.77 -4.05 -35.10
CA ASP L 112 49.27 -4.11 -36.47
C ASP L 112 47.85 -4.65 -36.52
N THR L 113 47.46 -5.49 -35.55
CA THR L 113 46.16 -6.15 -35.58
C THR L 113 45.11 -5.47 -34.72
N ASN L 114 45.40 -5.24 -33.44
CA ASN L 114 44.40 -4.68 -32.53
C ASN L 114 44.30 -3.17 -32.67
N VAL L 115 45.35 -2.51 -33.12
CA VAL L 115 45.37 -1.06 -33.25
C VAL L 115 45.20 -0.68 -34.71
N THR L 116 46.25 -0.92 -35.51
CA THR L 116 46.19 -0.58 -36.93
C THR L 116 45.08 -1.37 -37.63
N GLY L 117 44.95 -2.66 -37.32
CA GLY L 117 43.92 -3.46 -37.94
C GLY L 117 42.52 -2.99 -37.60
N LEU L 118 42.31 -2.49 -36.39
CA LEU L 118 40.98 -2.03 -36.00
C LEU L 118 40.62 -0.70 -36.65
N VAL L 119 41.61 0.18 -36.85
CA VAL L 119 41.31 1.44 -37.53
C VAL L 119 41.18 1.23 -39.02
N ASN L 120 41.85 0.21 -39.58
CA ASN L 120 41.70 -0.08 -41.00
C ASN L 120 40.27 -0.51 -41.32
N VAL L 121 39.69 -1.38 -40.49
CA VAL L 121 38.33 -1.84 -40.73
C VAL L 121 37.32 -0.72 -40.46
N THR L 122 37.60 0.12 -39.45
CA THR L 122 36.68 1.20 -39.15
C THR L 122 36.62 2.23 -40.27
N HIS L 123 37.79 2.63 -40.80
CA HIS L 123 37.80 3.64 -41.85
C HIS L 123 37.06 3.16 -43.09
N ALA L 124 37.24 1.90 -43.47
CA ALA L 124 36.61 1.38 -44.68
C ALA L 124 35.10 1.25 -44.52
N LEU L 125 34.63 1.00 -43.30
CA LEU L 125 33.22 0.72 -43.06
C LEU L 125 32.45 1.90 -42.49
N LEU L 126 33.13 3.02 -42.20
CA LEU L 126 32.44 4.19 -41.66
C LEU L 126 31.36 4.74 -42.58
N PRO L 127 31.60 4.94 -43.90
CA PRO L 127 30.52 5.46 -44.75
C PRO L 127 29.28 4.58 -44.82
N THR L 128 29.45 3.26 -44.80
CA THR L 128 28.30 2.37 -44.88
C THR L 128 27.44 2.46 -43.63
N LEU L 129 28.07 2.47 -42.44
CA LEU L 129 27.30 2.51 -41.21
C LEU L 129 26.62 3.86 -41.04
N ILE L 130 27.27 4.94 -41.48
CA ILE L 130 26.64 6.25 -41.42
C ILE L 130 25.48 6.32 -42.39
N ASN L 131 25.61 5.67 -43.55
CA ASN L 131 24.52 5.62 -44.51
C ASN L 131 23.37 4.73 -44.04
N HIS L 132 23.56 3.99 -42.95
CA HIS L 132 22.47 3.26 -42.32
C HIS L 132 21.83 4.22 -41.32
N GLY L 133 22.46 4.38 -40.16
CA GLY L 133 22.10 5.47 -39.27
C GLY L 133 21.05 5.17 -38.23
N ALA L 134 20.61 3.92 -38.12
CA ALA L 134 19.54 3.55 -37.20
C ALA L 134 19.83 2.14 -36.72
N GLY L 135 19.98 1.98 -35.41
CA GLY L 135 20.35 0.68 -34.90
C GLY L 135 21.77 0.26 -35.24
N ALA L 136 22.49 1.06 -36.02
CA ALA L 136 23.84 0.70 -36.43
C ALA L 136 24.78 0.77 -35.24
N SER L 137 25.70 -0.18 -35.16
CA SER L 137 26.61 -0.28 -34.03
C SER L 137 28.00 -0.69 -34.48
N ILE L 138 29.01 -0.06 -33.88
CA ILE L 138 30.40 -0.45 -34.03
C ILE L 138 30.83 -1.04 -32.68
N ILE L 139 30.95 -2.35 -32.62
CA ILE L 139 31.28 -3.06 -31.39
C ILE L 139 32.78 -3.37 -31.41
N ASN L 140 33.56 -2.56 -30.70
CA ASN L 140 34.98 -2.82 -30.53
C ASN L 140 35.18 -3.74 -29.34
N ILE L 141 35.90 -4.85 -29.55
CA ILE L 141 36.14 -5.83 -28.51
C ILE L 141 37.41 -5.40 -27.78
N GLY L 142 37.24 -4.75 -26.63
CA GLY L 142 38.38 -4.35 -25.82
C GLY L 142 38.79 -5.43 -24.84
N SER L 143 39.20 -5.02 -23.65
CA SER L 143 39.63 -5.98 -22.63
C SER L 143 39.74 -5.27 -21.30
N ILE L 144 39.71 -6.07 -20.22
CA ILE L 144 40.02 -5.55 -18.90
C ILE L 144 41.44 -5.03 -18.85
N ALA L 145 42.32 -5.54 -19.71
CA ALA L 145 43.70 -5.07 -19.77
C ALA L 145 43.80 -3.63 -20.27
N GLY L 146 42.78 -3.11 -20.95
CA GLY L 146 42.79 -1.73 -21.38
C GLY L 146 42.54 -0.72 -20.29
N GLN L 147 42.28 -1.17 -19.07
CA GLN L 147 42.03 -0.32 -17.93
C GLN L 147 42.91 -0.67 -16.74
N TRP L 148 43.17 -1.96 -16.52
CA TRP L 148 43.90 -2.42 -15.34
C TRP L 148 45.26 -2.96 -15.73
N PRO L 149 46.35 -2.42 -15.19
CA PRO L 149 47.68 -2.97 -15.50
C PRO L 149 48.00 -4.21 -14.68
N TYR L 150 48.85 -5.05 -15.25
CA TYR L 150 49.31 -6.27 -14.59
C TYR L 150 50.57 -6.76 -15.30
N PRO L 151 51.40 -7.55 -14.62
CA PRO L 151 52.62 -8.05 -15.28
C PRO L 151 52.29 -8.92 -16.48
N GLY L 152 53.07 -8.77 -17.55
CA GLY L 152 52.87 -9.54 -18.75
C GLY L 152 51.90 -8.95 -19.75
N SER L 153 51.28 -7.82 -19.43
CA SER L 153 50.36 -7.15 -20.33
C SER L 153 51.03 -6.17 -21.29
N HIS L 154 52.24 -5.70 -20.93
CA HIS L 154 53.02 -4.67 -21.61
C HIS L 154 52.30 -3.92 -22.74
N VAL L 155 52.38 -4.45 -23.95
CA VAL L 155 51.78 -3.78 -25.10
C VAL L 155 50.35 -4.25 -25.40
N TYR L 156 49.99 -5.47 -25.00
CA TYR L 156 48.64 -5.95 -25.26
C TYR L 156 47.60 -5.09 -24.53
N GLY L 157 47.79 -4.89 -23.22
CA GLY L 157 46.86 -4.05 -22.49
C GLY L 157 46.83 -2.63 -23.00
N ALA L 158 47.99 -2.11 -23.39
CA ALA L 158 48.04 -0.77 -23.96
C ALA L 158 47.27 -0.71 -25.28
N SER L 159 47.37 -1.76 -26.09
CA SER L 159 46.64 -1.78 -27.34
C SER L 159 45.14 -1.79 -27.11
N LYS L 160 44.68 -2.48 -26.06
CA LYS L 160 43.26 -2.48 -25.73
C LYS L 160 42.83 -1.21 -25.00
N ALA L 161 43.78 -0.48 -24.41
CA ALA L 161 43.46 0.85 -23.90
C ALA L 161 43.32 1.85 -25.04
N PHE L 162 44.09 1.65 -26.11
CA PHE L 162 43.87 2.40 -27.35
C PHE L 162 42.44 2.20 -27.83
N VAL L 163 41.96 0.96 -27.81
CA VAL L 163 40.62 0.65 -28.29
C VAL L 163 39.56 1.32 -27.43
N LYS L 164 39.81 1.40 -26.12
CA LYS L 164 38.85 2.04 -25.22
C LYS L 164 38.68 3.51 -25.56
N GLN L 165 39.80 4.24 -25.67
CA GLN L 165 39.73 5.67 -25.94
C GLN L 165 39.30 5.96 -27.38
N PHE L 166 39.71 5.09 -28.33
CA PHE L 166 39.28 5.24 -29.71
C PHE L 166 37.77 5.09 -29.84
N SER L 167 37.17 4.22 -29.03
CA SER L 167 35.72 4.06 -29.06
C SER L 167 35.03 5.31 -28.55
N TYR L 168 35.49 5.86 -27.43
CA TYR L 168 34.92 7.08 -26.90
C TYR L 168 35.06 8.24 -27.88
N ASN L 169 36.23 8.38 -28.49
CA ASN L 169 36.47 9.48 -29.41
C ASN L 169 35.57 9.37 -30.64
N LEU L 170 35.31 8.15 -31.10
CA LEU L 170 34.43 7.96 -32.25
C LEU L 170 33.02 8.48 -31.95
N ARG L 171 32.56 8.30 -30.71
CA ARG L 171 31.22 8.76 -30.35
C ARG L 171 31.12 10.27 -30.43
N CYS L 172 32.21 10.99 -30.12
CA CYS L 172 32.18 12.45 -30.18
C CYS L 172 31.98 12.93 -31.62
N ASP L 173 32.53 12.21 -32.59
CA ASP L 173 32.45 12.60 -33.99
C ASP L 173 31.21 12.07 -34.70
N LEU L 174 30.58 11.03 -34.17
CA LEU L 174 29.41 10.42 -34.78
C LEU L 174 28.10 10.92 -34.19
N LEU L 175 28.13 12.05 -33.49
CA LEU L 175 26.91 12.60 -32.90
C LEU L 175 25.94 13.02 -34.00
N GLY L 176 24.69 12.56 -33.88
CA GLY L 176 23.66 12.89 -34.84
C GLY L 176 23.50 11.91 -35.98
N THR L 177 24.44 10.98 -36.15
CA THR L 177 24.36 9.98 -37.21
C THR L 177 23.58 8.74 -36.79
N GLY L 178 23.26 8.58 -35.51
CA GLY L 178 22.57 7.39 -35.05
C GLY L 178 23.45 6.18 -34.88
N VAL L 179 24.71 6.24 -35.28
CA VAL L 179 25.61 5.09 -35.18
C VAL L 179 26.09 4.97 -33.74
N ARG L 180 26.09 3.74 -33.23
CA ARG L 180 26.46 3.47 -31.85
C ARG L 180 27.87 2.88 -31.81
N VAL L 181 28.64 3.27 -30.80
CA VAL L 181 29.98 2.74 -30.59
C VAL L 181 30.06 2.20 -29.17
N THR L 182 30.50 0.94 -29.04
CA THR L 182 30.52 0.25 -27.77
C THR L 182 31.84 -0.47 -27.61
N ASP L 183 32.45 -0.35 -26.43
CA ASP L 183 33.65 -1.12 -26.08
C ASP L 183 33.22 -2.27 -25.19
N LEU L 184 33.18 -3.48 -25.77
CA LEU L 184 32.96 -4.69 -24.99
C LEU L 184 34.32 -5.21 -24.54
N ALA L 185 34.58 -5.10 -23.23
CA ALA L 185 35.88 -5.48 -22.66
C ALA L 185 35.69 -6.72 -21.80
N PRO L 186 35.91 -7.92 -22.34
CA PRO L 186 35.68 -9.14 -21.56
C PRO L 186 36.89 -9.53 -20.73
N GLY L 187 36.65 -10.45 -19.80
CA GLY L 187 37.68 -11.08 -18.99
C GLY L 187 38.17 -12.37 -19.61
N ILE L 188 38.63 -13.28 -18.74
CA ILE L 188 39.20 -14.54 -19.20
C ILE L 188 38.11 -15.41 -19.80
N ALA L 189 38.39 -15.98 -20.97
CA ALA L 189 37.41 -16.76 -21.71
C ALA L 189 38.11 -17.93 -22.39
N GLU L 190 37.43 -19.07 -22.44
CA GLU L 190 38.01 -20.29 -23.01
C GLU L 190 37.91 -20.21 -24.52
N THR L 191 38.98 -19.71 -25.16
CA THR L 191 39.09 -19.63 -26.60
C THR L 191 40.50 -20.03 -27.02
N GLU L 192 40.75 -19.98 -28.33
CA GLU L 192 42.10 -20.08 -28.87
C GLU L 192 42.99 -18.91 -28.44
N PHE L 193 42.51 -17.99 -27.59
CA PHE L 193 43.27 -16.79 -27.25
C PHE L 193 44.61 -17.15 -26.61
N THR L 194 44.57 -17.90 -25.52
CA THR L 194 45.82 -18.29 -24.87
C THR L 194 46.62 -19.26 -25.74
N LEU L 195 45.93 -20.02 -26.60
CA LEU L 195 46.62 -20.93 -27.51
C LEU L 195 47.49 -20.15 -28.50
N VAL L 196 46.94 -19.11 -29.11
CA VAL L 196 47.76 -18.29 -30.01
C VAL L 196 48.76 -17.49 -29.19
N ARG L 197 48.41 -17.09 -27.97
CA ARG L 197 49.28 -16.28 -27.16
C ARG L 197 50.49 -17.07 -26.68
N THR L 198 50.34 -18.39 -26.57
CA THR L 198 51.42 -19.28 -26.20
C THR L 198 52.06 -19.95 -27.41
N LYS L 199 51.70 -19.52 -28.63
CA LYS L 199 52.27 -20.04 -29.87
C LYS L 199 52.03 -21.54 -30.03
N GLY L 200 50.93 -22.03 -29.46
CA GLY L 200 50.51 -23.40 -29.61
C GLY L 200 50.66 -24.28 -28.38
N ASP L 201 50.97 -23.68 -27.22
CA ASP L 201 51.16 -24.42 -25.97
C ASP L 201 49.81 -24.57 -25.28
N GLN L 202 49.13 -25.69 -25.56
CA GLN L 202 47.84 -25.94 -24.92
C GLN L 202 48.00 -26.27 -23.44
N ALA L 203 49.15 -26.81 -23.04
CA ALA L 203 49.39 -27.11 -21.63
C ALA L 203 49.37 -25.83 -20.79
N ALA L 204 50.02 -24.77 -21.29
CA ALA L 204 49.96 -23.49 -20.59
C ALA L 204 48.55 -22.94 -20.58
N SER L 205 47.80 -23.17 -21.67
CA SER L 205 46.40 -22.75 -21.75
C SER L 205 45.50 -23.60 -20.86
N ASP L 206 46.03 -24.67 -20.26
CA ASP L 206 45.29 -25.49 -19.33
C ASP L 206 45.64 -25.23 -17.87
N ASN L 207 46.87 -24.79 -17.57
CA ASN L 207 47.17 -24.48 -16.17
C ASN L 207 46.40 -23.26 -15.72
N LEU L 208 46.14 -22.32 -16.63
CA LEU L 208 45.07 -21.36 -16.43
C LEU L 208 43.76 -22.04 -16.79
N TYR L 209 42.65 -21.51 -16.28
CA TYR L 209 41.30 -22.07 -16.48
C TYR L 209 41.06 -23.37 -15.74
N ARG L 210 42.02 -23.89 -14.98
CA ARG L 210 41.88 -25.23 -14.41
C ARG L 210 40.89 -25.29 -13.27
N GLY L 211 41.19 -24.65 -12.15
CA GLY L 211 40.32 -24.67 -11.00
C GLY L 211 39.20 -23.65 -10.98
N THR L 212 38.95 -22.96 -12.09
CA THR L 212 37.95 -21.90 -12.13
C THR L 212 37.00 -22.07 -13.32
N THR L 213 35.96 -21.23 -13.31
CA THR L 213 34.94 -21.17 -14.35
C THR L 213 35.04 -19.84 -15.09
N PRO L 214 35.78 -19.78 -16.19
CA PRO L 214 35.90 -18.53 -16.96
C PRO L 214 34.67 -18.33 -17.84
N LEU L 215 34.69 -17.22 -18.58
CA LEU L 215 33.62 -16.93 -19.51
C LEU L 215 33.69 -17.86 -20.72
N SER L 216 32.52 -18.19 -21.26
CA SER L 216 32.45 -19.00 -22.47
C SER L 216 32.42 -18.10 -23.71
N ALA L 217 32.74 -18.69 -24.85
CA ALA L 217 32.67 -17.96 -26.11
C ALA L 217 31.25 -17.52 -26.41
N ARG L 218 30.26 -18.29 -25.96
CA ARG L 218 28.86 -17.92 -26.16
C ARG L 218 28.42 -16.81 -25.22
N ASP L 219 29.09 -16.65 -24.06
CA ASP L 219 28.77 -15.56 -23.16
C ASP L 219 29.03 -14.21 -23.81
N ILE L 220 30.20 -14.04 -24.43
CA ILE L 220 30.52 -12.78 -25.09
C ILE L 220 29.73 -12.65 -26.39
N ALA L 221 29.51 -13.77 -27.09
CA ALA L 221 28.71 -13.72 -28.31
C ALA L 221 27.29 -13.27 -28.01
N GLU L 222 26.68 -13.81 -26.95
CA GLU L 222 25.36 -13.35 -26.55
C GLU L 222 25.42 -11.91 -26.03
N GLN L 223 26.59 -11.47 -25.58
CA GLN L 223 26.75 -10.07 -25.19
C GLN L 223 26.89 -9.17 -26.42
N MET L 224 27.59 -9.64 -27.45
CA MET L 224 27.65 -8.91 -28.71
C MET L 224 26.25 -8.73 -29.30
N PHE L 225 25.46 -9.80 -29.30
CA PHE L 225 24.10 -9.71 -29.84
C PHE L 225 23.22 -8.78 -29.02
N TYR L 226 23.42 -8.78 -27.69
CA TYR L 226 22.64 -7.88 -26.85
C TYR L 226 22.90 -6.43 -27.22
N ILE L 227 24.15 -6.09 -27.51
CA ILE L 227 24.49 -4.73 -27.92
C ILE L 227 23.90 -4.39 -29.28
N ALA L 228 23.95 -5.34 -30.23
CA ALA L 228 23.55 -5.04 -31.60
C ALA L 228 22.05 -4.76 -31.73
N THR L 229 21.22 -5.46 -30.96
CA THR L 229 19.77 -5.24 -31.03
C THR L 229 19.29 -4.24 -29.99
N LEU L 230 20.20 -3.52 -29.35
CA LEU L 230 19.80 -2.50 -28.39
C LEU L 230 18.93 -1.47 -29.08
N PRO L 231 17.95 -0.89 -28.38
CA PRO L 231 17.09 0.13 -29.00
C PRO L 231 17.93 1.26 -29.61
N ASP L 232 17.39 1.84 -30.69
CA ASP L 232 18.19 2.73 -31.54
C ASP L 232 18.64 3.97 -30.78
N HIS L 233 17.87 4.41 -29.80
CA HIS L 233 18.23 5.63 -29.07
C HIS L 233 19.26 5.38 -27.97
N MET L 234 19.54 4.13 -27.64
CA MET L 234 20.50 3.80 -26.58
C MET L 234 21.86 3.48 -27.17
N ASN L 235 22.90 3.72 -26.35
CA ASN L 235 24.27 3.39 -26.72
C ASN L 235 25.06 3.05 -25.46
N ILE L 236 25.66 1.88 -25.44
CA ILE L 236 26.53 1.48 -24.34
C ILE L 236 27.95 1.92 -24.66
N ASN L 237 28.50 2.79 -23.80
CA ASN L 237 29.89 3.24 -23.98
C ASN L 237 30.88 2.09 -23.77
N ARG L 238 30.71 1.33 -22.68
CA ARG L 238 31.65 0.28 -22.36
C ARG L 238 31.01 -0.72 -21.40
N VAL L 239 31.27 -2.00 -21.63
CA VAL L 239 30.90 -3.09 -20.71
C VAL L 239 32.14 -3.89 -20.38
N GLU L 240 32.50 -3.92 -19.11
CA GLU L 240 33.60 -4.75 -18.63
C GLU L 240 32.98 -6.00 -18.01
N VAL L 241 33.12 -7.13 -18.69
CA VAL L 241 32.54 -8.39 -18.25
C VAL L 241 33.67 -9.30 -17.78
N MET L 242 33.61 -9.68 -16.51
CA MET L 242 34.53 -10.63 -15.93
C MET L 242 33.76 -11.86 -15.45
N PRO L 243 34.40 -13.03 -15.40
CA PRO L 243 33.82 -14.12 -14.62
C PRO L 243 33.81 -13.72 -13.15
N VAL L 244 32.74 -14.07 -12.45
CA VAL L 244 32.60 -13.67 -11.05
C VAL L 244 33.69 -14.26 -10.18
N ARG L 245 34.43 -15.23 -10.69
CA ARG L 245 35.58 -15.79 -9.99
C ARG L 245 36.90 -15.11 -10.37
N GLN L 246 36.82 -13.91 -10.96
CA GLN L 246 38.00 -13.11 -11.27
C GLN L 246 37.83 -11.72 -10.69
N ALA L 247 38.89 -11.20 -10.08
CA ALA L 247 38.86 -9.87 -9.47
C ALA L 247 40.24 -9.24 -9.47
N TRP L 248 40.53 -8.42 -8.46
CA TRP L 248 41.79 -7.71 -8.35
C TRP L 248 42.52 -8.11 -7.07
N GLN L 249 43.83 -8.26 -7.18
CA GLN L 249 44.69 -8.61 -6.05
C GLN L 249 45.20 -7.35 -5.37
N PRO L 250 45.80 -7.46 -4.19
CA PRO L 250 46.43 -6.29 -3.59
C PRO L 250 47.57 -5.79 -4.45
N PHE L 251 48.11 -4.62 -4.06
CA PHE L 251 49.22 -4.04 -4.81
C PHE L 251 50.46 -4.90 -4.65
N ALA L 252 51.22 -5.01 -5.73
CA ALA L 252 52.52 -5.68 -5.66
C ALA L 252 53.52 -4.80 -4.94
N ILE L 253 54.20 -5.36 -3.95
CA ILE L 253 55.21 -4.66 -3.16
C ILE L 253 56.50 -5.45 -3.25
N ASP L 254 57.53 -4.83 -3.77
CA ASP L 254 58.84 -5.46 -3.87
C ASP L 254 59.44 -5.64 -2.47
N ARG L 255 59.89 -6.86 -2.15
CA ARG L 255 60.42 -7.15 -0.82
C ARG L 255 61.89 -7.54 -0.92
N ASP L 256 62.67 -7.06 0.06
CA ASP L 256 64.09 -7.41 0.20
C ASP L 256 64.29 -8.91 0.40
#